data_9MX1
#
_entry.id   9MX1
#
_cell.length_a   1.00
_cell.length_b   1.00
_cell.length_c   1.00
_cell.angle_alpha   90.00
_cell.angle_beta   90.00
_cell.angle_gamma   90.00
#
_symmetry.space_group_name_H-M   'P 1'
#
loop_
_entity.id
_entity.type
_entity.pdbx_description
1 polymer 'Toxin A'
2 polymer 'mCDIFA-248-25 Fab Heavy Chain'
3 polymer 'mCDIFA-248-25 Fab Light Chain'
#
loop_
_entity_poly.entity_id
_entity_poly.type
_entity_poly.pdbx_seq_one_letter_code
_entity_poly.pdbx_strand_id
1 'polypeptide(L)'
;MSLISKEELIKLAYSIRPRENEYKTILTNLDEYNKLTTNNNENKYLQLKKLNESIDVFMNKYKTSSRNRALSNLKKDILK
EVILIKNSNTSPVEKNLHFVWIGGEVSDIALEYIKQWADINAEYNIKLWYDSEAFLVNTLKKAIVESSTTEALQLLEEEI
QNPQFDNMKFYKKRMEFIYDRQKRFINYYKSQINKPTVPTIDDIIKSHLVSEYNRDETVLESYRTNSLRKINSNHGIDIR
ANSLFTEQELLNIYSQELLNRGNLAAASDIVRLLALKNFGGVYLAVAMLPGIHSDLFKTISRPSSIGLDRWEMIKLEAIM
KYKKYINNYTSENFDKLDQQLKDNFKLIIESKSEKSEIFSKLENLNVSDLEIKIAFALGSVINQALISKQGSYLTNLVIE
QVKNRYQFLNQHLNPAIESDNNFTDTTKIFHDSLFNSATAENSMFLTKIAPYLQVGFMPEARSTISLSGPGAYASAYYDF
INLQENTIEKTLKASDLIEFKFPENNLSQLTEQEINSLWSFDQASAKYQFEKYVRDYTGGSLSEDNGVDFNKNTALDKNY
LLNNKIPSNNVEEAGSKNYVHYIIQLQGDDISYEATCNLFSKNPKNSIIIQRNMNESAKSYFLSDDGESILELNKYRIPE
RLKNKEKVKVTFIGHGKDEFNTSEFARLSVDSLSNEISSFLDTIKLDISPKNVEVNLLGANMFSYDFNVEETYPGKLLLS
IMDKITSTLPDVNKNSITIGANQYEVRINSEGRKELLAHSGKWINKEEAIMSDLSSKEYIFFDSIDNKLKAKSKNIPGLA
SISEDIKTLLLDASVSPDTKFILNNLKLNIESSIGDYIYYEKLEPVKNIIHNSIDDLIDEFNLLENVSDELYELKKLNNL
DEKYLISFEDISKNNSTYSVRFINKSNGESVYVETEKEIFSKYSEHITKEISTIKNSIITDVNGNLLDNIQLDHTSQVNT
LNAAFFIQSLIDYSSNKDVLNDLSTSVKVQLYAQLFSTGLNTIYDSIQLVNLISNAVNDTINVLPTITEGIPIVSTILDG
INLGAAIKELLDEHDPLLKKELEAKVGVLAINMSLSIAATVASIVGIGAEVTIFLLPIAGISAGIPSLVNNELILHDKAT
SVVNYFNHLSESKKYGPLKTEDDKILVPIDDLVISEIDFNNNSIKLGTCNILAMEGGSGHTVTGNIDHFFSSPSISSHIP
SLSIYSAIGIETENLDFSKKIMMLPNAPSRVFWWETGAVPGLRSLENDGTRLLDSIRDLYPGKFYWRFYAFFDYAITTLK
PVYEDTNIKIKLDKDTRNFIMPTITTNEIRNKLSYSFDGAGGTYSLLLSSYPISTNINLSKDDLWIFNIDNEVREISIEN
GTIKKGKLIKDVLSKIDINKNKLIIGNQTIDFSGDIDNKDRYIFLTCELDDKISLIIEINLVAKSYSLLLSGDKNYLISN
LSNIIEKINTLGLDSKNIAYNYTDESNNKYFGAISKTSQKSIIHYKKDSKNILEFYNDSTLEFNSKDFIAEDINVFMKDD
INTITGKYYVDNNTDKSIDFSISLVSKNQVKVNGLYLNESVYSSYLDFVKNSDGHHNTSNFMNLFLDNISFWKLFGFENI
NFVIDKYFTLVGKTNLGYVEFICDNNKNIDIYFGEWKTSSSKSTIFSGNGRNVVVEPIYNPDTGEDISTSLDFSYEPLYG
IDRYINKVLIAPDLYTSLININTNYYSNEYYPEIIVLNPNTFHKKVNINLDSSSFEYKWSTEGSDFILVRYLEESNKKIL
QKIRIKGILSNTQSFNKMSIDFKDIKKLSLGYIMSNFKSFNSENELDRDHLGFKIIDNKTYYYDEDSKLVKGLININNSL
FYFDPIEFNLVTGWQTINGKKYYFDINTGAALISYKIINGKHFYFNNDGVMQLGVFKGPDGFEYFAPANTQNNNIEGQAI
VYQSKFLTLNGKKYYFDNDSKAVTGWRIINNEKYYFNPNNAIAAVGLQVIDNNKYYFNPDTAIISKGWQTVNGSRYYFDT
DTAIAFNGYKTIDGKHFYFDSDCVVKIGVFSTSNGFEYFAPANTYNNNIEGQAIVYQSKFLTLNGKKYYFDNNSKAVTGL
QTIDSKKYYFNTNTAEAATGWQTIDGKKYYFNTNTAEAATGWQTIDGKKYYFNTNTAIASTGYTIINGKHFYFNTDGIMQ
IGVFKGPNGFEYFAPANTDANNIEGQAILYQNEFLTLNGKKYYFGSDSKAVTGWRIINNKKYYFNPNNAIAAIHLCTINN
DKYYFSYDGILQNGYITIERNNFYFDANNESKMVTGVFKGPNGFEYFAPANTHNNNIEGQAIVYQNKFLTLNGKKYYFDN
DSKAVTGWQTIDGKKYYFNLNTAEAATGWQTIDGKKYYFNLNTAEAATGWQTIDGKKYYFNTNTFIASTGYTSINGKHFY
FNTDGIMQIGVFKGPNGFEYFAPANTHNNNIEGQAILYQNKFLTLNGKKYYFGSDSKAVTGLRTIDGKKYYFNTNTAVAV
TGWQTINGKKYYFNTNTSIASTGYTIISGKHFYFNTDGIMQIGVFKGPDGFEYFAPANTDANNIEGQAIRYQNRFLYLHD
NIYYFGNNSKAATGWVTIDGNRYYFEPNTAMGANGYKTIDNKNFYFRNGLPQIGVFKGSNGFEYFAPANTDANNIEGQAI
RYQNRFLHLLGKIYYFGNNSKAVTGWQTINGKVYYFMPDTAMAAAGGLFEIDGVIYFFGVDGVKAPGIYG
;
A
2 'polypeptide(L)'
;EVKLVESGGGLVKPGGSLKLSCAASGFTFSNYAMSWVRQTPEKRLEWVAAINGNGAKIYYPDTVKDRFTISRDNAKNTLY
LQMSSLRSEDTALYSCARQYGFYAGSPYYFDYWGLGTTLTVSSAKTTPPSVYPLAPGSAAQTNSMVTLGCLVKGYFPEPV
TVTWNSGSLSSGVHTFPAVLESDLYTLSSSVTVPSSPRPSETVTCNVAHPASSTKVDKKI
;
B
3 'polypeptide(L)'
;DIVMTQSHKFMSTSIGDRVSITCKASQDVGTAVAWYQQKPGQSPKLLIYWASTRHTGVPDRFTGSGSGTYFTLSISNVQS
EDLADYFCQQYSSYPLTFGAGTKLELKRADAAPTVSIFPPSSEQLTSGGASVVCFLNNFYPKDINVKWKIDGSERQNGVL
NSWTDQDSKDSTYSMSSTLTLTKDEYERHNSYTCEATHKTSTSPIVKSFNRNEC
;
C
#
# COMPACT_ATOMS: atom_id res chain seq x y z
N ILE A 4 26.87 -30.33 -26.69
CA ILE A 4 26.91 -30.35 -28.14
C ILE A 4 26.44 -29.02 -28.70
N SER A 5 27.38 -28.14 -29.04
CA SER A 5 27.05 -26.85 -29.63
C SER A 5 28.22 -26.44 -30.53
N LYS A 6 28.06 -26.69 -31.82
CA LYS A 6 29.11 -26.33 -32.78
C LYS A 6 29.22 -24.82 -32.96
N GLU A 7 28.08 -24.16 -33.19
CA GLU A 7 28.06 -22.72 -33.40
C GLU A 7 27.23 -21.98 -32.35
N GLU A 8 26.61 -22.70 -31.42
CA GLU A 8 25.84 -22.06 -30.35
C GLU A 8 26.70 -21.72 -29.14
N LEU A 9 27.96 -22.15 -29.10
CA LEU A 9 28.86 -21.73 -28.04
C LEU A 9 29.19 -20.24 -28.18
N ILE A 10 29.39 -19.77 -29.42
CA ILE A 10 29.52 -18.34 -29.65
C ILE A 10 28.16 -17.68 -29.47
N LYS A 11 28.19 -16.38 -29.15
CA LYS A 11 27.01 -15.57 -28.81
C LYS A 11 26.23 -16.14 -27.63
N LEU A 12 26.92 -16.85 -26.73
CA LEU A 12 26.35 -17.38 -25.50
C LEU A 12 27.29 -17.03 -24.36
N ALA A 13 28.57 -16.86 -24.69
CA ALA A 13 29.61 -16.48 -23.72
C ALA A 13 30.31 -15.25 -24.30
N TYR A 14 29.79 -14.08 -24.00
CA TYR A 14 30.29 -12.83 -24.54
C TYR A 14 31.15 -12.10 -23.51
N SER A 15 32.28 -11.57 -23.96
CA SER A 15 33.18 -10.78 -23.14
C SER A 15 33.57 -9.52 -23.89
N ILE A 16 33.93 -8.49 -23.13
CA ILE A 16 34.33 -7.21 -23.74
C ILE A 16 35.66 -7.36 -24.46
N ARG A 17 36.55 -8.21 -23.96
CA ARG A 17 37.81 -8.49 -24.62
C ARG A 17 37.58 -9.33 -25.87
N PRO A 18 38.45 -9.22 -26.89
CA PRO A 18 38.26 -10.03 -28.09
C PRO A 18 38.58 -11.50 -27.90
N ARG A 19 38.48 -12.28 -28.97
CA ARG A 19 38.68 -13.72 -28.89
C ARG A 19 40.15 -14.04 -28.65
N GLU A 20 40.41 -14.91 -27.67
CA GLU A 20 41.75 -15.27 -27.27
C GLU A 20 42.18 -16.56 -27.97
N ASN A 21 43.48 -16.85 -27.88
CA ASN A 21 44.04 -18.01 -28.57
C ASN A 21 43.56 -19.32 -27.96
N GLU A 22 43.44 -19.37 -26.62
CA GLU A 22 42.93 -20.57 -25.98
C GLU A 22 41.44 -20.78 -26.26
N TYR A 23 40.67 -19.68 -26.35
CA TYR A 23 39.27 -19.78 -26.75
C TYR A 23 39.14 -20.25 -28.19
N LYS A 24 40.03 -19.79 -29.08
CA LYS A 24 40.00 -20.26 -30.46
C LYS A 24 40.41 -21.73 -30.54
N THR A 25 41.34 -22.17 -29.69
CA THR A 25 41.70 -23.57 -29.63
C THR A 25 40.53 -24.42 -29.13
N ILE A 26 39.79 -23.92 -28.15
CA ILE A 26 38.60 -24.62 -27.65
C ILE A 26 37.54 -24.72 -28.75
N LEU A 27 37.32 -23.63 -29.49
CA LEU A 27 36.34 -23.63 -30.56
C LEU A 27 36.74 -24.58 -31.69
N THR A 28 38.02 -24.60 -32.04
CA THR A 28 38.52 -25.47 -33.11
C THR A 28 38.46 -26.94 -32.70
N ASN A 29 38.79 -27.24 -31.44
CA ASN A 29 38.75 -28.62 -30.96
C ASN A 29 37.30 -29.10 -30.84
N LEU A 30 36.39 -28.21 -30.45
CA LEU A 30 34.96 -28.56 -30.43
C LEU A 30 34.42 -28.79 -31.82
N ASP A 31 34.86 -27.99 -32.80
CA ASP A 31 34.44 -28.18 -34.17
C ASP A 31 35.00 -29.48 -34.73
N GLU A 32 36.24 -29.84 -34.35
CA GLU A 32 36.82 -31.13 -34.73
C GLU A 32 36.04 -32.28 -34.13
N TYR A 33 35.60 -32.13 -32.87
CA TYR A 33 34.78 -33.16 -32.24
C TYR A 33 33.45 -33.33 -32.94
N ASN A 34 32.80 -32.23 -33.31
CA ASN A 34 31.48 -32.31 -33.92
C ASN A 34 31.55 -32.79 -35.37
N LYS A 35 32.61 -32.44 -36.10
CA LYS A 35 32.76 -32.88 -37.48
C LYS A 35 33.47 -34.22 -37.60
N LEU A 36 34.00 -34.77 -36.51
CA LEU A 36 34.64 -36.08 -36.50
C LEU A 36 33.71 -37.03 -35.75
N THR A 37 32.79 -37.64 -36.49
CA THR A 37 31.80 -38.56 -35.92
C THR A 37 31.98 -39.93 -36.55
N THR A 38 32.13 -40.96 -35.72
CA THR A 38 32.34 -42.31 -36.19
C THR A 38 31.84 -43.28 -35.13
N ASN A 39 31.68 -44.54 -35.54
CA ASN A 39 31.25 -45.57 -34.60
C ASN A 39 32.38 -46.01 -33.66
N ASN A 40 33.63 -45.73 -34.02
CA ASN A 40 34.74 -45.99 -33.12
C ASN A 40 34.68 -45.03 -31.93
N ASN A 41 34.87 -45.56 -30.73
CA ASN A 41 34.66 -44.79 -29.52
C ASN A 41 35.95 -44.28 -28.88
N GLU A 42 37.09 -44.95 -29.11
CA GLU A 42 38.32 -44.58 -28.42
C GLU A 42 38.87 -43.24 -28.92
N ASN A 43 38.84 -43.01 -30.24
CA ASN A 43 39.29 -41.74 -30.78
C ASN A 43 38.36 -40.59 -30.38
N LYS A 44 37.06 -40.86 -30.31
CA LYS A 44 36.10 -39.86 -29.84
C LYS A 44 36.32 -39.54 -28.36
N TYR A 45 36.63 -40.56 -27.56
CA TYR A 45 36.95 -40.34 -26.15
C TYR A 45 38.22 -39.53 -25.98
N LEU A 46 39.25 -39.80 -26.78
CA LEU A 46 40.49 -39.04 -26.70
C LEU A 46 40.28 -37.60 -27.15
N GLN A 47 39.43 -37.39 -28.15
CA GLN A 47 39.07 -36.05 -28.59
C GLN A 47 38.34 -35.28 -27.49
N LEU A 48 37.40 -35.94 -26.80
CA LEU A 48 36.68 -35.30 -25.71
C LEU A 48 37.60 -35.01 -24.52
N LYS A 49 38.55 -35.91 -24.25
CA LYS A 49 39.53 -35.68 -23.19
C LYS A 49 40.43 -34.49 -23.51
N LYS A 50 40.84 -34.36 -24.77
CA LYS A 50 41.62 -33.20 -25.20
C LYS A 50 40.82 -31.91 -25.07
N LEU A 51 39.52 -31.96 -25.39
CA LEU A 51 38.66 -30.80 -25.24
C LEU A 51 38.53 -30.39 -23.78
N ASN A 52 38.36 -31.37 -22.89
CA ASN A 52 38.27 -31.09 -21.46
C ASN A 52 39.56 -30.52 -20.91
N GLU A 53 40.70 -31.04 -21.38
CA GLU A 53 41.99 -30.50 -20.94
C GLU A 53 42.21 -29.08 -21.43
N SER A 54 41.76 -28.77 -22.65
CA SER A 54 41.85 -27.40 -23.16
C SER A 54 40.97 -26.45 -22.36
N ILE A 55 39.76 -26.87 -22.00
CA ILE A 55 38.87 -26.04 -21.19
C ILE A 55 39.47 -25.82 -19.80
N ASP A 56 40.06 -26.88 -19.22
CA ASP A 56 40.70 -26.77 -17.91
C ASP A 56 41.89 -25.82 -17.93
N VAL A 57 42.72 -25.88 -18.98
CA VAL A 57 43.89 -25.01 -19.00
C VAL A 57 43.49 -23.57 -19.31
N PHE A 58 42.41 -23.36 -20.07
CA PHE A 58 41.94 -21.99 -20.29
C PHE A 58 41.36 -21.39 -19.01
N MET A 59 40.56 -22.16 -18.27
CA MET A 59 40.00 -21.66 -17.02
C MET A 59 41.06 -21.53 -15.93
N ASN A 60 42.14 -22.28 -16.01
CA ASN A 60 43.24 -22.08 -15.07
C ASN A 60 44.05 -20.84 -15.41
N LYS A 61 44.22 -20.55 -16.71
CA LYS A 61 44.99 -19.37 -17.10
C LYS A 61 44.21 -18.09 -16.85
N TYR A 62 42.94 -18.03 -17.27
CA TYR A 62 42.13 -16.82 -17.19
C TYR A 62 41.05 -17.04 -16.14
N LYS A 63 41.16 -16.34 -15.02
CA LYS A 63 40.28 -16.59 -13.88
C LYS A 63 39.00 -15.77 -13.94
N THR A 64 39.11 -14.46 -14.16
CA THR A 64 37.97 -13.55 -14.10
C THR A 64 37.31 -13.33 -15.46
N SER A 65 37.43 -14.29 -16.37
CA SER A 65 36.80 -14.17 -17.68
C SER A 65 35.30 -14.44 -17.58
N SER A 66 34.56 -13.80 -18.48
CA SER A 66 33.10 -13.93 -18.48
C SER A 66 32.60 -15.19 -19.16
N ARG A 67 33.48 -15.96 -19.79
CA ARG A 67 33.09 -17.20 -20.47
C ARG A 67 33.22 -18.43 -19.58
N ASN A 68 33.67 -18.26 -18.34
CA ASN A 68 33.94 -19.42 -17.48
C ASN A 68 32.65 -20.10 -17.03
N ARG A 69 31.56 -19.35 -16.88
CA ARG A 69 30.28 -19.95 -16.50
C ARG A 69 29.74 -20.85 -17.61
N ALA A 70 29.76 -20.36 -18.84
CA ALA A 70 29.32 -21.17 -19.97
C ALA A 70 30.28 -22.34 -20.23
N LEU A 71 31.57 -22.15 -19.94
CA LEU A 71 32.51 -23.26 -20.11
C LEU A 71 32.35 -24.31 -19.02
N SER A 72 31.96 -23.91 -17.80
CA SER A 72 31.64 -24.89 -16.77
C SER A 72 30.37 -25.66 -17.10
N ASN A 73 29.38 -24.98 -17.69
CA ASN A 73 28.20 -25.68 -18.18
C ASN A 73 28.54 -26.63 -19.32
N LEU A 74 29.47 -26.22 -20.20
CA LEU A 74 29.96 -27.12 -21.23
C LEU A 74 30.73 -28.30 -20.65
N LYS A 75 31.44 -28.09 -19.54
CA LYS A 75 32.13 -29.19 -18.86
C LYS A 75 31.14 -30.18 -18.28
N LYS A 76 30.03 -29.69 -17.71
CA LYS A 76 28.99 -30.60 -17.23
C LYS A 76 28.33 -31.36 -18.38
N ASP A 77 28.15 -30.68 -19.52
CA ASP A 77 27.66 -31.36 -20.73
C ASP A 77 28.65 -32.41 -21.22
N ILE A 78 29.95 -32.17 -21.06
CA ILE A 78 30.97 -33.15 -21.42
C ILE A 78 30.91 -34.36 -20.49
N LEU A 79 30.68 -34.13 -19.20
CA LEU A 79 30.48 -35.24 -18.26
C LEU A 79 29.19 -36.02 -18.50
N LYS A 80 28.19 -35.41 -19.13
CA LYS A 80 27.07 -36.22 -19.61
C LYS A 80 27.42 -36.95 -20.91
N GLU A 81 28.22 -36.30 -21.76
CA GLU A 81 28.54 -36.84 -23.08
C GLU A 81 29.45 -38.05 -22.99
N VAL A 82 30.27 -38.16 -21.93
CA VAL A 82 31.12 -39.33 -21.79
C VAL A 82 30.28 -40.58 -21.48
N ILE A 83 29.21 -40.43 -20.68
CA ILE A 83 28.29 -41.53 -20.44
C ILE A 83 27.51 -41.85 -21.72
N LEU A 84 27.14 -40.82 -22.49
CA LEU A 84 26.46 -41.03 -23.76
C LEU A 84 27.36 -41.76 -24.77
N ILE A 85 28.67 -41.47 -24.74
CA ILE A 85 29.62 -42.14 -25.61
C ILE A 85 29.80 -43.59 -25.18
N LYS A 86 29.90 -43.85 -23.87
CA LYS A 86 30.11 -45.21 -23.39
C LYS A 86 28.88 -46.08 -23.65
N ASN A 87 27.68 -45.50 -23.60
CA ASN A 87 26.46 -46.27 -23.85
C ASN A 87 26.11 -46.29 -25.34
N SER A 88 27.06 -46.68 -26.18
CA SER A 88 26.83 -46.74 -27.62
C SER A 88 26.98 -48.15 -28.18
N ASN A 89 28.10 -48.82 -27.90
CA ASN A 89 28.36 -50.15 -28.45
C ASN A 89 27.79 -51.19 -27.50
N THR A 90 26.55 -51.60 -27.77
CA THR A 90 25.88 -52.63 -26.98
C THR A 90 26.20 -53.98 -27.63
N SER A 91 27.30 -54.57 -27.20
CA SER A 91 27.75 -55.85 -27.76
C SER A 91 28.08 -56.82 -26.63
N PRO A 92 27.77 -58.11 -26.81
CA PRO A 92 28.10 -59.09 -25.76
C PRO A 92 29.60 -59.35 -25.69
N VAL A 93 30.02 -59.80 -24.52
CA VAL A 93 31.43 -60.11 -24.28
C VAL A 93 31.71 -61.52 -24.79
N GLU A 94 32.95 -61.77 -25.19
CA GLU A 94 33.35 -63.10 -25.61
C GLU A 94 33.41 -64.03 -24.40
N LYS A 95 33.07 -65.30 -24.63
CA LYS A 95 32.71 -66.23 -23.57
C LYS A 95 33.97 -66.86 -22.98
N ASN A 96 34.35 -66.43 -21.77
CA ASN A 96 35.44 -67.02 -21.03
C ASN A 96 35.18 -66.85 -19.54
N LEU A 97 35.77 -67.74 -18.75
CA LEU A 97 35.85 -67.58 -17.30
C LEU A 97 37.29 -67.77 -16.85
N HIS A 98 37.69 -66.96 -15.86
CA HIS A 98 39.04 -66.99 -15.33
C HIS A 98 39.00 -67.19 -13.82
N PHE A 99 39.87 -68.05 -13.33
CA PHE A 99 40.04 -68.29 -11.91
C PHE A 99 41.53 -68.36 -11.61
N VAL A 100 41.91 -67.91 -10.41
CA VAL A 100 43.31 -67.81 -10.03
C VAL A 100 43.55 -68.62 -8.77
N TRP A 101 44.55 -69.50 -8.82
CA TRP A 101 45.08 -70.16 -7.62
C TRP A 101 46.56 -70.35 -7.81
N ILE A 102 47.36 -69.68 -6.97
CA ILE A 102 48.82 -69.63 -7.13
C ILE A 102 49.47 -70.18 -5.87
N GLY A 103 50.40 -71.12 -6.05
CA GLY A 103 51.26 -71.56 -4.97
C GLY A 103 50.59 -72.47 -3.96
N GLY A 104 50.19 -73.66 -4.39
CA GLY A 104 49.63 -74.64 -3.50
C GLY A 104 48.57 -75.47 -4.19
N GLU A 105 48.05 -76.44 -3.45
CA GLU A 105 46.98 -77.28 -3.96
C GLU A 105 45.66 -76.52 -4.01
N VAL A 106 44.85 -76.82 -5.01
CA VAL A 106 43.52 -76.24 -5.09
C VAL A 106 42.61 -76.94 -4.09
N SER A 107 41.92 -76.16 -3.28
CA SER A 107 41.05 -76.71 -2.26
C SER A 107 39.83 -77.37 -2.89
N ASP A 108 39.29 -78.37 -2.18
CA ASP A 108 38.18 -79.15 -2.71
C ASP A 108 36.90 -78.33 -2.77
N ILE A 109 36.72 -77.37 -1.85
CA ILE A 109 35.52 -76.55 -1.84
C ILE A 109 35.52 -75.59 -3.03
N ALA A 110 36.68 -74.97 -3.31
CA ALA A 110 36.81 -74.14 -4.50
C ALA A 110 36.73 -74.97 -5.78
N LEU A 111 37.22 -76.21 -5.73
CA LEU A 111 37.05 -77.13 -6.85
C LEU A 111 35.58 -77.43 -7.12
N GLU A 112 34.81 -77.65 -6.05
CA GLU A 112 33.37 -77.86 -6.20
C GLU A 112 32.67 -76.62 -6.75
N TYR A 113 33.10 -75.43 -6.31
CA TYR A 113 32.52 -74.20 -6.81
C TYR A 113 32.80 -73.99 -8.30
N ILE A 114 34.04 -74.24 -8.73
CA ILE A 114 34.32 -74.04 -10.15
C ILE A 114 33.71 -75.15 -11.02
N LYS A 115 33.55 -76.38 -10.49
CA LYS A 115 32.82 -77.39 -11.23
C LYS A 115 31.34 -77.06 -11.34
N GLN A 116 30.77 -76.44 -10.30
CA GLN A 116 29.39 -75.96 -10.39
C GLN A 116 29.24 -74.87 -11.43
N TRP A 117 30.21 -73.94 -11.49
CA TRP A 117 30.20 -72.88 -12.49
C TRP A 117 30.33 -73.46 -13.91
N ALA A 118 31.19 -74.47 -14.09
CA ALA A 118 31.32 -75.11 -15.39
C ALA A 118 30.09 -75.94 -15.76
N ASP A 119 29.44 -76.56 -14.78
CA ASP A 119 28.25 -77.37 -15.06
C ASP A 119 27.07 -76.51 -15.47
N ILE A 120 26.87 -75.39 -14.76
CA ILE A 120 25.77 -74.49 -15.11
C ILE A 120 26.07 -73.77 -16.42
N ASN A 121 27.30 -73.24 -16.57
CA ASN A 121 27.70 -72.55 -17.78
C ASN A 121 28.58 -73.48 -18.62
N ALA A 122 27.93 -74.33 -19.41
CA ALA A 122 28.66 -75.27 -20.24
C ALA A 122 29.28 -74.61 -21.47
N GLU A 123 28.61 -73.60 -22.03
CA GLU A 123 29.10 -72.94 -23.23
C GLU A 123 30.27 -72.01 -22.96
N TYR A 124 30.54 -71.66 -21.71
CA TYR A 124 31.62 -70.75 -21.36
C TYR A 124 32.89 -71.56 -21.09
N ASN A 125 33.94 -71.27 -21.84
CA ASN A 125 35.22 -71.95 -21.68
C ASN A 125 35.89 -71.43 -20.42
N ILE A 126 35.92 -72.25 -19.37
CA ILE A 126 36.53 -71.82 -18.12
C ILE A 126 38.04 -71.95 -18.21
N LYS A 127 38.73 -71.25 -17.31
CA LYS A 127 40.17 -71.35 -17.21
C LYS A 127 40.56 -71.24 -15.74
N LEU A 128 41.72 -71.80 -15.41
CA LEU A 128 42.32 -71.65 -14.09
C LEU A 128 43.78 -71.28 -14.30
N TRP A 129 44.18 -70.14 -13.76
CA TRP A 129 45.54 -69.64 -13.91
C TRP A 129 46.37 -70.05 -12.70
N TYR A 130 47.61 -70.47 -12.98
CA TYR A 130 48.51 -70.90 -11.93
C TYR A 130 49.94 -70.67 -12.40
N ASP A 131 50.86 -70.66 -11.43
CA ASP A 131 52.28 -70.53 -11.73
C ASP A 131 52.93 -71.90 -11.66
N SER A 132 53.62 -72.26 -12.75
CA SER A 132 54.26 -73.58 -12.81
C SER A 132 55.47 -73.66 -11.90
N GLU A 133 56.21 -72.57 -11.73
CA GLU A 133 57.41 -72.58 -10.90
C GLU A 133 57.14 -72.23 -9.45
N ALA A 134 55.93 -71.81 -9.11
CA ALA A 134 55.58 -71.43 -7.74
C ALA A 134 54.54 -72.42 -7.21
N PHE A 135 55.00 -73.39 -6.43
CA PHE A 135 54.12 -74.38 -5.84
C PHE A 135 54.35 -74.64 -4.36
N LEU A 136 55.41 -74.10 -3.77
CA LEU A 136 55.73 -74.34 -2.37
C LEU A 136 55.83 -73.06 -1.55
N VAL A 137 55.32 -71.94 -2.08
CA VAL A 137 55.45 -70.67 -1.38
C VAL A 137 54.57 -70.64 -0.13
N ASN A 138 53.42 -71.31 -0.16
CA ASN A 138 52.54 -71.35 1.01
C ASN A 138 53.16 -72.18 2.13
N THR A 139 53.75 -73.33 1.80
CA THR A 139 54.42 -74.15 2.79
C THR A 139 55.68 -73.48 3.32
N LEU A 140 56.39 -72.76 2.45
CA LEU A 140 57.57 -72.00 2.89
C LEU A 140 57.18 -70.88 3.84
N LYS A 141 56.09 -70.17 3.54
CA LYS A 141 55.59 -69.12 4.41
C LYS A 141 55.12 -69.67 5.75
N LYS A 142 54.45 -70.83 5.73
CA LYS A 142 54.01 -71.47 6.97
C LYS A 142 55.20 -71.91 7.82
N ALA A 143 56.24 -72.45 7.19
CA ALA A 143 57.44 -72.85 7.91
C ALA A 143 58.16 -71.64 8.50
N ILE A 144 58.22 -70.53 7.75
CA ILE A 144 58.85 -69.31 8.24
C ILE A 144 58.09 -68.74 9.43
N VAL A 145 56.75 -68.74 9.35
CA VAL A 145 55.90 -68.24 10.43
C VAL A 145 56.05 -69.10 11.68
N GLU A 146 56.08 -70.43 11.52
CA GLU A 146 56.21 -71.32 12.67
C GLU A 146 57.59 -71.22 13.31
N SER A 147 58.64 -71.12 12.48
CA SER A 147 60.00 -70.96 13.01
C SER A 147 60.16 -69.64 13.74
N SER A 148 59.59 -68.55 13.19
CA SER A 148 59.66 -67.26 13.85
C SER A 148 58.83 -67.24 15.13
N THR A 149 57.70 -67.96 15.13
CA THR A 149 56.87 -68.08 16.33
C THR A 149 57.63 -68.77 17.45
N THR A 150 58.33 -69.88 17.12
CA THR A 150 59.14 -70.57 18.11
C THR A 150 60.30 -69.70 18.59
N GLU A 151 60.96 -68.98 17.66
CA GLU A 151 62.11 -68.15 18.01
C GLU A 151 61.71 -66.99 18.93
N ALA A 152 60.57 -66.34 18.65
CA ALA A 152 60.12 -65.25 19.50
C ALA A 152 59.53 -65.75 20.81
N LEU A 153 58.86 -66.91 20.78
CA LEU A 153 58.20 -67.40 21.97
C LEU A 153 59.18 -67.99 22.96
N GLN A 154 60.31 -68.54 22.49
CA GLN A 154 61.38 -68.93 23.40
C GLN A 154 61.99 -67.73 24.11
N LEU A 155 62.00 -66.56 23.45
CA LEU A 155 62.51 -65.36 24.10
C LEU A 155 61.48 -64.75 25.04
N LEU A 156 60.20 -64.87 24.72
CA LEU A 156 59.13 -64.28 25.54
C LEU A 156 58.50 -65.26 26.52
N GLU A 157 59.06 -66.46 26.68
CA GLU A 157 58.52 -67.46 27.60
C GLU A 157 58.55 -67.00 29.06
N GLU A 158 59.53 -66.17 29.43
CA GLU A 158 59.54 -65.65 30.80
C GLU A 158 58.48 -64.58 31.04
N GLU A 159 57.89 -64.01 29.97
CA GLU A 159 56.82 -63.04 30.11
C GLU A 159 55.46 -63.59 29.68
N ILE A 160 55.41 -64.84 29.21
CA ILE A 160 54.12 -65.50 28.93
C ILE A 160 53.31 -65.64 30.21
N GLN A 161 53.97 -65.97 31.32
CA GLN A 161 53.30 -66.29 32.58
C GLN A 161 52.59 -65.09 33.21
N ASN A 162 52.91 -63.87 32.78
CA ASN A 162 52.17 -62.70 33.23
C ASN A 162 50.79 -62.67 32.59
N PRO A 163 49.70 -62.64 33.36
CA PRO A 163 48.36 -62.55 32.74
C PRO A 163 48.10 -61.20 32.08
N GLN A 164 48.85 -60.16 32.41
CA GLN A 164 48.70 -58.85 31.80
C GLN A 164 49.67 -58.62 30.65
N PHE A 165 50.05 -59.69 29.95
CA PHE A 165 51.01 -59.59 28.86
C PHE A 165 50.37 -58.97 27.62
N ASP A 166 51.14 -58.14 26.93
CA ASP A 166 50.69 -57.50 25.70
C ASP A 166 51.16 -58.29 24.50
N ASN A 167 50.29 -58.45 23.51
CA ASN A 167 50.56 -59.34 22.39
C ASN A 167 51.39 -58.68 21.30
N MET A 168 51.37 -57.34 21.23
CA MET A 168 51.96 -56.64 20.09
C MET A 168 53.48 -56.68 20.11
N LYS A 169 54.10 -56.78 21.29
CA LYS A 169 55.55 -56.93 21.33
C LYS A 169 55.99 -58.30 20.83
N PHE A 170 55.22 -59.34 21.15
CA PHE A 170 55.47 -60.68 20.61
C PHE A 170 55.26 -60.70 19.10
N TYR A 171 54.23 -60.01 18.63
CA TYR A 171 54.00 -59.91 17.19
C TYR A 171 55.12 -59.13 16.49
N LYS A 172 55.66 -58.10 17.15
CA LYS A 172 56.80 -57.36 16.60
C LYS A 172 58.04 -58.23 16.51
N LYS A 173 58.31 -59.04 17.55
CA LYS A 173 59.46 -59.94 17.52
C LYS A 173 59.32 -61.01 16.44
N ARG A 174 58.10 -61.55 16.29
CA ARG A 174 57.84 -62.51 15.23
C ARG A 174 57.97 -61.89 13.85
N MET A 175 57.54 -60.63 13.71
CA MET A 175 57.69 -59.92 12.43
C MET A 175 59.16 -59.64 12.13
N GLU A 176 59.96 -59.34 13.16
CA GLU A 176 61.39 -59.15 12.98
C GLU A 176 62.05 -60.43 12.48
N PHE A 177 61.70 -61.57 13.08
CA PHE A 177 62.29 -62.82 12.65
C PHE A 177 61.80 -63.23 11.26
N ILE A 178 60.54 -62.91 10.93
CA ILE A 178 60.01 -63.17 9.60
C ILE A 178 60.75 -62.34 8.55
N TYR A 179 61.01 -61.07 8.86
CA TYR A 179 61.75 -60.20 7.94
C TYR A 179 63.19 -60.65 7.78
N ASP A 180 63.82 -61.13 8.87
CA ASP A 180 65.17 -61.67 8.77
C ASP A 180 65.22 -62.92 7.90
N ARG A 181 64.24 -63.82 8.06
CA ARG A 181 64.19 -65.02 7.23
C ARG A 181 63.91 -64.68 5.77
N GLN A 182 63.07 -63.68 5.52
CA GLN A 182 62.78 -63.27 4.15
C GLN A 182 63.99 -62.61 3.51
N LYS A 183 64.76 -61.85 4.28
CA LYS A 183 65.99 -61.27 3.76
C LYS A 183 67.02 -62.35 3.43
N ARG A 184 67.13 -63.37 4.28
CA ARG A 184 68.03 -64.48 4.00
C ARG A 184 67.59 -65.25 2.76
N PHE A 185 66.29 -65.48 2.60
CA PHE A 185 65.78 -66.19 1.43
C PHE A 185 65.96 -65.38 0.15
N ILE A 186 65.77 -64.07 0.20
CA ILE A 186 65.94 -63.29 -1.02
C ILE A 186 67.43 -63.11 -1.35
N ASN A 187 68.31 -63.14 -0.33
CA ASN A 187 69.74 -63.16 -0.62
C ASN A 187 70.16 -64.48 -1.27
N TYR A 188 69.61 -65.59 -0.80
CA TYR A 188 69.87 -66.89 -1.43
C TYR A 188 69.28 -66.96 -2.83
N TYR A 189 68.13 -66.32 -3.06
CA TYR A 189 67.52 -66.35 -4.39
C TYR A 189 68.30 -65.48 -5.37
N LYS A 190 68.75 -64.30 -4.94
CA LYS A 190 69.55 -63.45 -5.81
C LYS A 190 70.99 -63.92 -5.92
N SER A 191 71.42 -64.87 -5.09
CA SER A 191 72.73 -65.49 -5.25
C SER A 191 72.77 -66.54 -6.34
N GLN A 192 71.63 -66.93 -6.91
CA GLN A 192 71.56 -67.96 -7.94
C GLN A 192 71.04 -67.40 -9.25
N ILE A 193 71.46 -66.19 -9.60
CA ILE A 193 71.10 -65.58 -10.87
C ILE A 193 72.28 -65.44 -11.82
N ASN A 194 73.50 -65.27 -11.29
CA ASN A 194 74.67 -65.03 -12.11
C ASN A 194 75.20 -66.28 -12.82
N LYS A 195 74.68 -67.46 -12.48
CA LYS A 195 75.17 -68.68 -13.12
C LYS A 195 74.67 -68.77 -14.55
N PRO A 196 75.48 -69.31 -15.47
CA PRO A 196 75.01 -69.51 -16.87
C PRO A 196 73.85 -70.48 -16.99
N THR A 197 73.79 -71.51 -16.14
CA THR A 197 72.61 -72.36 -16.09
C THR A 197 71.48 -71.63 -15.37
N VAL A 198 70.25 -72.06 -15.64
CA VAL A 198 69.06 -71.44 -15.07
C VAL A 198 68.42 -72.42 -14.09
N PRO A 199 68.12 -72.00 -12.87
CA PRO A 199 67.30 -72.83 -11.98
C PRO A 199 65.83 -72.50 -12.12
N THR A 200 64.97 -73.15 -11.32
CA THR A 200 63.57 -72.78 -11.23
C THR A 200 63.25 -72.33 -9.81
N ILE A 201 62.13 -71.62 -9.68
CA ILE A 201 61.73 -71.03 -8.41
C ILE A 201 61.42 -72.11 -7.39
N ASP A 202 60.71 -73.16 -7.81
CA ASP A 202 60.42 -74.26 -6.89
C ASP A 202 61.69 -75.03 -6.50
N ASP A 203 62.68 -75.08 -7.40
CA ASP A 203 63.95 -75.71 -7.04
C ASP A 203 64.70 -74.89 -6.01
N ILE A 204 64.70 -73.56 -6.16
CA ILE A 204 65.37 -72.70 -5.18
C ILE A 204 64.66 -72.76 -3.82
N ILE A 205 63.32 -72.79 -3.85
CA ILE A 205 62.55 -72.90 -2.61
C ILE A 205 62.79 -74.24 -1.93
N LYS A 206 62.85 -75.32 -2.73
CA LYS A 206 63.13 -76.65 -2.20
C LYS A 206 64.54 -76.74 -1.61
N SER A 207 65.52 -76.14 -2.28
CA SER A 207 66.88 -76.12 -1.76
C SER A 207 66.99 -75.34 -0.47
N HIS A 208 66.32 -74.19 -0.39
CA HIS A 208 66.32 -73.41 0.85
C HIS A 208 65.60 -74.14 1.98
N LEU A 209 64.52 -74.86 1.65
CA LEU A 209 63.79 -75.61 2.65
C LEU A 209 64.62 -76.76 3.21
N VAL A 210 65.28 -77.53 2.33
CA VAL A 210 66.11 -78.63 2.80
C VAL A 210 67.44 -78.18 3.39
N SER A 211 67.83 -76.91 3.17
CA SER A 211 69.05 -76.43 3.81
C SER A 211 68.79 -75.78 5.16
N GLU A 212 67.68 -75.07 5.32
CA GLU A 212 67.39 -74.37 6.56
C GLU A 212 66.34 -75.06 7.43
N TYR A 213 65.81 -76.20 6.99
CA TYR A 213 64.83 -76.93 7.78
C TYR A 213 65.12 -78.43 7.64
N ASN A 214 64.32 -79.22 8.35
CA ASN A 214 64.37 -80.68 8.23
C ASN A 214 63.39 -81.18 7.17
N ARG A 215 63.47 -80.61 5.98
CA ARG A 215 62.58 -80.98 4.89
C ARG A 215 63.19 -82.11 4.07
N ASP A 216 62.32 -82.93 3.49
CA ASP A 216 62.74 -84.06 2.67
C ASP A 216 62.57 -83.72 1.20
N GLU A 217 63.65 -83.96 0.43
CA GLU A 217 63.66 -83.63 -1.00
C GLU A 217 62.62 -84.45 -1.76
N THR A 218 62.50 -85.74 -1.43
CA THR A 218 61.52 -86.60 -2.09
C THR A 218 60.10 -86.20 -1.72
N VAL A 219 59.88 -85.78 -0.47
CA VAL A 219 58.54 -85.38 -0.04
C VAL A 219 58.12 -84.09 -0.73
N LEU A 220 59.03 -83.12 -0.83
CA LEU A 220 58.72 -81.87 -1.54
C LEU A 220 58.59 -82.08 -3.04
N GLU A 221 59.36 -83.01 -3.61
CA GLU A 221 59.19 -83.38 -5.01
C GLU A 221 57.82 -84.02 -5.25
N SER A 222 57.38 -84.88 -4.33
CA SER A 222 56.05 -85.48 -4.43
C SER A 222 54.97 -84.42 -4.31
N TYR A 223 55.15 -83.45 -3.41
CA TYR A 223 54.17 -82.38 -3.24
C TYR A 223 54.10 -81.46 -4.46
N ARG A 224 55.23 -81.25 -5.14
CA ARG A 224 55.18 -80.49 -6.38
C ARG A 224 54.47 -81.28 -7.47
N THR A 225 54.74 -82.59 -7.55
CA THR A 225 54.21 -83.37 -8.66
C THR A 225 52.70 -83.62 -8.54
N ASN A 226 52.20 -83.93 -7.33
CA ASN A 226 50.78 -84.23 -7.23
C ASN A 226 49.91 -82.99 -7.38
N SER A 227 50.45 -81.82 -7.03
CA SER A 227 49.68 -80.58 -7.16
C SER A 227 49.55 -80.16 -8.62
N LEU A 228 50.48 -80.57 -9.47
CA LEU A 228 50.44 -80.16 -10.87
C LEU A 228 49.35 -80.89 -11.63
N ARG A 229 49.19 -82.19 -11.37
CA ARG A 229 48.22 -82.99 -12.12
C ARG A 229 46.79 -82.63 -11.75
N LYS A 230 46.56 -82.24 -10.49
CA LYS A 230 45.23 -81.81 -10.06
C LYS A 230 44.78 -80.56 -10.80
N ILE A 231 45.68 -79.59 -10.92
CA ILE A 231 45.38 -78.35 -11.64
C ILE A 231 45.22 -78.62 -13.13
N ASN A 232 46.13 -79.41 -13.71
CA ASN A 232 46.07 -79.71 -15.13
C ASN A 232 44.86 -80.55 -15.51
N SER A 233 44.32 -81.33 -14.58
CA SER A 233 43.04 -81.99 -14.81
C SER A 233 41.89 -81.01 -14.65
N ASN A 234 41.98 -80.08 -13.70
CA ASN A 234 40.90 -79.15 -13.42
C ASN A 234 41.08 -77.82 -14.16
N HIS A 235 41.20 -77.94 -15.49
CA HIS A 235 41.17 -76.81 -16.43
C HIS A 235 42.28 -75.78 -16.17
N GLY A 236 43.44 -76.26 -15.72
CA GLY A 236 44.52 -75.35 -15.39
C GLY A 236 45.35 -74.95 -16.61
N ILE A 237 45.63 -73.66 -16.70
CA ILE A 237 46.49 -73.11 -17.75
C ILE A 237 47.58 -72.27 -17.10
N ASP A 238 48.81 -72.45 -17.57
CA ASP A 238 49.96 -71.82 -16.93
C ASP A 238 50.07 -70.35 -17.33
N ILE A 239 50.52 -69.52 -16.38
CA ILE A 239 50.74 -68.11 -16.66
C ILE A 239 52.10 -67.82 -17.28
N ARG A 240 53.00 -68.80 -17.29
CA ARG A 240 54.31 -68.61 -17.89
C ARG A 240 54.38 -69.11 -19.32
N ALA A 241 53.52 -70.06 -19.69
CA ALA A 241 53.49 -70.52 -21.08
C ALA A 241 52.88 -69.46 -22.00
N ASN A 242 51.83 -68.79 -21.54
CA ASN A 242 51.23 -67.73 -22.32
C ASN A 242 52.04 -66.44 -22.21
N SER A 243 51.70 -65.47 -23.05
CA SER A 243 52.39 -64.18 -23.07
C SER A 243 51.71 -63.16 -22.16
N LEU A 244 51.45 -63.55 -20.92
CA LEU A 244 50.92 -62.60 -19.94
C LEU A 244 52.01 -61.66 -19.46
N PHE A 245 53.19 -62.19 -19.16
CA PHE A 245 54.25 -61.45 -18.51
C PHE A 245 55.13 -60.82 -19.59
N THR A 246 54.81 -59.58 -19.94
CA THR A 246 55.45 -58.89 -21.05
C THR A 246 56.42 -57.80 -20.61
N GLU A 247 56.02 -56.95 -19.68
CA GLU A 247 56.82 -55.79 -19.29
C GLU A 247 57.65 -56.11 -18.06
N GLN A 248 58.93 -55.73 -18.10
CA GLN A 248 59.88 -56.05 -17.03
C GLN A 248 59.51 -55.39 -15.71
N GLU A 249 58.84 -54.24 -15.77
CA GLU A 249 58.30 -53.62 -14.56
C GLU A 249 57.24 -54.51 -13.91
N LEU A 250 56.37 -55.11 -14.72
CA LEU A 250 55.36 -56.01 -14.17
C LEU A 250 55.97 -57.32 -13.70
N LEU A 251 57.03 -57.79 -14.36
CA LEU A 251 57.81 -58.92 -13.83
C LEU A 251 58.41 -58.62 -12.47
N ASN A 252 58.96 -57.41 -12.30
CA ASN A 252 59.54 -57.02 -11.02
C ASN A 252 58.47 -56.86 -9.94
N ILE A 253 57.29 -56.36 -10.33
CA ILE A 253 56.17 -56.24 -9.39
C ILE A 253 55.70 -57.61 -8.92
N TYR A 254 55.56 -58.55 -9.86
CA TYR A 254 55.15 -59.91 -9.51
C TYR A 254 56.21 -60.61 -8.67
N SER A 255 57.49 -60.40 -8.98
CA SER A 255 58.57 -61.01 -8.23
C SER A 255 58.65 -60.46 -6.81
N GLN A 256 58.47 -59.15 -6.65
CA GLN A 256 58.53 -58.58 -5.30
C GLN A 256 57.26 -58.84 -4.50
N GLU A 257 56.13 -59.15 -5.14
CA GLU A 257 54.94 -59.50 -4.40
C GLU A 257 54.72 -61.00 -4.29
N LEU A 258 55.59 -61.81 -4.87
CA LEU A 258 55.56 -63.25 -4.66
C LEU A 258 56.73 -63.78 -3.86
N LEU A 259 57.96 -63.46 -4.28
CA LEU A 259 59.16 -64.00 -3.64
C LEU A 259 59.66 -63.13 -2.49
N ASN A 260 59.70 -61.81 -2.68
CA ASN A 260 60.11 -60.91 -1.61
C ASN A 260 59.08 -60.89 -0.49
N ARG A 261 57.81 -60.74 -0.84
CA ARG A 261 56.71 -60.78 0.12
C ARG A 261 55.80 -61.94 -0.25
N GLY A 262 55.43 -62.74 0.75
CA GLY A 262 54.51 -63.83 0.52
C GLY A 262 53.08 -63.34 0.49
N ASN A 263 52.70 -62.64 -0.56
CA ASN A 263 51.41 -61.96 -0.63
C ASN A 263 50.70 -62.45 -1.90
N LEU A 264 50.01 -63.59 -1.75
CA LEU A 264 49.48 -64.31 -2.90
C LEU A 264 48.28 -63.60 -3.52
N ALA A 265 47.48 -62.93 -2.70
CA ALA A 265 46.36 -62.14 -3.22
C ALA A 265 46.87 -60.94 -4.01
N ALA A 266 47.95 -60.32 -3.55
CA ALA A 266 48.54 -59.21 -4.30
C ALA A 266 49.14 -59.68 -5.61
N ALA A 267 49.75 -60.87 -5.64
CA ALA A 267 50.19 -61.43 -6.91
C ALA A 267 49.01 -61.76 -7.82
N SER A 268 47.93 -62.27 -7.23
CA SER A 268 46.73 -62.62 -7.98
C SER A 268 46.06 -61.40 -8.59
N ASP A 269 46.24 -60.21 -7.99
CA ASP A 269 45.66 -58.99 -8.57
C ASP A 269 46.26 -58.64 -9.92
N ILE A 270 47.60 -58.61 -10.01
CA ILE A 270 48.27 -58.38 -11.29
C ILE A 270 47.99 -59.54 -12.26
N VAL A 271 47.83 -60.76 -11.73
CA VAL A 271 47.43 -61.89 -12.57
C VAL A 271 46.04 -61.66 -13.19
N ARG A 272 45.10 -61.15 -12.38
CA ARG A 272 43.75 -60.82 -12.87
C ARG A 272 43.81 -59.78 -13.99
N LEU A 273 44.55 -58.69 -13.75
CA LEU A 273 44.62 -57.62 -14.76
C LEU A 273 45.30 -58.07 -16.04
N LEU A 274 46.37 -58.86 -15.92
CA LEU A 274 47.08 -59.32 -17.12
C LEU A 274 46.25 -60.32 -17.91
N ALA A 275 45.52 -61.21 -17.20
CA ALA A 275 44.65 -62.16 -17.88
C ALA A 275 43.51 -61.45 -18.61
N LEU A 276 42.90 -60.45 -17.95
CA LEU A 276 41.79 -59.75 -18.59
C LEU A 276 42.27 -58.81 -19.70
N LYS A 277 43.52 -58.35 -19.62
CA LYS A 277 44.07 -57.55 -20.71
C LYS A 277 44.42 -58.41 -21.92
N ASN A 278 44.98 -59.60 -21.70
CA ASN A 278 45.35 -60.47 -22.80
C ASN A 278 44.12 -61.11 -23.44
N PHE A 279 43.38 -61.90 -22.67
CA PHE A 279 42.21 -62.61 -23.17
C PHE A 279 40.95 -61.99 -22.58
N GLY A 280 40.06 -61.52 -23.45
CA GLY A 280 38.81 -60.95 -22.97
C GLY A 280 37.92 -62.02 -22.38
N GLY A 281 37.44 -61.78 -21.16
CA GLY A 281 36.63 -62.76 -20.49
C GLY A 281 35.96 -62.17 -19.27
N VAL A 282 35.32 -63.04 -18.51
CA VAL A 282 34.59 -62.65 -17.30
C VAL A 282 35.26 -63.33 -16.13
N TYR A 283 35.80 -62.54 -15.21
CA TYR A 283 36.50 -63.07 -14.04
C TYR A 283 35.52 -63.26 -12.88
N LEU A 284 35.58 -64.42 -12.25
CA LEU A 284 34.93 -64.66 -10.97
C LEU A 284 35.94 -65.23 -9.99
N ALA A 285 35.75 -64.93 -8.71
CA ALA A 285 36.61 -65.47 -7.69
C ALA A 285 36.27 -66.93 -7.44
N VAL A 286 37.19 -67.64 -6.77
CA VAL A 286 37.01 -69.07 -6.53
C VAL A 286 36.00 -69.37 -5.42
N ALA A 287 35.49 -68.37 -4.73
CA ALA A 287 34.46 -68.53 -3.72
C ALA A 287 33.15 -67.87 -4.16
N MET A 288 32.83 -67.97 -5.44
CA MET A 288 31.65 -67.35 -6.01
C MET A 288 30.66 -68.41 -6.48
N LEU A 289 29.39 -68.04 -6.47
CA LEU A 289 28.31 -68.94 -6.87
C LEU A 289 27.41 -68.24 -7.87
N PRO A 290 26.82 -68.99 -8.82
CA PRO A 290 25.91 -68.38 -9.78
C PRO A 290 24.60 -67.94 -9.14
N GLY A 291 23.93 -67.03 -9.83
CA GLY A 291 22.80 -66.33 -9.25
C GLY A 291 21.55 -67.17 -9.19
N ILE A 292 20.63 -66.75 -8.32
CA ILE A 292 19.37 -67.43 -8.09
C ILE A 292 18.24 -66.54 -8.60
N HIS A 293 17.30 -67.13 -9.32
CA HIS A 293 16.12 -66.40 -9.76
C HIS A 293 15.28 -65.99 -8.55
N SER A 294 14.84 -64.74 -8.54
CA SER A 294 14.04 -64.23 -7.44
C SER A 294 12.60 -64.72 -7.48
N ASP A 295 12.12 -65.19 -8.64
CA ASP A 295 10.73 -65.58 -8.78
C ASP A 295 10.43 -66.90 -8.10
N LEU A 296 11.41 -67.80 -7.99
CA LEU A 296 11.15 -69.11 -7.42
C LEU A 296 11.15 -69.11 -5.90
N PHE A 297 11.57 -68.02 -5.25
CA PHE A 297 11.61 -67.93 -3.80
C PHE A 297 10.79 -66.77 -3.25
N LYS A 298 10.13 -66.00 -4.11
CA LYS A 298 9.37 -64.83 -3.66
C LYS A 298 8.08 -65.18 -2.96
N THR A 299 7.63 -66.44 -3.04
CA THR A 299 6.42 -66.85 -2.34
C THR A 299 6.65 -67.02 -0.84
N ILE A 300 7.89 -67.13 -0.40
CA ILE A 300 8.22 -67.29 1.00
C ILE A 300 8.45 -65.91 1.60
N SER A 301 7.66 -65.55 2.62
CA SER A 301 7.80 -64.25 3.25
C SER A 301 9.00 -64.23 4.18
N ARG A 302 9.83 -63.19 4.05
CA ARG A 302 11.03 -63.02 4.85
C ARG A 302 10.67 -62.44 6.22
N PRO A 303 11.11 -63.06 7.32
CA PRO A 303 10.82 -62.51 8.65
C PRO A 303 11.60 -61.23 8.92
N SER A 304 11.04 -60.41 9.82
CA SER A 304 11.64 -59.13 10.15
C SER A 304 12.79 -59.23 11.14
N SER A 305 12.95 -60.37 11.82
CA SER A 305 14.01 -60.56 12.78
C SER A 305 15.28 -61.13 12.18
N ILE A 306 15.31 -61.32 10.86
CA ILE A 306 16.46 -61.89 10.15
C ILE A 306 16.94 -60.86 9.15
N GLY A 307 18.25 -60.58 9.16
CA GLY A 307 18.81 -59.63 8.22
C GLY A 307 18.85 -60.18 6.80
N LEU A 308 19.14 -59.27 5.86
CA LEU A 308 19.11 -59.61 4.44
C LEU A 308 20.24 -60.56 4.07
N ASP A 309 21.44 -60.33 4.60
CA ASP A 309 22.55 -61.22 4.32
C ASP A 309 22.35 -62.59 4.96
N ARG A 310 21.78 -62.61 6.17
CA ARG A 310 21.45 -63.87 6.83
C ARG A 310 20.39 -64.64 6.04
N TRP A 311 19.39 -63.93 5.51
CA TRP A 311 18.36 -64.57 4.70
C TRP A 311 18.93 -65.13 3.40
N GLU A 312 19.84 -64.39 2.76
CA GLU A 312 20.45 -64.89 1.54
C GLU A 312 21.33 -66.11 1.80
N MET A 313 22.11 -66.10 2.88
CA MET A 313 22.97 -67.26 3.12
C MET A 313 22.19 -68.46 3.63
N ILE A 314 21.05 -68.26 4.32
CA ILE A 314 20.23 -69.43 4.62
C ILE A 314 19.45 -69.90 3.41
N LYS A 315 19.20 -69.04 2.41
CA LYS A 315 18.65 -69.52 1.15
C LYS A 315 19.65 -70.41 0.41
N LEU A 316 20.92 -70.00 0.38
CA LEU A 316 21.96 -70.86 -0.20
C LEU A 316 22.15 -72.15 0.59
N GLU A 317 22.03 -72.07 1.93
CA GLU A 317 22.13 -73.28 2.75
C GLU A 317 20.92 -74.20 2.55
N ALA A 318 19.74 -73.64 2.30
CA ALA A 318 18.56 -74.46 2.02
C ALA A 318 18.68 -75.15 0.67
N ILE A 319 19.26 -74.47 -0.33
CA ILE A 319 19.45 -75.12 -1.63
C ILE A 319 20.52 -76.21 -1.53
N MET A 320 21.68 -75.91 -0.94
CA MET A 320 22.74 -76.90 -0.87
C MET A 320 22.73 -77.71 0.42
N LYS A 321 21.57 -77.80 1.08
CA LYS A 321 21.38 -78.73 2.19
C LYS A 321 20.77 -80.05 1.74
N TYR A 322 19.71 -79.99 0.93
CA TYR A 322 19.07 -81.20 0.43
C TYR A 322 19.80 -81.73 -0.81
N LYS A 323 19.82 -80.96 -1.89
CA LYS A 323 20.66 -81.28 -3.04
C LYS A 323 22.04 -80.64 -2.77
N LYS A 324 22.97 -81.45 -2.28
CA LYS A 324 24.09 -80.91 -1.52
C LYS A 324 25.18 -80.33 -2.42
N TYR A 325 25.84 -81.18 -3.22
CA TYR A 325 26.96 -80.89 -4.12
C TYR A 325 28.23 -80.37 -3.41
N ILE A 326 28.20 -80.24 -2.08
CA ILE A 326 29.32 -79.76 -1.28
C ILE A 326 29.51 -80.76 -0.14
N ASN A 327 30.76 -81.14 0.11
CA ASN A 327 31.06 -82.14 1.13
C ASN A 327 30.75 -81.64 2.55
N ASN A 328 31.06 -80.38 2.84
CA ASN A 328 30.98 -79.85 4.20
C ASN A 328 30.31 -78.47 4.21
N TYR A 329 29.18 -78.35 3.54
CA TYR A 329 28.41 -77.11 3.56
C TYR A 329 27.64 -77.02 4.88
N THR A 330 28.11 -76.18 5.78
CA THR A 330 27.48 -76.00 7.08
C THR A 330 26.19 -75.20 6.92
N SER A 331 25.12 -75.68 7.55
CA SER A 331 23.81 -75.03 7.52
C SER A 331 23.30 -74.78 8.93
N GLU A 332 24.19 -74.28 9.79
CA GLU A 332 23.83 -73.97 11.17
C GLU A 332 22.81 -72.84 11.25
N ASN A 333 22.99 -71.81 10.42
CA ASN A 333 22.02 -70.72 10.38
C ASN A 333 20.72 -71.16 9.72
N PHE A 334 20.78 -72.15 8.83
CA PHE A 334 19.55 -72.71 8.25
C PHE A 334 18.81 -73.58 9.27
N ASP A 335 19.53 -74.18 10.20
CA ASP A 335 18.96 -75.10 11.19
C ASP A 335 18.23 -74.39 12.34
N LYS A 336 17.95 -73.09 12.22
CA LYS A 336 17.17 -72.41 13.23
C LYS A 336 15.70 -72.79 13.12
N LEU A 337 14.94 -72.47 14.16
CA LEU A 337 13.58 -72.95 14.31
C LEU A 337 12.59 -72.27 13.37
N ASP A 338 12.38 -72.86 12.18
CA ASP A 338 11.32 -72.44 11.27
C ASP A 338 10.85 -73.69 10.54
N GLN A 339 9.83 -74.35 11.11
CA GLN A 339 9.43 -75.65 10.59
C GLN A 339 8.64 -75.52 9.30
N GLN A 340 7.72 -74.54 9.22
CA GLN A 340 6.94 -74.37 8.00
C GLN A 340 7.78 -73.73 6.89
N LEU A 341 8.76 -72.91 7.25
CA LEU A 341 9.67 -72.35 6.25
C LEU A 341 10.60 -73.41 5.71
N LYS A 342 11.07 -74.32 6.57
CA LYS A 342 11.91 -75.43 6.12
C LYS A 342 11.14 -76.39 5.24
N ASP A 343 9.88 -76.68 5.59
CA ASP A 343 9.06 -77.55 4.74
C ASP A 343 8.71 -76.89 3.42
N ASN A 344 8.46 -75.57 3.44
CA ASN A 344 8.18 -74.83 2.21
C ASN A 344 9.40 -74.80 1.30
N PHE A 345 10.59 -74.60 1.87
CA PHE A 345 11.83 -74.65 1.09
C PHE A 345 12.06 -76.04 0.51
N LYS A 346 11.78 -77.08 1.30
CA LYS A 346 11.95 -78.46 0.83
C LYS A 346 11.03 -78.77 -0.35
N LEU A 347 9.74 -78.40 -0.23
CA LEU A 347 8.82 -78.67 -1.34
C LEU A 347 9.11 -77.79 -2.55
N ILE A 348 9.56 -76.55 -2.34
CA ILE A 348 9.78 -75.66 -3.47
C ILE A 348 11.11 -75.91 -4.17
N ILE A 349 12.05 -76.62 -3.53
CA ILE A 349 13.24 -77.05 -4.28
C ILE A 349 13.14 -78.50 -4.74
N GLU A 350 12.21 -79.28 -4.20
CA GLU A 350 12.00 -80.62 -4.73
C GLU A 350 10.91 -80.66 -5.79
N SER A 351 10.20 -79.55 -6.02
CA SER A 351 9.19 -79.47 -7.06
C SER A 351 9.77 -79.04 -8.41
N LYS A 352 11.07 -78.84 -8.50
CA LYS A 352 11.71 -78.38 -9.73
C LYS A 352 12.71 -79.43 -10.23
N SER A 353 13.40 -79.08 -11.31
CA SER A 353 14.36 -79.97 -11.94
C SER A 353 15.74 -79.79 -11.30
N GLU A 354 16.76 -80.34 -11.95
CA GLU A 354 18.12 -80.36 -11.41
C GLU A 354 19.01 -79.40 -12.19
N LYS A 355 19.37 -78.27 -11.54
CA LYS A 355 20.36 -77.30 -12.00
C LYS A 355 20.01 -76.68 -13.36
N SER A 356 18.73 -76.54 -13.67
CA SER A 356 18.30 -75.93 -14.92
C SER A 356 17.56 -74.62 -14.72
N GLU A 357 16.80 -74.51 -13.64
CA GLU A 357 16.06 -73.30 -13.32
C GLU A 357 16.44 -72.73 -11.96
N ILE A 358 17.13 -73.51 -11.12
CA ILE A 358 17.55 -73.01 -9.81
C ILE A 358 18.61 -71.93 -9.96
N PHE A 359 19.59 -72.15 -10.83
CA PHE A 359 20.70 -71.23 -11.01
C PHE A 359 20.63 -70.60 -12.40
N SER A 360 20.94 -69.32 -12.48
CA SER A 360 20.76 -68.55 -13.71
C SER A 360 21.91 -68.82 -14.68
N LYS A 361 21.78 -68.23 -15.87
CA LYS A 361 22.75 -68.40 -16.94
C LYS A 361 23.34 -67.04 -17.32
N LEU A 362 24.52 -67.09 -17.94
CA LEU A 362 25.27 -65.91 -18.35
C LEU A 362 25.17 -65.68 -19.85
N GLU A 363 23.99 -65.89 -20.43
CA GLU A 363 23.86 -65.96 -21.88
C GLU A 363 24.00 -64.60 -22.57
N ASN A 364 23.95 -63.49 -21.83
CA ASN A 364 24.06 -62.18 -22.46
C ASN A 364 24.66 -61.21 -21.47
N LEU A 365 25.90 -60.78 -21.73
CA LEU A 365 26.58 -59.76 -20.93
C LEU A 365 27.02 -58.66 -21.90
N ASN A 366 26.13 -57.69 -22.13
CA ASN A 366 26.37 -56.62 -23.09
C ASN A 366 27.10 -55.44 -22.45
N VAL A 367 28.38 -55.29 -22.79
CA VAL A 367 29.22 -54.23 -22.28
C VAL A 367 29.91 -53.54 -23.45
N SER A 368 30.35 -52.30 -23.21
CA SER A 368 31.08 -51.55 -24.21
C SER A 368 32.55 -51.98 -24.20
N ASP A 369 33.31 -51.45 -25.16
CA ASP A 369 34.75 -51.71 -25.20
C ASP A 369 35.46 -51.00 -24.07
N LEU A 370 35.02 -49.78 -23.74
CA LEU A 370 35.67 -49.01 -22.68
C LEU A 370 35.27 -49.49 -21.29
N GLU A 371 34.04 -50.00 -21.13
CA GLU A 371 33.47 -50.25 -19.83
C GLU A 371 34.01 -51.56 -19.22
N ILE A 372 34.11 -51.57 -17.89
CA ILE A 372 34.28 -52.78 -17.11
C ILE A 372 33.25 -52.68 -15.98
N LYS A 373 32.82 -53.82 -15.46
CA LYS A 373 31.90 -53.87 -14.34
C LYS A 373 32.54 -54.61 -13.17
N ILE A 374 32.17 -54.21 -11.96
CA ILE A 374 32.83 -54.71 -10.76
C ILE A 374 31.77 -54.93 -9.67
N ALA A 375 32.08 -55.86 -8.76
CA ALA A 375 31.19 -56.22 -7.68
C ALA A 375 31.20 -55.14 -6.60
N PHE A 376 30.26 -55.25 -5.66
CA PHE A 376 30.07 -54.24 -4.63
C PHE A 376 30.03 -54.88 -3.25
N ALA A 377 30.45 -54.11 -2.24
CA ALA A 377 30.46 -54.59 -0.87
C ALA A 377 30.37 -53.37 0.05
N LEU A 378 29.18 -53.16 0.62
CA LEU A 378 28.89 -52.10 1.61
C LEU A 378 29.21 -50.71 1.06
N GLY A 379 28.68 -50.42 -0.13
CA GLY A 379 28.87 -49.12 -0.74
C GLY A 379 30.24 -48.89 -1.35
N SER A 380 31.08 -49.92 -1.42
CA SER A 380 32.40 -49.79 -2.02
C SER A 380 32.63 -50.97 -2.95
N VAL A 381 33.47 -50.75 -3.96
CA VAL A 381 33.76 -51.79 -4.94
C VAL A 381 34.65 -52.86 -4.32
N ILE A 382 34.69 -54.02 -4.97
CA ILE A 382 35.50 -55.14 -4.52
C ILE A 382 35.85 -55.99 -5.73
N ASN A 383 37.10 -56.46 -5.78
CA ASN A 383 37.61 -57.19 -6.94
C ASN A 383 37.23 -58.67 -6.85
N GLN A 384 35.96 -58.93 -7.10
CA GLN A 384 35.43 -60.29 -7.13
C GLN A 384 34.93 -60.69 -8.51
N ALA A 385 34.05 -59.90 -9.11
CA ALA A 385 33.46 -60.21 -10.41
C ALA A 385 33.81 -59.10 -11.38
N LEU A 386 34.43 -59.45 -12.51
CA LEU A 386 34.85 -58.49 -13.52
C LEU A 386 34.35 -58.93 -14.89
N ILE A 387 33.95 -57.97 -15.73
CA ILE A 387 33.55 -58.22 -17.11
C ILE A 387 34.32 -57.27 -18.01
N SER A 388 35.14 -57.82 -18.91
CA SER A 388 35.90 -56.98 -19.81
C SER A 388 36.13 -57.72 -21.12
N LYS A 389 36.29 -56.94 -22.19
CA LYS A 389 36.68 -57.47 -23.48
C LYS A 389 38.20 -57.51 -23.57
N GLN A 390 38.74 -57.90 -24.72
CA GLN A 390 40.18 -57.92 -24.90
C GLN A 390 40.68 -56.50 -25.20
N GLY A 391 41.79 -56.15 -24.58
CA GLY A 391 42.40 -54.83 -24.75
C GLY A 391 41.54 -53.68 -24.27
N SER A 392 40.89 -53.81 -23.12
CA SER A 392 39.94 -52.81 -22.66
C SER A 392 40.68 -51.57 -22.13
N TYR A 393 40.13 -50.40 -22.47
CA TYR A 393 40.80 -49.14 -22.15
C TYR A 393 40.81 -48.88 -20.64
N LEU A 394 39.71 -49.15 -19.95
CA LEU A 394 39.71 -48.84 -18.53
C LEU A 394 40.52 -49.90 -17.78
N THR A 395 40.60 -51.12 -18.33
CA THR A 395 41.50 -52.14 -17.76
C THR A 395 42.95 -51.71 -17.92
N ASN A 396 43.29 -51.09 -19.05
CA ASN A 396 44.61 -50.48 -19.21
C ASN A 396 44.81 -49.34 -18.20
N LEU A 397 43.74 -48.59 -17.90
CA LEU A 397 43.84 -47.54 -16.89
C LEU A 397 44.09 -48.11 -15.50
N VAL A 398 43.44 -49.24 -15.17
CA VAL A 398 43.65 -49.88 -13.87
C VAL A 398 45.08 -50.40 -13.76
N ILE A 399 45.59 -51.02 -14.82
CA ILE A 399 46.96 -51.54 -14.75
C ILE A 399 47.98 -50.39 -14.78
N GLU A 400 47.62 -49.24 -15.37
CA GLU A 400 48.50 -48.08 -15.30
C GLU A 400 48.51 -47.48 -13.90
N GLN A 401 47.35 -47.47 -13.22
CA GLN A 401 47.29 -46.98 -11.85
C GLN A 401 48.06 -47.91 -10.91
N VAL A 402 47.97 -49.22 -11.14
CA VAL A 402 48.75 -50.19 -10.36
C VAL A 402 50.24 -49.99 -10.60
N LYS A 403 50.62 -49.73 -11.85
CA LYS A 403 52.01 -49.44 -12.19
C LYS A 403 52.51 -48.17 -11.51
N ASN A 404 51.68 -47.13 -11.48
CA ASN A 404 52.06 -45.88 -10.83
C ASN A 404 52.21 -46.04 -9.33
N ARG A 405 51.27 -46.73 -8.68
CA ARG A 405 51.34 -46.94 -7.23
C ARG A 405 52.53 -47.81 -6.86
N TYR A 406 52.81 -48.85 -7.65
CA TYR A 406 53.95 -49.71 -7.34
C TYR A 406 55.28 -49.02 -7.66
N GLN A 407 55.30 -48.15 -8.67
CA GLN A 407 56.49 -47.36 -8.94
C GLN A 407 56.77 -46.39 -7.80
N PHE A 408 55.72 -45.76 -7.26
CA PHE A 408 55.87 -44.87 -6.11
C PHE A 408 56.37 -45.63 -4.88
N LEU A 409 55.79 -46.81 -4.61
CA LEU A 409 56.21 -47.60 -3.46
C LEU A 409 57.64 -48.12 -3.60
N ASN A 410 58.02 -48.56 -4.81
CA ASN A 410 59.37 -49.04 -5.04
C ASN A 410 60.38 -47.90 -4.95
N GLN A 411 60.03 -46.72 -5.47
CA GLN A 411 60.91 -45.56 -5.42
C GLN A 411 61.14 -45.11 -3.98
N HIS A 412 60.11 -45.17 -3.14
CA HIS A 412 60.30 -44.78 -1.74
C HIS A 412 60.74 -45.94 -0.84
N LEU A 413 60.80 -47.17 -1.35
CA LEU A 413 61.18 -48.32 -0.53
C LEU A 413 62.57 -48.85 -0.82
N ASN A 414 63.04 -48.79 -2.06
CA ASN A 414 64.33 -49.36 -2.48
C ASN A 414 65.57 -48.81 -1.77
N PRO A 415 65.61 -47.55 -1.31
CA PRO A 415 66.67 -47.19 -0.34
C PRO A 415 66.65 -48.02 0.94
N ALA A 416 65.46 -48.33 1.48
CA ALA A 416 65.40 -49.16 2.67
C ALA A 416 65.69 -50.63 2.35
N ILE A 417 65.42 -51.05 1.12
CA ILE A 417 65.77 -52.40 0.70
C ILE A 417 67.29 -52.53 0.56
N GLU A 418 67.94 -51.55 -0.06
CA GLU A 418 69.39 -51.62 -0.25
C GLU A 418 70.15 -51.38 1.04
N SER A 419 69.60 -50.57 1.95
CA SER A 419 70.21 -50.39 3.27
C SER A 419 69.94 -51.63 4.10
N ASP A 420 70.90 -52.56 4.10
CA ASP A 420 70.74 -53.83 4.78
C ASP A 420 70.83 -53.67 6.29
N ASN A 421 69.68 -53.51 6.95
CA ASN A 421 69.62 -53.37 8.39
C ASN A 421 68.56 -54.30 8.95
N ASN A 422 68.28 -54.20 10.25
CA ASN A 422 67.22 -54.99 10.84
C ASN A 422 65.86 -54.32 10.56
N PHE A 423 64.80 -54.95 11.07
CA PHE A 423 63.44 -54.57 10.69
C PHE A 423 63.05 -53.20 11.24
N THR A 424 63.43 -52.90 12.48
CA THR A 424 63.05 -51.64 13.12
C THR A 424 63.73 -50.45 12.44
N ASP A 425 65.03 -50.56 12.18
CA ASP A 425 65.74 -49.48 11.48
C ASP A 425 65.31 -49.37 10.03
N THR A 426 65.00 -50.51 9.38
CA THR A 426 64.53 -50.48 8.00
C THR A 426 63.19 -49.78 7.88
N THR A 427 62.26 -50.09 8.78
CA THR A 427 60.95 -49.42 8.72
C THR A 427 61.02 -47.99 9.21
N LYS A 428 62.00 -47.64 10.06
CA LYS A 428 62.17 -46.23 10.43
C LYS A 428 62.71 -45.42 9.26
N ILE A 429 63.65 -45.99 8.50
CA ILE A 429 64.15 -45.37 7.28
C ILE A 429 63.02 -45.23 6.26
N PHE A 430 62.18 -46.25 6.14
CA PHE A 430 61.04 -46.23 5.22
C PHE A 430 60.02 -45.15 5.62
N HIS A 431 59.72 -45.03 6.91
CA HIS A 431 58.78 -44.01 7.37
C HIS A 431 59.34 -42.61 7.19
N ASP A 432 60.64 -42.43 7.45
CA ASP A 432 61.26 -41.12 7.25
C ASP A 432 61.35 -40.75 5.78
N SER A 433 61.46 -41.75 4.90
CA SER A 433 61.46 -41.44 3.47
C SER A 433 60.05 -41.14 2.98
N LEU A 434 59.04 -41.82 3.52
CA LEU A 434 57.67 -41.58 3.09
C LEU A 434 57.15 -40.23 3.55
N PHE A 435 57.32 -39.92 4.83
CA PHE A 435 56.66 -38.76 5.40
C PHE A 435 57.33 -37.43 5.03
N ASN A 436 58.52 -37.46 4.44
CA ASN A 436 59.16 -36.24 3.98
C ASN A 436 58.73 -35.84 2.57
N SER A 437 57.94 -36.66 1.89
CA SER A 437 57.41 -36.34 0.58
C SER A 437 55.89 -36.31 0.58
N ALA A 438 55.27 -36.11 1.74
CA ALA A 438 53.82 -36.14 1.88
C ALA A 438 53.25 -34.77 1.50
N THR A 439 52.64 -34.70 0.33
CA THR A 439 51.97 -33.48 -0.11
C THR A 439 50.53 -33.48 0.39
N ALA A 440 49.72 -32.56 -0.12
CA ALA A 440 48.33 -32.45 0.29
C ALA A 440 47.39 -33.36 -0.49
N GLU A 441 47.91 -34.12 -1.46
CA GLU A 441 47.07 -34.94 -2.32
C GLU A 441 47.18 -36.43 -2.06
N ASN A 442 48.22 -36.90 -1.36
CA ASN A 442 48.38 -38.33 -1.13
C ASN A 442 48.80 -38.64 0.30
N SER A 443 48.39 -37.80 1.26
CA SER A 443 48.71 -38.06 2.66
C SER A 443 48.02 -39.31 3.16
N MET A 444 46.75 -39.50 2.80
CA MET A 444 46.02 -40.71 3.17
C MET A 444 46.60 -41.94 2.47
N PHE A 445 47.03 -41.77 1.22
CA PHE A 445 47.65 -42.86 0.47
C PHE A 445 48.95 -43.32 1.12
N LEU A 446 49.80 -42.37 1.53
CA LEU A 446 51.05 -42.75 2.18
C LEU A 446 50.83 -43.29 3.58
N THR A 447 49.79 -42.80 4.29
CA THR A 447 49.45 -43.36 5.59
C THR A 447 48.93 -44.79 5.45
N LYS A 448 48.21 -45.07 4.35
CA LYS A 448 47.72 -46.42 4.13
C LYS A 448 48.85 -47.38 3.75
N ILE A 449 49.77 -46.96 2.89
CA ILE A 449 50.81 -47.87 2.42
C ILE A 449 52.05 -47.80 3.30
N ALA A 450 51.97 -47.05 4.40
CA ALA A 450 53.09 -47.00 5.34
C ALA A 450 53.43 -48.34 6.02
N PRO A 451 52.46 -49.17 6.56
CA PRO A 451 52.90 -50.47 7.10
C PRO A 451 52.89 -51.58 6.04
N TYR A 452 53.63 -51.34 4.95
CA TYR A 452 53.60 -52.26 3.80
C TYR A 452 54.40 -53.52 4.08
N LEU A 453 55.49 -53.43 4.84
CA LEU A 453 56.37 -54.57 5.05
C LEU A 453 55.78 -55.62 5.97
N GLN A 454 54.78 -55.26 6.77
CA GLN A 454 54.19 -56.17 7.74
C GLN A 454 52.77 -56.56 7.39
N VAL A 455 52.44 -56.58 6.10
CA VAL A 455 51.10 -56.97 5.67
C VAL A 455 50.96 -58.49 5.77
N GLY A 456 49.87 -58.94 6.36
CA GLY A 456 49.61 -60.36 6.52
C GLY A 456 50.26 -61.00 7.73
N PHE A 457 51.16 -60.31 8.42
CA PHE A 457 51.82 -60.84 9.59
C PHE A 457 51.40 -60.12 10.86
N MET A 458 51.50 -58.79 10.90
CA MET A 458 51.03 -58.07 12.06
C MET A 458 49.55 -57.70 11.90
N PRO A 459 48.81 -57.62 13.00
CA PRO A 459 47.41 -57.20 12.90
C PRO A 459 47.26 -55.75 12.48
N GLU A 460 46.15 -55.48 11.80
CA GLU A 460 45.77 -54.16 11.27
C GLU A 460 46.84 -53.61 10.32
N ALA A 461 47.03 -54.32 9.21
CA ALA A 461 47.97 -53.90 8.17
C ALA A 461 47.30 -54.19 6.82
N ARG A 462 46.66 -53.18 6.26
CA ARG A 462 45.94 -53.30 5.00
C ARG A 462 46.55 -52.33 3.99
N SER A 463 47.35 -52.86 3.07
CA SER A 463 48.00 -52.04 2.06
C SER A 463 47.62 -52.41 0.63
N THR A 464 47.16 -53.64 0.40
CA THR A 464 46.81 -54.07 -0.96
C THR A 464 45.58 -53.36 -1.48
N ILE A 465 44.69 -52.93 -0.58
CA ILE A 465 43.48 -52.19 -0.96
C ILE A 465 43.86 -50.86 -1.61
N SER A 466 44.91 -50.22 -1.12
CA SER A 466 45.38 -49.00 -1.75
C SER A 466 46.34 -49.28 -2.90
N LEU A 467 47.04 -50.40 -2.87
CA LEU A 467 48.06 -50.66 -3.89
C LEU A 467 47.44 -51.17 -5.19
N SER A 468 46.74 -52.29 -5.14
CA SER A 468 46.26 -52.91 -6.38
C SER A 468 44.83 -53.44 -6.27
N GLY A 469 44.05 -52.99 -5.30
CA GLY A 469 42.73 -53.51 -5.11
C GLY A 469 41.62 -52.52 -5.41
N PRO A 470 40.59 -52.51 -4.54
CA PRO A 470 39.43 -51.64 -4.77
C PRO A 470 39.73 -50.16 -4.78
N GLY A 471 40.76 -49.72 -4.06
CA GLY A 471 41.17 -48.32 -4.14
C GLY A 471 41.71 -47.95 -5.51
N ALA A 472 42.53 -48.83 -6.10
CA ALA A 472 43.02 -48.62 -7.45
C ALA A 472 41.89 -48.67 -8.46
N TYR A 473 40.92 -49.57 -8.26
CA TYR A 473 39.78 -49.67 -9.16
C TYR A 473 38.91 -48.41 -9.11
N ALA A 474 38.65 -47.90 -7.90
CA ALA A 474 37.83 -46.69 -7.78
C ALA A 474 38.57 -45.47 -8.30
N SER A 475 39.89 -45.41 -8.10
CA SER A 475 40.69 -44.31 -8.65
C SER A 475 40.67 -44.33 -10.17
N ALA A 476 40.74 -45.51 -10.78
CA ALA A 476 40.70 -45.59 -12.23
C ALA A 476 39.30 -45.32 -12.77
N TYR A 477 38.26 -45.68 -12.01
CA TYR A 477 36.90 -45.32 -12.41
C TYR A 477 36.69 -43.82 -12.41
N TYR A 478 37.19 -43.13 -11.37
CA TYR A 478 37.18 -41.68 -11.33
C TYR A 478 37.97 -41.08 -12.49
N ASP A 479 39.11 -41.68 -12.79
CA ASP A 479 39.99 -41.20 -13.84
C ASP A 479 39.34 -41.34 -15.21
N PHE A 480 38.58 -42.41 -15.41
CA PHE A 480 37.86 -42.60 -16.67
C PHE A 480 36.67 -41.66 -16.79
N ILE A 481 35.91 -41.48 -15.70
CA ILE A 481 34.68 -40.70 -15.78
C ILE A 481 34.99 -39.21 -15.94
N ASN A 482 35.90 -38.69 -15.12
CA ASN A 482 36.11 -37.25 -15.06
C ASN A 482 37.25 -36.76 -15.95
N LEU A 483 37.80 -37.63 -16.81
CA LEU A 483 38.71 -37.27 -17.89
C LEU A 483 40.01 -36.63 -17.38
N GLN A 484 40.65 -37.29 -16.44
CA GLN A 484 41.90 -36.82 -15.88
C GLN A 484 42.99 -37.87 -16.15
N GLU A 485 44.16 -37.66 -15.55
CA GLU A 485 45.28 -38.59 -15.71
C GLU A 485 45.93 -38.84 -14.37
N ASN A 486 45.91 -40.11 -13.94
CA ASN A 486 46.62 -40.63 -12.76
C ASN A 486 46.19 -39.94 -11.47
N THR A 487 44.90 -40.09 -11.14
CA THR A 487 44.41 -39.65 -9.85
C THR A 487 44.81 -40.66 -8.78
N ILE A 488 45.25 -40.16 -7.63
CA ILE A 488 45.75 -41.03 -6.57
C ILE A 488 44.61 -41.46 -5.67
N GLU A 489 43.88 -40.51 -5.10
CA GLU A 489 42.85 -40.83 -4.13
C GLU A 489 41.79 -39.75 -4.15
N LYS A 490 40.68 -40.02 -4.85
CA LYS A 490 39.54 -39.12 -4.86
C LYS A 490 38.26 -39.95 -4.85
N THR A 491 37.18 -39.32 -4.39
CA THR A 491 35.94 -40.02 -4.13
C THR A 491 35.18 -40.31 -5.42
N LEU A 492 34.17 -41.17 -5.30
CA LEU A 492 33.28 -41.52 -6.39
C LEU A 492 31.84 -41.36 -5.97
N LYS A 493 31.02 -40.87 -6.89
CA LYS A 493 29.60 -40.72 -6.61
C LYS A 493 28.89 -42.07 -6.64
N ALA A 494 27.89 -42.21 -5.77
CA ALA A 494 27.13 -43.45 -5.70
C ALA A 494 26.31 -43.67 -6.97
N SER A 495 25.88 -42.59 -7.62
CA SER A 495 25.16 -42.71 -8.89
C SER A 495 26.05 -43.28 -9.98
N ASP A 496 27.29 -42.81 -10.07
CA ASP A 496 28.23 -43.36 -11.05
C ASP A 496 28.63 -44.79 -10.71
N LEU A 497 28.72 -45.10 -9.41
CA LEU A 497 29.04 -46.47 -9.01
C LEU A 497 27.91 -47.45 -9.37
N ILE A 498 26.65 -47.08 -9.10
CA ILE A 498 25.56 -47.96 -9.48
C ILE A 498 25.30 -47.94 -10.98
N GLU A 499 25.80 -46.92 -11.69
CA GLU A 499 25.79 -46.98 -13.15
C GLU A 499 26.84 -47.96 -13.68
N PHE A 500 27.96 -48.10 -12.97
CA PHE A 500 28.97 -49.10 -13.31
C PHE A 500 28.77 -50.44 -12.60
N LYS A 501 27.64 -50.62 -11.91
CA LYS A 501 27.43 -51.78 -11.06
C LYS A 501 27.31 -53.09 -11.84
N PHE A 502 27.87 -54.15 -11.27
CA PHE A 502 27.65 -55.51 -11.73
C PHE A 502 26.21 -55.93 -11.43
N PRO A 503 25.62 -56.77 -12.30
CA PRO A 503 24.27 -57.30 -12.00
C PRO A 503 24.27 -58.26 -10.82
N GLU A 504 23.27 -58.10 -9.94
CA GLU A 504 23.22 -58.87 -8.71
C GLU A 504 22.89 -60.34 -8.95
N ASN A 505 21.99 -60.61 -9.91
CA ASN A 505 21.60 -61.96 -10.26
C ASN A 505 22.64 -62.68 -11.10
N ASN A 506 23.69 -61.97 -11.52
CA ASN A 506 24.86 -62.61 -12.10
C ASN A 506 25.99 -62.76 -11.10
N LEU A 507 26.07 -61.88 -10.09
CA LEU A 507 27.15 -62.00 -9.11
C LEU A 507 26.83 -63.04 -8.03
N SER A 508 25.81 -62.78 -7.20
CA SER A 508 25.47 -63.60 -6.02
C SER A 508 26.69 -63.89 -5.13
N GLN A 509 27.20 -62.83 -4.48
CA GLN A 509 28.45 -62.92 -3.71
C GLN A 509 28.39 -63.89 -2.55
N LEU A 510 27.23 -64.03 -1.90
CA LEU A 510 27.18 -64.61 -0.56
C LEU A 510 27.43 -66.10 -0.57
N THR A 511 28.47 -66.51 0.15
CA THR A 511 29.04 -67.85 0.10
C THR A 511 29.64 -68.10 1.48
N GLU A 512 29.62 -69.36 1.93
CA GLU A 512 30.24 -69.73 3.20
C GLU A 512 31.74 -69.48 3.17
N GLN A 513 32.40 -69.77 2.05
CA GLN A 513 33.82 -69.45 1.90
C GLN A 513 34.06 -67.94 1.86
N GLU A 514 33.13 -67.19 1.27
CA GLU A 514 33.25 -65.73 1.26
C GLU A 514 33.12 -65.15 2.66
N ILE A 515 32.21 -65.69 3.47
CA ILE A 515 32.05 -65.24 4.85
C ILE A 515 33.28 -65.64 5.68
N ASN A 516 33.83 -66.82 5.42
CA ASN A 516 35.04 -67.24 6.12
C ASN A 516 36.25 -66.37 5.75
N SER A 517 36.35 -65.97 4.49
CA SER A 517 37.44 -65.09 4.06
C SER A 517 37.18 -63.62 4.36
N LEU A 518 35.96 -63.26 4.77
CA LEU A 518 35.64 -61.86 5.06
C LEU A 518 36.25 -61.39 6.36
N TRP A 519 36.60 -62.29 7.27
CA TRP A 519 37.27 -61.91 8.50
C TRP A 519 38.70 -61.47 8.21
N SER A 520 39.16 -60.45 8.92
CA SER A 520 40.50 -59.91 8.75
C SER A 520 41.27 -60.05 10.06
N PHE A 521 42.59 -59.88 9.95
CA PHE A 521 43.50 -60.05 11.08
C PHE A 521 43.43 -58.79 11.95
N ASP A 522 42.45 -58.78 12.85
CA ASP A 522 42.19 -57.67 13.75
C ASP A 522 42.74 -57.97 15.15
N GLN A 523 42.36 -57.13 16.12
CA GLN A 523 42.83 -57.28 17.49
C GLN A 523 42.34 -58.59 18.12
N ALA A 524 41.07 -58.93 17.92
CA ALA A 524 40.53 -60.16 18.48
C ALA A 524 41.15 -61.39 17.83
N SER A 525 41.35 -61.34 16.51
CA SER A 525 41.99 -62.44 15.79
C SER A 525 43.43 -62.63 16.25
N ALA A 526 44.15 -61.52 16.46
CA ALA A 526 45.53 -61.61 16.95
C ALA A 526 45.59 -62.16 18.36
N LYS A 527 44.66 -61.74 19.23
CA LYS A 527 44.64 -62.24 20.60
C LYS A 527 44.32 -63.72 20.66
N TYR A 528 43.35 -64.18 19.87
CA TYR A 528 42.99 -65.59 19.91
C TYR A 528 44.03 -66.46 19.22
N GLN A 529 44.70 -65.94 18.19
CA GLN A 529 45.82 -66.67 17.59
C GLN A 529 47.00 -66.77 18.56
N PHE A 530 47.25 -65.72 19.35
CA PHE A 530 48.28 -65.78 20.37
C PHE A 530 47.94 -66.78 21.46
N GLU A 531 46.67 -66.82 21.88
CA GLU A 531 46.24 -67.79 22.89
C GLU A 531 46.34 -69.22 22.36
N LYS A 532 46.01 -69.43 21.08
CA LYS A 532 46.17 -70.73 20.46
C LYS A 532 47.64 -71.13 20.37
N TYR A 533 48.52 -70.17 20.07
CA TYR A 533 49.94 -70.45 20.01
C TYR A 533 50.50 -70.83 21.38
N VAL A 534 50.08 -70.12 22.43
CA VAL A 534 50.52 -70.45 23.79
C VAL A 534 49.98 -71.80 24.23
N ARG A 535 48.70 -72.08 23.94
CA ARG A 535 48.09 -73.35 24.33
C ARG A 535 48.66 -74.52 23.55
N ASP A 536 49.15 -74.29 22.33
CA ASP A 536 49.79 -75.37 21.59
C ASP A 536 51.24 -75.58 22.00
N TYR A 537 51.96 -74.50 22.31
CA TYR A 537 53.37 -74.62 22.69
C TYR A 537 53.52 -75.19 24.10
N THR A 538 52.70 -74.74 25.04
CA THR A 538 52.76 -75.22 26.41
C THR A 538 51.60 -76.17 26.66
N GLY A 539 51.92 -77.36 27.16
CA GLY A 539 50.88 -78.35 27.44
C GLY A 539 49.97 -77.93 28.58
N GLY A 540 50.53 -77.31 29.62
CA GLY A 540 49.74 -76.81 30.70
C GLY A 540 49.29 -75.38 30.47
N SER A 541 48.06 -75.21 29.99
CA SER A 541 47.52 -73.88 29.75
C SER A 541 47.12 -73.22 31.07
N LEU A 542 47.21 -71.89 31.08
CA LEU A 542 46.89 -71.10 32.27
C LEU A 542 45.44 -70.66 32.20
N SER A 543 44.67 -71.00 33.23
CA SER A 543 43.26 -70.63 33.31
C SER A 543 43.13 -69.34 34.11
N GLU A 544 42.90 -68.22 33.42
CA GLU A 544 42.81 -66.91 34.04
C GLU A 544 41.37 -66.52 34.39
N ASP A 545 40.38 -67.30 33.97
CA ASP A 545 38.98 -66.94 34.13
C ASP A 545 38.40 -67.42 35.45
N ASN A 546 39.09 -68.33 36.16
CA ASN A 546 38.60 -68.90 37.41
C ASN A 546 38.43 -67.85 38.50
N GLY A 547 39.55 -67.31 38.99
CA GLY A 547 39.55 -66.20 39.94
C GLY A 547 38.77 -66.48 41.21
N VAL A 548 37.89 -65.53 41.56
CA VAL A 548 36.91 -65.66 42.62
C VAL A 548 35.52 -65.46 42.03
N ASP A 549 35.37 -65.86 40.76
CA ASP A 549 34.24 -65.43 39.92
C ASP A 549 32.90 -65.93 40.43
N PHE A 550 32.85 -67.17 40.93
CA PHE A 550 31.60 -67.76 41.36
C PHE A 550 31.53 -67.82 42.89
N ASN A 551 30.30 -67.93 43.39
CA ASN A 551 29.97 -68.08 44.81
C ASN A 551 30.48 -66.93 45.65
N LYS A 552 30.49 -65.72 45.10
CA LYS A 552 30.91 -64.51 45.82
C LYS A 552 29.83 -63.46 45.61
N ASN A 553 28.80 -63.49 46.44
CA ASN A 553 27.70 -62.52 46.38
C ASN A 553 28.09 -61.32 47.24
N THR A 554 28.97 -60.50 46.69
CA THR A 554 29.46 -59.32 47.40
C THR A 554 28.40 -58.22 47.37
N ALA A 555 28.08 -57.70 48.54
CA ALA A 555 27.12 -56.61 48.65
C ALA A 555 27.79 -55.28 48.31
N LEU A 556 26.96 -54.25 48.15
CA LEU A 556 27.45 -52.92 47.81
C LEU A 556 27.97 -52.24 49.07
N ASP A 557 29.27 -52.01 49.14
CA ASP A 557 29.88 -51.28 50.26
C ASP A 557 29.57 -49.81 50.07
N LYS A 558 28.58 -49.31 50.82
CA LYS A 558 28.11 -47.94 50.64
C LYS A 558 29.13 -46.93 51.14
N ASN A 559 29.81 -47.22 52.25
CA ASN A 559 30.82 -46.31 52.78
C ASN A 559 32.04 -46.24 51.85
N TYR A 560 32.45 -47.37 51.29
CA TYR A 560 33.55 -47.39 50.33
C TYR A 560 33.15 -46.69 49.04
N LEU A 561 31.89 -46.84 48.62
CA LEU A 561 31.41 -46.19 47.41
C LEU A 561 31.33 -44.67 47.58
N LEU A 562 30.89 -44.22 48.75
CA LEU A 562 30.61 -42.81 48.98
C LEU A 562 31.83 -42.02 49.42
N ASN A 563 32.72 -42.61 50.24
CA ASN A 563 33.81 -41.88 50.86
C ASN A 563 35.16 -42.13 50.22
N ASN A 564 35.29 -43.15 49.36
CA ASN A 564 36.59 -43.52 48.81
C ASN A 564 36.65 -43.46 47.29
N LYS A 565 35.52 -43.36 46.59
CA LYS A 565 35.51 -43.42 45.13
C LYS A 565 35.03 -42.14 44.49
N ILE A 566 33.84 -41.65 44.88
CA ILE A 566 33.29 -40.43 44.27
C ILE A 566 34.12 -39.18 44.55
N PRO A 567 34.64 -38.91 45.77
CA PRO A 567 35.57 -37.76 45.91
C PRO A 567 36.89 -37.93 45.16
N SER A 568 37.30 -39.15 44.83
CA SER A 568 38.52 -39.38 44.07
C SER A 568 38.28 -39.51 42.58
N ASN A 569 37.18 -38.95 42.08
CA ASN A 569 36.84 -39.02 40.66
C ASN A 569 37.64 -37.96 39.91
N ASN A 570 38.73 -38.39 39.28
CA ASN A 570 39.62 -37.48 38.57
C ASN A 570 39.27 -37.31 37.10
N VAL A 571 38.27 -38.04 36.61
CA VAL A 571 37.89 -38.00 35.20
C VAL A 571 36.60 -37.20 35.05
N GLU A 572 36.42 -36.62 33.88
CA GLU A 572 35.20 -35.88 33.54
C GLU A 572 34.91 -36.09 32.06
N GLU A 573 33.65 -35.88 31.70
CA GLU A 573 33.20 -36.03 30.33
C GLU A 573 32.70 -34.69 29.80
N ALA A 574 32.66 -34.57 28.47
CA ALA A 574 32.22 -33.35 27.83
C ALA A 574 31.02 -33.61 26.93
N GLY A 575 30.06 -34.40 27.42
CA GLY A 575 28.86 -34.71 26.68
C GLY A 575 27.62 -34.24 27.43
N SER A 576 26.48 -34.39 26.76
CA SER A 576 25.21 -33.96 27.33
C SER A 576 24.80 -34.89 28.48
N LYS A 577 23.99 -34.35 29.39
CA LYS A 577 23.61 -35.08 30.60
C LYS A 577 22.12 -35.39 30.65
N ASN A 578 21.47 -35.47 29.49
CA ASN A 578 20.05 -35.84 29.45
C ASN A 578 19.89 -37.33 29.18
N TYR A 579 20.44 -38.12 30.10
CA TYR A 579 20.45 -39.57 29.98
C TYR A 579 20.53 -40.20 31.36
N VAL A 580 20.20 -41.48 31.43
CA VAL A 580 20.32 -42.27 32.65
C VAL A 580 21.15 -43.51 32.34
N HIS A 581 22.00 -43.90 33.28
CA HIS A 581 22.96 -44.98 33.10
C HIS A 581 22.50 -46.19 33.90
N TYR A 582 21.79 -47.11 33.23
CA TYR A 582 21.29 -48.32 33.87
C TYR A 582 22.42 -49.34 33.95
N ILE A 583 23.29 -49.16 34.94
CA ILE A 583 24.44 -50.04 35.12
C ILE A 583 23.98 -51.35 35.73
N ILE A 584 24.25 -52.46 35.03
CA ILE A 584 23.84 -53.79 35.47
C ILE A 584 25.09 -54.63 35.67
N GLN A 585 25.18 -55.28 36.82
CA GLN A 585 26.24 -56.23 37.11
C GLN A 585 25.67 -57.65 37.03
N LEU A 586 26.29 -58.49 36.20
CA LEU A 586 25.75 -59.81 35.90
C LEU A 586 26.54 -60.95 36.50
N GLN A 587 27.66 -60.67 37.18
CA GLN A 587 28.45 -61.73 37.79
C GLN A 587 28.94 -61.29 39.17
N GLY A 588 29.04 -62.26 40.07
CA GLY A 588 29.46 -61.98 41.42
C GLY A 588 30.96 -62.07 41.64
N ASP A 589 31.70 -61.11 41.11
CA ASP A 589 33.14 -61.07 41.29
C ASP A 589 33.63 -59.65 41.50
N ASP A 590 34.84 -59.55 42.06
CA ASP A 590 35.42 -58.26 42.41
C ASP A 590 35.74 -57.43 41.19
N ILE A 591 35.98 -58.07 40.04
CA ILE A 591 36.30 -57.35 38.82
C ILE A 591 35.09 -56.56 38.32
N SER A 592 33.93 -57.21 38.25
CA SER A 592 32.72 -56.49 37.85
C SER A 592 32.23 -55.57 38.96
N TYR A 593 32.52 -55.90 40.23
CA TYR A 593 32.18 -55.00 41.32
C TYR A 593 32.96 -53.68 41.22
N GLU A 594 34.27 -53.77 40.96
CA GLU A 594 35.08 -52.58 40.77
C GLU A 594 34.73 -51.85 39.48
N ALA A 595 34.33 -52.58 38.44
CA ALA A 595 33.90 -51.95 37.20
C ALA A 595 32.62 -51.13 37.40
N THR A 596 31.65 -51.70 38.13
CA THR A 596 30.43 -50.96 38.43
C THR A 596 30.69 -49.78 39.36
N CYS A 597 31.61 -49.94 40.31
CA CYS A 597 32.00 -48.84 41.18
C CYS A 597 32.67 -47.70 40.39
N ASN A 598 33.51 -48.07 39.43
CA ASN A 598 34.17 -47.05 38.61
C ASN A 598 33.21 -46.37 37.66
N LEU A 599 32.23 -47.10 37.12
CA LEU A 599 31.22 -46.45 36.27
C LEU A 599 30.32 -45.54 37.09
N PHE A 600 30.03 -45.92 38.33
CA PHE A 600 29.32 -45.02 39.24
C PHE A 600 30.16 -43.80 39.58
N SER A 601 31.49 -43.93 39.60
CA SER A 601 32.35 -42.75 39.72
C SER A 601 32.33 -41.91 38.46
N LYS A 602 32.16 -42.52 37.28
CA LYS A 602 32.02 -41.76 36.04
C LYS A 602 30.76 -40.90 36.08
N ASN A 603 29.65 -41.50 36.49
CA ASN A 603 28.39 -40.77 36.56
C ASN A 603 27.80 -40.89 37.95
N PRO A 604 28.12 -39.98 38.87
CA PRO A 604 27.56 -40.05 40.23
C PRO A 604 26.21 -39.38 40.41
N LYS A 605 25.56 -38.93 39.34
CA LYS A 605 24.32 -38.18 39.42
C LYS A 605 23.13 -38.93 38.85
N ASN A 606 23.22 -39.42 37.62
CA ASN A 606 22.10 -40.02 36.93
C ASN A 606 22.10 -41.54 36.96
N SER A 607 23.23 -42.16 37.31
CA SER A 607 23.36 -43.60 37.20
C SER A 607 22.76 -44.32 38.39
N ILE A 608 22.25 -45.53 38.14
CA ILE A 608 21.79 -46.44 39.18
C ILE A 608 22.66 -47.70 39.11
N ILE A 609 22.58 -48.51 40.15
CA ILE A 609 23.33 -49.77 40.23
C ILE A 609 22.35 -50.90 40.44
N ILE A 610 22.40 -51.90 39.56
CA ILE A 610 21.60 -53.12 39.69
C ILE A 610 22.56 -54.30 39.65
N GLN A 611 22.52 -55.12 40.70
CA GLN A 611 23.37 -56.31 40.78
C GLN A 611 22.48 -57.53 40.59
N ARG A 612 22.67 -58.22 39.46
CA ARG A 612 21.88 -59.41 39.14
C ARG A 612 22.62 -60.69 39.46
N ASN A 613 23.72 -60.61 40.21
CA ASN A 613 24.39 -61.83 40.68
C ASN A 613 23.55 -62.58 41.72
N MET A 614 22.75 -61.86 42.50
CA MET A 614 21.71 -62.47 43.31
C MET A 614 20.35 -61.93 42.88
N ASN A 615 19.30 -62.69 43.22
CA ASN A 615 17.96 -62.39 42.75
C ASN A 615 17.12 -61.64 43.78
N GLU A 616 17.15 -62.06 45.04
CA GLU A 616 16.27 -61.47 46.05
C GLU A 616 16.77 -60.10 46.51
N SER A 617 18.08 -59.92 46.65
CA SER A 617 18.64 -58.64 47.08
C SER A 617 19.05 -57.78 45.89
N ALA A 618 18.14 -57.59 44.94
CA ALA A 618 18.42 -56.81 43.73
C ALA A 618 17.53 -55.59 43.73
N LYS A 619 18.14 -54.41 43.72
CA LYS A 619 17.40 -53.14 43.71
C LYS A 619 18.26 -52.10 43.00
N SER A 620 17.89 -50.83 43.15
CA SER A 620 18.58 -49.73 42.50
C SER A 620 19.18 -48.81 43.57
N TYR A 621 20.47 -48.52 43.43
CA TYR A 621 21.19 -47.63 44.34
C TYR A 621 21.61 -46.38 43.58
N PHE A 622 21.30 -45.22 44.15
CA PHE A 622 21.65 -43.95 43.53
C PHE A 622 21.69 -42.86 44.58
N LEU A 623 22.36 -41.76 44.24
CA LEU A 623 22.37 -40.60 45.12
C LEU A 623 21.02 -39.89 45.11
N SER A 624 20.75 -39.17 46.20
CA SER A 624 19.52 -38.41 46.35
C SER A 624 19.67 -37.05 45.68
N ASP A 625 18.69 -36.16 45.93
CA ASP A 625 18.81 -34.79 45.47
C ASP A 625 19.95 -34.07 46.18
N ASP A 626 20.13 -34.33 47.47
CA ASP A 626 21.30 -33.90 48.20
C ASP A 626 22.40 -34.96 48.12
N GLY A 627 23.63 -34.52 48.35
CA GLY A 627 24.75 -35.44 48.34
C GLY A 627 24.81 -36.27 49.60
N GLU A 628 25.67 -37.31 49.53
CA GLU A 628 25.99 -38.21 50.65
C GLU A 628 24.74 -38.94 51.18
N SER A 629 23.94 -39.47 50.26
CA SER A 629 22.75 -40.23 50.62
C SER A 629 22.43 -41.20 49.50
N ILE A 630 22.45 -42.50 49.79
CA ILE A 630 22.21 -43.54 48.81
C ILE A 630 20.92 -44.25 49.17
N LEU A 631 20.01 -44.38 48.20
CA LEU A 631 18.70 -44.97 48.43
C LEU A 631 18.70 -46.44 48.02
N GLU A 632 18.12 -47.28 48.88
CA GLU A 632 17.89 -48.68 48.56
C GLU A 632 16.51 -48.91 47.97
N LEU A 633 16.18 -48.15 46.93
CA LEU A 633 14.86 -48.24 46.31
C LEU A 633 14.75 -49.50 45.47
N ASN A 634 13.68 -50.26 45.68
CA ASN A 634 13.44 -51.49 44.95
C ASN A 634 12.73 -51.19 43.64
N LYS A 635 12.33 -52.25 42.92
CA LYS A 635 11.60 -52.24 41.65
C LYS A 635 12.36 -51.56 40.51
N TYR A 636 13.66 -51.31 40.68
CA TYR A 636 14.56 -50.73 39.67
C TYR A 636 14.04 -49.39 39.15
N ARG A 637 13.57 -48.54 40.06
CA ARG A 637 12.93 -47.29 39.71
C ARG A 637 13.95 -46.15 39.77
N ILE A 638 13.46 -44.94 39.45
CA ILE A 638 14.31 -43.76 39.32
C ILE A 638 13.67 -42.63 40.09
N PRO A 639 14.45 -41.63 40.52
CA PRO A 639 13.87 -40.43 41.13
C PRO A 639 13.11 -39.59 40.11
N GLU A 640 12.48 -38.54 40.63
CA GLU A 640 11.70 -37.63 39.80
C GLU A 640 12.58 -36.74 38.94
N ARG A 641 13.83 -36.51 39.34
CA ARG A 641 14.73 -35.70 38.53
C ARG A 641 15.23 -36.44 37.30
N LEU A 642 15.16 -37.77 37.28
CA LEU A 642 15.58 -38.57 36.15
C LEU A 642 14.42 -39.04 35.29
N LYS A 643 13.22 -38.53 35.54
CA LYS A 643 12.02 -38.96 34.82
C LYS A 643 11.76 -38.14 33.57
N ASN A 644 12.67 -37.23 33.21
CA ASN A 644 12.47 -36.37 32.06
C ASN A 644 13.55 -36.50 30.99
N LYS A 645 14.52 -37.39 31.17
CA LYS A 645 15.60 -37.55 30.22
C LYS A 645 15.12 -38.29 28.97
N GLU A 646 15.64 -37.89 27.81
CA GLU A 646 15.24 -38.46 26.54
C GLU A 646 16.11 -39.62 26.10
N LYS A 647 17.12 -39.99 26.87
CA LYS A 647 18.01 -41.07 26.51
C LYS A 647 18.18 -42.03 27.67
N VAL A 648 18.39 -43.30 27.35
CA VAL A 648 18.75 -44.32 28.33
C VAL A 648 20.04 -44.98 27.86
N LYS A 649 20.90 -45.31 28.81
CA LYS A 649 22.21 -45.90 28.51
C LYS A 649 22.39 -47.12 29.41
N VAL A 650 21.90 -48.27 28.99
CA VAL A 650 22.08 -49.47 29.77
C VAL A 650 23.50 -50.00 29.57
N THR A 651 23.97 -50.76 30.56
CA THR A 651 25.34 -51.24 30.55
C THR A 651 25.40 -52.57 31.29
N PHE A 652 25.89 -53.61 30.63
CA PHE A 652 26.03 -54.92 31.23
C PHE A 652 27.51 -55.27 31.36
N ILE A 653 27.92 -55.62 32.57
CA ILE A 653 29.32 -55.88 32.88
C ILE A 653 29.45 -57.35 33.28
N GLY A 654 30.31 -58.08 32.58
CA GLY A 654 30.50 -59.49 32.85
C GLY A 654 31.77 -60.08 32.28
N HIS A 655 31.69 -61.31 31.77
CA HIS A 655 32.83 -62.00 31.21
C HIS A 655 32.41 -62.76 29.96
N GLY A 656 33.39 -63.10 29.14
CA GLY A 656 33.16 -63.91 27.96
C GLY A 656 34.26 -64.93 27.74
N LYS A 657 33.89 -66.12 27.27
CA LYS A 657 34.88 -67.16 27.04
C LYS A 657 35.72 -66.85 25.80
N ASP A 658 36.90 -67.45 25.74
CA ASP A 658 37.87 -67.16 24.70
C ASP A 658 37.44 -67.84 23.41
N GLU A 659 36.62 -67.14 22.64
CA GLU A 659 36.16 -67.64 21.34
C GLU A 659 36.05 -66.45 20.38
N PHE A 660 36.56 -66.65 19.17
CA PHE A 660 36.34 -65.66 18.11
C PHE A 660 34.86 -65.66 17.74
N ASN A 661 34.27 -64.45 17.76
CA ASN A 661 32.82 -64.24 17.65
C ASN A 661 32.07 -65.08 18.68
N THR A 662 32.32 -64.73 19.95
CA THR A 662 31.75 -65.45 21.08
C THR A 662 30.24 -65.31 21.12
N SER A 663 29.54 -66.43 21.28
CA SER A 663 28.08 -66.46 21.28
C SER A 663 27.50 -66.35 22.68
N GLU A 664 28.32 -66.13 23.70
CA GLU A 664 27.84 -66.04 25.07
C GLU A 664 28.44 -64.80 25.73
N PHE A 665 27.73 -64.28 26.72
CA PHE A 665 28.24 -63.21 27.55
C PHE A 665 27.70 -63.38 28.96
N ALA A 666 28.63 -63.40 29.95
CA ALA A 666 28.32 -63.55 31.37
C ALA A 666 27.53 -64.83 31.65
N ARG A 667 27.87 -65.90 30.91
CA ARG A 667 27.19 -67.21 30.96
C ARG A 667 25.70 -67.10 30.67
N LEU A 668 25.36 -66.23 29.71
CA LEU A 668 24.01 -66.16 29.14
C LEU A 668 24.11 -66.37 27.63
N SER A 669 22.97 -66.25 26.95
CA SER A 669 22.90 -66.36 25.51
C SER A 669 22.20 -65.12 24.94
N VAL A 670 22.07 -65.09 23.61
CA VAL A 670 21.50 -63.94 22.93
C VAL A 670 20.02 -63.81 23.26
N ASP A 671 19.26 -64.91 23.12
CA ASP A 671 17.83 -64.88 23.40
C ASP A 671 17.55 -64.72 24.89
N SER A 672 18.38 -65.33 25.74
CA SER A 672 18.22 -65.18 27.18
C SER A 672 18.49 -63.75 27.63
N LEU A 673 19.51 -63.10 27.07
CA LEU A 673 19.76 -61.70 27.39
C LEU A 673 18.71 -60.78 26.79
N SER A 674 18.15 -61.14 25.63
CA SER A 674 17.04 -60.36 25.07
C SER A 674 15.81 -60.42 25.97
N ASN A 675 15.51 -61.61 26.50
CA ASN A 675 14.42 -61.74 27.47
C ASN A 675 14.73 -61.02 28.77
N GLU A 676 16.00 -60.99 29.18
CA GLU A 676 16.41 -60.25 30.37
C GLU A 676 16.19 -58.75 30.20
N ILE A 677 16.58 -58.20 29.04
CA ILE A 677 16.36 -56.79 28.76
C ILE A 677 14.87 -56.50 28.61
N SER A 678 14.08 -57.44 28.07
CA SER A 678 12.64 -57.25 28.00
C SER A 678 11.99 -57.22 29.38
N SER A 679 12.42 -58.11 30.28
CA SER A 679 11.89 -58.13 31.64
C SER A 679 12.33 -56.90 32.43
N PHE A 680 13.53 -56.38 32.16
CA PHE A 680 13.93 -55.10 32.75
C PHE A 680 13.13 -53.95 32.16
N LEU A 681 12.82 -54.02 30.87
CA LEU A 681 12.06 -52.97 30.18
C LEU A 681 10.60 -52.95 30.61
N ASP A 682 10.10 -54.05 31.18
CA ASP A 682 8.75 -54.06 31.72
C ASP A 682 8.60 -53.12 32.91
N THR A 683 9.70 -52.80 33.60
CA THR A 683 9.67 -51.83 34.68
C THR A 683 10.04 -50.42 34.24
N ILE A 684 10.75 -50.27 33.11
CA ILE A 684 11.10 -48.95 32.62
C ILE A 684 9.88 -48.22 32.06
N LYS A 685 8.92 -48.98 31.51
CA LYS A 685 7.81 -48.43 30.73
C LYS A 685 6.86 -47.55 31.55
N LEU A 686 6.87 -47.67 32.87
CA LEU A 686 6.04 -46.84 33.73
C LEU A 686 6.72 -45.54 34.15
N ASP A 687 7.97 -45.33 33.75
CA ASP A 687 8.73 -44.16 34.18
C ASP A 687 9.20 -43.30 33.01
N ILE A 688 9.78 -43.90 31.97
CA ILE A 688 10.49 -43.17 30.93
C ILE A 688 9.85 -43.44 29.58
N SER A 689 9.51 -42.35 28.87
CA SER A 689 9.14 -42.40 27.45
C SER A 689 10.21 -41.67 26.66
N PRO A 690 11.28 -42.35 26.25
CA PRO A 690 12.44 -41.64 25.69
C PRO A 690 12.33 -41.40 24.20
N LYS A 691 13.36 -40.77 23.63
CA LYS A 691 13.46 -40.55 22.20
C LYS A 691 14.52 -41.39 21.51
N ASN A 692 15.56 -41.79 22.23
CA ASN A 692 16.63 -42.60 21.68
C ASN A 692 17.21 -43.46 22.79
N VAL A 693 17.50 -44.72 22.47
CA VAL A 693 18.05 -45.65 23.45
C VAL A 693 19.51 -45.94 23.08
N GLU A 694 20.21 -46.62 23.98
CA GLU A 694 21.64 -46.89 23.80
C GLU A 694 22.02 -48.06 24.69
N VAL A 695 22.62 -49.08 24.10
CA VAL A 695 23.03 -50.29 24.82
C VAL A 695 24.53 -50.44 24.71
N ASN A 696 25.20 -50.54 25.84
CA ASN A 696 26.63 -50.79 25.91
C ASN A 696 26.87 -52.22 26.36
N LEU A 697 28.12 -52.67 26.22
CA LEU A 697 28.52 -54.01 26.67
C LEU A 697 29.98 -53.94 27.08
N LEU A 698 30.23 -53.98 28.39
CA LEU A 698 31.57 -53.94 28.91
C LEU A 698 31.94 -55.30 29.49
N GLY A 699 33.18 -55.70 29.29
CA GLY A 699 33.64 -56.98 29.79
C GLY A 699 34.74 -57.53 28.91
N ALA A 700 35.43 -58.52 29.45
CA ALA A 700 36.55 -59.14 28.75
C ALA A 700 36.06 -59.97 27.57
N ASN A 701 36.91 -60.02 26.53
CA ASN A 701 36.68 -60.79 25.29
C ASN A 701 35.40 -60.34 24.58
N MET A 702 35.10 -59.05 24.64
CA MET A 702 33.98 -58.46 23.93
C MET A 702 34.50 -57.34 23.04
N PHE A 703 34.48 -57.57 21.73
CA PHE A 703 35.07 -56.67 20.76
C PHE A 703 33.98 -56.11 19.86
N SER A 704 34.38 -55.21 18.97
CA SER A 704 33.50 -54.65 17.95
C SER A 704 34.10 -54.94 16.58
N TYR A 705 33.29 -55.53 15.70
CA TYR A 705 33.72 -55.94 14.38
C TYR A 705 33.08 -55.04 13.32
N ASP A 706 33.82 -54.81 12.23
CA ASP A 706 33.43 -53.81 11.25
C ASP A 706 33.11 -54.36 9.87
N PHE A 707 33.55 -55.57 9.53
CA PHE A 707 33.31 -56.10 8.19
C PHE A 707 31.87 -56.61 8.05
N ASN A 708 31.51 -57.62 8.82
CA ASN A 708 30.16 -58.15 8.85
C ASN A 708 29.56 -58.05 10.26
N VAL A 709 28.68 -57.07 10.43
CA VAL A 709 28.08 -56.84 11.74
C VAL A 709 27.03 -57.89 12.06
N GLU A 710 26.44 -58.52 11.04
CA GLU A 710 25.66 -59.72 11.26
C GLU A 710 26.59 -60.89 11.53
N GLU A 711 26.04 -61.94 12.15
CA GLU A 711 26.70 -63.13 12.69
C GLU A 711 27.61 -62.80 13.88
N THR A 712 27.61 -61.57 14.36
CA THR A 712 28.33 -61.20 15.58
C THR A 712 27.37 -61.21 16.76
N TYR A 713 27.94 -61.18 17.96
CA TYR A 713 27.14 -61.10 19.17
C TYR A 713 26.31 -59.82 19.30
N PRO A 714 26.81 -58.60 19.01
CA PRO A 714 25.90 -57.44 19.04
C PRO A 714 24.89 -57.39 17.91
N GLY A 715 25.06 -58.18 16.84
CA GLY A 715 24.14 -58.08 15.71
C GLY A 715 22.79 -58.71 15.99
N LYS A 716 22.79 -59.98 16.38
CA LYS A 716 21.53 -60.67 16.66
C LYS A 716 20.85 -60.10 17.91
N LEU A 717 21.65 -59.76 18.92
CA LEU A 717 21.13 -59.07 20.10
C LEU A 717 20.54 -57.72 19.72
N LEU A 718 21.20 -57.01 18.79
CA LEU A 718 20.70 -55.72 18.32
C LEU A 718 19.37 -55.87 17.61
N LEU A 719 19.23 -56.94 16.80
CA LEU A 719 17.98 -57.18 16.08
C LEU A 719 16.83 -57.51 17.03
N SER A 720 17.08 -58.37 18.03
CA SER A 720 16.04 -58.70 19.00
C SER A 720 15.63 -57.49 19.84
N ILE A 721 16.61 -56.70 20.28
CA ILE A 721 16.30 -55.53 21.10
C ILE A 721 15.60 -54.44 20.29
N MET A 722 15.98 -54.26 19.01
CA MET A 722 15.27 -53.27 18.21
C MET A 722 13.85 -53.70 17.88
N ASP A 723 13.61 -55.02 17.75
CA ASP A 723 12.24 -55.50 17.63
C ASP A 723 11.43 -55.20 18.89
N LYS A 724 12.03 -55.41 20.06
CA LYS A 724 11.35 -55.11 21.32
C LYS A 724 11.11 -53.61 21.50
N ILE A 725 12.04 -52.76 21.06
CA ILE A 725 11.87 -51.32 21.19
C ILE A 725 10.79 -50.82 20.22
N THR A 726 10.83 -51.26 18.98
CA THR A 726 9.83 -50.81 18.02
C THR A 726 8.46 -51.43 18.25
N SER A 727 8.37 -52.48 19.08
CA SER A 727 7.06 -53.00 19.43
C SER A 727 6.48 -52.35 20.68
N THR A 728 7.29 -52.19 21.75
CA THR A 728 6.78 -51.82 23.06
C THR A 728 6.95 -50.35 23.39
N LEU A 729 8.18 -49.85 23.39
CA LEU A 729 8.45 -48.49 23.85
C LEU A 729 8.00 -47.47 22.82
N PRO A 730 7.14 -46.52 23.17
CA PRO A 730 6.71 -45.51 22.20
C PRO A 730 7.76 -44.41 22.04
N ASP A 731 7.61 -43.67 20.93
CA ASP A 731 8.39 -42.48 20.58
C ASP A 731 9.89 -42.76 20.43
N VAL A 732 10.28 -44.01 20.20
CA VAL A 732 11.64 -44.38 19.86
C VAL A 732 11.61 -45.03 18.49
N ASN A 733 12.27 -44.40 17.52
CA ASN A 733 12.17 -44.86 16.15
C ASN A 733 13.08 -46.07 15.92
N LYS A 734 12.99 -46.63 14.70
CA LYS A 734 13.80 -47.78 14.35
C LYS A 734 15.28 -47.42 14.23
N ASN A 735 15.57 -46.25 13.67
CA ASN A 735 16.96 -45.83 13.50
C ASN A 735 17.53 -45.17 14.75
N SER A 736 16.74 -44.98 15.80
CA SER A 736 17.26 -44.48 17.07
C SER A 736 17.63 -45.65 18.00
N ILE A 737 18.44 -46.56 17.47
CA ILE A 737 18.90 -47.74 18.18
C ILE A 737 20.43 -47.70 18.17
N THR A 738 21.05 -48.27 19.19
CA THR A 738 22.50 -48.28 19.27
C THR A 738 22.95 -49.44 20.14
N ILE A 739 23.73 -50.34 19.57
CA ILE A 739 24.42 -51.38 20.30
C ILE A 739 25.89 -50.98 20.36
N GLY A 740 26.63 -51.56 21.28
CA GLY A 740 28.05 -51.25 21.38
C GLY A 740 28.79 -52.10 22.39
N ALA A 741 30.01 -52.51 22.05
CA ALA A 741 30.79 -53.40 22.90
C ALA A 741 32.14 -52.78 23.21
N ASN A 742 32.56 -52.88 24.47
CA ASN A 742 33.85 -52.38 24.92
C ASN A 742 34.53 -53.47 25.73
N GLN A 743 35.85 -53.53 25.62
CA GLN A 743 36.59 -54.62 26.26
C GLN A 743 37.08 -54.24 27.66
N TYR A 744 37.87 -53.18 27.76
CA TYR A 744 38.54 -52.83 29.00
C TYR A 744 37.82 -51.68 29.70
N GLU A 745 38.33 -51.31 30.87
CA GLU A 745 37.78 -50.23 31.68
C GLU A 745 38.83 -49.13 31.84
N VAL A 746 38.40 -47.88 31.70
CA VAL A 746 39.28 -46.73 31.69
C VAL A 746 39.07 -45.94 32.97
N ARG A 747 40.18 -45.62 33.66
CA ARG A 747 40.14 -44.84 34.88
C ARG A 747 41.36 -43.93 34.93
N ILE A 748 41.17 -42.70 35.39
CA ILE A 748 42.28 -41.78 35.63
C ILE A 748 42.48 -41.66 37.13
N ASN A 749 43.71 -41.93 37.57
CA ASN A 749 44.07 -41.85 38.98
C ASN A 749 44.39 -40.41 39.36
N SER A 750 44.96 -40.23 40.55
CA SER A 750 45.31 -38.88 41.02
C SER A 750 46.52 -38.31 40.28
N GLU A 751 47.36 -39.17 39.69
CA GLU A 751 48.50 -38.69 38.91
C GLU A 751 48.03 -38.05 37.60
N GLY A 752 47.12 -38.72 36.89
CA GLY A 752 46.66 -38.23 35.60
C GLY A 752 46.79 -39.28 34.51
N ARG A 753 47.44 -40.39 34.84
CA ARG A 753 47.59 -41.49 33.90
C ARG A 753 46.28 -42.26 33.77
N LYS A 754 46.11 -42.90 32.62
CA LYS A 754 44.94 -43.73 32.36
C LYS A 754 45.21 -45.14 32.84
N GLU A 755 44.33 -45.65 33.69
CA GLU A 755 44.52 -46.95 34.34
C GLU A 755 43.59 -47.99 33.76
N LEU A 756 44.02 -49.25 33.80
CA LEU A 756 43.28 -50.37 33.26
C LEU A 756 43.13 -51.42 34.36
N LEU A 757 41.99 -52.10 34.37
CA LEU A 757 41.70 -53.14 35.34
C LEU A 757 41.77 -54.50 34.68
N ALA A 758 42.48 -55.43 35.30
CA ALA A 758 42.64 -56.78 34.79
C ALA A 758 42.01 -57.77 35.76
N HIS A 759 42.20 -59.07 35.48
CA HIS A 759 41.57 -60.11 36.29
C HIS A 759 42.22 -60.27 37.66
N SER A 760 43.45 -59.78 37.83
CA SER A 760 44.15 -59.90 39.11
C SER A 760 43.63 -58.93 40.17
N GLY A 761 42.82 -57.95 39.79
CA GLY A 761 42.25 -57.02 40.73
C GLY A 761 43.08 -55.77 40.98
N LYS A 762 44.27 -55.67 40.41
CA LYS A 762 45.12 -54.50 40.56
C LYS A 762 44.98 -53.62 39.32
N TRP A 763 45.67 -52.48 39.34
CA TRP A 763 45.58 -51.46 38.30
C TRP A 763 46.89 -51.41 37.53
N ILE A 764 46.81 -51.54 36.21
CA ILE A 764 47.96 -51.67 35.34
C ILE A 764 47.89 -50.59 34.28
N ASN A 765 49.00 -49.89 34.05
CA ASN A 765 49.08 -48.86 33.02
C ASN A 765 49.40 -49.52 31.67
N LYS A 766 48.39 -50.20 31.12
CA LYS A 766 48.48 -50.78 29.78
C LYS A 766 47.98 -49.73 28.79
N GLU A 767 48.87 -48.77 28.49
CA GLU A 767 48.46 -47.59 27.74
C GLU A 767 48.16 -47.91 26.27
N GLU A 768 48.96 -48.78 25.65
CA GLU A 768 48.71 -49.10 24.24
C GLU A 768 47.47 -49.96 24.07
N ALA A 769 47.20 -50.85 25.05
CA ALA A 769 45.99 -51.66 24.99
C ALA A 769 44.75 -50.82 25.22
N ILE A 770 44.81 -49.89 26.19
CA ILE A 770 43.63 -49.06 26.46
C ILE A 770 43.40 -48.05 25.33
N MET A 771 44.47 -47.61 24.66
CA MET A 771 44.30 -46.69 23.53
C MET A 771 43.77 -47.42 22.31
N SER A 772 44.21 -48.66 22.08
CA SER A 772 43.66 -49.46 21.00
C SER A 772 42.20 -49.80 21.23
N ASP A 773 41.82 -50.09 22.49
CA ASP A 773 40.42 -50.36 22.82
C ASP A 773 39.54 -49.12 22.61
N LEU A 774 40.03 -47.96 23.07
CA LEU A 774 39.27 -46.71 22.91
C LEU A 774 39.18 -46.30 21.45
N SER A 775 40.20 -46.58 20.64
CA SER A 775 40.15 -46.25 19.23
C SER A 775 39.42 -47.29 18.40
N SER A 776 39.17 -48.49 18.93
CA SER A 776 38.50 -49.54 18.19
C SER A 776 37.06 -49.79 18.64
N LYS A 777 36.58 -49.14 19.69
CA LYS A 777 35.17 -49.27 20.06
C LYS A 777 34.28 -48.59 19.02
N GLU A 778 33.26 -49.32 18.56
CA GLU A 778 32.30 -48.81 17.57
C GLU A 778 30.88 -48.94 18.11
N TYR A 779 29.94 -48.35 17.38
CA TYR A 779 28.52 -48.50 17.65
C TYR A 779 27.83 -48.92 16.35
N ILE A 780 26.91 -49.87 16.45
CA ILE A 780 26.22 -50.43 15.29
C ILE A 780 24.73 -50.11 15.42
N PHE A 781 24.16 -49.52 14.38
CA PHE A 781 22.77 -49.10 14.41
C PHE A 781 22.05 -49.66 13.19
N PHE A 782 20.73 -49.52 13.18
CA PHE A 782 19.90 -49.94 12.06
C PHE A 782 19.58 -48.74 11.18
N ASP A 783 19.92 -48.84 9.90
CA ASP A 783 19.80 -47.69 9.02
C ASP A 783 18.35 -47.49 8.58
N SER A 784 18.01 -46.25 8.21
CA SER A 784 16.65 -45.84 7.95
C SER A 784 16.22 -45.99 6.49
N ILE A 785 17.05 -46.60 5.64
CA ILE A 785 16.71 -46.75 4.23
C ILE A 785 16.18 -48.17 4.01
N ASP A 786 15.86 -48.85 5.12
CA ASP A 786 15.44 -50.25 5.19
C ASP A 786 16.51 -51.16 4.57
N ASN A 787 17.65 -51.16 5.25
CA ASN A 787 18.82 -51.93 4.83
C ASN A 787 19.39 -52.67 6.02
N LYS A 788 20.60 -53.19 5.89
CA LYS A 788 21.25 -53.95 6.95
C LYS A 788 21.75 -53.01 8.05
N LEU A 789 22.35 -53.60 9.07
CA LEU A 789 22.92 -52.82 10.16
C LEU A 789 24.19 -52.12 9.70
N LYS A 790 24.34 -50.86 10.11
CA LYS A 790 25.50 -50.06 9.75
C LYS A 790 26.21 -49.62 11.02
N ALA A 791 27.45 -49.18 10.85
CA ALA A 791 28.28 -48.76 11.97
C ALA A 791 28.21 -47.23 12.11
N LYS A 792 28.13 -46.77 13.36
CA LYS A 792 28.08 -45.35 13.64
C LYS A 792 29.45 -44.71 13.39
N SER A 793 29.43 -43.42 13.08
CA SER A 793 30.67 -42.66 12.93
C SER A 793 31.31 -42.44 14.29
N LYS A 794 32.63 -42.63 14.35
CA LYS A 794 33.35 -42.46 15.60
C LYS A 794 33.51 -40.99 15.96
N ASN A 795 33.88 -40.75 17.22
CA ASN A 795 34.17 -39.40 17.71
C ASN A 795 35.52 -38.98 17.14
N ILE A 796 35.48 -38.16 16.07
CA ILE A 796 36.73 -37.70 15.45
C ILE A 796 37.57 -36.81 16.36
N PRO A 797 37.03 -35.85 17.14
CA PRO A 797 37.87 -35.22 18.17
C PRO A 797 38.40 -36.16 19.23
N GLY A 798 37.66 -37.23 19.57
CA GLY A 798 38.20 -38.22 20.49
C GLY A 798 39.38 -38.98 19.92
N LEU A 799 39.29 -39.34 18.63
CA LEU A 799 40.42 -39.98 17.95
C LEU A 799 41.60 -39.03 17.84
N ALA A 800 41.35 -37.74 17.62
CA ALA A 800 42.42 -36.75 17.58
C ALA A 800 43.07 -36.58 18.95
N SER A 801 42.29 -36.66 20.03
CA SER A 801 42.85 -36.58 21.36
C SER A 801 43.71 -37.80 21.68
N ILE A 802 43.26 -38.99 21.24
CA ILE A 802 44.06 -40.20 21.44
C ILE A 802 45.36 -40.12 20.62
N SER A 803 45.29 -39.58 19.41
CA SER A 803 46.49 -39.42 18.59
C SER A 803 47.45 -38.40 19.20
N GLU A 804 46.93 -37.34 19.79
CA GLU A 804 47.78 -36.34 20.45
C GLU A 804 48.45 -36.92 21.69
N ASP A 805 47.71 -37.74 22.46
CA ASP A 805 48.32 -38.42 23.60
C ASP A 805 49.40 -39.40 23.18
N ILE A 806 49.17 -40.09 22.05
CA ILE A 806 50.18 -40.98 21.48
C ILE A 806 51.42 -40.20 21.05
N LYS A 807 51.21 -39.01 20.46
CA LYS A 807 52.34 -38.16 20.06
C LYS A 807 53.15 -37.68 21.26
N THR A 808 52.47 -37.31 22.35
CA THR A 808 53.17 -36.89 23.56
C THR A 808 53.93 -38.05 24.20
N LEU A 809 53.33 -39.26 24.21
CA LEU A 809 54.02 -40.40 24.78
C LEU A 809 55.18 -40.86 23.91
N LEU A 810 55.12 -40.63 22.60
CA LEU A 810 56.26 -40.91 21.74
C LEU A 810 57.34 -39.86 21.92
N LEU A 811 56.95 -38.61 22.22
CA LEU A 811 57.93 -37.58 22.54
C LEU A 811 58.48 -37.68 23.96
N ASP A 812 57.89 -38.55 24.79
CA ASP A 812 58.42 -38.79 26.13
C ASP A 812 59.76 -39.52 26.07
N ALA A 813 60.48 -39.47 27.20
CA ALA A 813 61.85 -39.97 27.28
C ALA A 813 61.94 -41.41 27.79
N SER A 814 61.21 -41.73 28.86
CA SER A 814 61.31 -43.05 29.49
C SER A 814 60.33 -44.05 28.88
N VAL A 815 60.39 -44.20 27.56
CA VAL A 815 59.50 -45.09 26.81
C VAL A 815 60.37 -46.03 25.99
N SER A 816 60.10 -47.33 26.09
CA SER A 816 60.85 -48.33 25.36
C SER A 816 60.60 -48.22 23.85
N PRO A 817 61.59 -48.55 23.02
CA PRO A 817 61.40 -48.46 21.56
C PRO A 817 60.35 -49.39 21.00
N ASP A 818 60.10 -50.54 21.65
CA ASP A 818 59.04 -51.43 21.21
C ASP A 818 57.67 -50.78 21.39
N THR A 819 57.44 -50.16 22.54
CA THR A 819 56.19 -49.44 22.76
C THR A 819 56.11 -48.19 21.90
N LYS A 820 57.27 -47.58 21.58
CA LYS A 820 57.28 -46.46 20.64
C LYS A 820 56.82 -46.90 19.25
N PHE A 821 57.29 -48.07 18.80
CA PHE A 821 56.87 -48.63 17.52
C PHE A 821 55.40 -48.99 17.52
N ILE A 822 54.91 -49.57 18.62
CA ILE A 822 53.49 -49.94 18.74
C ILE A 822 52.61 -48.70 18.71
N LEU A 823 53.00 -47.65 19.44
CA LEU A 823 52.22 -46.41 19.46
C LEU A 823 52.28 -45.69 18.12
N ASN A 824 53.40 -45.78 17.41
CA ASN A 824 53.48 -45.22 16.06
C ASN A 824 52.53 -45.93 15.10
N ASN A 825 52.45 -47.26 15.21
CA ASN A 825 51.51 -48.03 14.40
C ASN A 825 50.06 -47.69 14.74
N LEU A 826 49.78 -47.49 16.03
CA LEU A 826 48.43 -47.11 16.45
C LEU A 826 48.04 -45.73 15.95
N LYS A 827 49.01 -44.79 15.95
CA LYS A 827 48.77 -43.47 15.39
C LYS A 827 48.49 -43.54 13.90
N LEU A 828 49.23 -44.39 13.18
CA LEU A 828 48.98 -44.58 11.75
C LEU A 828 47.60 -45.17 11.50
N ASN A 829 47.17 -46.12 12.34
CA ASN A 829 45.84 -46.70 12.21
C ASN A 829 44.73 -45.67 12.47
N ILE A 830 44.92 -44.80 13.47
CA ILE A 830 43.91 -43.79 13.78
C ILE A 830 43.82 -42.75 12.66
N GLU A 831 44.97 -42.34 12.12
CA GLU A 831 44.96 -41.41 10.99
C GLU A 831 44.32 -42.02 9.75
N SER A 832 44.57 -43.32 9.52
CA SER A 832 43.91 -44.00 8.40
C SER A 832 42.42 -44.15 8.62
N SER A 833 41.98 -44.33 9.87
CA SER A 833 40.54 -44.42 10.16
C SER A 833 39.84 -43.09 9.90
N ILE A 834 40.45 -41.98 10.32
CA ILE A 834 39.87 -40.66 10.04
C ILE A 834 39.86 -40.37 8.54
N GLY A 835 40.93 -40.74 7.84
CA GLY A 835 40.94 -40.61 6.39
C GLY A 835 39.92 -41.48 5.70
N ASP A 836 39.61 -42.65 6.26
CA ASP A 836 38.57 -43.50 5.70
C ASP A 836 37.18 -42.90 5.89
N TYR A 837 36.94 -42.27 7.05
CA TYR A 837 35.67 -41.58 7.25
C TYR A 837 35.51 -40.40 6.30
N ILE A 838 36.61 -39.71 5.99
CA ILE A 838 36.52 -38.64 5.00
C ILE A 838 36.30 -39.21 3.60
N TYR A 839 37.01 -40.29 3.26
CA TYR A 839 37.04 -40.79 1.89
C TYR A 839 35.76 -41.53 1.50
N TYR A 840 35.23 -42.37 2.39
CA TYR A 840 34.13 -43.27 2.04
C TYR A 840 32.76 -42.63 2.18
N GLU A 841 32.70 -41.32 2.45
CA GLU A 841 31.47 -40.55 2.66
C GLU A 841 30.61 -41.14 3.79
N LYS A 842 31.26 -41.59 4.85
CA LYS A 842 30.55 -42.19 5.98
C LYS A 842 29.99 -41.15 6.93
N LEU A 843 30.29 -39.86 6.73
CA LEU A 843 29.85 -38.81 7.63
C LEU A 843 28.51 -38.27 7.15
N GLU A 844 27.52 -38.30 8.02
CA GLU A 844 26.17 -37.88 7.68
C GLU A 844 26.06 -36.36 7.69
N PRO A 845 25.14 -35.80 6.90
CA PRO A 845 24.83 -34.38 7.05
C PRO A 845 24.01 -34.14 8.30
N VAL A 846 24.03 -32.88 8.76
CA VAL A 846 23.25 -32.49 9.92
C VAL A 846 21.88 -32.00 9.46
N LYS A 847 20.91 -32.10 10.36
CA LYS A 847 19.52 -31.78 10.05
C LYS A 847 18.98 -30.83 11.10
N ASN A 848 18.78 -29.58 10.71
CA ASN A 848 18.09 -28.60 11.54
C ASN A 848 17.38 -27.62 10.61
N ILE A 849 16.76 -26.59 11.20
CA ILE A 849 15.98 -25.64 10.42
C ILE A 849 16.88 -24.78 9.53
N ILE A 850 18.08 -24.45 10.00
CA ILE A 850 19.00 -23.64 9.21
C ILE A 850 19.56 -24.46 8.04
N HIS A 851 19.95 -25.70 8.29
CA HIS A 851 20.61 -26.50 7.27
C HIS A 851 19.64 -27.02 6.21
N ASN A 852 18.36 -27.18 6.55
CA ASN A 852 17.42 -27.75 5.60
C ASN A 852 17.04 -26.77 4.51
N SER A 853 17.00 -25.46 4.82
CA SER A 853 16.65 -24.46 3.82
C SER A 853 17.73 -24.33 2.75
N ILE A 854 19.00 -24.49 3.13
CA ILE A 854 20.10 -24.45 2.17
C ILE A 854 19.97 -25.59 1.17
N ASP A 855 19.67 -26.80 1.67
CA ASP A 855 19.47 -27.94 0.80
C ASP A 855 18.21 -27.78 -0.06
N ASP A 856 17.19 -27.11 0.47
CA ASP A 856 15.98 -26.86 -0.31
C ASP A 856 16.26 -25.92 -1.48
N LEU A 857 17.03 -24.85 -1.25
CA LEU A 857 17.43 -23.97 -2.35
C LEU A 857 18.37 -24.68 -3.32
N ILE A 858 19.22 -25.58 -2.85
CA ILE A 858 20.09 -26.35 -3.74
C ILE A 858 19.26 -27.27 -4.64
N ASP A 859 18.26 -27.95 -4.07
CA ASP A 859 17.38 -28.82 -4.86
C ASP A 859 16.53 -28.01 -5.83
N GLU A 860 16.09 -26.82 -5.42
CA GLU A 860 15.34 -25.95 -6.31
C GLU A 860 16.19 -25.48 -7.48
N PHE A 861 17.47 -25.17 -7.23
CA PHE A 861 18.36 -24.76 -8.31
C PHE A 861 18.64 -25.92 -9.27
N ASN A 862 18.77 -27.14 -8.74
CA ASN A 862 18.97 -28.31 -9.60
C ASN A 862 17.73 -28.58 -10.45
N LEU A 863 16.54 -28.45 -9.87
CA LEU A 863 15.31 -28.61 -10.65
C LEU A 863 15.15 -27.51 -11.70
N LEU A 864 15.59 -26.29 -11.36
CA LEU A 864 15.56 -25.18 -12.31
C LEU A 864 16.48 -25.46 -13.50
N GLU A 865 17.67 -25.99 -13.24
CA GLU A 865 18.59 -26.33 -14.32
C GLU A 865 18.06 -27.46 -15.18
N ASN A 866 17.39 -28.44 -14.56
CA ASN A 866 16.78 -29.54 -15.33
C ASN A 866 15.66 -29.05 -16.23
N VAL A 867 14.80 -28.16 -15.72
CA VAL A 867 13.71 -27.60 -16.52
C VAL A 867 14.27 -26.74 -17.64
N SER A 868 15.33 -25.97 -17.38
CA SER A 868 15.95 -25.17 -18.43
C SER A 868 16.56 -26.02 -19.53
N ASP A 869 17.22 -27.13 -19.16
CA ASP A 869 17.81 -28.03 -20.15
C ASP A 869 16.74 -28.72 -20.99
N GLU A 870 15.65 -29.16 -20.36
CA GLU A 870 14.60 -29.83 -21.12
C GLU A 870 13.84 -28.86 -22.01
N LEU A 871 13.68 -27.60 -21.56
CA LEU A 871 13.09 -26.59 -22.43
C LEU A 871 13.99 -26.27 -23.61
N TYR A 872 15.31 -26.24 -23.38
CA TYR A 872 16.25 -26.01 -24.48
C TYR A 872 16.20 -27.12 -25.52
N GLU A 873 16.15 -28.39 -25.08
CA GLU A 873 16.10 -29.46 -26.06
C GLU A 873 14.72 -29.53 -26.73
N LEU A 874 13.66 -29.11 -26.04
CA LEU A 874 12.35 -29.01 -26.69
C LEU A 874 12.34 -27.94 -27.78
N LYS A 875 12.97 -26.78 -27.50
CA LYS A 875 13.08 -25.73 -28.50
C LYS A 875 13.98 -26.15 -29.67
N LYS A 876 15.00 -26.96 -29.38
CA LYS A 876 15.84 -27.50 -30.46
C LYS A 876 15.06 -28.50 -31.32
N LEU A 877 14.26 -29.37 -30.69
CA LEU A 877 13.57 -30.42 -31.42
C LEU A 877 12.43 -29.86 -32.25
N ASN A 878 11.63 -28.95 -31.69
CA ASN A 878 10.45 -28.46 -32.38
C ASN A 878 10.73 -27.26 -33.27
N ASN A 879 12.00 -26.86 -33.39
CA ASN A 879 12.49 -25.83 -34.32
C ASN A 879 11.82 -24.47 -34.09
N LEU A 880 11.69 -24.09 -32.82
CA LEU A 880 11.18 -22.78 -32.45
C LEU A 880 12.35 -21.86 -32.13
N ASP A 881 12.31 -20.64 -32.67
CA ASP A 881 13.43 -19.71 -32.55
C ASP A 881 13.38 -19.01 -31.20
N GLU A 882 14.26 -18.03 -31.01
CA GLU A 882 14.44 -17.39 -29.70
C GLU A 882 13.31 -16.43 -29.34
N LYS A 883 12.44 -16.10 -30.29
CA LYS A 883 11.36 -15.15 -30.05
C LYS A 883 10.09 -15.80 -29.53
N TYR A 884 10.14 -17.07 -29.14
CA TYR A 884 8.96 -17.80 -28.69
C TYR A 884 9.00 -17.95 -27.18
N LEU A 885 7.89 -17.63 -26.53
CA LEU A 885 7.76 -17.65 -25.08
C LEU A 885 6.75 -18.71 -24.69
N ILE A 886 7.16 -19.64 -23.83
CA ILE A 886 6.27 -20.70 -23.39
C ILE A 886 5.30 -20.17 -22.35
N SER A 887 4.04 -20.56 -22.47
CA SER A 887 3.06 -20.30 -21.43
C SER A 887 3.05 -21.46 -20.44
N PHE A 888 2.84 -21.12 -19.16
CA PHE A 888 2.80 -22.13 -18.11
C PHE A 888 1.43 -22.30 -17.48
N GLU A 889 0.49 -21.38 -17.75
CA GLU A 889 -0.85 -21.50 -17.24
C GLU A 889 -1.74 -22.39 -18.10
N ASP A 890 -1.25 -22.80 -19.28
CA ASP A 890 -2.02 -23.59 -20.22
C ASP A 890 -1.29 -24.92 -20.44
N ILE A 891 -1.57 -25.89 -19.56
CA ILE A 891 -0.95 -27.21 -19.61
C ILE A 891 -2.10 -28.19 -19.87
N SER A 892 -3.05 -27.76 -20.70
CA SER A 892 -4.12 -28.66 -21.14
C SER A 892 -3.54 -29.83 -21.92
N LYS A 893 -3.90 -31.03 -21.52
CA LYS A 893 -3.26 -32.25 -22.02
C LYS A 893 -4.29 -33.17 -22.67
N ASN A 894 -3.78 -34.11 -23.45
CA ASN A 894 -4.59 -35.20 -24.00
C ASN A 894 -4.57 -36.36 -23.01
N ASN A 895 -5.03 -37.54 -23.46
CA ASN A 895 -5.01 -38.71 -22.60
C ASN A 895 -3.58 -39.21 -22.38
N SER A 896 -2.70 -39.03 -23.37
CA SER A 896 -1.33 -39.52 -23.28
C SER A 896 -0.32 -38.38 -23.26
N THR A 897 -0.34 -37.50 -24.25
CA THR A 897 0.69 -36.47 -24.37
C THR A 897 0.27 -35.21 -23.63
N TYR A 898 1.24 -34.32 -23.45
CA TYR A 898 1.04 -33.03 -22.82
C TYR A 898 1.19 -31.95 -23.87
N SER A 899 0.21 -31.06 -23.96
CA SER A 899 0.23 -29.98 -24.94
C SER A 899 0.50 -28.65 -24.23
N VAL A 900 1.54 -27.95 -24.70
CA VAL A 900 1.91 -26.64 -24.16
C VAL A 900 1.92 -25.64 -25.31
N ARG A 901 1.47 -24.42 -25.03
CA ARG A 901 1.34 -23.41 -26.07
C ARG A 901 2.46 -22.38 -25.95
N PHE A 902 2.67 -21.65 -27.04
CA PHE A 902 3.72 -20.66 -27.14
C PHE A 902 3.14 -19.34 -27.61
N ILE A 903 3.82 -18.25 -27.25
CA ILE A 903 3.42 -16.90 -27.66
C ILE A 903 4.63 -16.21 -28.26
N ASN A 904 4.51 -15.77 -29.51
CA ASN A 904 5.55 -14.97 -30.12
C ASN A 904 5.56 -13.56 -29.54
N LYS A 905 6.75 -12.96 -29.49
CA LYS A 905 6.90 -11.64 -28.91
C LYS A 905 6.79 -10.52 -29.94
N SER A 906 6.59 -10.86 -31.22
CA SER A 906 6.48 -9.87 -32.28
C SER A 906 5.06 -9.69 -32.80
N ASN A 907 4.32 -10.78 -32.96
CA ASN A 907 2.94 -10.71 -33.43
C ASN A 907 1.95 -11.48 -32.56
N GLY A 908 2.42 -12.26 -31.59
CA GLY A 908 1.56 -12.87 -30.60
C GLY A 908 0.60 -13.94 -31.06
N GLU A 909 1.05 -14.85 -31.91
CA GLU A 909 0.23 -16.00 -32.26
C GLU A 909 0.37 -17.07 -31.17
N SER A 910 -0.59 -17.99 -31.15
CA SER A 910 -0.66 -19.04 -30.14
C SER A 910 -0.57 -20.39 -30.84
N VAL A 911 0.67 -20.85 -31.09
CA VAL A 911 0.87 -22.18 -31.63
C VAL A 911 0.78 -23.21 -30.50
N TYR A 912 0.66 -24.47 -30.88
CA TYR A 912 0.61 -25.57 -29.92
C TYR A 912 1.62 -26.62 -30.32
N VAL A 913 2.31 -27.18 -29.32
CA VAL A 913 3.22 -28.30 -29.54
C VAL A 913 2.85 -29.40 -28.56
N GLU A 914 3.22 -30.63 -28.91
CA GLU A 914 2.88 -31.81 -28.12
C GLU A 914 4.15 -32.53 -27.73
N THR A 915 4.27 -32.86 -26.44
CA THR A 915 5.43 -33.58 -25.92
C THR A 915 5.02 -34.30 -24.65
N GLU A 916 5.21 -35.61 -24.62
CA GLU A 916 4.79 -36.44 -23.48
C GLU A 916 5.87 -36.40 -22.42
N LYS A 917 5.81 -35.40 -21.54
CA LYS A 917 6.75 -35.26 -20.44
C LYS A 917 6.00 -34.85 -19.19
N GLU A 918 6.33 -35.49 -18.06
CA GLU A 918 5.73 -35.10 -16.78
C GLU A 918 6.22 -33.74 -16.33
N ILE A 919 7.47 -33.39 -16.65
CA ILE A 919 7.98 -32.06 -16.41
C ILE A 919 7.22 -31.10 -17.35
N PHE A 920 7.06 -29.84 -16.90
CA PHE A 920 6.26 -28.71 -17.43
C PHE A 920 4.80 -28.86 -17.07
N SER A 921 4.47 -29.82 -16.21
CA SER A 921 3.14 -29.90 -15.61
C SER A 921 3.20 -29.67 -14.11
N LYS A 922 4.00 -30.46 -13.39
CA LYS A 922 4.17 -30.25 -11.96
C LYS A 922 4.96 -28.97 -11.67
N TYR A 923 5.89 -28.61 -12.55
CA TYR A 923 6.62 -27.35 -12.38
C TYR A 923 5.71 -26.15 -12.64
N SER A 924 4.79 -26.28 -13.61
CA SER A 924 3.81 -25.22 -13.83
C SER A 924 2.84 -25.11 -12.65
N GLU A 925 2.48 -26.24 -12.04
CA GLU A 925 1.68 -26.23 -10.83
C GLU A 925 2.41 -25.55 -9.69
N HIS A 926 3.72 -25.80 -9.56
CA HIS A 926 4.52 -25.18 -8.51
C HIS A 926 4.63 -23.68 -8.70
N ILE A 927 4.91 -23.23 -9.93
CA ILE A 927 5.02 -21.79 -10.15
C ILE A 927 3.67 -21.10 -10.22
N THR A 928 2.56 -21.85 -10.30
CA THR A 928 1.26 -21.22 -10.11
C THR A 928 0.92 -21.10 -8.63
N LYS A 929 1.27 -22.12 -7.84
CA LYS A 929 1.02 -22.06 -6.40
C LYS A 929 1.87 -20.99 -5.73
N GLU A 930 3.13 -20.83 -6.16
CA GLU A 930 3.98 -19.82 -5.54
C GLU A 930 3.71 -18.41 -6.07
N ILE A 931 2.87 -18.27 -7.09
CA ILE A 931 2.36 -16.94 -7.45
C ILE A 931 1.05 -16.65 -6.72
N SER A 932 0.20 -17.67 -6.53
CA SER A 932 -0.99 -17.48 -5.70
C SER A 932 -0.65 -17.31 -4.22
N THR A 933 0.55 -17.69 -3.80
CA THR A 933 0.99 -17.43 -2.43
C THR A 933 1.21 -15.94 -2.20
N ILE A 934 1.68 -15.21 -3.22
CA ILE A 934 1.87 -13.76 -3.10
C ILE A 934 0.71 -12.97 -3.69
N LYS A 935 -0.24 -13.62 -4.36
CA LYS A 935 -1.37 -12.92 -4.92
C LYS A 935 -2.29 -12.36 -3.84
N ASN A 936 -2.51 -13.12 -2.77
CA ASN A 936 -3.33 -12.65 -1.66
C ASN A 936 -2.53 -11.82 -0.66
N SER A 937 -1.24 -11.58 -0.92
CA SER A 937 -0.46 -10.60 -0.18
C SER A 937 -0.67 -9.19 -0.70
N ILE A 938 -1.43 -9.02 -1.77
CA ILE A 938 -1.77 -7.71 -2.32
C ILE A 938 -3.25 -7.46 -2.08
N ILE A 939 -3.56 -6.33 -1.45
CA ILE A 939 -4.95 -5.99 -1.20
C ILE A 939 -5.60 -5.39 -2.45
N THR A 940 -4.96 -4.37 -3.02
CA THR A 940 -5.49 -3.74 -4.22
C THR A 940 -4.36 -3.07 -4.99
N ASP A 941 -4.65 -2.71 -6.23
CA ASP A 941 -3.73 -1.98 -7.09
C ASP A 941 -4.34 -0.61 -7.38
N VAL A 942 -3.60 0.44 -7.09
CA VAL A 942 -4.04 1.81 -7.34
C VAL A 942 -3.08 2.49 -8.32
N ASN A 943 -3.54 2.65 -9.57
CA ASN A 943 -2.82 3.33 -10.65
C ASN A 943 -1.44 2.73 -10.92
N GLY A 944 -1.34 1.40 -10.82
CA GLY A 944 -0.07 0.73 -11.00
C GLY A 944 0.75 0.54 -9.74
N ASN A 945 0.31 1.11 -8.62
CA ASN A 945 0.98 0.91 -7.34
C ASN A 945 0.22 -0.12 -6.52
N LEU A 946 0.94 -1.11 -6.01
CA LEU A 946 0.34 -2.25 -5.34
C LEU A 946 0.40 -2.05 -3.83
N LEU A 947 -0.76 -2.07 -3.18
CA LEU A 947 -0.82 -1.90 -1.74
C LEU A 947 -0.54 -3.24 -1.07
N ASP A 948 0.65 -3.37 -0.49
CA ASP A 948 1.03 -4.62 0.15
C ASP A 948 0.33 -4.78 1.48
N ASN A 949 0.05 -6.02 1.85
CA ASN A 949 -0.49 -6.37 3.15
C ASN A 949 0.58 -7.16 3.91
N ILE A 950 0.95 -6.68 5.09
CA ILE A 950 1.94 -7.35 5.92
C ILE A 950 1.21 -8.19 6.96
N GLN A 951 1.77 -9.36 7.24
CA GLN A 951 1.25 -10.26 8.27
C GLN A 951 2.30 -10.39 9.36
N LEU A 952 1.91 -10.15 10.60
CA LEU A 952 2.85 -10.23 11.71
C LEU A 952 2.96 -11.61 12.30
N ASP A 953 2.14 -12.55 11.86
CA ASP A 953 2.28 -13.93 12.29
C ASP A 953 3.49 -14.56 11.62
N HIS A 954 4.22 -15.40 12.36
CA HIS A 954 5.47 -15.94 11.85
C HIS A 954 5.25 -16.95 10.73
N THR A 955 4.23 -17.79 10.87
CA THR A 955 3.99 -18.82 9.86
C THR A 955 3.41 -18.24 8.57
N SER A 956 2.89 -17.02 8.61
CA SER A 956 2.47 -16.32 7.39
C SER A 956 3.60 -15.53 6.75
N GLN A 957 4.76 -15.44 7.40
CA GLN A 957 5.91 -14.74 6.83
C GLN A 957 6.86 -15.67 6.11
N VAL A 958 6.93 -16.93 6.53
CA VAL A 958 7.83 -17.88 5.89
C VAL A 958 7.33 -18.24 4.49
N ASN A 959 6.01 -18.39 4.33
CA ASN A 959 5.45 -18.80 3.04
C ASN A 959 5.61 -17.71 1.98
N THR A 960 5.35 -16.46 2.36
CA THR A 960 5.51 -15.35 1.41
C THR A 960 6.97 -15.15 1.05
N LEU A 961 7.87 -15.32 2.03
CA LEU A 961 9.30 -15.20 1.75
C LEU A 961 9.80 -16.32 0.86
N ASN A 962 9.32 -17.55 1.08
CA ASN A 962 9.71 -18.67 0.24
C ASN A 962 9.19 -18.52 -1.18
N ALA A 963 7.95 -18.04 -1.33
CA ALA A 963 7.41 -17.77 -2.65
C ALA A 963 8.15 -16.64 -3.35
N ALA A 964 8.55 -15.60 -2.60
CA ALA A 964 9.31 -14.50 -3.18
C ALA A 964 10.69 -14.95 -3.63
N PHE A 965 11.37 -15.80 -2.84
CA PHE A 965 12.64 -16.38 -3.28
C PHE A 965 12.47 -17.24 -4.52
N PHE A 966 11.43 -18.07 -4.54
CA PHE A 966 11.23 -18.99 -5.66
C PHE A 966 10.93 -18.25 -6.95
N ILE A 967 10.10 -17.20 -6.89
CA ILE A 967 9.82 -16.42 -8.08
C ILE A 967 11.02 -15.58 -8.48
N GLN A 968 11.72 -14.98 -7.50
CA GLN A 968 12.79 -14.04 -7.81
C GLN A 968 14.00 -14.74 -8.39
N SER A 969 14.29 -15.97 -7.94
CA SER A 969 15.44 -16.72 -8.45
C SER A 969 15.26 -17.04 -9.93
N LEU A 970 14.11 -17.57 -10.31
CA LEU A 970 13.89 -17.95 -11.70
C LEU A 970 13.31 -16.81 -12.54
N ILE A 971 13.15 -15.62 -11.99
CA ILE A 971 12.91 -14.45 -12.83
C ILE A 971 14.20 -13.64 -13.01
N ASP A 972 15.20 -13.82 -12.15
CA ASP A 972 16.40 -13.00 -12.19
C ASP A 972 17.65 -13.74 -12.66
N TYR A 973 17.79 -15.03 -12.38
CA TYR A 973 19.04 -15.72 -12.64
C TYR A 973 19.18 -16.06 -14.11
N SER A 974 20.35 -15.77 -14.66
CA SER A 974 20.67 -16.15 -16.04
C SER A 974 21.05 -17.62 -16.05
N SER A 975 20.12 -18.46 -16.52
CA SER A 975 20.31 -19.90 -16.50
C SER A 975 21.25 -20.34 -17.63
N ASN A 976 21.53 -21.64 -17.68
CA ASN A 976 22.38 -22.18 -18.73
C ASN A 976 21.63 -22.20 -20.05
N LYS A 977 22.30 -21.71 -21.11
CA LYS A 977 21.75 -21.56 -22.46
C LYS A 977 20.47 -20.73 -22.46
N ASP A 978 20.46 -19.67 -21.66
CA ASP A 978 19.30 -18.80 -21.54
C ASP A 978 19.22 -17.74 -22.62
N VAL A 979 20.22 -17.64 -23.51
CA VAL A 979 20.09 -16.72 -24.63
C VAL A 979 19.15 -17.28 -25.69
N LEU A 980 18.97 -18.60 -25.74
CA LEU A 980 18.03 -19.19 -26.69
C LEU A 980 16.60 -19.12 -26.16
N ASN A 981 16.37 -19.70 -24.98
CA ASN A 981 15.07 -19.66 -24.33
C ASN A 981 15.09 -18.71 -23.13
N ASP A 982 14.11 -17.81 -23.09
CA ASP A 982 14.07 -16.76 -22.08
C ASP A 982 13.01 -17.11 -21.04
N LEU A 983 13.36 -18.06 -20.16
CA LEU A 983 12.47 -18.44 -19.07
C LEU A 983 12.25 -17.32 -18.08
N SER A 984 13.22 -16.41 -17.95
CA SER A 984 13.07 -15.25 -17.08
C SER A 984 11.92 -14.35 -17.53
N THR A 985 11.90 -13.98 -18.82
CA THR A 985 10.76 -13.19 -19.27
C THR A 985 9.51 -14.03 -19.48
N SER A 986 9.66 -15.36 -19.64
CA SER A 986 8.49 -16.22 -19.75
C SER A 986 7.73 -16.30 -18.44
N VAL A 987 8.43 -16.22 -17.31
CA VAL A 987 7.72 -16.15 -16.03
C VAL A 987 7.45 -14.70 -15.63
N LYS A 988 8.20 -13.73 -16.17
CA LYS A 988 7.93 -12.32 -15.89
C LYS A 988 6.61 -11.88 -16.50
N VAL A 989 6.30 -12.36 -17.71
CA VAL A 989 5.02 -12.05 -18.35
C VAL A 989 3.87 -12.66 -17.57
N GLN A 990 4.05 -13.90 -17.08
CA GLN A 990 3.02 -14.57 -16.28
C GLN A 990 2.79 -13.85 -14.96
N LEU A 991 3.88 -13.41 -14.31
CA LEU A 991 3.76 -12.67 -13.05
C LEU A 991 3.09 -11.32 -13.26
N TYR A 992 3.45 -10.60 -14.32
CA TYR A 992 2.81 -9.33 -14.63
C TYR A 992 1.34 -9.50 -14.93
N ALA A 993 0.98 -10.53 -15.70
CA ALA A 993 -0.41 -10.78 -16.06
C ALA A 993 -1.24 -11.13 -14.83
N GLN A 994 -0.75 -12.04 -13.98
CA GLN A 994 -1.49 -12.43 -12.80
C GLN A 994 -1.57 -11.31 -11.77
N LEU A 995 -0.52 -10.48 -11.66
CA LEU A 995 -0.55 -9.41 -10.68
C LEU A 995 -1.47 -8.27 -11.10
N PHE A 996 -1.42 -7.88 -12.38
CA PHE A 996 -2.16 -6.71 -12.84
C PHE A 996 -3.50 -7.07 -13.45
N SER A 997 -3.50 -7.86 -14.51
CA SER A 997 -4.66 -8.05 -15.36
C SER A 997 -5.32 -9.40 -15.08
N THR A 998 -6.25 -9.77 -15.96
CA THR A 998 -6.73 -11.15 -16.02
C THR A 998 -5.58 -12.03 -16.53
N GLY A 999 -5.58 -13.29 -16.10
CA GLY A 999 -4.43 -14.16 -16.30
C GLY A 999 -4.16 -14.53 -17.75
N LEU A 1000 -2.97 -15.12 -17.95
CA LEU A 1000 -2.51 -15.48 -19.29
C LEU A 1000 -3.28 -16.65 -19.88
N ASN A 1001 -3.92 -17.48 -19.05
CA ASN A 1001 -4.78 -18.53 -19.56
C ASN A 1001 -6.08 -17.99 -20.13
N THR A 1002 -6.46 -16.77 -19.76
CA THR A 1002 -7.67 -16.13 -20.24
C THR A 1002 -7.42 -15.12 -21.35
N ILE A 1003 -6.29 -14.41 -21.30
CA ILE A 1003 -5.98 -13.42 -22.32
C ILE A 1003 -5.58 -14.15 -23.61
N TYR A 1004 -6.26 -13.84 -24.71
CA TYR A 1004 -6.06 -14.53 -25.98
C TYR A 1004 -5.91 -13.62 -27.19
N ASP A 1005 -6.30 -12.35 -27.11
CA ASP A 1005 -6.17 -11.44 -28.25
C ASP A 1005 -4.71 -11.08 -28.48
N SER A 1006 -4.29 -11.08 -29.76
CA SER A 1006 -2.88 -10.99 -30.10
C SER A 1006 -2.31 -9.61 -29.82
N ILE A 1007 -3.08 -8.55 -30.08
CA ILE A 1007 -2.58 -7.18 -29.92
C ILE A 1007 -2.36 -6.86 -28.44
N GLN A 1008 -3.35 -7.19 -27.59
CA GLN A 1008 -3.18 -6.97 -26.17
C GLN A 1008 -2.18 -7.94 -25.56
N LEU A 1009 -2.01 -9.12 -26.16
CA LEU A 1009 -0.97 -10.05 -25.72
C LEU A 1009 0.41 -9.47 -25.97
N VAL A 1010 0.63 -8.88 -27.15
CA VAL A 1010 1.89 -8.24 -27.48
C VAL A 1010 2.12 -7.01 -26.60
N ASN A 1011 1.04 -6.29 -26.26
CA ASN A 1011 1.16 -5.15 -25.35
C ASN A 1011 1.58 -5.58 -23.95
N LEU A 1012 1.01 -6.67 -23.43
CA LEU A 1012 1.43 -7.21 -22.14
C LEU A 1012 2.86 -7.75 -22.19
N ILE A 1013 3.26 -8.35 -23.31
CA ILE A 1013 4.65 -8.78 -23.50
C ILE A 1013 5.60 -7.58 -23.38
N SER A 1014 5.25 -6.49 -24.06
CA SER A 1014 6.11 -5.30 -24.10
C SER A 1014 6.21 -4.64 -22.74
N ASN A 1015 5.08 -4.46 -22.04
CA ASN A 1015 5.17 -3.79 -20.75
C ASN A 1015 5.74 -4.71 -19.67
N ALA A 1016 5.63 -6.03 -19.83
CA ALA A 1016 6.25 -6.93 -18.86
C ALA A 1016 7.76 -7.00 -19.05
N VAL A 1017 8.24 -6.93 -20.30
CA VAL A 1017 9.69 -6.82 -20.51
C VAL A 1017 10.20 -5.47 -20.01
N ASN A 1018 9.45 -4.39 -20.27
CA ASN A 1018 9.91 -3.06 -19.90
C ASN A 1018 9.91 -2.85 -18.38
N ASP A 1019 8.89 -3.33 -17.70
CA ASP A 1019 8.73 -3.07 -16.27
C ASP A 1019 9.33 -4.20 -15.44
N THR A 1020 9.89 -3.81 -14.29
CA THR A 1020 10.47 -4.75 -13.33
C THR A 1020 9.70 -4.66 -12.01
N ILE A 1021 9.35 -5.82 -11.47
CA ILE A 1021 8.53 -5.91 -10.26
C ILE A 1021 9.37 -6.59 -9.17
N ASN A 1022 9.43 -5.97 -8.00
CA ASN A 1022 10.07 -6.56 -6.83
C ASN A 1022 9.00 -7.19 -5.95
N VAL A 1023 9.16 -8.49 -5.67
CA VAL A 1023 8.20 -9.24 -4.89
C VAL A 1023 8.75 -9.64 -3.53
N LEU A 1024 10.00 -9.32 -3.23
CA LEU A 1024 10.57 -9.65 -1.93
C LEU A 1024 9.94 -8.76 -0.86
N PRO A 1025 9.75 -9.26 0.36
CA PRO A 1025 9.07 -8.46 1.39
C PRO A 1025 9.97 -7.38 1.96
N THR A 1026 9.77 -6.14 1.52
CA THR A 1026 10.46 -4.97 2.03
C THR A 1026 9.42 -3.90 2.33
N ILE A 1027 9.59 -3.20 3.45
CA ILE A 1027 8.68 -2.11 3.78
C ILE A 1027 9.04 -0.85 3.01
N THR A 1028 10.28 -0.41 3.15
CA THR A 1028 10.78 0.80 2.50
C THR A 1028 11.98 0.47 1.64
N GLU A 1029 12.10 1.16 0.50
CA GLU A 1029 13.32 1.11 -0.29
C GLU A 1029 13.78 2.51 -0.66
N GLY A 1030 12.83 3.43 -0.85
CA GLY A 1030 13.14 4.78 -1.28
C GLY A 1030 13.12 5.79 -0.13
N ILE A 1031 13.55 5.32 1.04
CA ILE A 1031 13.59 5.97 2.36
C ILE A 1031 12.47 6.97 2.68
N PRO A 1032 11.18 6.57 2.69
CA PRO A 1032 10.15 7.48 3.21
C PRO A 1032 9.88 7.26 4.70
N ILE A 1033 8.90 7.98 5.22
CA ILE A 1033 8.34 7.73 6.55
C ILE A 1033 7.05 6.93 6.40
N VAL A 1034 7.11 5.66 6.81
CA VAL A 1034 6.12 4.68 6.37
C VAL A 1034 5.07 4.48 7.47
N SER A 1035 3.85 4.13 7.05
CA SER A 1035 2.64 4.21 7.86
C SER A 1035 1.82 2.92 7.73
N THR A 1036 2.46 1.77 7.99
CA THR A 1036 1.88 0.45 7.75
C THR A 1036 0.88 0.00 8.81
N ILE A 1037 0.27 0.93 9.54
CA ILE A 1037 -0.55 0.61 10.71
C ILE A 1037 -2.00 0.54 10.27
N LEU A 1038 -2.34 1.34 9.26
CA LEU A 1038 -3.72 1.52 8.85
C LEU A 1038 -4.26 0.26 8.17
N ASP A 1039 -4.91 -0.59 8.98
CA ASP A 1039 -5.51 -1.87 8.57
C ASP A 1039 -4.47 -2.82 7.95
N GLY A 1040 -3.23 -2.73 8.43
CA GLY A 1040 -2.19 -3.61 7.93
C GLY A 1040 -1.74 -3.34 6.51
N ILE A 1041 -2.06 -2.17 5.98
CA ILE A 1041 -1.81 -1.84 4.58
C ILE A 1041 -0.50 -1.08 4.49
N ASN A 1042 0.27 -1.34 3.44
CA ASN A 1042 1.56 -0.68 3.22
C ASN A 1042 1.41 0.58 2.39
N LEU A 1043 0.30 1.31 2.60
CA LEU A 1043 0.02 2.55 1.90
C LEU A 1043 0.92 3.69 2.34
N GLY A 1044 1.72 3.51 3.40
CA GLY A 1044 2.49 4.60 3.96
C GLY A 1044 3.58 5.14 3.07
N ALA A 1045 3.28 6.29 2.47
CA ALA A 1045 4.19 7.22 1.82
C ALA A 1045 4.83 6.73 0.53
N ALA A 1046 4.78 5.42 0.24
CA ALA A 1046 5.30 4.93 -1.03
C ALA A 1046 4.33 5.23 -2.17
N ILE A 1047 3.09 5.58 -1.82
CA ILE A 1047 2.03 5.92 -2.74
C ILE A 1047 1.73 7.39 -2.48
N LYS A 1048 1.87 7.79 -1.22
CA LYS A 1048 1.52 9.16 -0.83
C LYS A 1048 2.56 10.17 -1.30
N GLU A 1049 3.82 9.76 -1.51
CA GLU A 1049 4.77 10.69 -2.10
C GLU A 1049 4.43 10.96 -3.56
N LEU A 1050 3.99 9.93 -4.30
CA LEU A 1050 3.53 10.13 -5.66
C LEU A 1050 2.24 10.94 -5.70
N LEU A 1051 1.40 10.79 -4.68
CA LEU A 1051 0.18 11.59 -4.61
C LEU A 1051 0.48 13.05 -4.28
N ASP A 1052 1.44 13.30 -3.39
CA ASP A 1052 1.73 14.64 -2.93
C ASP A 1052 2.71 15.39 -3.82
N GLU A 1053 3.43 14.70 -4.70
CA GLU A 1053 4.40 15.39 -5.54
C GLU A 1053 3.75 16.04 -6.76
N HIS A 1054 2.83 15.33 -7.43
CA HIS A 1054 2.26 15.85 -8.67
C HIS A 1054 0.75 15.63 -8.82
N ASP A 1055 0.07 15.06 -7.81
CA ASP A 1055 -1.38 14.93 -7.71
C ASP A 1055 -2.05 14.25 -8.90
N PRO A 1056 -1.90 12.94 -9.08
CA PRO A 1056 -2.58 12.28 -10.21
C PRO A 1056 -4.05 12.05 -9.90
N LEU A 1057 -4.87 12.33 -10.92
CA LEU A 1057 -6.32 12.24 -10.78
C LEU A 1057 -6.80 10.79 -10.60
N LEU A 1058 -6.22 9.85 -11.37
CA LEU A 1058 -6.58 8.45 -11.18
C LEU A 1058 -6.08 7.91 -9.85
N LYS A 1059 -4.92 8.38 -9.39
CA LYS A 1059 -4.42 7.98 -8.08
C LYS A 1059 -5.34 8.48 -6.97
N LYS A 1060 -5.82 9.72 -7.07
CA LYS A 1060 -6.75 10.25 -6.08
C LYS A 1060 -8.08 9.49 -6.09
N GLU A 1061 -8.61 9.20 -7.28
CA GLU A 1061 -9.87 8.46 -7.38
C GLU A 1061 -9.74 7.04 -6.85
N LEU A 1062 -8.61 6.37 -7.13
CA LEU A 1062 -8.43 5.01 -6.65
C LEU A 1062 -8.00 4.94 -5.19
N GLU A 1063 -7.51 6.04 -4.62
CA GLU A 1063 -7.31 6.10 -3.19
C GLU A 1063 -8.59 6.41 -2.44
N ALA A 1064 -9.56 7.04 -3.12
CA ALA A 1064 -10.87 7.29 -2.51
C ALA A 1064 -11.62 5.99 -2.21
N LYS A 1065 -11.33 4.90 -2.94
CA LYS A 1065 -11.94 3.61 -2.63
C LYS A 1065 -11.31 2.96 -1.41
N VAL A 1066 -10.11 3.37 -1.01
CA VAL A 1066 -9.54 2.94 0.26
C VAL A 1066 -10.03 3.85 1.38
N GLY A 1067 -10.19 5.13 1.09
CA GLY A 1067 -10.69 6.10 2.05
C GLY A 1067 -9.75 7.23 2.34
N VAL A 1068 -8.61 7.30 1.66
CA VAL A 1068 -7.57 8.26 2.00
C VAL A 1068 -7.90 9.60 1.36
N LEU A 1069 -8.01 10.64 2.19
CA LEU A 1069 -8.12 12.02 1.74
C LEU A 1069 -6.86 12.75 2.19
N ALA A 1070 -5.91 12.91 1.28
CA ALA A 1070 -4.71 13.68 1.56
C ALA A 1070 -4.99 15.14 1.23
N ILE A 1071 -4.97 16.00 2.25
CA ILE A 1071 -5.30 17.40 2.04
C ILE A 1071 -4.14 18.10 1.35
N ASN A 1072 -4.45 19.17 0.63
CA ASN A 1072 -3.47 19.91 -0.15
C ASN A 1072 -3.24 21.27 0.50
N MET A 1073 -1.99 21.56 0.82
CA MET A 1073 -1.62 22.80 1.47
C MET A 1073 -0.99 23.80 0.51
N SER A 1074 -1.13 23.59 -0.79
CA SER A 1074 -0.49 24.47 -1.76
C SER A 1074 -1.25 25.78 -1.90
N LEU A 1075 -0.47 26.85 -2.07
CA LEU A 1075 -1.04 28.20 -2.11
C LEU A 1075 -1.86 28.43 -3.37
N SER A 1076 -1.54 27.73 -4.47
CA SER A 1076 -2.35 27.82 -5.68
C SER A 1076 -3.75 27.25 -5.45
N ILE A 1077 -3.83 26.10 -4.77
CA ILE A 1077 -5.13 25.49 -4.44
C ILE A 1077 -5.90 26.38 -3.46
N ALA A 1078 -5.20 26.94 -2.47
CA ALA A 1078 -5.86 27.83 -1.51
C ALA A 1078 -6.40 29.10 -2.17
N ALA A 1079 -5.62 29.68 -3.09
CA ALA A 1079 -6.08 30.87 -3.80
C ALA A 1079 -7.23 30.55 -4.76
N THR A 1080 -7.20 29.38 -5.38
CA THR A 1080 -8.29 28.96 -6.25
C THR A 1080 -9.58 28.77 -5.46
N VAL A 1081 -9.48 28.16 -4.26
CA VAL A 1081 -10.65 27.97 -3.42
C VAL A 1081 -11.18 29.31 -2.92
N ALA A 1082 -10.28 30.24 -2.58
CA ALA A 1082 -10.71 31.57 -2.14
C ALA A 1082 -11.43 32.33 -3.25
N SER A 1083 -10.92 32.27 -4.48
CA SER A 1083 -11.58 32.95 -5.60
C SER A 1083 -12.93 32.31 -5.90
N ILE A 1084 -13.00 30.98 -5.81
CA ILE A 1084 -14.24 30.24 -6.06
C ILE A 1084 -15.31 30.65 -5.05
N VAL A 1085 -14.94 30.71 -3.76
CA VAL A 1085 -15.92 31.02 -2.73
C VAL A 1085 -16.29 32.50 -2.76
N GLY A 1086 -15.37 33.38 -3.20
CA GLY A 1086 -15.73 34.78 -3.35
C GLY A 1086 -16.72 35.01 -4.48
N ILE A 1087 -16.51 34.36 -5.63
CA ILE A 1087 -17.43 34.48 -6.76
C ILE A 1087 -18.80 33.93 -6.40
N GLY A 1088 -18.82 32.75 -5.74
CA GLY A 1088 -20.08 32.16 -5.33
C GLY A 1088 -20.81 33.00 -4.30
N ALA A 1089 -20.07 33.61 -3.37
CA ALA A 1089 -20.67 34.47 -2.36
C ALA A 1089 -21.31 35.71 -2.97
N GLU A 1090 -20.62 36.36 -3.92
CA GLU A 1090 -21.19 37.56 -4.56
C GLU A 1090 -22.45 37.23 -5.35
N VAL A 1091 -22.37 36.21 -6.20
CA VAL A 1091 -23.49 35.84 -7.08
C VAL A 1091 -24.68 35.35 -6.26
N THR A 1092 -24.43 34.65 -5.14
CA THR A 1092 -25.52 34.26 -4.26
C THR A 1092 -26.09 35.46 -3.51
N ILE A 1093 -25.27 36.47 -3.19
CA ILE A 1093 -25.76 37.61 -2.42
C ILE A 1093 -26.75 38.45 -3.23
N PHE A 1094 -26.41 38.83 -4.47
CA PHE A 1094 -27.38 39.69 -5.16
C PHE A 1094 -28.33 38.87 -6.03
N LEU A 1095 -29.61 39.25 -6.03
CA LEU A 1095 -30.68 38.51 -6.66
C LEU A 1095 -31.30 39.32 -7.80
N LEU A 1096 -32.10 38.64 -8.61
CA LEU A 1096 -32.69 39.19 -9.82
C LEU A 1096 -34.05 38.56 -10.06
N PRO A 1097 -34.97 39.26 -10.79
CA PRO A 1097 -36.29 38.68 -11.04
C PRO A 1097 -36.34 37.65 -12.16
N ILE A 1098 -37.55 37.19 -12.48
CA ILE A 1098 -37.78 36.25 -13.57
C ILE A 1098 -37.76 37.00 -14.90
N ALA A 1099 -37.79 36.24 -16.00
CA ALA A 1099 -37.56 36.79 -17.34
C ALA A 1099 -38.58 37.82 -17.80
N GLY A 1100 -39.82 37.40 -18.01
CA GLY A 1100 -40.74 38.24 -18.76
C GLY A 1100 -41.59 39.21 -17.98
N ILE A 1101 -41.02 39.85 -16.95
CA ILE A 1101 -41.78 40.82 -16.16
C ILE A 1101 -42.05 42.09 -16.97
N SER A 1102 -41.02 42.60 -17.66
CA SER A 1102 -41.18 43.85 -18.39
C SER A 1102 -42.02 43.69 -19.64
N ALA A 1103 -41.78 42.62 -20.41
CA ALA A 1103 -42.50 42.40 -21.66
C ALA A 1103 -43.24 41.07 -21.71
N GLY A 1104 -42.57 39.98 -21.33
CA GLY A 1104 -43.03 38.65 -21.70
C GLY A 1104 -44.11 38.02 -20.83
N ILE A 1105 -43.89 36.74 -20.50
CA ILE A 1105 -44.88 35.81 -19.96
C ILE A 1105 -46.13 35.81 -20.83
N PRO A 1106 -46.10 35.20 -22.01
CA PRO A 1106 -47.30 35.11 -22.82
C PRO A 1106 -48.25 34.04 -22.31
N SER A 1107 -49.52 34.19 -22.70
CA SER A 1107 -50.57 33.27 -22.27
C SER A 1107 -50.90 32.30 -23.41
N LEU A 1108 -51.19 31.06 -23.05
CA LEU A 1108 -51.54 30.03 -24.03
C LEU A 1108 -53.06 30.02 -24.19
N VAL A 1109 -53.53 30.67 -25.25
CA VAL A 1109 -54.96 30.75 -25.56
C VAL A 1109 -55.19 30.09 -26.90
N ASN A 1110 -55.97 29.00 -26.90
CA ASN A 1110 -56.31 28.19 -28.07
C ASN A 1110 -55.07 27.66 -28.81
N ASN A 1111 -54.01 27.37 -28.03
CA ASN A 1111 -52.75 26.78 -28.50
C ASN A 1111 -52.07 27.64 -29.57
N GLU A 1112 -51.91 28.93 -29.28
CA GLU A 1112 -51.20 29.80 -30.20
C GLU A 1112 -50.23 30.77 -29.52
N LEU A 1113 -50.17 30.80 -28.18
CA LEU A 1113 -49.24 31.61 -27.38
C LEU A 1113 -49.38 33.10 -27.68
N ILE A 1114 -50.55 33.64 -27.34
CA ILE A 1114 -50.77 35.08 -27.50
C ILE A 1114 -49.99 35.81 -26.41
N LEU A 1115 -49.35 36.93 -26.79
CA LEU A 1115 -48.47 37.66 -25.88
C LEU A 1115 -49.15 38.91 -25.32
N HIS A 1116 -49.62 39.80 -26.19
CA HIS A 1116 -50.28 41.02 -25.77
C HIS A 1116 -51.67 41.07 -26.40
N ASP A 1117 -52.65 41.49 -25.60
CA ASP A 1117 -54.06 41.35 -25.97
C ASP A 1117 -54.66 42.61 -26.59
N LYS A 1118 -54.11 43.78 -26.31
CA LYS A 1118 -54.75 45.03 -26.70
C LYS A 1118 -53.74 46.00 -27.30
N ALA A 1119 -54.28 47.09 -27.84
CA ALA A 1119 -53.48 48.03 -28.61
C ALA A 1119 -52.47 48.76 -27.74
N THR A 1120 -52.89 49.20 -26.55
CA THR A 1120 -51.96 49.89 -25.66
C THR A 1120 -50.91 48.94 -25.11
N SER A 1121 -51.23 47.66 -24.97
CA SER A 1121 -50.21 46.70 -24.57
C SER A 1121 -49.19 46.45 -25.68
N VAL A 1122 -49.64 46.46 -26.94
CA VAL A 1122 -48.71 46.36 -28.07
C VAL A 1122 -47.80 47.59 -28.14
N VAL A 1123 -48.39 48.77 -27.95
CA VAL A 1123 -47.64 50.02 -27.91
C VAL A 1123 -46.63 50.02 -26.75
N ASN A 1124 -47.03 49.50 -25.59
CA ASN A 1124 -46.10 49.43 -24.48
C ASN A 1124 -44.99 48.42 -24.71
N TYR A 1125 -45.27 47.34 -25.46
CA TYR A 1125 -44.20 46.42 -25.81
C TYR A 1125 -43.18 47.07 -26.74
N PHE A 1126 -43.65 47.83 -27.72
CA PHE A 1126 -42.69 48.50 -28.60
C PHE A 1126 -42.00 49.66 -27.89
N ASN A 1127 -42.67 50.25 -26.89
CA ASN A 1127 -42.03 51.26 -26.05
C ASN A 1127 -40.92 50.65 -25.20
N HIS A 1128 -41.12 49.43 -24.71
CA HIS A 1128 -40.06 48.75 -23.99
C HIS A 1128 -38.92 48.34 -24.92
N LEU A 1129 -39.24 47.95 -26.15
CA LEU A 1129 -38.20 47.60 -27.11
C LEU A 1129 -37.43 48.82 -27.61
N SER A 1130 -38.03 50.01 -27.53
CA SER A 1130 -37.31 51.21 -27.95
C SER A 1130 -36.26 51.66 -26.94
N GLU A 1131 -36.19 51.03 -25.76
CA GLU A 1131 -35.18 51.37 -24.76
C GLU A 1131 -33.79 50.89 -25.12
N SER A 1132 -33.65 50.06 -26.16
CA SER A 1132 -32.31 49.69 -26.63
C SER A 1132 -31.62 50.83 -27.35
N LYS A 1133 -32.36 51.82 -27.83
CA LYS A 1133 -31.75 53.04 -28.34
C LYS A 1133 -31.29 53.95 -27.22
N LYS A 1134 -31.96 53.91 -26.06
CA LYS A 1134 -31.58 54.76 -24.94
C LYS A 1134 -30.44 54.16 -24.14
N TYR A 1135 -30.66 53.00 -23.54
CA TYR A 1135 -29.71 52.39 -22.62
C TYR A 1135 -28.78 51.41 -23.30
N GLY A 1136 -28.78 51.35 -24.62
CA GLY A 1136 -27.95 50.42 -25.35
C GLY A 1136 -28.57 49.03 -25.35
N PRO A 1137 -27.88 48.07 -25.97
CA PRO A 1137 -28.39 46.69 -25.99
C PRO A 1137 -28.08 45.91 -24.72
N LEU A 1138 -27.50 46.55 -23.70
CA LEU A 1138 -27.15 45.87 -22.46
C LEU A 1138 -27.24 46.90 -21.34
N LYS A 1139 -28.31 46.82 -20.55
CA LYS A 1139 -28.50 47.77 -19.45
C LYS A 1139 -27.56 47.44 -18.30
N THR A 1140 -27.26 48.45 -17.50
CA THR A 1140 -26.29 48.34 -16.42
C THR A 1140 -26.94 48.68 -15.09
N GLU A 1141 -26.78 47.80 -14.11
CA GLU A 1141 -26.99 48.14 -12.71
C GLU A 1141 -25.66 48.60 -12.12
N ASP A 1142 -25.58 48.64 -10.78
CA ASP A 1142 -24.38 49.15 -10.10
C ASP A 1142 -23.15 48.31 -10.39
N ASP A 1143 -23.31 46.98 -10.42
CA ASP A 1143 -22.17 46.10 -10.68
C ASP A 1143 -22.54 44.93 -11.58
N LYS A 1144 -23.50 45.10 -12.48
CA LYS A 1144 -23.91 43.99 -13.33
C LYS A 1144 -24.39 44.51 -14.68
N ILE A 1145 -23.94 43.84 -15.75
CA ILE A 1145 -24.48 44.07 -17.08
C ILE A 1145 -25.73 43.21 -17.25
N LEU A 1146 -26.84 43.83 -17.67
CA LEU A 1146 -28.12 43.15 -17.79
C LEU A 1146 -28.66 43.32 -19.20
N VAL A 1147 -29.23 42.25 -19.74
CA VAL A 1147 -29.91 42.29 -21.04
C VAL A 1147 -31.26 42.96 -20.86
N PRO A 1148 -31.77 43.67 -21.86
CA PRO A 1148 -33.18 44.05 -21.84
C PRO A 1148 -34.07 42.84 -22.07
N ILE A 1149 -35.30 42.93 -21.57
CA ILE A 1149 -36.24 41.83 -21.65
C ILE A 1149 -36.77 41.74 -23.07
N ASP A 1150 -36.80 40.51 -23.62
CA ASP A 1150 -37.31 40.19 -24.96
C ASP A 1150 -36.53 40.92 -26.04
N ASP A 1151 -35.23 41.10 -25.82
CA ASP A 1151 -34.30 41.60 -26.82
C ASP A 1151 -33.27 40.51 -27.05
N LEU A 1152 -33.28 39.92 -28.23
CA LEU A 1152 -32.44 38.76 -28.51
C LEU A 1152 -31.09 39.18 -29.06
N VAL A 1153 -30.03 38.59 -28.52
CA VAL A 1153 -28.68 38.74 -29.05
C VAL A 1153 -28.13 37.34 -29.26
N ILE A 1154 -27.47 37.13 -30.40
CA ILE A 1154 -27.21 35.79 -30.89
C ILE A 1154 -25.74 35.40 -30.72
N SER A 1155 -24.80 36.35 -30.72
CA SER A 1155 -23.40 35.97 -30.66
C SER A 1155 -22.74 36.34 -29.34
N GLU A 1156 -22.68 37.63 -28.99
CA GLU A 1156 -21.83 38.17 -27.92
C GLU A 1156 -20.39 37.68 -28.04
N ILE A 1157 -19.76 38.09 -29.14
CA ILE A 1157 -18.30 37.97 -29.31
C ILE A 1157 -17.61 39.18 -28.69
N ASP A 1158 -18.36 39.97 -27.92
CA ASP A 1158 -17.92 41.22 -27.30
C ASP A 1158 -16.77 41.02 -26.31
N PHE A 1159 -16.58 39.81 -25.80
CA PHE A 1159 -15.46 39.58 -24.90
C PHE A 1159 -14.12 39.61 -25.63
N ASN A 1160 -14.12 39.30 -26.92
CA ASN A 1160 -12.87 39.29 -27.69
C ASN A 1160 -12.62 40.61 -28.42
N ASN A 1161 -13.52 41.00 -29.32
CA ASN A 1161 -13.30 42.16 -30.18
C ASN A 1161 -14.40 43.21 -30.04
N ASN A 1162 -15.16 43.16 -28.94
CA ASN A 1162 -16.07 44.21 -28.49
C ASN A 1162 -17.20 44.50 -29.49
N SER A 1163 -18.01 43.47 -29.76
CA SER A 1163 -19.18 43.60 -30.61
C SER A 1163 -20.14 42.47 -30.32
N ILE A 1164 -21.44 42.73 -30.45
CA ILE A 1164 -22.45 41.70 -30.34
C ILE A 1164 -23.19 41.60 -31.68
N LYS A 1165 -24.04 40.59 -31.80
CA LYS A 1165 -24.85 40.38 -32.99
C LYS A 1165 -26.27 40.10 -32.57
N LEU A 1166 -27.22 40.54 -33.39
CA LEU A 1166 -28.63 40.45 -33.09
C LEU A 1166 -29.29 39.37 -33.95
N GLY A 1167 -30.27 38.70 -33.37
CA GLY A 1167 -31.04 37.70 -34.08
C GLY A 1167 -32.17 38.31 -34.87
N THR A 1168 -33.22 37.53 -35.08
CA THR A 1168 -34.37 37.96 -35.86
C THR A 1168 -35.57 38.15 -34.94
N CYS A 1169 -36.20 39.31 -35.04
CA CYS A 1169 -37.43 39.64 -34.33
C CYS A 1169 -38.42 40.28 -35.28
N ASN A 1170 -38.60 39.65 -36.44
CA ASN A 1170 -39.37 40.24 -37.52
C ASN A 1170 -40.87 40.00 -37.37
N ILE A 1171 -41.65 40.76 -38.13
CA ILE A 1171 -43.10 40.72 -38.08
C ILE A 1171 -43.64 40.45 -39.49
N LEU A 1172 -44.88 39.98 -39.54
CA LEU A 1172 -45.52 39.67 -40.82
C LEU A 1172 -45.83 40.95 -41.59
N ALA A 1173 -45.75 40.85 -42.91
CA ALA A 1173 -45.89 41.99 -43.79
C ALA A 1173 -47.38 42.29 -44.02
N MET A 1174 -47.66 43.13 -45.00
CA MET A 1174 -49.03 43.53 -45.32
C MET A 1174 -49.19 43.60 -46.84
N GLU A 1175 -50.38 43.23 -47.30
CA GLU A 1175 -50.69 43.26 -48.72
C GLU A 1175 -51.07 44.69 -49.12
N GLY A 1176 -51.50 44.86 -50.38
CA GLY A 1176 -51.72 46.20 -50.89
C GLY A 1176 -53.08 46.76 -50.51
N GLY A 1177 -53.12 48.08 -50.34
CA GLY A 1177 -54.34 48.82 -50.17
C GLY A 1177 -54.67 49.59 -51.44
N SER A 1178 -55.90 50.08 -51.51
CA SER A 1178 -56.38 50.70 -52.74
C SER A 1178 -55.95 52.16 -52.85
N GLY A 1179 -56.41 53.00 -51.94
CA GLY A 1179 -56.09 54.42 -52.00
C GLY A 1179 -55.51 54.94 -50.71
N HIS A 1180 -54.27 55.44 -50.76
CA HIS A 1180 -53.51 55.77 -49.56
C HIS A 1180 -53.19 57.25 -49.55
N THR A 1181 -53.66 57.96 -48.53
CA THR A 1181 -53.31 59.35 -48.29
C THR A 1181 -53.02 59.52 -46.81
N VAL A 1182 -52.07 60.40 -46.48
CA VAL A 1182 -51.64 60.63 -45.10
C VAL A 1182 -52.00 62.05 -44.73
N THR A 1183 -52.71 62.21 -43.61
CA THR A 1183 -53.10 63.52 -43.10
C THR A 1183 -52.97 63.51 -41.59
N GLY A 1184 -52.09 64.36 -41.06
CA GLY A 1184 -51.86 64.43 -39.62
C GLY A 1184 -51.22 63.19 -39.05
N ASN A 1185 -50.30 62.56 -39.80
CA ASN A 1185 -49.56 61.34 -39.45
C ASN A 1185 -50.48 60.15 -39.16
N ILE A 1186 -51.70 60.17 -39.70
CA ILE A 1186 -52.62 59.03 -39.64
C ILE A 1186 -53.13 58.83 -41.06
N ASP A 1187 -52.85 57.66 -41.63
CA ASP A 1187 -53.19 57.42 -43.03
C ASP A 1187 -54.63 56.97 -43.17
N HIS A 1188 -55.33 57.56 -44.14
CA HIS A 1188 -56.72 57.23 -44.41
C HIS A 1188 -56.78 56.37 -45.67
N PHE A 1189 -57.07 55.09 -45.50
CA PHE A 1189 -57.21 54.17 -46.61
C PHE A 1189 -58.61 54.25 -47.21
N PHE A 1190 -58.77 53.59 -48.35
CA PHE A 1190 -60.09 53.33 -48.91
C PHE A 1190 -60.46 51.86 -48.89
N SER A 1191 -59.47 50.97 -48.96
CA SER A 1191 -59.65 49.55 -48.72
C SER A 1191 -58.59 49.10 -47.72
N SER A 1192 -59.02 48.45 -46.65
CA SER A 1192 -58.10 48.05 -45.60
C SER A 1192 -57.22 46.89 -46.06
N PRO A 1193 -55.90 47.02 -46.00
CA PRO A 1193 -55.02 45.94 -46.45
C PRO A 1193 -54.98 44.81 -45.44
N SER A 1194 -54.51 43.66 -45.91
CA SER A 1194 -54.59 42.43 -45.14
C SER A 1194 -53.20 41.89 -44.82
N ILE A 1195 -53.11 41.20 -43.68
CA ILE A 1195 -51.86 40.59 -43.24
C ILE A 1195 -51.66 39.30 -44.02
N SER A 1196 -50.49 39.14 -44.63
CA SER A 1196 -50.18 37.97 -45.43
C SER A 1196 -49.07 37.16 -44.77
N SER A 1197 -49.30 35.86 -44.63
CA SER A 1197 -48.26 34.97 -44.11
C SER A 1197 -47.15 34.74 -45.12
N HIS A 1198 -47.43 34.94 -46.41
CA HIS A 1198 -46.42 34.99 -47.45
C HIS A 1198 -45.91 36.43 -47.53
N ILE A 1199 -45.18 36.75 -48.61
CA ILE A 1199 -44.51 38.05 -48.83
C ILE A 1199 -43.61 38.36 -47.64
N PRO A 1200 -42.37 37.79 -47.60
CA PRO A 1200 -41.62 37.56 -46.35
C PRO A 1200 -41.43 38.72 -45.38
N SER A 1201 -41.09 38.35 -44.14
CA SER A 1201 -41.29 39.15 -42.95
C SER A 1201 -40.42 40.41 -42.93
N LEU A 1202 -40.80 41.35 -42.06
CA LEU A 1202 -40.18 42.66 -41.97
C LEU A 1202 -39.52 42.81 -40.62
N SER A 1203 -38.23 43.13 -40.60
CA SER A 1203 -37.46 43.19 -39.37
C SER A 1203 -37.71 44.49 -38.61
N ILE A 1204 -37.57 44.42 -37.29
CA ILE A 1204 -37.73 45.56 -36.40
C ILE A 1204 -36.35 46.13 -36.07
N TYR A 1205 -35.36 45.24 -36.00
CA TYR A 1205 -34.01 45.64 -35.61
C TYR A 1205 -33.29 46.39 -36.72
N SER A 1206 -33.85 46.42 -37.93
CA SER A 1206 -33.40 47.38 -38.93
C SER A 1206 -33.98 48.76 -38.70
N ALA A 1207 -35.07 48.86 -37.94
CA ALA A 1207 -35.62 50.17 -37.58
C ALA A 1207 -35.03 50.72 -36.29
N ILE A 1208 -34.69 49.85 -35.33
CA ILE A 1208 -33.94 50.30 -34.17
C ILE A 1208 -32.46 50.34 -34.54
N GLY A 1209 -31.83 51.50 -34.40
CA GLY A 1209 -30.41 51.52 -34.65
C GLY A 1209 -29.63 51.17 -33.41
N ILE A 1210 -29.26 49.90 -33.27
CA ILE A 1210 -28.65 49.41 -32.04
C ILE A 1210 -27.14 49.50 -32.15
N GLU A 1211 -26.51 50.17 -31.18
CA GLU A 1211 -25.06 50.20 -31.09
C GLU A 1211 -24.55 48.81 -30.76
N THR A 1212 -23.84 48.20 -31.72
CA THR A 1212 -23.46 46.80 -31.60
C THR A 1212 -22.00 46.54 -31.95
N GLU A 1213 -21.17 47.58 -32.07
CA GLU A 1213 -19.79 47.39 -32.48
C GLU A 1213 -18.76 48.04 -31.56
N ASN A 1214 -19.19 48.79 -30.55
CA ASN A 1214 -18.28 49.37 -29.55
C ASN A 1214 -19.04 49.41 -28.23
N LEU A 1215 -18.81 48.41 -27.38
CA LEU A 1215 -19.50 48.33 -26.10
C LEU A 1215 -18.48 48.26 -24.98
N ASP A 1216 -18.96 48.57 -23.77
CA ASP A 1216 -18.10 48.67 -22.59
C ASP A 1216 -18.42 47.51 -21.65
N PHE A 1217 -17.41 46.70 -21.34
CA PHE A 1217 -17.53 45.60 -20.40
C PHE A 1217 -16.61 45.75 -19.20
N SER A 1218 -16.63 46.92 -18.55
CA SER A 1218 -15.90 47.08 -17.30
C SER A 1218 -16.44 46.18 -16.21
N LYS A 1219 -17.75 45.93 -16.21
CA LYS A 1219 -18.36 45.06 -15.22
C LYS A 1219 -18.34 43.62 -15.71
N LYS A 1220 -17.98 42.70 -14.83
CA LYS A 1220 -17.69 41.32 -15.22
C LYS A 1220 -18.80 40.34 -14.84
N ILE A 1221 -19.98 40.81 -14.47
CA ILE A 1221 -21.12 39.95 -14.17
C ILE A 1221 -22.22 40.25 -15.18
N MET A 1222 -22.72 39.21 -15.84
CA MET A 1222 -23.65 39.38 -16.95
C MET A 1222 -24.80 38.40 -16.83
N MET A 1223 -26.02 38.88 -17.05
CA MET A 1223 -27.17 38.00 -17.18
C MET A 1223 -27.36 37.61 -18.64
N LEU A 1224 -27.45 36.30 -18.87
CA LEU A 1224 -27.61 35.78 -20.23
C LEU A 1224 -28.99 36.12 -20.78
N PRO A 1225 -29.12 36.31 -22.09
CA PRO A 1225 -30.39 36.81 -22.65
C PRO A 1225 -31.47 35.74 -22.73
N ASN A 1226 -32.70 36.24 -22.90
CA ASN A 1226 -33.87 35.41 -23.21
C ASN A 1226 -34.11 35.53 -24.71
N ALA A 1227 -33.37 34.74 -25.48
CA ALA A 1227 -33.16 35.02 -26.90
C ALA A 1227 -33.57 33.87 -27.82
N PRO A 1228 -34.88 33.65 -28.03
CA PRO A 1228 -35.28 32.84 -29.19
C PRO A 1228 -35.66 33.70 -30.39
N SER A 1229 -35.33 33.25 -31.59
CA SER A 1229 -35.78 33.98 -32.77
C SER A 1229 -37.26 33.72 -33.01
N ARG A 1230 -38.00 34.79 -33.24
CA ARG A 1230 -39.44 34.67 -33.32
C ARG A 1230 -39.98 35.55 -34.45
N VAL A 1231 -41.16 35.18 -34.94
CA VAL A 1231 -41.93 35.98 -35.88
C VAL A 1231 -43.24 36.33 -35.21
N PHE A 1232 -43.60 37.62 -35.22
CA PHE A 1232 -44.78 38.10 -34.52
C PHE A 1232 -45.97 38.09 -35.47
N TRP A 1233 -46.83 37.08 -35.33
CA TRP A 1233 -48.11 37.12 -36.00
C TRP A 1233 -49.01 38.12 -35.31
N TRP A 1234 -49.81 38.85 -36.09
CA TRP A 1234 -50.60 39.92 -35.50
C TRP A 1234 -51.91 40.08 -36.27
N GLU A 1235 -52.89 40.64 -35.57
CA GLU A 1235 -54.23 40.86 -36.10
C GLU A 1235 -54.52 42.36 -36.13
N THR A 1236 -55.77 42.71 -36.43
CA THR A 1236 -56.16 44.11 -36.51
C THR A 1236 -57.64 44.22 -36.17
N GLY A 1237 -57.94 45.00 -35.13
CA GLY A 1237 -59.31 45.27 -34.74
C GLY A 1237 -59.70 46.72 -34.99
N ALA A 1238 -60.88 47.08 -34.48
CA ALA A 1238 -61.37 48.45 -34.63
C ALA A 1238 -60.71 49.38 -33.62
N VAL A 1239 -60.93 49.13 -32.32
CA VAL A 1239 -60.57 49.93 -31.14
C VAL A 1239 -60.54 51.44 -31.37
N PRO A 1240 -61.68 52.07 -31.67
CA PRO A 1240 -61.68 53.47 -32.11
C PRO A 1240 -61.62 54.45 -30.95
N GLY A 1241 -60.51 54.43 -30.22
CA GLY A 1241 -60.36 55.32 -29.08
C GLY A 1241 -59.02 56.02 -29.01
N LEU A 1242 -58.10 55.65 -29.89
CA LEU A 1242 -56.74 56.18 -29.86
C LEU A 1242 -56.42 56.83 -31.20
N ARG A 1243 -56.19 58.14 -31.16
CA ARG A 1243 -55.61 58.90 -32.25
C ARG A 1243 -54.52 59.85 -31.79
N SER A 1244 -54.48 60.19 -30.50
CA SER A 1244 -53.46 61.03 -29.91
C SER A 1244 -52.40 60.24 -29.17
N LEU A 1245 -52.36 58.93 -29.36
CA LEU A 1245 -51.32 58.09 -28.76
C LEU A 1245 -49.98 58.22 -29.50
N GLU A 1246 -49.94 58.92 -30.63
CA GLU A 1246 -48.76 59.01 -31.47
C GLU A 1246 -47.56 59.65 -30.75
N ASN A 1247 -47.80 60.44 -29.72
CA ASN A 1247 -46.73 60.95 -28.85
C ASN A 1247 -46.45 59.94 -27.74
N ASP A 1248 -45.74 58.88 -28.13
CA ASP A 1248 -45.34 57.79 -27.25
C ASP A 1248 -44.17 57.07 -27.91
N GLY A 1249 -43.93 55.83 -27.50
CA GLY A 1249 -43.08 54.91 -28.24
C GLY A 1249 -43.76 54.24 -29.44
N THR A 1250 -44.74 54.92 -30.04
CA THR A 1250 -45.29 54.59 -31.35
C THR A 1250 -44.39 55.05 -32.47
N ARG A 1251 -43.36 55.84 -32.16
CA ARG A 1251 -42.44 56.31 -33.18
C ARG A 1251 -41.61 55.19 -33.76
N LEU A 1252 -41.40 54.12 -32.99
CA LEU A 1252 -40.76 52.92 -33.54
C LEU A 1252 -41.67 52.24 -34.56
N LEU A 1253 -42.97 52.18 -34.27
CA LEU A 1253 -43.93 51.63 -35.23
C LEU A 1253 -43.99 52.49 -36.49
N ASP A 1254 -43.93 53.81 -36.32
CA ASP A 1254 -43.87 54.70 -37.48
C ASP A 1254 -42.56 54.55 -38.24
N SER A 1255 -41.47 54.21 -37.55
CA SER A 1255 -40.21 53.97 -38.22
C SER A 1255 -40.26 52.69 -39.06
N ILE A 1256 -40.91 51.64 -38.54
CA ILE A 1256 -41.11 50.43 -39.33
C ILE A 1256 -42.01 50.72 -40.53
N ARG A 1257 -43.05 51.54 -40.32
CA ARG A 1257 -43.95 51.95 -41.40
C ARG A 1257 -43.20 52.71 -42.49
N ASP A 1258 -42.30 53.60 -42.11
CA ASP A 1258 -41.59 54.41 -43.09
C ASP A 1258 -40.43 53.66 -43.72
N LEU A 1259 -39.85 52.68 -43.01
CA LEU A 1259 -38.75 51.92 -43.58
C LEU A 1259 -39.27 50.92 -44.61
N TYR A 1260 -40.44 50.33 -44.34
CA TYR A 1260 -41.08 49.42 -45.30
C TYR A 1260 -42.31 50.13 -45.87
N PRO A 1261 -42.18 50.81 -47.01
CA PRO A 1261 -43.30 51.60 -47.54
C PRO A 1261 -44.30 50.70 -48.26
N GLY A 1262 -45.53 50.69 -47.79
CA GLY A 1262 -46.56 49.86 -48.37
C GLY A 1262 -46.60 48.44 -47.86
N LYS A 1263 -45.70 48.06 -46.95
CA LYS A 1263 -45.66 46.71 -46.45
C LYS A 1263 -46.03 46.60 -44.97
N PHE A 1264 -46.21 47.71 -44.27
CA PHE A 1264 -46.65 47.67 -42.87
C PHE A 1264 -47.37 48.97 -42.55
N TYR A 1265 -48.50 48.85 -41.86
CA TYR A 1265 -49.28 50.01 -41.43
C TYR A 1265 -49.93 49.65 -40.10
N TRP A 1266 -49.53 50.33 -39.02
CA TRP A 1266 -49.92 49.90 -37.68
C TRP A 1266 -51.23 50.51 -37.20
N ARG A 1267 -51.71 51.59 -37.82
CA ARG A 1267 -52.95 52.23 -37.41
C ARG A 1267 -53.45 53.06 -38.58
N PHE A 1268 -54.65 52.78 -39.07
CA PHE A 1268 -55.15 53.42 -40.29
C PHE A 1268 -56.64 53.71 -40.14
N TYR A 1269 -57.20 54.36 -41.17
CA TYR A 1269 -58.57 54.86 -41.18
C TYR A 1269 -59.26 54.52 -42.50
N ALA A 1270 -59.32 53.23 -42.82
CA ALA A 1270 -59.98 52.76 -44.04
C ALA A 1270 -61.44 53.21 -44.10
N PHE A 1271 -62.27 52.71 -43.19
CA PHE A 1271 -63.61 53.25 -43.05
C PHE A 1271 -63.90 53.54 -41.58
N PHE A 1272 -63.31 52.74 -40.70
CA PHE A 1272 -63.32 52.98 -39.26
C PHE A 1272 -61.87 53.15 -38.80
N ASP A 1273 -61.69 53.42 -37.52
CA ASP A 1273 -60.37 53.37 -36.94
C ASP A 1273 -59.91 51.92 -36.85
N TYR A 1274 -58.61 51.71 -36.99
CA TYR A 1274 -58.03 50.38 -36.87
C TYR A 1274 -56.69 50.50 -36.17
N ALA A 1275 -56.25 49.41 -35.55
CA ALA A 1275 -54.98 49.37 -34.86
C ALA A 1275 -54.54 47.92 -34.72
N ILE A 1276 -53.28 47.74 -34.32
CA ILE A 1276 -52.82 46.41 -33.93
C ILE A 1276 -53.52 46.02 -32.64
N THR A 1277 -54.02 44.80 -32.58
CA THR A 1277 -54.68 44.31 -31.38
C THR A 1277 -53.89 43.23 -30.66
N THR A 1278 -53.50 42.17 -31.36
CA THR A 1278 -52.79 41.06 -30.76
C THR A 1278 -51.38 40.95 -31.32
N LEU A 1279 -50.62 40.03 -30.74
CA LEU A 1279 -49.22 39.85 -31.11
C LEU A 1279 -48.84 38.42 -30.76
N LYS A 1280 -48.78 37.55 -31.76
CA LYS A 1280 -48.54 36.13 -31.53
C LYS A 1280 -47.15 35.73 -32.01
N PRO A 1281 -46.24 35.39 -31.10
CA PRO A 1281 -44.90 34.94 -31.52
C PRO A 1281 -44.89 33.52 -32.06
N VAL A 1282 -43.71 33.12 -32.54
CA VAL A 1282 -43.50 31.80 -33.13
C VAL A 1282 -42.43 31.01 -32.40
N TYR A 1283 -41.31 31.67 -32.04
CA TYR A 1283 -40.18 31.12 -31.27
C TYR A 1283 -39.53 29.94 -31.98
N GLU A 1284 -38.89 30.24 -33.10
CA GLU A 1284 -38.04 29.25 -33.74
C GLU A 1284 -36.73 29.10 -32.95
N ASP A 1285 -35.98 28.04 -33.28
CA ASP A 1285 -34.82 27.65 -32.49
C ASP A 1285 -33.68 28.65 -32.64
N THR A 1286 -32.98 28.90 -31.53
CA THR A 1286 -31.85 29.82 -31.51
C THR A 1286 -30.77 29.28 -30.59
N ASN A 1287 -29.53 29.28 -31.07
CA ASN A 1287 -28.36 28.89 -30.29
C ASN A 1287 -27.42 30.08 -30.21
N ILE A 1288 -26.95 30.37 -28.99
CA ILE A 1288 -26.16 31.56 -28.73
C ILE A 1288 -24.70 31.15 -28.52
N LYS A 1289 -23.81 31.62 -29.40
CA LYS A 1289 -22.42 31.18 -29.43
C LYS A 1289 -21.57 32.25 -28.75
N ILE A 1290 -21.48 32.16 -27.42
CA ILE A 1290 -20.76 33.15 -26.63
C ILE A 1290 -19.26 32.85 -26.71
N LYS A 1291 -18.49 33.82 -27.17
CA LYS A 1291 -17.04 33.69 -27.31
C LYS A 1291 -16.36 34.40 -26.15
N LEU A 1292 -15.62 33.65 -25.34
CA LEU A 1292 -15.04 34.17 -24.11
C LEU A 1292 -13.63 34.70 -24.38
N ASP A 1293 -12.94 35.12 -23.32
CA ASP A 1293 -11.63 35.73 -23.47
C ASP A 1293 -10.79 35.42 -22.23
N LYS A 1294 -9.71 36.18 -22.04
CA LYS A 1294 -8.72 35.90 -21.01
C LYS A 1294 -9.21 36.24 -19.60
N ASP A 1295 -10.22 37.08 -19.47
CA ASP A 1295 -10.60 37.67 -18.19
C ASP A 1295 -11.38 36.67 -17.32
N THR A 1296 -12.02 37.20 -16.27
CA THR A 1296 -12.66 36.38 -15.26
C THR A 1296 -14.17 36.58 -15.19
N ARG A 1297 -14.83 36.52 -16.36
CA ARG A 1297 -16.24 36.84 -16.49
C ARG A 1297 -17.15 35.86 -15.73
N ASN A 1298 -18.16 36.41 -15.07
CA ASN A 1298 -19.18 35.64 -14.37
C ASN A 1298 -20.51 35.78 -15.08
N PHE A 1299 -21.32 34.72 -15.06
CA PHE A 1299 -22.59 34.70 -15.75
C PHE A 1299 -23.70 34.22 -14.83
N ILE A 1300 -24.91 34.73 -15.05
CA ILE A 1300 -26.11 34.27 -14.38
C ILE A 1300 -27.12 33.86 -15.44
N MET A 1301 -27.53 32.61 -15.41
CA MET A 1301 -28.51 32.09 -16.36
C MET A 1301 -29.90 32.57 -15.96
N PRO A 1302 -30.69 33.09 -16.90
CA PRO A 1302 -32.02 33.62 -16.55
C PRO A 1302 -33.01 32.51 -16.25
N THR A 1303 -34.04 32.87 -15.48
CA THR A 1303 -35.13 31.96 -15.15
C THR A 1303 -36.32 32.31 -16.02
N ILE A 1304 -36.76 31.35 -16.84
CA ILE A 1304 -37.90 31.52 -17.73
C ILE A 1304 -38.98 30.54 -17.29
N THR A 1305 -40.18 31.04 -17.08
CA THR A 1305 -41.27 30.26 -16.50
C THR A 1305 -42.16 29.58 -17.52
N THR A 1306 -41.91 29.77 -18.82
CA THR A 1306 -42.72 29.17 -19.87
C THR A 1306 -41.88 28.15 -20.62
N ASN A 1307 -42.40 26.92 -20.72
CA ASN A 1307 -41.63 25.83 -21.30
C ASN A 1307 -41.46 25.97 -22.81
N GLU A 1308 -42.46 26.56 -23.49
CA GLU A 1308 -42.39 26.71 -24.94
C GLU A 1308 -41.34 27.73 -25.38
N ILE A 1309 -40.98 28.67 -24.49
CA ILE A 1309 -39.86 29.56 -24.77
C ILE A 1309 -38.57 29.02 -24.17
N ARG A 1310 -38.67 28.26 -23.07
CA ARG A 1310 -37.49 27.72 -22.41
C ARG A 1310 -36.82 26.64 -23.23
N ASN A 1311 -37.59 25.88 -24.00
CA ASN A 1311 -37.05 24.73 -24.74
C ASN A 1311 -36.46 25.11 -26.09
N LYS A 1312 -36.53 26.39 -26.49
CA LYS A 1312 -35.97 26.82 -27.76
C LYS A 1312 -34.65 27.56 -27.59
N LEU A 1313 -33.92 27.28 -26.51
CA LEU A 1313 -32.72 28.02 -26.18
C LEU A 1313 -31.55 27.09 -25.96
N SER A 1314 -30.35 27.58 -26.28
CA SER A 1314 -29.12 26.81 -26.11
C SER A 1314 -27.95 27.76 -25.95
N TYR A 1315 -27.04 27.43 -25.03
CA TYR A 1315 -25.87 28.24 -24.74
C TYR A 1315 -24.61 27.48 -25.14
N SER A 1316 -23.68 28.20 -25.77
CA SER A 1316 -22.55 27.60 -26.48
C SER A 1316 -21.25 28.31 -26.11
N PHE A 1317 -20.96 28.37 -24.81
CA PHE A 1317 -19.77 29.06 -24.30
C PHE A 1317 -18.47 28.52 -24.90
N ASP A 1318 -17.57 29.44 -25.23
CA ASP A 1318 -16.26 29.10 -25.77
C ASP A 1318 -15.29 28.95 -24.58
N GLY A 1319 -14.05 28.57 -24.87
CA GLY A 1319 -13.14 28.15 -23.81
C GLY A 1319 -11.76 28.78 -23.75
N ALA A 1320 -11.65 30.10 -23.96
CA ALA A 1320 -10.37 30.76 -23.82
C ALA A 1320 -9.89 30.74 -22.37
N GLY A 1321 -8.60 30.98 -22.19
CA GLY A 1321 -7.95 30.70 -20.91
C GLY A 1321 -8.23 31.65 -19.77
N GLY A 1322 -9.45 31.62 -19.23
CA GLY A 1322 -9.80 32.51 -18.13
C GLY A 1322 -10.28 31.81 -16.88
N THR A 1323 -11.27 32.40 -16.20
CA THR A 1323 -11.86 31.84 -14.99
C THR A 1323 -13.33 32.21 -15.00
N TYR A 1324 -14.20 31.28 -15.39
CA TYR A 1324 -15.60 31.58 -15.63
C TYR A 1324 -16.50 30.86 -14.65
N SER A 1325 -17.64 31.48 -14.36
CA SER A 1325 -18.66 30.91 -13.49
C SER A 1325 -20.02 31.06 -14.16
N LEU A 1326 -20.96 30.23 -13.72
CA LEU A 1326 -22.29 30.21 -14.32
C LEU A 1326 -23.28 29.77 -13.25
N LEU A 1327 -24.23 30.64 -12.92
CA LEU A 1327 -25.26 30.32 -11.94
C LEU A 1327 -26.39 29.59 -12.64
N LEU A 1328 -26.50 28.29 -12.38
CA LEU A 1328 -27.54 27.47 -13.00
C LEU A 1328 -28.88 27.78 -12.36
N SER A 1329 -29.90 28.00 -13.19
CA SER A 1329 -31.24 28.27 -12.71
C SER A 1329 -31.99 26.96 -12.46
N SER A 1330 -33.14 27.07 -11.78
CA SER A 1330 -33.97 25.90 -11.52
C SER A 1330 -34.62 25.40 -12.79
N TYR A 1331 -35.06 26.31 -13.65
CA TYR A 1331 -35.63 25.93 -14.94
C TYR A 1331 -34.49 25.69 -15.93
N PRO A 1332 -34.34 24.48 -16.46
CA PRO A 1332 -33.11 24.14 -17.19
C PRO A 1332 -33.04 24.77 -18.58
N ILE A 1333 -31.82 25.11 -18.98
CA ILE A 1333 -31.49 25.55 -20.33
C ILE A 1333 -30.40 24.61 -20.85
N SER A 1334 -30.52 24.19 -22.11
CA SER A 1334 -29.47 23.40 -22.73
C SER A 1334 -28.19 24.22 -22.87
N THR A 1335 -27.06 23.61 -22.51
CA THR A 1335 -25.79 24.33 -22.45
C THR A 1335 -24.68 23.47 -23.05
N ASN A 1336 -23.86 24.08 -23.89
CA ASN A 1336 -22.67 23.43 -24.44
C ASN A 1336 -21.44 24.23 -24.03
N ILE A 1337 -20.42 23.53 -23.54
CA ILE A 1337 -19.19 24.16 -23.07
C ILE A 1337 -18.05 23.73 -23.97
N ASN A 1338 -17.35 24.70 -24.55
CA ASN A 1338 -16.11 24.42 -25.27
C ASN A 1338 -14.95 24.59 -24.31
N LEU A 1339 -13.92 23.77 -24.49
CA LEU A 1339 -12.81 23.70 -23.54
C LEU A 1339 -11.49 23.98 -24.25
N SER A 1340 -10.45 24.13 -23.45
CA SER A 1340 -9.08 24.24 -23.95
C SER A 1340 -8.15 23.68 -22.90
N LYS A 1341 -6.86 24.04 -22.99
CA LYS A 1341 -5.87 23.54 -22.04
C LYS A 1341 -6.09 24.12 -20.65
N ASP A 1342 -5.97 25.44 -20.53
CA ASP A 1342 -6.13 26.12 -19.24
C ASP A 1342 -7.54 26.67 -19.16
N ASP A 1343 -8.35 26.08 -18.27
CA ASP A 1343 -9.72 26.53 -18.07
C ASP A 1343 -10.14 26.22 -16.64
N LEU A 1344 -10.86 27.14 -16.03
CA LEU A 1344 -11.39 26.98 -14.68
C LEU A 1344 -12.88 27.31 -14.75
N TRP A 1345 -13.72 26.29 -14.77
CA TRP A 1345 -15.16 26.45 -14.91
C TRP A 1345 -15.83 26.21 -13.57
N ILE A 1346 -16.71 27.14 -13.18
CA ILE A 1346 -17.38 27.12 -11.90
C ILE A 1346 -18.88 27.07 -12.17
N PHE A 1347 -19.60 26.23 -11.44
CA PHE A 1347 -21.04 26.12 -11.61
C PHE A 1347 -21.73 26.26 -10.26
N ASN A 1348 -22.57 27.28 -10.12
CA ASN A 1348 -23.30 27.52 -8.88
C ASN A 1348 -24.64 26.79 -8.93
N ILE A 1349 -24.81 25.82 -8.04
CA ILE A 1349 -26.01 24.99 -8.04
C ILE A 1349 -26.89 25.38 -6.85
N ASP A 1350 -26.77 26.63 -6.42
CA ASP A 1350 -27.58 27.12 -5.32
C ASP A 1350 -29.06 27.20 -5.69
N ASN A 1351 -29.36 27.57 -6.93
CA ASN A 1351 -30.76 27.53 -7.36
C ASN A 1351 -31.24 26.12 -7.67
N GLU A 1352 -30.35 25.15 -7.75
CA GLU A 1352 -30.73 23.77 -8.02
C GLU A 1352 -30.99 22.98 -6.74
N VAL A 1353 -30.24 23.25 -5.68
CA VAL A 1353 -30.39 22.48 -4.45
C VAL A 1353 -31.41 23.09 -3.48
N ARG A 1354 -32.07 24.17 -3.86
CA ARG A 1354 -33.10 24.78 -3.03
C ARG A 1354 -34.44 24.74 -3.77
N GLU A 1355 -35.51 24.67 -2.99
CA GLU A 1355 -36.85 24.80 -3.55
C GLU A 1355 -37.08 26.24 -4.01
N ILE A 1356 -37.56 26.40 -5.23
CA ILE A 1356 -37.65 27.71 -5.88
C ILE A 1356 -39.13 28.08 -6.02
N SER A 1357 -39.48 29.25 -5.50
CA SER A 1357 -40.82 29.79 -5.64
C SER A 1357 -40.74 31.25 -6.08
N ILE A 1358 -41.76 31.67 -6.82
CA ILE A 1358 -41.88 33.06 -7.27
C ILE A 1358 -42.95 33.72 -6.43
N GLU A 1359 -42.56 34.74 -5.66
CA GLU A 1359 -43.46 35.43 -4.76
C GLU A 1359 -44.00 36.72 -5.36
N ASN A 1360 -43.12 37.63 -5.74
CA ASN A 1360 -43.50 38.92 -6.33
C ASN A 1360 -42.71 39.19 -7.60
N GLY A 1361 -42.42 38.13 -8.36
CA GLY A 1361 -41.65 38.22 -9.57
C GLY A 1361 -40.17 37.91 -9.41
N THR A 1362 -39.67 37.93 -8.19
CA THR A 1362 -38.29 37.56 -7.92
C THR A 1362 -38.21 36.06 -7.66
N ILE A 1363 -37.07 35.59 -7.17
CA ILE A 1363 -36.87 34.18 -6.85
C ILE A 1363 -36.50 34.08 -5.38
N LYS A 1364 -37.29 33.33 -4.63
CA LYS A 1364 -37.03 33.08 -3.21
C LYS A 1364 -36.74 31.60 -3.02
N LYS A 1365 -35.62 31.31 -2.37
CA LYS A 1365 -35.13 29.94 -2.25
C LYS A 1365 -35.63 29.29 -0.96
N GLY A 1366 -36.01 28.02 -1.07
CA GLY A 1366 -36.55 27.28 0.05
C GLY A 1366 -35.45 26.68 0.92
N LYS A 1367 -35.80 25.60 1.61
CA LYS A 1367 -34.86 25.04 2.59
C LYS A 1367 -33.77 24.21 1.91
N LEU A 1368 -34.13 23.08 1.28
CA LEU A 1368 -33.24 22.17 0.57
C LEU A 1368 -34.11 21.21 -0.24
N ILE A 1369 -33.45 20.40 -1.05
CA ILE A 1369 -34.10 19.32 -1.80
C ILE A 1369 -33.39 18.02 -1.46
N LYS A 1370 -34.15 17.02 -1.01
CA LYS A 1370 -33.57 15.76 -0.58
C LYS A 1370 -33.12 14.93 -1.77
N ASP A 1371 -31.86 14.45 -1.70
CA ASP A 1371 -31.27 13.52 -2.67
C ASP A 1371 -31.25 14.09 -4.09
N VAL A 1372 -30.96 15.38 -4.21
CA VAL A 1372 -30.85 15.98 -5.54
C VAL A 1372 -29.45 15.76 -6.12
N LEU A 1373 -28.45 15.53 -5.27
CA LEU A 1373 -27.09 15.29 -5.72
C LEU A 1373 -26.59 13.90 -5.34
N SER A 1374 -27.52 12.97 -5.07
CA SER A 1374 -27.11 11.61 -4.75
C SER A 1374 -26.60 10.87 -5.97
N LYS A 1375 -27.19 11.14 -7.13
CA LYS A 1375 -26.81 10.51 -8.39
C LYS A 1375 -26.22 11.58 -9.30
N ILE A 1376 -24.89 11.66 -9.33
CA ILE A 1376 -24.17 12.58 -10.19
C ILE A 1376 -23.58 11.77 -11.33
N ASP A 1377 -24.17 11.93 -12.52
CA ASP A 1377 -23.73 11.20 -13.70
C ASP A 1377 -22.57 11.95 -14.33
N ILE A 1378 -21.35 11.49 -14.07
CA ILE A 1378 -20.14 12.12 -14.59
C ILE A 1378 -19.64 11.29 -15.75
N ASN A 1379 -19.40 11.93 -16.89
CA ASN A 1379 -18.87 11.26 -18.08
C ASN A 1379 -17.66 12.02 -18.58
N LYS A 1380 -17.12 11.55 -19.71
CA LYS A 1380 -15.97 12.22 -20.31
C LYS A 1380 -16.36 13.52 -20.98
N ASN A 1381 -17.63 13.67 -21.38
CA ASN A 1381 -18.05 14.86 -22.09
C ASN A 1381 -19.43 15.37 -21.67
N LYS A 1382 -20.01 14.84 -20.59
CA LYS A 1382 -21.35 15.26 -20.19
C LYS A 1382 -21.51 15.08 -18.69
N LEU A 1383 -21.89 16.15 -18.00
CA LEU A 1383 -22.17 16.11 -16.57
C LEU A 1383 -23.64 16.42 -16.35
N ILE A 1384 -24.34 15.53 -15.66
CA ILE A 1384 -25.76 15.67 -15.40
C ILE A 1384 -25.95 15.82 -13.89
N ILE A 1385 -26.46 16.96 -13.47
CA ILE A 1385 -26.72 17.26 -12.06
C ILE A 1385 -28.15 17.75 -11.91
N GLY A 1386 -28.89 17.13 -11.00
CA GLY A 1386 -30.28 17.47 -10.76
C GLY A 1386 -31.17 17.23 -11.95
N ASN A 1387 -31.62 18.32 -12.59
CA ASN A 1387 -32.44 18.24 -13.78
C ASN A 1387 -31.77 18.92 -14.97
N GLN A 1388 -30.46 19.14 -14.92
CA GLN A 1388 -29.74 19.84 -15.96
C GLN A 1388 -28.63 18.97 -16.54
N THR A 1389 -28.46 19.06 -17.85
CA THR A 1389 -27.41 18.37 -18.57
C THR A 1389 -26.45 19.40 -19.14
N ILE A 1390 -25.17 19.26 -18.82
CA ILE A 1390 -24.14 20.17 -19.30
C ILE A 1390 -23.26 19.40 -20.27
N ASP A 1391 -23.11 19.93 -21.48
CA ASP A 1391 -22.38 19.26 -22.54
C ASP A 1391 -21.00 19.88 -22.70
N PHE A 1392 -19.97 19.05 -22.66
CA PHE A 1392 -18.59 19.51 -22.81
C PHE A 1392 -18.04 19.01 -24.14
N SER A 1393 -17.26 19.86 -24.81
CA SER A 1393 -16.72 19.54 -26.11
C SER A 1393 -15.44 20.33 -26.33
N GLY A 1394 -14.78 20.05 -27.45
CA GLY A 1394 -13.54 20.73 -27.79
C GLY A 1394 -12.30 20.03 -27.27
N ASP A 1395 -12.12 20.03 -25.95
CA ASP A 1395 -10.98 19.39 -25.30
C ASP A 1395 -11.54 18.53 -24.16
N ILE A 1396 -11.95 17.31 -24.49
CA ILE A 1396 -12.57 16.43 -23.52
C ILE A 1396 -11.64 15.29 -23.13
N ASP A 1397 -10.34 15.42 -23.42
CA ASP A 1397 -9.37 14.38 -23.12
C ASP A 1397 -8.24 14.88 -22.22
N ASN A 1398 -8.36 16.08 -21.66
CA ASN A 1398 -7.35 16.59 -20.74
C ASN A 1398 -7.52 15.94 -19.38
N LYS A 1399 -6.41 15.48 -18.80
CA LYS A 1399 -6.42 14.82 -17.51
C LYS A 1399 -5.91 15.73 -16.39
N ASP A 1400 -5.84 17.04 -16.62
CA ASP A 1400 -5.34 17.96 -15.62
C ASP A 1400 -6.25 19.18 -15.54
N ARG A 1401 -7.55 18.95 -15.51
CA ARG A 1401 -8.53 20.03 -15.47
C ARG A 1401 -9.72 19.61 -14.64
N TYR A 1402 -10.17 20.50 -13.76
CA TYR A 1402 -11.22 20.21 -12.81
C TYR A 1402 -12.41 21.12 -13.03
N ILE A 1403 -13.59 20.63 -12.65
CA ILE A 1403 -14.85 21.37 -12.73
C ILE A 1403 -15.39 21.50 -11.30
N PHE A 1404 -15.71 22.72 -10.90
CA PHE A 1404 -16.10 23.00 -9.53
C PHE A 1404 -17.60 23.30 -9.44
N LEU A 1405 -18.25 22.71 -8.43
CA LEU A 1405 -19.66 22.94 -8.15
C LEU A 1405 -19.79 23.57 -6.78
N THR A 1406 -20.45 24.72 -6.71
CA THR A 1406 -20.54 25.52 -5.49
C THR A 1406 -21.99 25.61 -5.02
N CYS A 1407 -22.21 25.39 -3.73
CA CYS A 1407 -23.51 25.61 -3.12
C CYS A 1407 -23.31 26.19 -1.72
N GLU A 1408 -24.17 27.13 -1.36
CA GLU A 1408 -24.08 27.81 -0.07
C GLU A 1408 -24.94 27.07 0.94
N LEU A 1409 -24.31 26.29 1.81
CA LEU A 1409 -25.06 25.59 2.86
C LEU A 1409 -25.56 26.56 3.91
N ASP A 1410 -24.88 27.70 4.08
CA ASP A 1410 -25.26 28.70 5.06
C ASP A 1410 -24.81 30.06 4.53
N ASP A 1411 -24.94 31.08 5.36
CA ASP A 1411 -24.45 32.40 4.98
C ASP A 1411 -22.94 32.53 5.15
N LYS A 1412 -22.30 31.60 5.84
CA LYS A 1412 -20.87 31.62 6.06
C LYS A 1412 -20.15 30.43 5.45
N ILE A 1413 -20.68 29.22 5.60
CA ILE A 1413 -20.01 28.01 5.17
C ILE A 1413 -20.51 27.63 3.77
N SER A 1414 -19.58 27.43 2.85
CA SER A 1414 -19.90 27.02 1.49
C SER A 1414 -19.35 25.62 1.23
N LEU A 1415 -20.07 24.85 0.42
CA LEU A 1415 -19.66 23.51 0.01
C LEU A 1415 -19.24 23.55 -1.44
N ILE A 1416 -18.00 23.13 -1.71
CA ILE A 1416 -17.44 23.14 -3.06
C ILE A 1416 -17.17 21.70 -3.45
N ILE A 1417 -17.75 21.28 -4.57
CA ILE A 1417 -17.58 19.93 -5.08
C ILE A 1417 -16.60 19.98 -6.25
N GLU A 1418 -15.50 19.24 -6.12
CA GLU A 1418 -14.43 19.24 -7.11
C GLU A 1418 -14.59 18.02 -8.00
N ILE A 1419 -14.97 18.24 -9.26
CA ILE A 1419 -15.33 17.17 -10.18
C ILE A 1419 -14.35 17.16 -11.34
N ASN A 1420 -13.74 16.00 -11.60
CA ASN A 1420 -12.94 15.79 -12.80
C ASN A 1420 -13.71 14.89 -13.75
N LEU A 1421 -13.81 15.32 -15.01
CA LEU A 1421 -14.68 14.65 -15.97
C LEU A 1421 -14.11 13.32 -16.44
N VAL A 1422 -12.81 13.30 -16.79
CA VAL A 1422 -12.25 12.11 -17.42
C VAL A 1422 -11.98 11.00 -16.41
N ALA A 1423 -11.74 11.34 -15.15
CA ALA A 1423 -11.56 10.33 -14.11
C ALA A 1423 -12.86 9.90 -13.47
N LYS A 1424 -13.95 10.64 -13.72
CA LYS A 1424 -15.30 10.38 -13.18
C LYS A 1424 -15.30 10.32 -11.65
N SER A 1425 -14.78 11.38 -11.04
CA SER A 1425 -14.66 11.46 -9.59
C SER A 1425 -15.14 12.80 -9.09
N TYR A 1426 -15.62 12.82 -7.86
CA TYR A 1426 -16.01 14.05 -7.19
C TYR A 1426 -15.50 14.02 -5.76
N SER A 1427 -15.14 15.20 -5.26
CA SER A 1427 -14.62 15.34 -3.90
C SER A 1427 -15.23 16.58 -3.26
N LEU A 1428 -15.25 16.60 -1.93
CA LEU A 1428 -15.92 17.64 -1.17
C LEU A 1428 -14.91 18.52 -0.45
N LEU A 1429 -15.18 19.83 -0.44
CA LEU A 1429 -14.41 20.80 0.32
C LEU A 1429 -15.36 21.70 1.08
N LEU A 1430 -14.81 22.41 2.06
CA LEU A 1430 -15.59 23.34 2.88
C LEU A 1430 -14.83 24.67 2.98
N SER A 1431 -15.52 25.67 3.51
CA SER A 1431 -14.92 26.97 3.73
C SER A 1431 -15.60 27.61 4.94
N GLY A 1432 -15.42 28.93 5.10
CA GLY A 1432 -16.00 29.64 6.21
C GLY A 1432 -15.05 29.72 7.39
N ASP A 1433 -15.51 30.43 8.41
CA ASP A 1433 -14.71 30.62 9.62
C ASP A 1433 -14.59 29.32 10.40
N LYS A 1434 -13.43 29.15 11.04
CA LYS A 1434 -13.11 27.88 11.70
C LYS A 1434 -14.00 27.66 12.93
N ASN A 1435 -14.16 28.69 13.76
CA ASN A 1435 -14.95 28.54 14.97
C ASN A 1435 -16.44 28.39 14.66
N TYR A 1436 -16.92 29.10 13.64
CA TYR A 1436 -18.30 28.93 13.21
C TYR A 1436 -18.54 27.55 12.62
N LEU A 1437 -17.55 27.02 11.89
CA LEU A 1437 -17.68 25.68 11.33
C LEU A 1437 -17.67 24.62 12.44
N ILE A 1438 -16.84 24.81 13.46
CA ILE A 1438 -16.85 23.87 14.59
C ILE A 1438 -18.16 23.95 15.36
N SER A 1439 -18.72 25.16 15.48
CA SER A 1439 -20.00 25.31 16.19
C SER A 1439 -21.16 24.70 15.42
N ASN A 1440 -21.16 24.81 14.09
CA ASN A 1440 -22.28 24.37 13.28
C ASN A 1440 -21.96 23.13 12.43
N LEU A 1441 -20.94 22.37 12.81
CA LEU A 1441 -20.53 21.17 12.09
C LEU A 1441 -21.63 20.11 12.04
N SER A 1442 -22.41 19.97 13.11
CA SER A 1442 -23.50 19.00 13.12
C SER A 1442 -24.57 19.36 12.10
N ASN A 1443 -24.93 20.65 12.03
CA ASN A 1443 -25.91 21.10 11.05
C ASN A 1443 -25.36 21.04 9.64
N ILE A 1444 -24.05 21.26 9.46
CA ILE A 1444 -23.46 21.18 8.14
C ILE A 1444 -23.46 19.75 7.61
N ILE A 1445 -23.10 18.78 8.46
CA ILE A 1445 -23.14 17.38 8.04
C ILE A 1445 -24.59 16.91 7.86
N GLU A 1446 -25.52 17.47 8.66
CA GLU A 1446 -26.94 17.17 8.45
C GLU A 1446 -27.43 17.69 7.11
N LYS A 1447 -26.99 18.88 6.70
CA LYS A 1447 -27.39 19.41 5.40
C LYS A 1447 -26.74 18.63 4.25
N ILE A 1448 -25.51 18.16 4.44
CA ILE A 1448 -24.85 17.34 3.43
C ILE A 1448 -25.56 15.99 3.28
N ASN A 1449 -25.96 15.39 4.40
CA ASN A 1449 -26.71 14.14 4.35
C ASN A 1449 -28.11 14.34 3.77
N THR A 1450 -28.71 15.52 3.96
CA THR A 1450 -29.95 15.85 3.28
C THR A 1450 -29.73 15.98 1.77
N LEU A 1451 -28.59 16.54 1.37
CA LEU A 1451 -28.24 16.60 -0.05
C LEU A 1451 -28.01 15.22 -0.64
N GLY A 1452 -27.49 14.28 0.14
CA GLY A 1452 -27.33 12.92 -0.31
C GLY A 1452 -25.96 12.52 -0.78
N LEU A 1453 -24.94 13.35 -0.55
CA LEU A 1453 -23.59 13.00 -0.96
C LEU A 1453 -23.02 11.90 -0.07
N ASP A 1454 -22.19 11.03 -0.67
CA ASP A 1454 -21.68 9.86 0.03
C ASP A 1454 -20.17 9.90 0.24
N SER A 1455 -19.55 11.06 0.08
CA SER A 1455 -18.11 11.19 0.32
C SER A 1455 -17.88 11.20 1.83
N LYS A 1456 -17.10 10.23 2.32
CA LYS A 1456 -16.96 10.06 3.77
C LYS A 1456 -16.07 11.12 4.40
N ASN A 1457 -15.05 11.58 3.70
CA ASN A 1457 -14.12 12.57 4.23
C ASN A 1457 -14.25 13.87 3.44
N ILE A 1458 -14.36 14.97 4.17
CA ILE A 1458 -14.55 16.30 3.58
C ILE A 1458 -13.35 17.16 3.94
N ALA A 1459 -12.70 17.72 2.92
CA ALA A 1459 -11.58 18.63 3.15
C ALA A 1459 -12.09 20.02 3.52
N TYR A 1460 -11.16 20.89 3.89
CA TYR A 1460 -11.53 22.24 4.33
C TYR A 1460 -10.33 23.15 4.10
N ASN A 1461 -10.46 24.07 3.13
CA ASN A 1461 -9.46 25.08 2.86
C ASN A 1461 -10.09 26.44 3.02
N TYR A 1462 -9.46 27.30 3.82
CA TYR A 1462 -9.98 28.62 4.09
C TYR A 1462 -8.87 29.66 3.94
N THR A 1463 -9.26 30.86 3.55
CA THR A 1463 -8.34 32.00 3.46
C THR A 1463 -9.05 33.19 4.11
N ASP A 1464 -8.69 33.45 5.37
CA ASP A 1464 -9.35 34.50 6.15
C ASP A 1464 -8.82 35.87 5.76
N GLU A 1465 -9.25 36.90 6.48
CA GLU A 1465 -8.75 38.24 6.26
C GLU A 1465 -7.30 38.35 6.71
N SER A 1466 -6.58 39.29 6.10
CA SER A 1466 -5.13 39.52 6.24
C SER A 1466 -4.31 38.29 5.83
N ASN A 1467 -4.88 37.43 4.97
CA ASN A 1467 -4.17 36.40 4.21
C ASN A 1467 -3.47 35.38 5.11
N ASN A 1468 -4.25 34.75 5.98
CA ASN A 1468 -3.80 33.59 6.74
C ASN A 1468 -4.68 32.41 6.38
N LYS A 1469 -4.05 31.27 6.09
CA LYS A 1469 -4.74 30.14 5.51
C LYS A 1469 -5.02 29.06 6.54
N TYR A 1470 -6.13 28.36 6.35
CA TYR A 1470 -6.56 27.26 7.21
C TYR A 1470 -6.70 26.01 6.36
N PHE A 1471 -6.25 24.88 6.89
CA PHE A 1471 -6.35 23.60 6.21
C PHE A 1471 -7.00 22.59 7.14
N GLY A 1472 -7.93 21.80 6.60
CA GLY A 1472 -8.76 20.96 7.45
C GLY A 1472 -9.13 19.64 6.80
N ALA A 1473 -9.72 18.78 7.63
CA ALA A 1473 -10.22 17.48 7.18
C ALA A 1473 -11.30 17.01 8.14
N ILE A 1474 -12.53 16.89 7.65
CA ILE A 1474 -13.69 16.53 8.47
C ILE A 1474 -14.20 15.18 7.99
N SER A 1475 -14.28 14.22 8.91
CA SER A 1475 -14.91 12.94 8.63
C SER A 1475 -16.40 13.02 8.94
N LYS A 1476 -17.22 12.50 8.03
CA LYS A 1476 -18.67 12.54 8.24
C LYS A 1476 -19.11 11.54 9.30
N THR A 1477 -18.56 10.33 9.27
CA THR A 1477 -18.85 9.35 10.31
C THR A 1477 -18.09 9.72 11.57
N SER A 1478 -18.82 9.84 12.68
CA SER A 1478 -18.40 10.16 14.05
C SER A 1478 -17.89 11.59 14.23
N GLN A 1479 -17.79 12.38 13.15
CA GLN A 1479 -17.55 13.82 13.17
C GLN A 1479 -16.27 14.21 13.90
N LYS A 1480 -15.14 13.78 13.32
CA LYS A 1480 -13.82 14.16 13.82
C LYS A 1480 -13.17 15.12 12.84
N SER A 1481 -12.45 16.11 13.38
CA SER A 1481 -11.86 17.15 12.56
C SER A 1481 -10.43 17.42 12.98
N ILE A 1482 -9.57 17.67 12.00
CA ILE A 1482 -8.21 18.13 12.21
C ILE A 1482 -8.06 19.44 11.45
N ILE A 1483 -7.63 20.49 12.14
CA ILE A 1483 -7.36 21.77 11.50
C ILE A 1483 -5.93 22.18 11.85
N HIS A 1484 -5.12 22.39 10.83
CA HIS A 1484 -3.74 22.85 10.97
C HIS A 1484 -3.59 24.17 10.23
N TYR A 1485 -3.05 25.16 10.92
CA TYR A 1485 -2.89 26.50 10.35
C TYR A 1485 -1.68 27.17 10.98
N LYS A 1486 -1.12 28.13 10.26
CA LYS A 1486 0.10 28.83 10.67
C LYS A 1486 -0.27 30.24 11.10
N LYS A 1487 0.04 30.58 12.35
CA LYS A 1487 -0.26 31.89 12.91
C LYS A 1487 0.93 32.37 13.70
N ASP A 1488 1.33 33.64 13.47
CA ASP A 1488 2.47 34.30 14.12
C ASP A 1488 3.76 33.52 13.91
N SER A 1489 3.95 33.03 12.68
CA SER A 1489 5.13 32.27 12.24
C SER A 1489 5.36 31.02 13.09
N LYS A 1490 4.28 30.35 13.47
CA LYS A 1490 4.37 29.09 14.18
C LYS A 1490 3.17 28.23 13.81
N ASN A 1491 3.30 26.92 14.03
CA ASN A 1491 2.33 25.94 13.59
C ASN A 1491 1.38 25.61 14.73
N ILE A 1492 0.08 25.80 14.49
CA ILE A 1492 -0.97 25.45 15.45
C ILE A 1492 -1.74 24.27 14.88
N LEU A 1493 -2.05 23.30 15.74
CA LEU A 1493 -2.68 22.06 15.33
C LEU A 1493 -3.82 21.74 16.29
N GLU A 1494 -5.04 21.67 15.77
CA GLU A 1494 -6.23 21.46 16.58
C GLU A 1494 -6.97 20.21 16.14
N PHE A 1495 -7.52 19.48 17.11
CA PHE A 1495 -8.27 18.26 16.87
C PHE A 1495 -9.57 18.34 17.64
N TYR A 1496 -10.69 18.11 16.95
CA TYR A 1496 -12.02 18.33 17.51
C TYR A 1496 -12.85 17.07 17.46
N ASN A 1497 -13.50 16.74 18.57
CA ASN A 1497 -14.59 15.76 18.57
C ASN A 1497 -15.94 16.48 18.50
N ASP A 1498 -16.06 17.31 17.46
CA ASP A 1498 -17.22 18.01 16.89
C ASP A 1498 -17.82 19.11 17.78
N SER A 1499 -17.45 19.16 19.04
CA SER A 1499 -17.77 20.32 19.88
C SER A 1499 -16.66 20.72 20.83
N THR A 1500 -15.69 19.84 21.10
CA THR A 1500 -14.67 20.07 22.11
C THR A 1500 -13.30 19.96 21.49
N LEU A 1501 -12.41 20.86 21.89
CA LEU A 1501 -11.02 20.83 21.45
C LEU A 1501 -10.32 19.72 22.21
N GLU A 1502 -10.25 18.53 21.61
CA GLU A 1502 -9.65 17.38 22.27
C GLU A 1502 -8.13 17.40 22.24
N PHE A 1503 -7.52 18.18 21.35
CA PHE A 1503 -6.07 18.28 21.30
C PHE A 1503 -5.69 19.63 20.74
N ASN A 1504 -4.62 20.21 21.26
CA ASN A 1504 -4.16 21.52 20.81
C ASN A 1504 -2.67 21.63 21.08
N SER A 1505 -1.88 21.77 20.02
CA SER A 1505 -0.46 22.06 20.12
C SER A 1505 -0.27 23.48 19.58
N LYS A 1506 -0.06 24.44 20.48
CA LYS A 1506 0.12 25.82 20.06
C LYS A 1506 1.46 26.00 19.34
N ASP A 1507 2.49 25.29 19.79
CA ASP A 1507 3.77 25.24 19.09
C ASP A 1507 3.98 23.83 18.57
N PHE A 1508 4.18 23.72 17.26
CA PHE A 1508 4.35 22.43 16.57
C PHE A 1508 5.58 22.55 15.69
N ILE A 1509 6.74 22.21 16.25
CA ILE A 1509 7.97 22.29 15.48
C ILE A 1509 8.11 21.07 14.56
N ALA A 1510 7.77 21.28 13.29
CA ALA A 1510 7.82 20.22 12.30
C ALA A 1510 7.99 20.85 10.92
N GLU A 1511 8.50 20.07 9.98
CA GLU A 1511 8.69 20.52 8.61
C GLU A 1511 8.05 19.52 7.66
N ASP A 1512 7.50 20.04 6.56
CA ASP A 1512 6.77 19.28 5.54
C ASP A 1512 5.62 18.49 6.16
N ILE A 1513 4.69 19.22 6.77
CA ILE A 1513 3.57 18.60 7.47
C ILE A 1513 2.51 18.20 6.45
N ASN A 1514 2.14 16.92 6.45
CA ASN A 1514 1.07 16.40 5.61
C ASN A 1514 0.06 15.69 6.48
N VAL A 1515 -1.22 15.95 6.24
CA VAL A 1515 -2.31 15.44 7.06
C VAL A 1515 -3.25 14.65 6.16
N PHE A 1516 -3.60 13.44 6.57
CA PHE A 1516 -4.61 12.65 5.86
C PHE A 1516 -5.35 11.76 6.85
N MET A 1517 -6.52 11.32 6.43
CA MET A 1517 -7.34 10.39 7.21
C MET A 1517 -7.57 9.13 6.38
N LYS A 1518 -7.87 8.02 7.06
CA LYS A 1518 -8.10 6.76 6.37
C LYS A 1518 -9.56 6.34 6.43
N ASP A 1519 -10.11 6.09 7.62
CA ASP A 1519 -11.56 6.00 7.79
C ASP A 1519 -12.02 6.97 8.87
N ASP A 1520 -11.46 6.87 10.06
CA ASP A 1520 -11.59 7.87 11.11
C ASP A 1520 -10.24 8.14 11.76
N ILE A 1521 -9.16 7.59 11.21
CA ILE A 1521 -7.84 7.65 11.80
C ILE A 1521 -7.09 8.79 11.14
N ASN A 1522 -6.96 9.91 11.85
CA ASN A 1522 -6.13 11.00 11.40
C ASN A 1522 -4.66 10.62 11.45
N THR A 1523 -3.90 11.11 10.47
CA THR A 1523 -2.48 10.80 10.39
C THR A 1523 -1.72 12.05 9.99
N ILE A 1524 -0.80 12.48 10.84
CA ILE A 1524 0.01 13.67 10.62
C ILE A 1524 1.46 13.23 10.55
N THR A 1525 2.15 13.62 9.48
CA THR A 1525 3.55 13.26 9.29
C THR A 1525 4.38 14.51 9.06
N GLY A 1526 5.70 14.35 9.10
CA GLY A 1526 6.59 15.48 8.90
C GLY A 1526 8.04 15.19 9.16
N LYS A 1527 8.72 16.09 9.87
CA LYS A 1527 10.16 15.99 10.10
C LYS A 1527 10.50 16.77 11.36
N TYR A 1528 11.28 16.16 12.25
CA TYR A 1528 11.64 16.76 13.52
C TYR A 1528 13.15 16.83 13.65
N TYR A 1529 13.63 17.89 14.31
CA TYR A 1529 15.05 18.09 14.57
C TYR A 1529 15.31 17.89 16.05
N VAL A 1530 16.26 17.02 16.37
CA VAL A 1530 16.55 16.65 17.76
C VAL A 1530 17.40 17.75 18.39
N ASP A 1531 16.83 18.41 19.41
CA ASP A 1531 17.47 19.49 20.18
C ASP A 1531 17.93 20.62 19.27
N ASN A 1532 17.10 20.97 18.28
CA ASN A 1532 17.31 22.05 17.32
C ASN A 1532 18.62 21.89 16.54
N ASN A 1533 18.95 20.66 16.21
CA ASN A 1533 20.12 20.34 15.40
C ASN A 1533 19.67 19.99 14.00
N THR A 1534 20.27 20.63 13.00
CA THR A 1534 19.87 20.40 11.61
C THR A 1534 20.29 19.01 11.15
N ASP A 1535 21.45 18.53 11.59
CA ASP A 1535 21.93 17.22 11.17
C ASP A 1535 21.20 16.09 11.87
N LYS A 1536 20.54 16.36 13.00
CA LYS A 1536 19.80 15.32 13.73
C LYS A 1536 18.32 15.38 13.33
N SER A 1537 18.07 14.98 12.08
CA SER A 1537 16.75 15.05 11.48
C SER A 1537 16.06 13.69 11.58
N ILE A 1538 14.91 13.66 12.24
CA ILE A 1538 14.13 12.44 12.42
C ILE A 1538 12.73 12.66 11.84
N ASP A 1539 12.28 11.72 11.01
CA ASP A 1539 10.93 11.77 10.50
C ASP A 1539 9.97 11.11 11.49
N PHE A 1540 8.67 11.35 11.28
CA PHE A 1540 7.67 10.80 12.18
C PHE A 1540 6.34 10.73 11.46
N SER A 1541 5.53 9.75 11.86
CA SER A 1541 4.12 9.70 11.53
C SER A 1541 3.36 9.58 12.83
N ILE A 1542 2.34 10.42 13.01
CA ILE A 1542 1.70 10.55 14.31
C ILE A 1542 0.19 10.52 14.13
N SER A 1543 -0.51 10.15 15.20
CA SER A 1543 -1.96 10.11 15.22
C SER A 1543 -2.44 10.49 16.60
N LEU A 1544 -3.54 11.22 16.65
CA LEU A 1544 -4.04 11.78 17.90
C LEU A 1544 -5.25 10.99 18.39
N VAL A 1545 -5.25 10.62 19.66
CA VAL A 1545 -6.27 9.79 20.25
C VAL A 1545 -7.10 10.55 21.27
N SER A 1546 -6.44 11.17 22.25
CA SER A 1546 -7.14 11.86 23.32
C SER A 1546 -6.28 13.04 23.77
N LYS A 1547 -6.58 13.57 24.96
CA LYS A 1547 -5.85 14.73 25.48
C LYS A 1547 -4.43 14.37 25.87
N ASN A 1548 -4.23 13.18 26.42
CA ASN A 1548 -2.92 12.71 26.86
C ASN A 1548 -2.35 11.62 25.97
N GLN A 1549 -3.19 10.76 25.41
CA GLN A 1549 -2.72 9.66 24.59
C GLN A 1549 -2.51 10.14 23.16
N VAL A 1550 -1.31 9.88 22.62
CA VAL A 1550 -0.96 10.23 21.25
C VAL A 1550 -0.36 8.98 20.62
N LYS A 1551 -0.91 8.56 19.49
CA LYS A 1551 -0.48 7.34 18.83
C LYS A 1551 0.75 7.60 17.96
N VAL A 1552 1.79 6.79 18.16
CA VAL A 1552 3.02 6.86 17.37
C VAL A 1552 2.93 5.81 16.29
N ASN A 1553 3.08 6.23 15.04
CA ASN A 1553 2.95 5.29 13.92
C ASN A 1553 4.31 4.75 13.46
N GLY A 1554 5.17 5.62 12.97
CA GLY A 1554 6.43 5.16 12.41
C GLY A 1554 7.51 6.20 12.52
N LEU A 1555 8.76 5.72 12.58
CA LEU A 1555 9.93 6.58 12.75
C LEU A 1555 10.96 6.25 11.67
N TYR A 1556 11.58 7.28 11.11
CA TYR A 1556 12.68 7.14 10.17
C TYR A 1556 13.86 7.92 10.71
N LEU A 1557 15.03 7.29 10.74
CA LEU A 1557 16.20 7.83 11.41
C LEU A 1557 17.38 7.80 10.45
N ASN A 1558 18.09 8.92 10.32
CA ASN A 1558 19.29 8.96 9.50
C ASN A 1558 20.49 8.48 10.31
N GLU A 1559 21.71 8.75 9.83
CA GLU A 1559 22.91 8.12 10.38
C GLU A 1559 23.18 8.51 11.82
N SER A 1560 23.10 9.80 12.15
CA SER A 1560 23.48 10.25 13.48
C SER A 1560 22.44 9.84 14.52
N VAL A 1561 21.16 10.03 14.22
CA VAL A 1561 20.10 9.63 15.15
C VAL A 1561 20.04 8.11 15.28
N TYR A 1562 20.33 7.38 14.20
CA TYR A 1562 20.38 5.93 14.28
C TYR A 1562 21.56 5.44 15.10
N SER A 1563 22.70 6.13 15.03
CA SER A 1563 23.85 5.74 15.85
C SER A 1563 23.57 6.03 17.33
N SER A 1564 22.88 7.13 17.62
CA SER A 1564 22.45 7.40 18.99
C SER A 1564 21.46 6.36 19.47
N TYR A 1565 20.57 5.90 18.58
CA TYR A 1565 19.63 4.85 18.92
C TYR A 1565 20.33 3.52 19.18
N LEU A 1566 21.37 3.21 18.39
CA LEU A 1566 22.13 1.99 18.60
C LEU A 1566 22.90 2.03 19.91
N ASP A 1567 23.43 3.20 20.27
CA ASP A 1567 24.08 3.36 21.57
C ASP A 1567 23.08 3.20 22.71
N PHE A 1568 21.85 3.71 22.53
CA PHE A 1568 20.82 3.53 23.55
C PHE A 1568 20.39 2.07 23.66
N VAL A 1569 20.37 1.36 22.53
CA VAL A 1569 20.03 -0.06 22.52
C VAL A 1569 21.10 -0.88 23.24
N LYS A 1570 22.36 -0.61 22.93
CA LYS A 1570 23.46 -1.37 23.52
C LYS A 1570 23.63 -1.06 25.01
N ASN A 1571 23.36 0.18 25.42
CA ASN A 1571 23.52 0.53 26.83
C ASN A 1571 22.41 -0.01 27.72
N SER A 1572 21.33 -0.54 27.14
CA SER A 1572 20.26 -1.12 27.94
C SER A 1572 20.68 -2.49 28.48
N ASP A 1573 20.13 -2.84 29.64
CA ASP A 1573 20.45 -4.10 30.30
C ASP A 1573 19.41 -5.17 29.91
N GLY A 1574 19.50 -5.59 28.65
CA GLY A 1574 18.60 -6.59 28.13
C GLY A 1574 17.16 -6.14 28.02
N HIS A 1575 16.95 -4.87 27.66
CA HIS A 1575 15.62 -4.29 27.50
C HIS A 1575 15.37 -3.86 26.06
N HIS A 1576 15.80 -4.67 25.09
CA HIS A 1576 15.72 -4.32 23.69
C HIS A 1576 14.61 -5.05 22.95
N ASN A 1577 13.64 -5.60 23.67
CA ASN A 1577 12.59 -6.41 23.07
C ASN A 1577 11.20 -5.83 23.22
N THR A 1578 10.87 -5.32 24.40
CA THR A 1578 9.51 -4.90 24.71
C THR A 1578 9.18 -3.59 24.00
N SER A 1579 7.90 -3.34 23.73
CA SER A 1579 7.47 -2.08 23.15
C SER A 1579 7.52 -0.92 24.14
N ASN A 1580 7.57 -1.20 25.45
CA ASN A 1580 7.74 -0.14 26.43
C ASN A 1580 9.12 0.48 26.39
N PHE A 1581 10.09 -0.23 25.81
CA PHE A 1581 11.42 0.32 25.56
C PHE A 1581 11.36 1.52 24.61
N MET A 1582 10.47 1.47 23.62
CA MET A 1582 10.39 2.56 22.66
C MET A 1582 9.84 3.83 23.29
N ASN A 1583 8.99 3.70 24.32
CA ASN A 1583 8.55 4.87 25.07
C ASN A 1583 9.72 5.52 25.81
N LEU A 1584 10.64 4.70 26.32
CA LEU A 1584 11.84 5.24 26.96
C LEU A 1584 12.76 5.92 25.95
N PHE A 1585 12.88 5.37 24.75
CA PHE A 1585 13.68 6.05 23.72
C PHE A 1585 13.03 7.35 23.27
N LEU A 1586 11.69 7.37 23.18
CA LEU A 1586 11.01 8.61 22.83
C LEU A 1586 11.13 9.66 23.92
N ASP A 1587 11.12 9.24 25.19
CA ASP A 1587 11.39 10.19 26.28
C ASP A 1587 12.84 10.66 26.26
N ASN A 1588 13.76 9.81 25.82
CA ASN A 1588 15.16 10.23 25.67
C ASN A 1588 15.31 11.26 24.56
N ILE A 1589 14.59 11.09 23.45
CA ILE A 1589 14.69 12.01 22.33
C ILE A 1589 13.79 13.24 22.50
N SER A 1590 12.87 13.21 23.48
CA SER A 1590 12.03 14.34 23.89
C SER A 1590 11.13 14.83 22.74
N PHE A 1591 10.16 13.97 22.40
CA PHE A 1591 9.07 14.41 21.54
C PHE A 1591 8.10 15.38 22.22
N TRP A 1592 8.13 15.48 23.55
CA TRP A 1592 7.29 16.47 24.21
C TRP A 1592 7.73 17.89 23.91
N LYS A 1593 8.98 18.09 23.48
CA LYS A 1593 9.40 19.38 22.97
C LYS A 1593 8.76 19.69 21.63
N LEU A 1594 8.50 18.66 20.81
CA LEU A 1594 7.67 18.85 19.62
C LEU A 1594 6.25 19.19 20.00
N PHE A 1595 5.69 18.48 20.97
CA PHE A 1595 4.28 18.63 21.31
C PHE A 1595 4.03 19.66 22.41
N GLY A 1596 5.05 20.40 22.83
CA GLY A 1596 4.87 21.46 23.79
C GLY A 1596 4.89 21.01 25.23
N PHE A 1597 3.82 20.37 25.69
CA PHE A 1597 3.66 20.03 27.10
C PHE A 1597 4.07 18.58 27.35
N GLU A 1598 4.67 18.37 28.53
CA GLU A 1598 5.39 17.14 28.81
C GLU A 1598 4.48 15.95 29.11
N ASN A 1599 3.27 16.20 29.64
CA ASN A 1599 2.41 15.12 30.12
C ASN A 1599 1.68 14.45 28.95
N ILE A 1600 2.45 13.72 28.15
CA ILE A 1600 1.94 12.96 27.01
C ILE A 1600 2.53 11.56 27.08
N ASN A 1601 1.67 10.55 27.09
CA ASN A 1601 2.09 9.16 27.05
C ASN A 1601 1.86 8.57 25.65
N PHE A 1602 2.94 8.41 24.90
CA PHE A 1602 2.86 7.83 23.59
C PHE A 1602 2.58 6.33 23.67
N VAL A 1603 1.68 5.85 22.82
CA VAL A 1603 1.26 4.46 22.81
C VAL A 1603 1.85 3.76 21.60
N ILE A 1604 2.37 2.55 21.82
CA ILE A 1604 2.90 1.70 20.78
C ILE A 1604 1.90 0.57 20.54
N ASP A 1605 1.62 0.29 19.27
CA ASP A 1605 0.49 -0.55 18.91
C ASP A 1605 1.07 -1.65 18.02
N LYS A 1606 0.23 -2.44 17.34
CA LYS A 1606 0.65 -3.69 16.71
C LYS A 1606 1.65 -3.47 15.57
N TYR A 1607 1.44 -2.45 14.74
CA TYR A 1607 2.20 -2.33 13.50
C TYR A 1607 3.21 -1.19 13.53
N PHE A 1608 3.75 -0.86 14.70
CA PHE A 1608 4.76 0.19 14.81
C PHE A 1608 6.03 -0.23 14.09
N THR A 1609 6.66 0.72 13.42
CA THR A 1609 7.87 0.45 12.63
C THR A 1609 8.95 1.48 12.97
N LEU A 1610 10.19 1.17 12.55
CA LEU A 1610 11.32 2.04 12.83
C LEU A 1610 12.38 1.76 11.77
N VAL A 1611 12.46 2.62 10.77
CA VAL A 1611 13.37 2.43 9.65
C VAL A 1611 14.62 3.25 9.94
N GLY A 1612 15.68 2.58 10.39
CA GLY A 1612 16.95 3.24 10.61
C GLY A 1612 17.73 3.36 9.31
N LYS A 1613 18.94 3.89 9.43
CA LYS A 1613 19.84 3.97 8.29
C LYS A 1613 21.28 3.91 8.77
N THR A 1614 22.04 2.96 8.25
CA THR A 1614 23.46 2.83 8.58
C THR A 1614 24.29 3.60 7.57
N ASN A 1615 25.61 3.44 7.64
CA ASN A 1615 26.49 4.05 6.65
C ASN A 1615 26.35 3.37 5.30
N LEU A 1616 26.23 2.04 5.28
CA LEU A 1616 26.21 1.27 4.05
C LEU A 1616 24.81 0.97 3.55
N GLY A 1617 23.85 0.76 4.45
CA GLY A 1617 22.50 0.45 4.04
C GLY A 1617 21.45 0.88 5.04
N TYR A 1618 20.29 0.25 5.00
CA TYR A 1618 19.15 0.61 5.83
C TYR A 1618 18.62 -0.62 6.55
N VAL A 1619 18.25 -0.46 7.81
CA VAL A 1619 17.65 -1.52 8.60
C VAL A 1619 16.30 -1.01 9.11
N GLU A 1620 15.25 -1.81 8.91
CA GLU A 1620 13.94 -1.44 9.43
C GLU A 1620 13.44 -2.49 10.41
N PHE A 1621 12.73 -2.02 11.42
CA PHE A 1621 12.20 -2.81 12.51
C PHE A 1621 10.68 -2.76 12.45
N ILE A 1622 10.03 -3.65 13.18
CA ILE A 1622 8.57 -3.69 13.22
C ILE A 1622 8.14 -4.32 14.55
N CYS A 1623 6.96 -3.94 15.01
CA CYS A 1623 6.33 -4.56 16.16
C CYS A 1623 5.37 -5.64 15.67
N ASP A 1624 5.04 -6.58 16.56
CA ASP A 1624 4.21 -7.71 16.16
C ASP A 1624 3.01 -7.90 17.06
N ASN A 1625 2.34 -9.05 16.94
CA ASN A 1625 1.04 -9.26 17.58
C ASN A 1625 1.10 -9.34 19.09
N ASN A 1626 2.26 -9.66 19.68
CA ASN A 1626 2.39 -9.71 21.13
C ASN A 1626 3.24 -8.59 21.69
N LYS A 1627 3.36 -7.48 20.95
CA LYS A 1627 4.04 -6.24 21.35
C LYS A 1627 5.52 -6.50 21.66
N ASN A 1628 6.25 -6.87 20.61
CA ASN A 1628 7.69 -7.05 20.69
C ASN A 1628 8.32 -6.50 19.42
N ILE A 1629 9.53 -5.97 19.53
CA ILE A 1629 10.22 -5.36 18.39
C ILE A 1629 11.40 -6.23 18.01
N ASP A 1630 11.41 -6.68 16.76
CA ASP A 1630 12.53 -7.39 16.15
C ASP A 1630 12.74 -6.83 14.76
N ILE A 1631 13.80 -7.29 14.09
CA ILE A 1631 14.11 -6.81 12.76
C ILE A 1631 13.09 -7.35 11.76
N TYR A 1632 12.71 -6.53 10.79
CA TYR A 1632 11.93 -6.98 9.66
C TYR A 1632 12.79 -7.19 8.41
N PHE A 1633 13.64 -6.23 8.11
CA PHE A 1633 14.48 -6.28 6.90
C PHE A 1633 15.66 -5.36 7.13
N GLY A 1634 16.77 -5.66 6.45
CA GLY A 1634 17.99 -4.90 6.58
C GLY A 1634 18.95 -5.27 5.48
N GLU A 1635 19.58 -4.29 4.84
CA GLU A 1635 20.38 -4.58 3.65
C GLU A 1635 21.51 -3.56 3.56
N TRP A 1636 22.69 -3.92 4.04
CA TRP A 1636 23.88 -3.09 3.94
C TRP A 1636 24.79 -3.66 2.87
N LYS A 1637 25.17 -2.83 1.91
CA LYS A 1637 25.87 -3.25 0.71
C LYS A 1637 27.31 -2.73 0.74
N THR A 1638 28.24 -3.61 1.09
CA THR A 1638 29.67 -3.33 0.97
C THR A 1638 30.02 -3.34 -0.53
N SER A 1639 31.13 -2.67 -0.88
CA SER A 1639 31.55 -2.56 -2.27
C SER A 1639 31.91 -3.89 -2.92
N SER A 1640 32.20 -4.93 -2.13
CA SER A 1640 32.49 -6.25 -2.67
C SER A 1640 31.39 -7.27 -2.42
N SER A 1641 30.66 -7.16 -1.33
CA SER A 1641 29.65 -8.15 -0.95
C SER A 1641 28.36 -7.45 -0.55
N LYS A 1642 27.25 -8.17 -0.72
CA LYS A 1642 25.92 -7.67 -0.40
C LYS A 1642 25.32 -8.54 0.70
N SER A 1643 24.80 -7.91 1.74
CA SER A 1643 24.22 -8.61 2.88
C SER A 1643 22.75 -8.25 3.02
N THR A 1644 21.93 -9.25 3.34
CA THR A 1644 20.53 -9.09 3.68
C THR A 1644 20.26 -9.83 4.99
N ILE A 1645 19.06 -9.67 5.54
CA ILE A 1645 18.70 -10.51 6.68
C ILE A 1645 17.40 -11.25 6.42
N PHE A 1646 16.38 -10.55 5.92
CA PHE A 1646 15.10 -11.12 5.46
C PHE A 1646 14.41 -11.96 6.54
N SER A 1647 13.95 -11.27 7.59
CA SER A 1647 13.36 -11.96 8.74
C SER A 1647 12.12 -12.74 8.34
N GLY A 1648 12.16 -14.04 8.59
CA GLY A 1648 11.23 -14.98 8.01
C GLY A 1648 11.97 -16.27 7.68
N ASN A 1649 13.27 -16.14 7.41
CA ASN A 1649 14.13 -17.32 7.36
C ASN A 1649 14.77 -17.63 8.70
N GLY A 1650 14.52 -16.81 9.71
CA GLY A 1650 15.07 -16.99 11.02
C GLY A 1650 16.04 -15.94 11.48
N ARG A 1651 16.01 -14.74 10.87
CA ARG A 1651 16.96 -13.65 11.11
C ARG A 1651 18.40 -14.11 10.90
N ASN A 1652 18.68 -14.56 9.67
CA ASN A 1652 20.00 -15.05 9.30
C ASN A 1652 20.58 -14.13 8.23
N VAL A 1653 21.81 -13.69 8.44
CA VAL A 1653 22.46 -12.80 7.49
C VAL A 1653 23.05 -13.62 6.35
N VAL A 1654 22.71 -13.26 5.12
CA VAL A 1654 23.15 -13.98 3.94
C VAL A 1654 24.15 -13.09 3.19
N VAL A 1655 25.43 -13.31 3.44
CA VAL A 1655 26.48 -12.56 2.74
C VAL A 1655 26.65 -13.15 1.35
N GLU A 1656 26.60 -12.30 0.33
CA GLU A 1656 26.55 -12.75 -1.05
C GLU A 1656 27.36 -11.80 -1.92
N PRO A 1657 28.04 -12.31 -2.95
CA PRO A 1657 28.68 -11.42 -3.93
C PRO A 1657 27.67 -10.63 -4.72
N ILE A 1658 28.08 -9.44 -5.15
CA ILE A 1658 27.20 -8.52 -5.86
C ILE A 1658 27.05 -8.99 -7.30
N TYR A 1659 25.80 -9.04 -7.78
CA TYR A 1659 25.54 -9.43 -9.16
C TYR A 1659 26.02 -8.35 -10.12
N ASN A 1660 26.79 -8.76 -11.11
CA ASN A 1660 27.34 -7.82 -12.07
C ASN A 1660 26.29 -7.43 -13.10
N PRO A 1661 26.02 -6.14 -13.30
CA PRO A 1661 25.08 -5.72 -14.35
C PRO A 1661 25.60 -6.00 -15.75
N ASP A 1662 26.85 -5.60 -16.02
CA ASP A 1662 27.45 -5.83 -17.32
C ASP A 1662 27.87 -7.29 -17.45
N THR A 1663 27.46 -7.94 -18.53
CA THR A 1663 27.78 -9.35 -18.74
C THR A 1663 29.24 -9.52 -19.16
N GLY A 1664 29.74 -8.62 -20.00
CA GLY A 1664 31.10 -8.74 -20.48
C GLY A 1664 32.18 -8.33 -19.50
N GLU A 1665 31.81 -7.62 -18.44
CA GLU A 1665 32.78 -7.17 -17.45
C GLU A 1665 33.32 -8.35 -16.65
N ASP A 1666 34.55 -8.21 -16.17
CA ASP A 1666 35.18 -9.25 -15.37
C ASP A 1666 34.51 -9.35 -14.00
N ILE A 1667 34.35 -10.58 -13.53
CA ILE A 1667 33.61 -10.86 -12.30
C ILE A 1667 34.60 -10.88 -11.14
N SER A 1668 34.25 -10.19 -10.06
CA SER A 1668 35.11 -10.15 -8.87
C SER A 1668 35.13 -11.51 -8.19
N THR A 1669 36.27 -11.84 -7.60
CA THR A 1669 36.49 -13.14 -6.99
C THR A 1669 36.91 -13.03 -5.53
N SER A 1670 36.19 -12.22 -4.76
CA SER A 1670 36.53 -12.05 -3.35
C SER A 1670 35.27 -11.79 -2.54
N LEU A 1671 35.26 -12.29 -1.32
CA LEU A 1671 34.20 -12.04 -0.35
C LEU A 1671 34.82 -11.49 0.93
N ASP A 1672 34.16 -10.50 1.52
CA ASP A 1672 34.63 -9.90 2.75
C ASP A 1672 33.50 -9.89 3.77
N PHE A 1673 33.82 -10.21 5.02
CA PHE A 1673 32.87 -10.09 6.11
C PHE A 1673 33.56 -9.42 7.29
N SER A 1674 32.82 -8.54 7.96
CA SER A 1674 33.29 -7.90 9.17
C SER A 1674 32.12 -7.75 10.13
N TYR A 1675 32.44 -7.73 11.43
CA TYR A 1675 31.40 -7.61 12.45
C TYR A 1675 30.95 -6.17 12.67
N GLU A 1676 31.51 -5.23 11.92
CA GLU A 1676 31.17 -3.81 12.09
C GLU A 1676 29.71 -3.45 11.81
N PRO A 1677 29.04 -3.91 10.71
CA PRO A 1677 27.63 -3.52 10.55
C PRO A 1677 26.67 -4.20 11.51
N LEU A 1678 27.10 -5.20 12.26
CA LEU A 1678 26.26 -5.89 13.22
C LEU A 1678 26.25 -5.22 14.58
N TYR A 1679 26.92 -4.08 14.73
CA TYR A 1679 26.99 -3.40 16.02
C TYR A 1679 25.63 -2.81 16.38
N GLY A 1680 25.11 -3.19 17.53
CA GLY A 1680 23.83 -2.70 17.99
C GLY A 1680 22.68 -3.63 17.70
N ILE A 1681 22.69 -4.26 16.52
CA ILE A 1681 21.64 -5.18 16.12
C ILE A 1681 22.11 -6.62 16.17
N ASP A 1682 23.28 -6.90 16.76
CA ASP A 1682 23.72 -8.28 16.93
C ASP A 1682 22.89 -9.04 17.95
N ARG A 1683 22.14 -8.34 18.81
CA ARG A 1683 21.29 -9.01 19.78
C ARG A 1683 20.01 -9.56 19.18
N TYR A 1684 19.74 -9.29 17.91
CA TYR A 1684 18.59 -9.85 17.20
C TYR A 1684 18.96 -10.88 16.15
N ILE A 1685 20.23 -10.97 15.76
CA ILE A 1685 20.64 -11.77 14.61
C ILE A 1685 21.01 -13.17 15.07
N ASN A 1686 20.48 -14.18 14.37
CA ASN A 1686 20.67 -15.57 14.78
C ASN A 1686 22.05 -16.10 14.37
N LYS A 1687 22.29 -16.21 13.06
CA LYS A 1687 23.52 -16.76 12.51
C LYS A 1687 23.85 -16.00 11.23
N VAL A 1688 25.08 -16.17 10.75
CA VAL A 1688 25.53 -15.53 9.52
C VAL A 1688 25.90 -16.63 8.53
N LEU A 1689 25.31 -16.59 7.34
CA LEU A 1689 25.51 -17.62 6.32
C LEU A 1689 26.21 -16.98 5.13
N ILE A 1690 27.53 -17.14 5.07
CA ILE A 1690 28.29 -16.66 3.91
C ILE A 1690 28.04 -17.63 2.75
N ALA A 1691 27.55 -17.10 1.64
CA ALA A 1691 27.18 -17.91 0.48
C ALA A 1691 28.08 -17.55 -0.70
N PRO A 1692 29.18 -18.27 -0.91
CA PRO A 1692 30.04 -17.97 -2.05
C PRO A 1692 29.42 -18.41 -3.36
N ASP A 1693 29.99 -17.90 -4.44
CA ASP A 1693 29.46 -18.07 -5.79
C ASP A 1693 30.46 -18.87 -6.61
N LEU A 1694 30.21 -18.96 -7.91
CA LEU A 1694 31.13 -19.62 -8.83
C LEU A 1694 32.45 -18.87 -8.91
N TYR A 1695 32.40 -17.55 -8.98
CA TYR A 1695 33.60 -16.72 -8.99
C TYR A 1695 33.92 -16.24 -7.57
N THR A 1696 34.38 -17.17 -6.75
CA THR A 1696 34.81 -16.84 -5.39
C THR A 1696 35.93 -17.78 -4.99
N SER A 1697 37.13 -17.24 -4.81
CA SER A 1697 38.28 -18.02 -4.40
C SER A 1697 39.01 -17.40 -3.21
N LEU A 1698 38.42 -16.40 -2.57
CA LEU A 1698 39.06 -15.72 -1.45
C LEU A 1698 37.99 -15.19 -0.51
N ILE A 1699 38.09 -15.54 0.76
CA ILE A 1699 37.15 -15.11 1.78
C ILE A 1699 37.93 -14.44 2.90
N ASN A 1700 37.63 -13.18 3.18
CA ASN A 1700 38.24 -12.44 4.28
C ASN A 1700 37.19 -12.27 5.37
N ILE A 1701 37.51 -12.73 6.57
CA ILE A 1701 36.60 -12.60 7.72
C ILE A 1701 37.35 -11.80 8.78
N ASN A 1702 36.97 -10.54 8.95
CA ASN A 1702 37.61 -9.66 9.93
C ASN A 1702 37.01 -9.95 11.29
N THR A 1703 37.75 -10.66 12.13
CA THR A 1703 37.27 -11.09 13.43
C THR A 1703 37.78 -10.24 14.58
N ASN A 1704 38.42 -9.10 14.29
CA ASN A 1704 39.06 -8.29 15.30
C ASN A 1704 38.16 -7.19 15.87
N TYR A 1705 36.95 -7.04 15.33
CA TYR A 1705 36.01 -6.01 15.81
C TYR A 1705 35.47 -6.44 17.16
N TYR A 1706 36.02 -5.87 18.23
CA TYR A 1706 35.78 -6.34 19.59
C TYR A 1706 34.69 -5.58 20.33
N SER A 1707 34.09 -4.55 19.72
CA SER A 1707 33.16 -3.70 20.45
C SER A 1707 31.74 -4.25 20.49
N ASN A 1708 31.47 -5.37 19.83
CA ASN A 1708 30.16 -6.00 19.91
C ASN A 1708 30.00 -6.74 21.23
N GLU A 1709 28.76 -7.10 21.54
CA GLU A 1709 28.47 -7.88 22.73
C GLU A 1709 28.14 -9.34 22.42
N TYR A 1710 27.39 -9.59 21.36
CA TYR A 1710 27.04 -10.95 20.94
C TYR A 1710 27.63 -11.22 19.56
N TYR A 1711 28.33 -12.33 19.42
CA TYR A 1711 28.95 -12.70 18.15
C TYR A 1711 28.24 -13.91 17.57
N PRO A 1712 27.47 -13.76 16.50
CA PRO A 1712 26.82 -14.92 15.88
C PRO A 1712 27.85 -15.83 15.22
N GLU A 1713 27.54 -17.12 15.17
CA GLU A 1713 28.44 -18.03 14.49
C GLU A 1713 28.29 -17.86 12.99
N ILE A 1714 29.35 -18.16 12.25
CA ILE A 1714 29.40 -17.96 10.82
C ILE A 1714 29.40 -19.34 10.16
N ILE A 1715 28.41 -19.58 9.31
CA ILE A 1715 28.28 -20.84 8.59
C ILE A 1715 28.68 -20.56 7.14
N VAL A 1716 29.79 -21.15 6.72
CA VAL A 1716 30.31 -20.95 5.37
C VAL A 1716 29.79 -22.09 4.51
N LEU A 1717 29.05 -21.75 3.45
CA LEU A 1717 28.47 -22.76 2.59
C LEU A 1717 29.54 -23.39 1.71
N ASN A 1718 29.27 -24.61 1.26
CA ASN A 1718 30.20 -25.33 0.41
C ASN A 1718 30.12 -24.81 -1.01
N PRO A 1719 31.20 -24.30 -1.58
CA PRO A 1719 31.16 -23.83 -2.96
C PRO A 1719 31.41 -24.93 -3.98
N ASN A 1720 31.02 -24.66 -5.22
CA ASN A 1720 31.23 -25.56 -6.34
C ASN A 1720 31.94 -24.82 -7.48
N THR A 1721 33.01 -24.11 -7.14
CA THR A 1721 33.72 -23.29 -8.10
C THR A 1721 34.56 -24.16 -9.03
N PHE A 1722 35.03 -23.54 -10.11
CA PHE A 1722 36.01 -24.18 -10.99
C PHE A 1722 37.43 -24.01 -10.48
N HIS A 1723 37.64 -23.23 -9.43
CA HIS A 1723 38.98 -22.98 -8.90
C HIS A 1723 39.51 -24.22 -8.21
N LYS A 1724 40.84 -24.38 -8.25
CA LYS A 1724 41.47 -25.53 -7.62
C LYS A 1724 41.41 -25.44 -6.10
N LYS A 1725 41.73 -24.28 -5.54
CA LYS A 1725 41.67 -24.07 -4.11
C LYS A 1725 41.01 -22.72 -3.81
N VAL A 1726 40.10 -22.72 -2.84
CA VAL A 1726 39.48 -21.51 -2.34
C VAL A 1726 40.13 -21.17 -1.01
N ASN A 1727 40.24 -19.88 -0.72
CA ASN A 1727 41.06 -19.39 0.38
C ASN A 1727 40.19 -18.72 1.43
N ILE A 1728 40.40 -19.09 2.69
CA ILE A 1728 39.78 -18.43 3.84
C ILE A 1728 40.87 -17.64 4.54
N ASN A 1729 40.66 -16.34 4.70
CA ASN A 1729 41.69 -15.44 5.21
C ASN A 1729 41.21 -14.78 6.49
N LEU A 1730 41.48 -15.41 7.63
CA LEU A 1730 41.18 -14.82 8.92
C LEU A 1730 42.36 -13.98 9.38
N ASP A 1731 42.06 -12.81 9.95
CA ASP A 1731 43.11 -11.96 10.51
C ASP A 1731 43.21 -12.20 12.02
N SER A 1732 43.73 -13.37 12.36
CA SER A 1732 43.98 -13.75 13.74
C SER A 1732 45.12 -14.76 13.77
N SER A 1733 45.66 -14.96 14.97
CA SER A 1733 46.86 -15.76 15.11
C SER A 1733 46.56 -17.26 15.00
N SER A 1734 47.62 -18.05 14.89
CA SER A 1734 47.48 -19.50 14.71
C SER A 1734 46.99 -20.18 15.98
N PHE A 1735 47.30 -19.61 17.15
CA PHE A 1735 46.84 -20.18 18.40
C PHE A 1735 45.41 -19.70 18.67
N GLU A 1736 44.92 -19.90 19.91
CA GLU A 1736 43.57 -19.61 20.40
C GLU A 1736 42.44 -20.17 19.52
N TYR A 1737 42.74 -21.25 18.78
CA TYR A 1737 41.78 -21.99 17.99
C TYR A 1737 41.66 -23.42 18.46
N LYS A 1738 40.43 -23.89 18.58
CA LYS A 1738 40.11 -25.28 18.80
C LYS A 1738 39.18 -25.74 17.68
N TRP A 1739 39.46 -26.90 17.10
CA TRP A 1739 38.66 -27.43 16.01
C TRP A 1739 37.76 -28.55 16.52
N SER A 1740 36.73 -28.87 15.75
CA SER A 1740 35.81 -29.94 16.10
C SER A 1740 35.16 -30.48 14.83
N THR A 1741 34.17 -31.33 15.02
CA THR A 1741 33.41 -31.92 13.93
C THR A 1741 32.05 -32.33 14.46
N GLU A 1742 30.98 -31.78 13.88
CA GLU A 1742 29.62 -32.16 14.20
C GLU A 1742 29.01 -32.75 12.94
N GLY A 1743 29.17 -34.05 12.75
CA GLY A 1743 28.69 -34.66 11.52
C GLY A 1743 29.64 -34.44 10.37
N SER A 1744 29.25 -33.61 9.42
CA SER A 1744 30.04 -33.38 8.21
C SER A 1744 30.27 -31.90 7.97
N ASP A 1745 30.69 -31.18 9.01
CA ASP A 1745 31.13 -29.80 8.85
C ASP A 1745 32.30 -29.54 9.79
N PHE A 1746 33.10 -28.55 9.43
CA PHE A 1746 34.31 -28.23 10.17
C PHE A 1746 34.06 -27.01 11.05
N ILE A 1747 34.29 -27.15 12.34
CA ILE A 1747 34.00 -26.11 13.33
C ILE A 1747 35.32 -25.51 13.79
N LEU A 1748 35.43 -24.18 13.68
CA LEU A 1748 36.58 -23.43 14.18
C LEU A 1748 36.10 -22.45 15.24
N VAL A 1749 36.78 -22.40 16.38
CA VAL A 1749 36.34 -21.60 17.52
C VAL A 1749 37.47 -20.67 17.93
N ARG A 1750 37.18 -19.37 18.02
CA ARG A 1750 38.12 -18.38 18.55
C ARG A 1750 37.66 -18.01 19.95
N TYR A 1751 38.34 -18.51 20.96
CA TYR A 1751 38.04 -18.16 22.35
C TYR A 1751 39.22 -17.35 22.88
N LEU A 1752 38.96 -16.08 23.16
CA LEU A 1752 39.98 -15.21 23.72
C LEU A 1752 39.38 -14.40 24.87
N GLU A 1753 40.22 -14.14 25.86
CA GLU A 1753 39.83 -13.44 27.08
C GLU A 1753 40.53 -12.08 27.11
N GLU A 1754 39.75 -11.02 27.20
CA GLU A 1754 40.31 -9.67 27.28
C GLU A 1754 39.31 -8.74 27.97
N SER A 1755 39.85 -7.79 28.73
CA SER A 1755 39.10 -6.69 29.36
C SER A 1755 38.01 -7.18 30.31
N ASN A 1756 38.23 -8.37 30.90
CA ASN A 1756 37.24 -9.12 31.68
C ASN A 1756 35.94 -9.32 30.90
N LYS A 1757 36.07 -9.61 29.61
CA LYS A 1757 34.94 -9.85 28.73
C LYS A 1757 35.22 -11.09 27.91
N LYS A 1758 34.28 -12.04 27.92
CA LYS A 1758 34.47 -13.30 27.21
C LYS A 1758 34.01 -13.16 25.77
N ILE A 1759 34.88 -13.49 24.83
CA ILE A 1759 34.56 -13.47 23.41
C ILE A 1759 34.72 -14.90 22.88
N LEU A 1760 33.66 -15.42 22.26
CA LEU A 1760 33.66 -16.77 21.72
C LEU A 1760 33.21 -16.64 20.27
N GLN A 1761 34.17 -16.54 19.35
CA GLN A 1761 33.91 -16.43 17.93
C GLN A 1761 33.98 -17.81 17.31
N LYS A 1762 32.86 -18.28 16.76
CA LYS A 1762 32.74 -19.63 16.24
C LYS A 1762 32.52 -19.57 14.74
N ILE A 1763 33.33 -20.32 13.99
CA ILE A 1763 33.23 -20.39 12.54
C ILE A 1763 32.99 -21.83 12.14
N ARG A 1764 31.97 -22.06 11.33
CA ARG A 1764 31.60 -23.39 10.86
C ARG A 1764 31.63 -23.41 9.34
N ILE A 1765 32.25 -24.44 8.77
CA ILE A 1765 32.33 -24.60 7.32
C ILE A 1765 31.42 -25.76 6.95
N LYS A 1766 30.24 -25.45 6.42
CA LYS A 1766 29.18 -26.43 6.25
C LYS A 1766 29.45 -27.33 5.05
N GLY A 1767 29.29 -28.64 5.26
CA GLY A 1767 29.38 -29.61 4.19
C GLY A 1767 30.77 -29.77 3.59
N ILE A 1768 31.80 -29.82 4.42
CA ILE A 1768 33.18 -29.85 3.92
C ILE A 1768 33.84 -31.22 4.10
N LEU A 1769 33.28 -32.09 4.93
CA LEU A 1769 33.85 -33.41 5.17
C LEU A 1769 33.13 -34.51 4.40
N SER A 1770 32.28 -34.14 3.44
CA SER A 1770 31.50 -35.14 2.73
C SER A 1770 32.36 -35.94 1.75
N ASN A 1771 33.30 -35.28 1.09
CA ASN A 1771 34.16 -35.96 0.12
C ASN A 1771 35.50 -35.24 0.05
N THR A 1772 36.49 -35.94 -0.52
CA THR A 1772 37.85 -35.40 -0.55
C THR A 1772 38.00 -34.23 -1.52
N GLN A 1773 37.09 -34.09 -2.48
CA GLN A 1773 37.11 -32.91 -3.34
C GLN A 1773 36.82 -31.64 -2.55
N SER A 1774 35.80 -31.69 -1.68
CA SER A 1774 35.52 -30.55 -0.82
C SER A 1774 36.50 -30.45 0.33
N PHE A 1775 37.07 -31.58 0.76
CA PHE A 1775 38.03 -31.56 1.86
C PHE A 1775 39.36 -30.93 1.46
N ASN A 1776 39.83 -31.19 0.24
CA ASN A 1776 41.10 -30.65 -0.22
C ASN A 1776 40.95 -29.30 -0.92
N LYS A 1777 39.73 -28.80 -1.09
CA LYS A 1777 39.55 -27.51 -1.74
C LYS A 1777 39.89 -26.36 -0.80
N MET A 1778 39.56 -26.49 0.48
CA MET A 1778 39.72 -25.39 1.43
C MET A 1778 41.18 -25.24 1.84
N SER A 1779 41.63 -23.99 1.95
CA SER A 1779 42.94 -23.66 2.47
C SER A 1779 42.79 -22.37 3.28
N ILE A 1780 43.16 -22.41 4.55
CA ILE A 1780 42.83 -21.35 5.50
C ILE A 1780 44.08 -20.55 5.82
N ASP A 1781 43.98 -19.23 5.71
CA ASP A 1781 45.08 -18.31 5.97
C ASP A 1781 44.85 -17.60 7.30
N PHE A 1782 45.90 -17.47 8.08
CA PHE A 1782 45.85 -16.77 9.36
C PHE A 1782 46.73 -15.53 9.29
N LYS A 1783 46.87 -14.85 10.42
CA LYS A 1783 47.72 -13.67 10.47
C LYS A 1783 49.20 -14.03 10.40
N ASP A 1784 49.61 -15.04 11.17
CA ASP A 1784 51.02 -15.41 11.26
C ASP A 1784 51.42 -16.51 10.30
N ILE A 1785 50.50 -17.38 9.91
CA ILE A 1785 50.79 -18.45 8.97
C ILE A 1785 49.75 -18.41 7.85
N LYS A 1786 50.10 -19.00 6.70
CA LYS A 1786 49.26 -18.93 5.53
C LYS A 1786 49.36 -20.23 4.74
N LYS A 1787 48.35 -20.43 3.87
CA LYS A 1787 48.24 -21.59 2.97
C LYS A 1787 48.25 -22.92 3.73
N LEU A 1788 47.32 -23.05 4.67
CA LEU A 1788 47.21 -24.27 5.45
C LEU A 1788 46.31 -25.27 4.73
N SER A 1789 45.93 -26.33 5.43
CA SER A 1789 44.95 -27.29 4.93
C SER A 1789 44.18 -27.83 6.11
N LEU A 1790 43.00 -28.40 5.82
CA LEU A 1790 42.15 -28.95 6.86
C LEU A 1790 42.79 -30.17 7.51
N GLY A 1791 43.52 -30.96 6.73
CA GLY A 1791 44.27 -32.08 7.30
C GLY A 1791 45.40 -31.62 8.20
N TYR A 1792 46.07 -30.52 7.83
CA TYR A 1792 47.10 -29.93 8.67
C TYR A 1792 46.50 -29.41 9.98
N ILE A 1793 45.32 -28.80 9.91
CA ILE A 1793 44.66 -28.30 11.11
C ILE A 1793 44.24 -29.45 12.02
N MET A 1794 43.70 -30.52 11.43
CA MET A 1794 43.33 -31.70 12.21
C MET A 1794 44.55 -32.37 12.84
N SER A 1795 45.69 -32.35 12.16
CA SER A 1795 46.89 -32.96 12.73
C SER A 1795 47.52 -32.10 13.83
N ASN A 1796 47.47 -30.78 13.69
CA ASN A 1796 48.25 -29.91 14.57
C ASN A 1796 47.45 -29.27 15.69
N PHE A 1797 46.27 -28.72 15.39
CA PHE A 1797 45.56 -27.89 16.35
C PHE A 1797 44.88 -28.76 17.41
N LYS A 1798 44.54 -28.14 18.54
CA LYS A 1798 43.84 -28.84 19.60
C LYS A 1798 42.37 -29.01 19.24
N SER A 1799 41.80 -30.14 19.63
CA SER A 1799 40.42 -30.47 19.33
C SER A 1799 39.58 -30.43 20.60
N PHE A 1800 38.30 -30.09 20.44
CA PHE A 1800 37.37 -30.01 21.55
C PHE A 1800 36.04 -30.65 21.15
N ASN A 1801 35.29 -31.09 22.15
CA ASN A 1801 34.04 -31.80 21.94
C ASN A 1801 32.90 -30.78 21.80
N SER A 1802 32.39 -30.62 20.59
CA SER A 1802 31.29 -29.70 20.34
C SER A 1802 29.93 -30.36 20.47
N GLU A 1803 29.88 -31.64 20.83
CA GLU A 1803 28.62 -32.36 20.99
C GLU A 1803 27.94 -32.07 22.31
N ASN A 1804 28.59 -31.32 23.20
CA ASN A 1804 27.99 -30.87 24.45
C ASN A 1804 26.95 -29.78 24.26
N GLU A 1805 26.87 -29.20 23.06
CA GLU A 1805 25.96 -28.09 22.79
C GLU A 1805 24.54 -28.61 22.77
N LEU A 1806 23.86 -28.53 23.92
CA LEU A 1806 22.53 -29.10 24.08
C LEU A 1806 21.44 -28.25 23.44
N ASP A 1807 21.74 -27.00 23.09
CA ASP A 1807 20.70 -26.06 22.66
C ASP A 1807 20.37 -26.31 21.19
N ARG A 1808 19.58 -27.35 20.96
CA ARG A 1808 19.08 -27.69 19.63
C ARG A 1808 17.75 -26.98 19.38
N ASP A 1809 17.03 -27.40 18.35
CA ASP A 1809 15.77 -26.76 18.00
C ASP A 1809 14.67 -27.17 18.98
N HIS A 1810 13.93 -26.17 19.47
CA HIS A 1810 12.77 -26.37 20.31
C HIS A 1810 11.73 -25.32 19.94
N LEU A 1811 10.61 -25.29 20.67
CA LEU A 1811 9.59 -24.29 20.40
C LEU A 1811 8.98 -23.66 21.64
N GLY A 1812 9.12 -24.25 22.83
CA GLY A 1812 8.55 -23.65 24.03
C GLY A 1812 9.48 -23.70 25.22
N PHE A 1813 8.93 -23.54 26.43
CA PHE A 1813 9.68 -23.65 27.68
C PHE A 1813 10.41 -24.98 27.79
N LYS A 1814 11.73 -24.91 27.90
CA LYS A 1814 12.56 -26.08 28.04
C LYS A 1814 13.29 -26.02 29.38
N ILE A 1815 13.24 -27.11 30.12
CA ILE A 1815 13.70 -27.16 31.51
C ILE A 1815 14.87 -28.15 31.44
N ILE A 1816 15.67 -28.03 30.39
CA ILE A 1816 16.74 -28.97 30.03
C ILE A 1816 17.82 -29.12 31.11
N ASP A 1817 17.84 -28.25 32.10
CA ASP A 1817 18.75 -28.35 33.23
C ASP A 1817 18.00 -27.81 34.45
N ASN A 1818 18.74 -27.41 35.48
CA ASN A 1818 18.13 -26.62 36.55
C ASN A 1818 17.66 -25.25 36.04
N LYS A 1819 18.29 -24.75 34.98
CA LYS A 1819 17.90 -23.51 34.33
C LYS A 1819 16.74 -23.75 33.36
N THR A 1820 16.19 -22.67 32.83
CA THR A 1820 15.08 -22.75 31.89
C THR A 1820 15.18 -21.60 30.88
N TYR A 1821 14.66 -21.85 29.68
CA TYR A 1821 14.81 -20.95 28.54
C TYR A 1821 13.46 -20.72 27.86
N TYR A 1822 13.45 -20.06 26.70
CA TYR A 1822 12.19 -19.86 25.99
C TYR A 1822 12.10 -20.55 24.64
N TYR A 1823 13.12 -20.42 23.79
CA TYR A 1823 13.18 -21.03 22.45
C TYR A 1823 11.99 -20.60 21.59
N ASP A 1824 12.01 -19.33 21.20
CA ASP A 1824 10.88 -18.72 20.49
C ASP A 1824 10.74 -19.28 19.08
N GLU A 1825 9.85 -18.65 18.29
CA GLU A 1825 9.65 -19.04 16.91
C GLU A 1825 10.94 -18.87 16.11
N ASP A 1826 11.12 -19.75 15.13
CA ASP A 1826 12.35 -20.04 14.36
C ASP A 1826 13.59 -20.30 15.25
N SER A 1827 13.38 -20.70 16.51
CA SER A 1827 14.39 -21.24 17.43
C SER A 1827 15.56 -20.29 17.64
N LYS A 1828 15.25 -19.09 18.12
CA LYS A 1828 16.24 -18.02 18.20
C LYS A 1828 16.82 -17.81 19.59
N LEU A 1829 16.20 -18.39 20.64
CA LEU A 1829 16.66 -18.33 22.03
C LEU A 1829 16.79 -16.88 22.52
N VAL A 1830 15.61 -16.26 22.72
CA VAL A 1830 15.55 -14.87 23.14
C VAL A 1830 16.23 -14.67 24.50
N LYS A 1831 16.77 -13.46 24.71
CA LYS A 1831 17.77 -13.28 25.76
C LYS A 1831 17.62 -11.98 26.54
N GLY A 1832 16.49 -11.29 26.43
CA GLY A 1832 16.35 -10.01 27.09
C GLY A 1832 15.17 -10.02 28.05
N LEU A 1833 14.57 -8.85 28.21
CA LEU A 1833 13.32 -8.70 28.92
C LEU A 1833 12.20 -8.67 27.88
N ILE A 1834 11.43 -9.74 27.80
CA ILE A 1834 10.48 -9.94 26.72
C ILE A 1834 9.12 -10.29 27.32
N ASN A 1835 8.08 -10.05 26.55
CA ASN A 1835 6.73 -10.52 26.85
C ASN A 1835 6.31 -11.55 25.80
N ILE A 1836 5.72 -12.65 26.25
CA ILE A 1836 5.51 -13.81 25.41
C ILE A 1836 4.02 -14.02 25.08
N ASN A 1837 3.15 -14.04 26.09
CA ASN A 1837 1.72 -14.13 25.84
C ASN A 1837 1.00 -12.87 26.29
N ASN A 1838 1.04 -12.54 27.58
CA ASN A 1838 0.59 -11.24 28.05
C ASN A 1838 1.47 -10.67 29.15
N SER A 1839 2.36 -11.45 29.74
CA SER A 1839 3.14 -11.05 30.90
C SER A 1839 4.62 -10.93 30.53
N LEU A 1840 5.29 -10.02 31.22
CA LEU A 1840 6.70 -9.74 30.96
C LEU A 1840 7.58 -10.80 31.63
N PHE A 1841 8.59 -11.25 30.91
CA PHE A 1841 9.53 -12.23 31.42
C PHE A 1841 10.94 -11.67 31.26
N TYR A 1842 11.87 -12.17 32.07
CA TYR A 1842 13.26 -11.73 31.99
C TYR A 1842 14.18 -12.92 31.84
N PHE A 1843 14.97 -12.91 30.77
CA PHE A 1843 16.01 -13.91 30.54
C PHE A 1843 17.36 -13.21 30.62
N ASP A 1844 18.26 -13.78 31.41
CA ASP A 1844 19.52 -13.13 31.75
C ASP A 1844 20.42 -13.01 30.53
N PRO A 1845 20.88 -11.81 30.19
CA PRO A 1845 21.45 -11.56 28.85
C PRO A 1845 22.86 -12.08 28.62
N ILE A 1846 23.47 -12.78 29.58
CA ILE A 1846 24.78 -13.37 29.37
C ILE A 1846 24.77 -14.89 29.43
N GLU A 1847 23.74 -15.51 30.03
CA GLU A 1847 23.63 -16.95 30.05
C GLU A 1847 22.29 -17.46 29.51
N PHE A 1848 21.44 -16.57 29.01
CA PHE A 1848 20.20 -16.82 28.27
C PHE A 1848 19.10 -17.48 29.09
N ASN A 1849 19.30 -17.73 30.38
CA ASN A 1849 18.33 -18.46 31.17
C ASN A 1849 17.41 -17.51 31.93
N LEU A 1850 16.26 -18.04 32.34
CA LEU A 1850 15.28 -17.25 33.08
C LEU A 1850 15.73 -17.11 34.53
N VAL A 1851 15.67 -15.89 35.04
CA VAL A 1851 16.04 -15.60 36.43
C VAL A 1851 14.81 -15.03 37.14
N THR A 1852 14.70 -15.36 38.43
CA THR A 1852 13.58 -14.97 39.27
C THR A 1852 14.05 -14.04 40.38
N GLY A 1853 13.13 -13.69 41.27
CA GLY A 1853 13.46 -12.83 42.38
C GLY A 1853 13.53 -11.36 41.97
N TRP A 1854 14.22 -10.59 42.80
CA TRP A 1854 14.42 -9.17 42.52
C TRP A 1854 15.35 -8.99 41.34
N GLN A 1855 15.06 -8.00 40.51
CA GLN A 1855 15.91 -7.68 39.37
C GLN A 1855 15.90 -6.17 39.16
N THR A 1856 16.99 -5.67 38.59
CA THR A 1856 17.14 -4.25 38.28
C THR A 1856 17.59 -4.12 36.84
N ILE A 1857 16.81 -3.41 36.03
CA ILE A 1857 17.09 -3.22 34.61
C ILE A 1857 17.19 -1.72 34.36
N ASN A 1858 18.43 -1.26 34.15
CA ASN A 1858 18.77 0.15 33.90
C ASN A 1858 18.28 1.07 35.03
N GLY A 1859 18.48 0.63 36.26
CA GLY A 1859 18.12 1.41 37.43
C GLY A 1859 16.74 1.12 37.99
N LYS A 1860 15.76 0.90 37.11
CA LYS A 1860 14.41 0.61 37.55
C LYS A 1860 14.32 -0.79 38.13
N LYS A 1861 13.39 -0.98 39.06
CA LYS A 1861 13.27 -2.23 39.80
C LYS A 1861 12.02 -2.96 39.35
N TYR A 1862 12.19 -4.21 38.93
CA TYR A 1862 11.10 -5.13 38.63
C TYR A 1862 11.14 -6.28 39.63
N TYR A 1863 10.03 -6.98 39.75
CA TYR A 1863 9.98 -8.21 40.53
C TYR A 1863 9.41 -9.33 39.67
N PHE A 1864 10.02 -10.50 39.75
CA PHE A 1864 9.60 -11.65 38.96
C PHE A 1864 9.31 -12.82 39.89
N ASP A 1865 8.22 -13.53 39.61
CA ASP A 1865 7.73 -14.58 40.51
C ASP A 1865 8.65 -15.80 40.48
N ILE A 1866 8.81 -16.41 41.65
CA ILE A 1866 9.65 -17.61 41.75
C ILE A 1866 8.96 -18.81 41.12
N ASN A 1867 7.65 -18.92 41.29
CA ASN A 1867 6.93 -20.10 40.81
C ASN A 1867 6.78 -20.11 39.30
N THR A 1868 6.50 -18.94 38.70
CA THR A 1868 6.22 -18.86 37.28
C THR A 1868 7.33 -18.14 36.52
N GLY A 1869 7.67 -16.92 36.91
CA GLY A 1869 8.63 -16.10 36.20
C GLY A 1869 8.06 -14.82 35.63
N ALA A 1870 6.75 -14.62 35.70
CA ALA A 1870 6.13 -13.41 35.19
C ALA A 1870 6.38 -12.24 36.13
N ALA A 1871 6.30 -11.04 35.57
CA ALA A 1871 6.45 -9.82 36.36
C ALA A 1871 5.19 -9.56 37.17
N LEU A 1872 5.36 -9.24 38.44
CA LEU A 1872 4.21 -8.95 39.30
C LEU A 1872 3.65 -7.57 38.98
N ILE A 1873 2.33 -7.43 39.10
CA ILE A 1873 1.66 -6.23 38.62
C ILE A 1873 0.96 -5.48 39.75
N SER A 1874 0.08 -6.15 40.47
CA SER A 1874 -0.82 -5.45 41.39
C SER A 1874 -0.13 -5.22 42.73
N TYR A 1875 -0.91 -4.78 43.72
CA TYR A 1875 -0.44 -4.68 45.10
C TYR A 1875 -0.22 -6.09 45.65
N LYS A 1876 1.03 -6.46 45.86
CA LYS A 1876 1.36 -7.82 46.26
C LYS A 1876 2.19 -7.82 47.53
N ILE A 1877 2.04 -8.88 48.32
CA ILE A 1877 2.74 -9.03 49.59
C ILE A 1877 3.97 -9.90 49.34
N ILE A 1878 5.15 -9.35 49.60
CA ILE A 1878 6.41 -10.07 49.43
C ILE A 1878 7.11 -10.07 50.78
N ASN A 1879 7.23 -11.29 51.35
CA ASN A 1879 7.97 -11.54 52.59
C ASN A 1879 7.44 -10.72 53.76
N GLY A 1880 6.13 -10.51 53.79
CA GLY A 1880 5.51 -9.73 54.85
C GLY A 1880 5.51 -8.24 54.64
N LYS A 1881 6.12 -7.74 53.56
CA LYS A 1881 6.13 -6.33 53.23
C LYS A 1881 5.09 -6.06 52.15
N HIS A 1882 4.93 -4.78 51.81
CA HIS A 1882 3.94 -4.36 50.82
C HIS A 1882 4.62 -3.57 49.71
N PHE A 1883 4.30 -3.93 48.47
CA PHE A 1883 4.90 -3.29 47.30
C PHE A 1883 3.80 -3.00 46.29
N TYR A 1884 4.01 -1.94 45.51
CA TYR A 1884 3.07 -1.55 44.47
C TYR A 1884 3.82 -1.41 43.16
N PHE A 1885 3.29 -2.04 42.11
CA PHE A 1885 3.83 -1.94 40.76
C PHE A 1885 2.74 -1.42 39.84
N ASN A 1886 3.14 -0.94 38.66
CA ASN A 1886 2.17 -0.53 37.66
C ASN A 1886 1.89 -1.71 36.72
N ASN A 1887 1.22 -1.44 35.61
CA ASN A 1887 0.99 -2.48 34.62
C ASN A 1887 2.26 -2.87 33.88
N ASP A 1888 3.26 -1.99 33.83
CA ASP A 1888 4.53 -2.31 33.19
C ASP A 1888 5.40 -3.21 34.06
N GLY A 1889 5.10 -3.33 35.34
CA GLY A 1889 5.84 -4.22 36.22
C GLY A 1889 6.86 -3.56 37.10
N VAL A 1890 7.16 -2.28 36.89
CA VAL A 1890 8.17 -1.57 37.66
C VAL A 1890 7.52 -1.01 38.92
N MET A 1891 8.24 -1.06 40.04
CA MET A 1891 7.71 -0.52 41.28
C MET A 1891 7.68 1.00 41.22
N GLN A 1892 6.75 1.59 41.98
CA GLN A 1892 6.58 3.03 42.01
C GLN A 1892 6.67 3.52 43.44
N LEU A 1893 7.34 4.65 43.63
CA LEU A 1893 7.55 5.25 44.93
C LEU A 1893 6.57 6.40 45.10
N GLY A 1894 5.68 6.29 46.08
CA GLY A 1894 4.69 7.32 46.27
C GLY A 1894 3.53 6.83 47.12
N VAL A 1895 2.37 7.43 46.89
CA VAL A 1895 1.15 7.08 47.61
C VAL A 1895 0.19 6.42 46.63
N PHE A 1896 -0.16 5.16 46.89
CA PHE A 1896 -1.02 4.40 46.00
C PHE A 1896 -2.00 3.58 46.83
N LYS A 1897 -3.12 3.22 46.21
CA LYS A 1897 -4.25 2.61 46.90
C LYS A 1897 -4.19 1.10 46.77
N GLY A 1898 -4.29 0.41 47.90
CA GLY A 1898 -4.46 -1.03 47.92
C GLY A 1898 -5.86 -1.39 48.35
N PRO A 1899 -6.15 -2.71 48.43
CA PRO A 1899 -7.46 -3.13 48.96
C PRO A 1899 -7.70 -2.75 50.41
N ASP A 1900 -6.65 -2.69 51.23
CA ASP A 1900 -6.79 -2.24 52.60
C ASP A 1900 -6.90 -0.74 52.72
N GLY A 1901 -6.57 0.01 51.66
CA GLY A 1901 -6.63 1.44 51.62
C GLY A 1901 -5.38 2.01 50.99
N PHE A 1902 -5.26 3.33 51.07
CA PHE A 1902 -4.06 4.00 50.57
C PHE A 1902 -2.88 3.71 51.48
N GLU A 1903 -1.68 3.69 50.90
CA GLU A 1903 -0.47 3.48 51.67
C GLU A 1903 0.60 4.42 51.15
N TYR A 1904 1.74 4.46 51.85
CA TYR A 1904 2.87 5.29 51.47
C TYR A 1904 4.05 4.40 51.18
N PHE A 1905 4.57 4.45 49.96
CA PHE A 1905 5.72 3.66 49.53
C PHE A 1905 6.90 4.60 49.39
N ALA A 1906 7.69 4.71 50.44
CA ALA A 1906 8.82 5.60 50.63
C ALA A 1906 10.07 5.05 49.97
N PRO A 1907 11.02 5.93 49.60
CA PRO A 1907 12.33 5.43 49.14
C PRO A 1907 13.19 4.95 50.30
N ALA A 1908 14.38 4.44 49.98
CA ALA A 1908 15.32 4.01 51.00
C ALA A 1908 15.91 5.22 51.72
N ASN A 1909 16.51 4.95 52.90
CA ASN A 1909 17.09 5.94 53.80
C ASN A 1909 16.04 6.97 54.23
N THR A 1910 15.04 6.50 54.96
CA THR A 1910 13.94 7.30 55.45
C THR A 1910 13.87 7.16 56.97
N GLN A 1911 12.74 7.59 57.55
CA GLN A 1911 12.53 7.54 59.00
C GLN A 1911 12.63 6.12 59.54
N ASN A 1912 12.23 5.11 58.77
CA ASN A 1912 12.39 3.73 59.19
C ASN A 1912 13.61 3.06 58.57
N ASN A 1913 14.23 3.68 57.57
CA ASN A 1913 15.36 3.14 56.80
C ASN A 1913 15.02 1.77 56.21
N ASN A 1914 14.05 1.77 55.32
CA ASN A 1914 13.46 0.55 54.78
C ASN A 1914 14.18 0.13 53.51
N ILE A 1915 13.62 -0.86 52.81
CA ILE A 1915 13.94 -1.11 51.43
C ILE A 1915 13.07 -0.20 50.57
N GLU A 1916 13.44 -0.03 49.31
CA GLU A 1916 12.70 0.86 48.43
C GLU A 1916 11.32 0.29 48.11
N GLY A 1917 10.29 1.11 48.30
CA GLY A 1917 8.94 0.70 48.03
C GLY A 1917 8.21 0.03 49.18
N GLN A 1918 8.86 -0.16 50.32
CA GLN A 1918 8.22 -0.81 51.45
C GLN A 1918 7.25 0.15 52.13
N ALA A 1919 6.03 -0.33 52.38
CA ALA A 1919 5.00 0.50 53.01
C ALA A 1919 5.27 0.58 54.51
N ILE A 1920 5.94 1.65 54.93
CA ILE A 1920 6.31 1.83 56.33
C ILE A 1920 5.16 2.46 57.11
N VAL A 1921 5.30 2.46 58.44
CA VAL A 1921 4.33 3.13 59.29
C VAL A 1921 4.50 4.64 59.18
N TYR A 1922 3.37 5.35 59.17
CA TYR A 1922 3.36 6.80 58.98
C TYR A 1922 2.04 7.29 59.54
N GLN A 1923 2.08 8.03 60.65
CA GLN A 1923 0.86 8.40 61.35
C GLN A 1923 0.87 9.86 61.77
N SER A 1924 -0.30 10.49 61.61
CA SER A 1924 -0.65 11.77 62.26
C SER A 1924 0.28 12.92 61.86
N LYS A 1925 0.61 13.01 60.57
CA LYS A 1925 1.41 14.12 60.10
C LYS A 1925 1.06 14.40 58.64
N PHE A 1926 1.27 15.65 58.24
CA PHE A 1926 1.01 16.06 56.86
C PHE A 1926 2.20 15.68 55.99
N LEU A 1927 1.93 14.89 54.95
CA LEU A 1927 2.96 14.49 54.01
C LEU A 1927 2.81 15.30 52.73
N THR A 1928 3.90 15.97 52.34
CA THR A 1928 3.95 16.71 51.09
C THR A 1928 4.87 15.97 50.13
N LEU A 1929 4.33 15.56 48.98
CA LEU A 1929 5.08 14.78 48.00
C LEU A 1929 4.80 15.37 46.62
N ASN A 1930 5.85 15.97 46.03
CA ASN A 1930 5.81 16.59 44.70
C ASN A 1930 4.76 17.70 44.62
N GLY A 1931 4.58 18.44 45.71
CA GLY A 1931 3.67 19.56 45.75
C GLY A 1931 2.27 19.24 46.25
N LYS A 1932 1.92 17.96 46.37
CA LYS A 1932 0.60 17.58 46.85
C LYS A 1932 0.59 17.53 48.38
N LYS A 1933 -0.54 17.12 48.94
CA LYS A 1933 -0.68 17.04 50.39
C LYS A 1933 -1.44 15.78 50.78
N TYR A 1934 -0.95 15.09 51.80
CA TYR A 1934 -1.58 13.88 52.28
C TYR A 1934 -1.63 13.92 53.80
N TYR A 1935 -2.66 13.31 54.37
CA TYR A 1935 -2.77 13.18 55.82
C TYR A 1935 -3.05 11.74 56.17
N PHE A 1936 -2.40 11.25 57.22
CA PHE A 1936 -2.52 9.87 57.65
C PHE A 1936 -3.13 9.82 59.05
N ASP A 1937 -3.92 8.78 59.29
CA ASP A 1937 -4.61 8.59 60.56
C ASP A 1937 -3.68 7.97 61.59
N ASN A 1938 -4.26 7.45 62.69
CA ASN A 1938 -3.46 6.69 63.66
C ASN A 1938 -2.87 5.44 63.05
N ASP A 1939 -3.55 4.85 62.06
CA ASP A 1939 -3.00 3.74 61.29
C ASP A 1939 -2.09 4.29 60.20
N SER A 1940 -1.69 3.43 59.26
CA SER A 1940 -0.75 3.79 58.21
C SER A 1940 -1.43 4.06 56.88
N LYS A 1941 -2.67 4.54 56.90
CA LYS A 1941 -3.46 4.73 55.70
C LYS A 1941 -3.84 6.19 55.54
N ALA A 1942 -3.74 6.69 54.31
CA ALA A 1942 -4.18 8.05 54.03
C ALA A 1942 -5.69 8.15 54.09
N VAL A 1943 -6.18 9.31 54.52
CA VAL A 1943 -7.60 9.48 54.78
C VAL A 1943 -8.25 10.09 53.54
N THR A 1944 -9.58 9.94 53.47
CA THR A 1944 -10.37 10.42 52.33
C THR A 1944 -11.57 11.20 52.84
N GLY A 1945 -12.10 12.05 51.97
CA GLY A 1945 -13.28 12.83 52.31
C GLY A 1945 -12.94 14.01 53.21
N TRP A 1946 -13.98 14.55 53.83
CA TRP A 1946 -13.81 15.65 54.77
C TRP A 1946 -13.09 15.17 56.03
N ARG A 1947 -12.14 15.96 56.50
CA ARG A 1947 -11.36 15.62 57.68
C ARG A 1947 -11.16 16.86 58.53
N ILE A 1948 -11.21 16.67 59.85
CA ILE A 1948 -11.02 17.75 60.81
C ILE A 1948 -9.73 17.46 61.58
N ILE A 1949 -8.73 18.31 61.40
CA ILE A 1949 -7.56 18.34 62.27
C ILE A 1949 -7.31 19.78 62.68
N ASN A 1950 -7.20 20.01 64.00
CA ASN A 1950 -6.97 21.32 64.62
C ASN A 1950 -8.05 22.35 64.24
N ASN A 1951 -9.26 21.87 63.96
CA ASN A 1951 -10.43 22.66 63.54
C ASN A 1951 -10.11 23.53 62.32
N GLU A 1952 -9.80 22.86 61.20
CA GLU A 1952 -9.42 23.54 59.97
C GLU A 1952 -10.24 23.18 58.76
N LYS A 1953 -11.04 22.11 58.81
CA LYS A 1953 -11.95 21.65 57.74
C LYS A 1953 -11.16 21.37 56.45
N TYR A 1954 -10.34 20.32 56.52
CA TYR A 1954 -9.62 19.81 55.37
C TYR A 1954 -10.50 18.89 54.55
N TYR A 1955 -10.19 18.79 53.25
CA TYR A 1955 -10.91 17.88 52.36
C TYR A 1955 -9.92 17.12 51.49
N PHE A 1956 -10.19 15.82 51.32
CA PHE A 1956 -9.34 14.95 50.52
C PHE A 1956 -10.19 14.17 49.54
N ASN A 1957 -9.61 13.94 48.35
CA ASN A 1957 -10.32 13.21 47.31
C ASN A 1957 -10.48 11.74 47.68
N PRO A 1958 -11.61 11.12 47.32
CA PRO A 1958 -11.80 9.70 47.68
C PRO A 1958 -10.95 8.74 46.86
N ASN A 1959 -10.47 9.15 45.69
CA ASN A 1959 -9.69 8.27 44.83
C ASN A 1959 -8.23 8.68 44.74
N ASN A 1960 -7.84 9.80 45.34
CA ASN A 1960 -6.45 10.26 45.31
C ASN A 1960 -5.89 10.62 46.67
N ALA A 1961 -6.74 10.97 47.65
CA ALA A 1961 -6.35 11.47 48.97
C ALA A 1961 -5.44 12.70 48.88
N ILE A 1962 -5.70 13.55 47.89
CA ILE A 1962 -4.95 14.78 47.67
C ILE A 1962 -5.84 15.95 48.05
N ALA A 1963 -5.29 16.87 48.84
CA ALA A 1963 -6.04 18.03 49.30
C ALA A 1963 -6.32 18.98 48.12
N ALA A 1964 -7.38 19.77 48.30
CA ALA A 1964 -7.88 20.61 47.22
C ALA A 1964 -6.96 21.82 47.00
N VAL A 1965 -7.13 22.44 45.83
CA VAL A 1965 -6.30 23.57 45.41
C VAL A 1965 -7.12 24.84 45.29
N GLY A 1966 -8.22 24.80 44.53
CA GLY A 1966 -9.02 25.99 44.32
C GLY A 1966 -10.50 25.75 44.53
N LEU A 1967 -11.33 26.16 43.56
CA LEU A 1967 -12.76 25.89 43.64
C LEU A 1967 -13.02 24.40 43.45
N GLN A 1968 -13.81 23.83 44.36
CA GLN A 1968 -14.08 22.39 44.34
C GLN A 1968 -15.54 22.16 44.71
N VAL A 1969 -16.35 21.81 43.72
CA VAL A 1969 -17.75 21.47 43.95
C VAL A 1969 -17.81 20.01 44.39
N ILE A 1970 -18.44 19.75 45.54
CA ILE A 1970 -18.52 18.39 46.05
C ILE A 1970 -19.59 17.60 45.31
N ASP A 1971 -20.85 17.94 45.54
CA ASP A 1971 -21.93 17.38 44.75
C ASP A 1971 -22.70 18.47 44.02
N ASN A 1972 -23.08 19.52 44.74
CA ASN A 1972 -23.67 20.71 44.14
C ASN A 1972 -23.20 22.02 44.77
N ASN A 1973 -22.70 21.99 46.00
CA ASN A 1973 -22.30 23.21 46.68
C ASN A 1973 -20.88 23.59 46.31
N LYS A 1974 -20.66 24.89 46.10
CA LYS A 1974 -19.34 25.37 45.77
C LYS A 1974 -18.50 25.55 47.03
N TYR A 1975 -17.19 25.64 46.83
CA TYR A 1975 -16.25 25.78 47.92
C TYR A 1975 -15.02 26.51 47.41
N TYR A 1976 -14.22 27.01 48.34
CA TYR A 1976 -12.90 27.54 48.02
C TYR A 1976 -11.89 27.01 49.03
N PHE A 1977 -10.72 26.65 48.53
CA PHE A 1977 -9.63 26.18 49.38
C PHE A 1977 -8.39 27.01 49.05
N ASN A 1978 -7.63 27.35 50.09
CA ASN A 1978 -6.47 28.22 49.91
C ASN A 1978 -5.34 27.47 49.24
N PRO A 1979 -4.81 27.94 48.12
CA PRO A 1979 -3.60 27.34 47.55
C PRO A 1979 -2.39 27.56 48.47
N ASP A 1980 -1.46 26.60 48.40
CA ASP A 1980 -0.21 26.48 49.15
C ASP A 1980 -0.41 26.23 50.65
N THR A 1981 -1.65 26.16 51.14
CA THR A 1981 -1.92 25.80 52.52
C THR A 1981 -3.04 24.77 52.67
N ALA A 1982 -3.92 24.63 51.68
CA ALA A 1982 -5.01 23.66 51.61
C ALA A 1982 -6.03 23.80 52.74
N ILE A 1983 -6.10 24.96 53.38
CA ILE A 1983 -7.08 25.24 54.41
C ILE A 1983 -8.26 25.97 53.77
N ILE A 1984 -9.47 25.63 54.18
CA ILE A 1984 -10.66 26.30 53.66
C ILE A 1984 -10.70 27.74 54.15
N SER A 1985 -11.28 28.61 53.33
CA SER A 1985 -11.39 30.03 53.65
C SER A 1985 -12.85 30.46 53.57
N LYS A 1986 -13.27 31.29 54.51
CA LYS A 1986 -14.63 31.81 54.56
C LYS A 1986 -14.60 33.33 54.41
N GLY A 1987 -15.70 33.86 53.88
CA GLY A 1987 -15.81 35.29 53.70
C GLY A 1987 -15.65 35.72 52.25
N TRP A 1988 -15.16 36.94 52.04
CA TRP A 1988 -14.98 37.47 50.70
C TRP A 1988 -13.65 36.97 50.14
N GLN A 1989 -13.72 36.04 49.19
CA GLN A 1989 -12.54 35.49 48.54
C GLN A 1989 -12.57 35.84 47.06
N THR A 1990 -11.49 36.46 46.59
CA THR A 1990 -11.36 36.84 45.19
C THR A 1990 -10.48 35.82 44.49
N VAL A 1991 -11.06 35.01 43.62
CA VAL A 1991 -10.35 33.98 42.89
C VAL A 1991 -10.63 34.16 41.40
N ASN A 1992 -9.57 34.10 40.59
CA ASN A 1992 -9.60 34.17 39.13
C ASN A 1992 -10.23 35.47 38.62
N GLY A 1993 -10.00 36.57 39.33
CA GLY A 1993 -10.55 37.84 38.92
C GLY A 1993 -12.05 37.99 39.14
N SER A 1994 -12.62 37.18 40.03
CA SER A 1994 -14.05 37.22 40.31
C SER A 1994 -14.26 37.29 41.82
N ARG A 1995 -15.35 37.92 42.22
CA ARG A 1995 -15.66 38.14 43.63
C ARG A 1995 -16.62 37.06 44.11
N TYR A 1996 -16.31 36.45 45.25
CA TYR A 1996 -17.13 35.40 45.84
C TYR A 1996 -17.33 35.71 47.32
N TYR A 1997 -18.42 35.19 47.87
CA TYR A 1997 -18.66 35.25 49.31
C TYR A 1997 -19.10 33.86 49.77
N PHE A 1998 -18.74 33.52 51.00
CA PHE A 1998 -18.99 32.20 51.55
C PHE A 1998 -19.64 32.30 52.91
N ASP A 1999 -20.27 31.20 53.32
CA ASP A 1999 -20.88 31.12 54.64
C ASP A 1999 -19.82 31.05 55.73
N THR A 2000 -20.26 31.30 56.96
CA THR A 2000 -19.39 31.14 58.12
C THR A 2000 -19.61 29.80 58.80
N ASP A 2001 -20.87 29.38 58.94
CA ASP A 2001 -21.16 28.12 59.61
C ASP A 2001 -20.82 26.91 58.73
N THR A 2002 -21.14 26.98 57.44
CA THR A 2002 -20.97 25.84 56.55
C THR A 2002 -20.03 26.09 55.39
N ALA A 2003 -19.57 27.34 55.20
CA ALA A 2003 -18.63 27.75 54.14
C ALA A 2003 -19.13 27.39 52.74
N ILE A 2004 -20.42 27.62 52.50
CA ILE A 2004 -21.04 27.41 51.19
C ILE A 2004 -21.16 28.77 50.51
N ALA A 2005 -20.80 28.82 49.24
CA ALA A 2005 -21.00 30.04 48.46
C ALA A 2005 -22.48 30.29 48.25
N PHE A 2006 -22.90 31.54 48.46
CA PHE A 2006 -24.31 31.89 48.43
C PHE A 2006 -24.83 31.97 47.00
N ASN A 2007 -26.13 31.70 46.86
CA ASN A 2007 -26.83 31.76 45.58
C ASN A 2007 -28.13 32.53 45.79
N GLY A 2008 -28.27 33.65 45.07
CA GLY A 2008 -29.44 34.49 45.22
C GLY A 2008 -29.14 35.74 46.00
N TYR A 2009 -30.20 36.54 46.21
CA TYR A 2009 -30.07 37.77 47.00
C TYR A 2009 -29.93 37.42 48.47
N LYS A 2010 -28.99 38.08 49.14
CA LYS A 2010 -28.64 37.76 50.51
C LYS A 2010 -28.73 39.01 51.37
N THR A 2011 -29.14 38.81 52.63
CA THR A 2011 -29.30 39.89 53.59
C THR A 2011 -28.11 40.03 54.54
N ILE A 2012 -26.91 39.72 54.05
CA ILE A 2012 -25.71 39.77 54.89
C ILE A 2012 -25.33 41.22 55.18
N ASP A 2013 -25.17 41.54 56.46
CA ASP A 2013 -24.72 42.83 56.99
C ASP A 2013 -25.68 43.98 56.65
N GLY A 2014 -26.92 43.66 56.29
CA GLY A 2014 -27.92 44.67 55.94
C GLY A 2014 -27.59 45.50 54.71
N LYS A 2015 -27.02 44.87 53.69
CA LYS A 2015 -26.60 45.61 52.49
C LYS A 2015 -27.15 45.06 51.19
N HIS A 2016 -27.86 43.92 51.22
CA HIS A 2016 -28.59 43.32 50.09
C HIS A 2016 -27.67 43.02 48.92
N PHE A 2017 -26.76 42.08 49.14
CA PHE A 2017 -25.93 41.56 48.08
C PHE A 2017 -26.70 40.52 47.26
N TYR A 2018 -26.48 40.51 45.95
CA TYR A 2018 -27.17 39.61 45.04
C TYR A 2018 -26.17 38.75 44.29
N PHE A 2019 -26.49 37.45 44.18
CA PHE A 2019 -25.66 36.49 43.49
C PHE A 2019 -26.50 35.68 42.51
N ASP A 2020 -25.83 35.06 41.55
CA ASP A 2020 -26.46 34.23 40.54
C ASP A 2020 -26.30 32.76 40.98
N SER A 2021 -26.84 31.84 40.17
CA SER A 2021 -26.59 30.42 40.40
C SER A 2021 -25.11 30.09 40.26
N ASP A 2022 -24.45 30.68 39.27
CA ASP A 2022 -22.99 30.79 39.33
C ASP A 2022 -22.65 31.86 40.36
N CYS A 2023 -21.71 31.55 41.24
CA CYS A 2023 -21.51 32.35 42.46
C CYS A 2023 -20.64 33.59 42.24
N VAL A 2024 -20.48 34.05 41.00
CA VAL A 2024 -19.83 35.33 40.74
C VAL A 2024 -20.77 36.46 41.18
N VAL A 2025 -20.19 37.60 41.53
CA VAL A 2025 -20.98 38.74 41.95
C VAL A 2025 -21.71 39.33 40.74
N LYS A 2026 -22.88 39.93 40.99
CA LYS A 2026 -23.72 40.48 39.94
C LYS A 2026 -23.68 42.00 39.99
N ILE A 2027 -23.64 42.62 38.81
CA ILE A 2027 -23.61 44.06 38.67
C ILE A 2027 -24.75 44.48 37.75
N GLY A 2028 -25.61 45.38 38.23
CA GLY A 2028 -26.72 45.90 37.48
C GLY A 2028 -27.97 45.91 38.32
N VAL A 2029 -29.12 46.05 37.67
CA VAL A 2029 -30.41 46.04 38.35
C VAL A 2029 -31.07 44.68 38.11
N PHE A 2030 -31.64 44.12 39.18
CA PHE A 2030 -32.24 42.79 39.13
C PHE A 2030 -33.54 42.78 39.90
N SER A 2031 -34.43 41.88 39.51
CA SER A 2031 -35.73 41.75 40.16
C SER A 2031 -35.55 41.00 41.47
N THR A 2032 -35.62 41.72 42.58
CA THR A 2032 -35.47 41.14 43.91
C THR A 2032 -36.84 40.96 44.55
N SER A 2033 -36.84 40.58 45.84
CA SER A 2033 -38.09 40.45 46.56
C SER A 2033 -38.73 41.80 46.82
N ASN A 2034 -37.92 42.82 47.10
CA ASN A 2034 -38.46 44.16 47.29
C ASN A 2034 -38.85 44.81 45.97
N GLY A 2035 -38.22 44.39 44.87
CA GLY A 2035 -38.51 44.95 43.57
C GLY A 2035 -37.28 44.99 42.68
N PHE A 2036 -36.99 46.14 42.09
CA PHE A 2036 -35.82 46.31 41.23
C PHE A 2036 -34.84 47.25 41.94
N GLU A 2037 -33.86 46.65 42.62
CA GLU A 2037 -32.91 47.40 43.43
C GLU A 2037 -31.55 47.37 42.75
N TYR A 2038 -30.91 48.52 42.65
CA TYR A 2038 -29.62 48.64 41.99
C TYR A 2038 -28.51 48.03 42.83
N PHE A 2039 -27.53 47.44 42.16
CA PHE A 2039 -26.31 46.95 42.79
C PHE A 2039 -25.13 47.60 42.10
N ALA A 2040 -24.23 48.17 42.88
CA ALA A 2040 -23.22 49.07 42.35
C ALA A 2040 -21.85 48.42 42.28
N PRO A 2041 -20.99 48.86 41.36
CA PRO A 2041 -19.60 48.41 41.37
C PRO A 2041 -18.78 49.09 42.46
N ALA A 2042 -17.47 48.81 42.49
CA ALA A 2042 -16.60 49.36 43.52
C ALA A 2042 -16.36 50.85 43.30
N ASN A 2043 -16.24 51.59 44.41
CA ASN A 2043 -15.86 53.01 44.46
C ASN A 2043 -16.85 53.91 43.72
N THR A 2044 -18.11 53.51 43.62
CA THR A 2044 -19.15 54.42 43.17
C THR A 2044 -19.66 55.27 44.32
N TYR A 2045 -20.21 54.61 45.34
CA TYR A 2045 -20.44 55.23 46.63
C TYR A 2045 -19.10 55.44 47.34
N ASN A 2046 -19.10 56.32 48.35
CA ASN A 2046 -17.85 56.68 49.02
C ASN A 2046 -17.28 55.52 49.84
N ASN A 2047 -18.12 54.58 50.26
CA ASN A 2047 -17.65 53.35 50.89
C ASN A 2047 -18.62 52.21 50.52
N ASN A 2048 -18.32 51.52 49.42
CA ASN A 2048 -19.19 50.48 48.92
C ASN A 2048 -18.37 49.27 48.51
N ILE A 2049 -18.97 48.11 48.67
CA ILE A 2049 -18.44 46.85 48.17
C ILE A 2049 -19.04 46.65 46.78
N GLU A 2050 -18.24 46.13 45.84
CA GLU A 2050 -18.71 45.82 44.50
C GLU A 2050 -19.81 44.76 44.55
N GLY A 2051 -21.04 45.18 44.27
CA GLY A 2051 -22.20 44.31 44.41
C GLY A 2051 -23.14 44.66 45.54
N GLN A 2052 -22.93 45.79 46.21
CA GLN A 2052 -23.75 46.21 47.34
C GLN A 2052 -24.80 47.22 46.88
N ALA A 2053 -26.03 47.02 47.33
CA ALA A 2053 -27.10 47.98 47.04
C ALA A 2053 -26.82 49.31 47.74
N ILE A 2054 -27.20 50.40 47.09
CA ILE A 2054 -26.82 51.74 47.56
C ILE A 2054 -28.04 52.63 47.74
N VAL A 2055 -27.79 53.90 48.05
CA VAL A 2055 -28.83 54.85 48.42
C VAL A 2055 -29.04 55.81 47.24
N TYR A 2056 -28.78 55.30 46.04
CA TYR A 2056 -28.96 56.06 44.80
C TYR A 2056 -30.44 56.40 44.60
N GLN A 2057 -30.72 57.70 44.43
CA GLN A 2057 -32.09 58.20 44.47
C GLN A 2057 -32.29 59.25 43.38
N SER A 2058 -33.30 59.02 42.54
CA SER A 2058 -33.88 60.03 41.64
C SER A 2058 -32.86 60.59 40.64
N LYS A 2059 -32.03 59.72 40.07
CA LYS A 2059 -31.05 60.15 39.09
C LYS A 2059 -31.02 59.15 37.94
N PHE A 2060 -30.66 59.64 36.77
CA PHE A 2060 -30.54 58.78 35.59
C PHE A 2060 -29.23 58.02 35.63
N LEU A 2061 -29.29 56.73 35.32
CA LEU A 2061 -28.13 55.85 35.38
C LEU A 2061 -27.94 55.17 34.03
N THR A 2062 -26.69 55.11 33.58
CA THR A 2062 -26.36 54.52 32.28
C THR A 2062 -25.20 53.56 32.46
N LEU A 2063 -25.45 52.28 32.22
CA LEU A 2063 -24.42 51.25 32.25
C LEU A 2063 -24.52 50.43 30.97
N ASN A 2064 -23.48 50.52 30.13
CA ASN A 2064 -23.37 49.84 28.84
C ASN A 2064 -24.54 50.21 27.92
N GLY A 2065 -24.66 51.51 27.66
CA GLY A 2065 -25.65 52.02 26.71
C GLY A 2065 -27.08 52.18 27.18
N LYS A 2066 -27.62 51.17 27.87
CA LYS A 2066 -29.01 51.21 28.31
C LYS A 2066 -29.17 52.15 29.51
N LYS A 2067 -30.31 52.82 29.57
CA LYS A 2067 -30.58 53.82 30.58
C LYS A 2067 -31.88 53.51 31.31
N TYR A 2068 -31.94 53.88 32.59
CA TYR A 2068 -33.16 53.78 33.37
C TYR A 2068 -33.08 54.77 34.53
N TYR A 2069 -34.25 55.09 35.08
CA TYR A 2069 -34.41 56.18 36.03
C TYR A 2069 -34.91 55.65 37.37
N PHE A 2070 -34.48 56.31 38.44
CA PHE A 2070 -34.78 55.90 39.81
C PHE A 2070 -35.85 56.80 40.41
N ASP A 2071 -36.11 56.58 41.70
CA ASP A 2071 -37.11 57.34 42.44
C ASP A 2071 -36.52 57.66 43.81
N ASN A 2072 -37.38 58.17 44.70
CA ASN A 2072 -36.95 58.59 46.03
C ASN A 2072 -36.91 57.44 47.04
N ASN A 2073 -37.31 56.24 46.65
CA ASN A 2073 -37.28 55.08 47.54
C ASN A 2073 -36.09 54.16 47.27
N SER A 2074 -35.08 54.66 46.54
CA SER A 2074 -33.89 53.90 46.13
C SER A 2074 -34.25 52.64 45.35
N LYS A 2075 -35.24 52.76 44.47
CA LYS A 2075 -35.72 51.65 43.66
C LYS A 2075 -35.80 52.09 42.20
N ALA A 2076 -35.89 51.11 41.31
CA ALA A 2076 -36.02 51.36 39.87
C ALA A 2076 -37.49 51.27 39.48
N VAL A 2077 -37.95 52.28 38.75
CA VAL A 2077 -39.35 52.37 38.33
C VAL A 2077 -39.47 51.70 36.96
N THR A 2078 -40.69 51.32 36.59
CA THR A 2078 -40.92 50.59 35.35
C THR A 2078 -42.13 51.10 34.54
N GLY A 2079 -42.74 52.21 34.95
CA GLY A 2079 -43.90 52.75 34.27
C GLY A 2079 -43.53 53.69 33.15
N LEU A 2080 -44.51 54.47 32.71
CA LEU A 2080 -44.25 55.50 31.71
C LEU A 2080 -43.55 56.69 32.35
N GLN A 2081 -44.25 57.37 33.27
CA GLN A 2081 -43.76 58.39 34.23
C GLN A 2081 -42.90 59.47 33.54
N THR A 2082 -43.58 60.30 32.76
CA THR A 2082 -42.90 61.36 32.04
C THR A 2082 -42.29 62.40 32.97
N ILE A 2083 -41.09 62.87 32.63
CA ILE A 2083 -40.39 63.91 33.35
C ILE A 2083 -40.11 65.05 32.38
N ASP A 2084 -40.44 66.27 32.79
CA ASP A 2084 -40.35 67.54 32.02
C ASP A 2084 -40.82 67.39 30.58
N SER A 2085 -42.02 66.79 30.45
CA SER A 2085 -42.71 66.54 29.19
C SER A 2085 -41.91 65.64 28.23
N LYS A 2086 -41.08 64.76 28.79
CA LYS A 2086 -40.39 63.74 28.03
C LYS A 2086 -40.72 62.38 28.64
N LYS A 2087 -41.25 61.47 27.82
CA LYS A 2087 -41.69 60.17 28.29
C LYS A 2087 -40.55 59.17 28.19
N TYR A 2088 -40.32 58.44 29.29
CA TYR A 2088 -39.26 57.43 29.37
C TYR A 2088 -39.92 56.11 29.75
N TYR A 2089 -40.40 55.37 28.76
CA TYR A 2089 -41.04 54.09 29.03
C TYR A 2089 -40.00 53.04 29.36
N PHE A 2090 -40.27 52.25 30.39
CA PHE A 2090 -39.38 51.19 30.84
C PHE A 2090 -40.08 49.85 30.73
N ASN A 2091 -39.29 48.80 30.50
CA ASN A 2091 -39.84 47.47 30.34
C ASN A 2091 -40.32 46.92 31.69
N THR A 2092 -41.34 46.06 31.63
CA THR A 2092 -41.96 45.55 32.84
C THR A 2092 -41.12 44.51 33.57
N ASN A 2093 -40.16 43.90 32.91
CA ASN A 2093 -39.29 42.91 33.54
C ASN A 2093 -37.82 43.21 33.34
N THR A 2094 -37.43 43.74 32.19
CA THR A 2094 -36.04 44.09 31.95
C THR A 2094 -35.67 45.36 32.71
N ALA A 2095 -36.65 46.24 32.94
CA ALA A 2095 -36.51 47.54 33.62
C ALA A 2095 -35.47 48.43 32.94
N GLU A 2096 -35.45 48.40 31.61
CA GLU A 2096 -34.61 49.29 30.81
C GLU A 2096 -35.49 50.07 29.84
N ALA A 2097 -34.98 51.20 29.38
CA ALA A 2097 -35.74 52.05 28.48
C ALA A 2097 -35.76 51.47 27.08
N ALA A 2098 -36.93 51.54 26.45
CA ALA A 2098 -37.10 51.01 25.10
C ALA A 2098 -36.39 51.90 24.10
N THR A 2099 -35.79 51.29 23.08
CA THR A 2099 -35.04 51.99 22.06
C THR A 2099 -35.57 51.58 20.69
N GLY A 2100 -36.00 52.54 19.90
CA GLY A 2100 -36.49 52.26 18.56
C GLY A 2100 -37.99 52.10 18.48
N TRP A 2101 -38.46 51.32 17.51
CA TRP A 2101 -39.88 51.09 17.35
C TRP A 2101 -40.42 50.19 18.44
N GLN A 2102 -41.58 50.54 18.98
CA GLN A 2102 -42.24 49.76 20.00
C GLN A 2102 -43.74 49.85 19.81
N THR A 2103 -44.39 48.69 19.70
CA THR A 2103 -45.84 48.60 19.56
C THR A 2103 -46.40 48.21 20.91
N ILE A 2104 -46.72 49.21 21.74
CA ILE A 2104 -47.20 49.00 23.09
C ILE A 2104 -48.67 49.36 23.13
N ASP A 2105 -49.49 48.40 23.61
CA ASP A 2105 -50.95 48.54 23.77
C ASP A 2105 -51.64 48.90 22.46
N GLY A 2106 -51.15 48.36 21.36
CA GLY A 2106 -51.74 48.59 20.06
C GLY A 2106 -51.39 49.92 19.41
N LYS A 2107 -50.54 50.72 20.04
CA LYS A 2107 -50.17 52.03 19.52
C LYS A 2107 -48.67 52.06 19.23
N LYS A 2108 -48.25 53.06 18.46
CA LYS A 2108 -46.88 53.18 18.00
C LYS A 2108 -46.17 54.30 18.76
N TYR A 2109 -45.02 53.98 19.34
CA TYR A 2109 -44.14 54.97 19.96
C TYR A 2109 -42.72 54.72 19.48
N TYR A 2110 -41.99 55.81 19.24
CA TYR A 2110 -40.59 55.72 18.83
C TYR A 2110 -39.73 56.51 19.80
N PHE A 2111 -38.75 55.84 20.40
CA PHE A 2111 -37.75 56.46 21.24
C PHE A 2111 -36.42 56.47 20.51
N ASN A 2112 -35.53 57.36 20.95
CA ASN A 2112 -34.28 57.58 20.25
C ASN A 2112 -33.27 56.48 20.60
N THR A 2113 -32.07 56.59 20.02
CA THR A 2113 -31.03 55.59 20.21
C THR A 2113 -30.05 55.99 21.32
N ASN A 2114 -29.42 57.16 21.19
CA ASN A 2114 -28.48 57.61 22.21
C ASN A 2114 -29.21 58.02 23.49
N THR A 2115 -30.27 58.81 23.36
CA THR A 2115 -31.16 59.13 24.47
C THR A 2115 -32.41 58.25 24.36
N ALA A 2116 -33.34 58.42 25.29
CA ALA A 2116 -34.45 57.48 25.38
C ALA A 2116 -35.77 58.20 25.63
N GLU A 2117 -36.00 59.31 24.93
CA GLU A 2117 -37.27 60.00 25.01
C GLU A 2117 -38.07 59.79 23.73
N ALA A 2118 -39.38 59.93 23.84
CA ALA A 2118 -40.27 59.76 22.70
C ALA A 2118 -40.23 61.02 21.84
N ALA A 2119 -39.83 60.88 20.58
CA ALA A 2119 -39.76 62.02 19.69
C ALA A 2119 -41.16 62.46 19.28
N THR A 2120 -41.36 63.79 19.25
CA THR A 2120 -42.64 64.37 18.91
C THR A 2120 -42.46 65.40 17.80
N GLY A 2121 -43.52 65.58 17.01
CA GLY A 2121 -43.51 66.56 15.94
C GLY A 2121 -43.19 65.98 14.59
N TRP A 2122 -42.64 66.81 13.70
CA TRP A 2122 -42.29 66.36 12.34
C TRP A 2122 -40.90 65.72 12.35
N GLN A 2123 -40.85 64.53 12.95
CA GLN A 2123 -39.60 63.80 13.13
C GLN A 2123 -39.48 62.77 12.03
N THR A 2124 -38.43 62.87 11.22
CA THR A 2124 -38.26 62.04 10.04
C THR A 2124 -37.22 60.96 10.29
N ILE A 2125 -37.53 59.73 9.91
CA ILE A 2125 -36.63 58.60 10.02
C ILE A 2125 -36.36 58.06 8.63
N ASP A 2126 -35.06 57.98 8.28
CA ASP A 2126 -34.46 57.43 7.04
C ASP A 2126 -35.27 57.72 5.77
N GLY A 2127 -35.65 58.98 5.61
CA GLY A 2127 -36.38 59.43 4.44
C GLY A 2127 -37.88 59.33 4.54
N LYS A 2128 -38.41 58.80 5.62
CA LYS A 2128 -39.85 58.65 5.81
C LYS A 2128 -40.31 59.62 6.89
N LYS A 2129 -41.24 60.50 6.54
CA LYS A 2129 -41.73 61.51 7.46
C LYS A 2129 -42.85 60.94 8.33
N TYR A 2130 -42.84 61.31 9.60
CA TYR A 2130 -43.84 60.87 10.55
C TYR A 2130 -44.36 62.08 11.32
N TYR A 2131 -45.49 61.90 11.99
CA TYR A 2131 -45.98 62.87 12.95
C TYR A 2131 -46.36 62.15 14.23
N PHE A 2132 -45.85 62.65 15.35
CA PHE A 2132 -46.20 62.17 16.68
C PHE A 2132 -46.94 63.26 17.42
N ASN A 2133 -47.94 62.86 18.20
CA ASN A 2133 -48.74 63.83 18.94
C ASN A 2133 -47.93 64.44 20.08
N THR A 2134 -48.20 65.72 20.36
CA THR A 2134 -47.42 66.43 21.37
C THR A 2134 -47.77 66.03 22.79
N ASN A 2135 -48.92 65.38 22.99
CA ASN A 2135 -49.35 65.00 24.34
C ASN A 2135 -49.38 63.50 24.58
N THR A 2136 -49.45 62.68 23.52
CA THR A 2136 -49.49 61.23 23.68
C THR A 2136 -48.36 60.49 22.98
N ALA A 2137 -47.61 61.16 22.08
CA ALA A 2137 -46.48 60.61 21.32
C ALA A 2137 -46.88 59.37 20.51
N ILE A 2138 -48.06 59.42 19.90
CA ILE A 2138 -48.59 58.34 19.09
C ILE A 2138 -48.54 58.75 17.64
N ALA A 2139 -47.97 57.89 16.79
CA ALA A 2139 -47.89 58.17 15.36
C ALA A 2139 -49.27 58.04 14.74
N SER A 2140 -49.72 59.11 14.08
CA SER A 2140 -51.05 59.10 13.45
C SER A 2140 -51.03 58.24 12.21
N THR A 2141 -52.08 57.43 12.05
CA THR A 2141 -52.16 56.44 10.98
C THR A 2141 -53.29 56.70 10.00
N GLY A 2142 -53.92 57.86 10.06
CA GLY A 2142 -55.03 58.18 9.17
C GLY A 2142 -55.09 59.67 8.90
N TYR A 2143 -56.30 60.18 8.77
CA TYR A 2143 -56.50 61.61 8.56
C TYR A 2143 -56.16 62.38 9.82
N THR A 2144 -55.39 63.45 9.68
CA THR A 2144 -54.93 64.24 10.82
C THR A 2144 -54.97 65.71 10.46
N ILE A 2145 -55.46 66.54 11.37
CA ILE A 2145 -55.49 67.98 11.21
C ILE A 2145 -54.41 68.57 12.11
N ILE A 2146 -53.42 69.22 11.52
CA ILE A 2146 -52.28 69.77 12.26
C ILE A 2146 -52.23 71.27 11.99
N ASN A 2147 -52.32 72.06 13.07
CA ASN A 2147 -52.35 73.53 13.13
C ASN A 2147 -53.21 74.20 12.07
N GLY A 2148 -54.35 73.59 11.74
CA GLY A 2148 -55.22 74.11 10.70
C GLY A 2148 -54.93 73.59 9.31
N LYS A 2149 -53.95 72.71 9.15
CA LYS A 2149 -53.63 72.09 7.87
C LYS A 2149 -53.88 70.60 7.94
N HIS A 2150 -54.21 70.01 6.80
CA HIS A 2150 -54.63 68.62 6.73
C HIS A 2150 -53.50 67.75 6.20
N PHE A 2151 -53.30 66.60 6.85
CA PHE A 2151 -52.27 65.65 6.45
C PHE A 2151 -52.85 64.23 6.46
N TYR A 2152 -52.34 63.39 5.57
CA TYR A 2152 -52.74 61.99 5.48
C TYR A 2152 -51.52 61.11 5.69
N PHE A 2153 -51.74 59.97 6.35
CA PHE A 2153 -50.69 59.03 6.66
C PHE A 2153 -51.17 57.62 6.35
N ASN A 2154 -50.22 56.73 6.06
CA ASN A 2154 -50.55 55.33 5.87
C ASN A 2154 -50.83 54.66 7.22
N THR A 2155 -51.29 53.40 7.16
CA THR A 2155 -51.59 52.66 8.37
C THR A 2155 -50.35 52.28 9.17
N ASP A 2156 -49.15 52.38 8.59
CA ASP A 2156 -47.91 52.22 9.32
C ASP A 2156 -47.36 53.54 9.83
N GLY A 2157 -48.05 54.65 9.58
CA GLY A 2157 -47.62 55.95 10.04
C GLY A 2157 -46.77 56.75 9.07
N ILE A 2158 -46.37 56.15 7.95
CA ILE A 2158 -45.51 56.83 6.99
C ILE A 2158 -46.35 57.82 6.19
N MET A 2159 -45.85 59.05 6.06
CA MET A 2159 -46.55 60.06 5.29
C MET A 2159 -46.45 59.75 3.81
N GLN A 2160 -47.55 60.01 3.08
CA GLN A 2160 -47.65 59.66 1.67
C GLN A 2160 -48.22 60.82 0.88
N ILE A 2161 -47.88 60.84 -0.41
CA ILE A 2161 -48.33 61.87 -1.34
C ILE A 2161 -49.28 61.22 -2.33
N GLY A 2162 -50.49 61.79 -2.45
CA GLY A 2162 -51.45 61.26 -3.40
C GLY A 2162 -52.82 61.87 -3.15
N VAL A 2163 -53.83 61.15 -3.63
CA VAL A 2163 -55.23 61.55 -3.45
C VAL A 2163 -55.89 60.48 -2.59
N PHE A 2164 -56.43 60.88 -1.45
CA PHE A 2164 -56.95 59.94 -0.47
C PHE A 2164 -58.30 60.44 0.04
N LYS A 2165 -59.02 59.54 0.69
CA LYS A 2165 -60.37 59.81 1.18
C LYS A 2165 -60.31 60.31 2.61
N GLY A 2166 -60.93 61.46 2.85
CA GLY A 2166 -60.99 62.04 4.17
C GLY A 2166 -62.41 62.11 4.70
N PRO A 2167 -62.62 62.94 5.72
CA PRO A 2167 -63.99 63.10 6.23
C PRO A 2167 -64.87 63.91 5.29
N ASN A 2168 -64.32 64.95 4.68
CA ASN A 2168 -65.09 65.72 3.70
C ASN A 2168 -65.23 64.96 2.39
N GLY A 2169 -64.19 64.25 1.98
CA GLY A 2169 -64.20 63.52 0.73
C GLY A 2169 -62.80 63.20 0.24
N PHE A 2170 -62.55 63.45 -1.05
CA PHE A 2170 -61.26 63.16 -1.67
C PHE A 2170 -60.50 64.47 -1.87
N GLU A 2171 -59.28 64.52 -1.33
CA GLU A 2171 -58.44 65.71 -1.41
C GLU A 2171 -57.07 65.34 -1.91
N TYR A 2172 -56.40 66.31 -2.53
CA TYR A 2172 -55.07 66.11 -3.10
C TYR A 2172 -54.02 66.62 -2.12
N PHE A 2173 -53.09 65.75 -1.74
CA PHE A 2173 -52.01 66.09 -0.81
C PHE A 2173 -50.75 66.32 -1.63
N ALA A 2174 -50.54 67.56 -2.04
CA ALA A 2174 -49.48 67.95 -2.95
C ALA A 2174 -48.12 67.97 -2.25
N PRO A 2175 -47.02 67.94 -3.03
CA PRO A 2175 -45.69 68.22 -2.43
C PRO A 2175 -45.52 69.69 -2.06
N ALA A 2176 -44.35 70.03 -1.52
CA ALA A 2176 -44.14 71.36 -0.95
C ALA A 2176 -44.03 72.43 -2.04
N ASN A 2177 -44.59 73.61 -1.73
CA ASN A 2177 -44.49 74.83 -2.53
C ASN A 2177 -45.07 74.67 -3.93
N THR A 2178 -46.08 73.79 -4.09
CA THR A 2178 -46.80 73.73 -5.34
C THR A 2178 -47.74 74.92 -5.48
N ASP A 2179 -48.38 75.33 -4.39
CA ASP A 2179 -49.29 76.47 -4.38
C ASP A 2179 -49.35 77.03 -2.97
N ALA A 2180 -49.27 78.36 -2.88
CA ALA A 2180 -49.44 79.14 -1.64
C ALA A 2180 -48.45 78.74 -0.55
N ASN A 2181 -47.22 78.38 -0.96
CA ASN A 2181 -46.09 78.09 -0.06
C ASN A 2181 -46.41 76.97 0.94
N ASN A 2182 -46.95 75.87 0.43
CA ASN A 2182 -47.33 74.76 1.28
C ASN A 2182 -46.11 73.92 1.63
N ILE A 2183 -46.32 72.90 2.47
CA ILE A 2183 -45.27 71.96 2.80
C ILE A 2183 -45.66 70.59 2.26
N GLU A 2184 -44.79 69.60 2.48
CA GLU A 2184 -45.06 68.25 2.02
C GLU A 2184 -46.23 67.64 2.76
N GLY A 2185 -47.16 67.03 2.01
CA GLY A 2185 -48.29 66.34 2.60
C GLY A 2185 -49.49 67.20 2.91
N GLN A 2186 -49.45 68.48 2.61
CA GLN A 2186 -50.57 69.37 2.90
C GLN A 2186 -51.62 69.27 1.80
N ALA A 2187 -52.89 69.22 2.21
CA ALA A 2187 -53.98 69.28 1.24
C ALA A 2187 -54.12 70.70 0.73
N ILE A 2188 -54.14 70.86 -0.59
CA ILE A 2188 -54.05 72.19 -1.19
C ILE A 2188 -55.33 72.53 -1.97
N LEU A 2189 -55.39 73.75 -2.48
CA LEU A 2189 -56.51 74.22 -3.29
C LEU A 2189 -56.22 73.86 -4.73
N TYR A 2190 -56.76 72.74 -5.19
CA TYR A 2190 -56.59 72.23 -6.55
C TYR A 2190 -57.96 72.13 -7.18
N GLN A 2191 -58.27 73.02 -8.12
CA GLN A 2191 -59.62 73.12 -8.67
C GLN A 2191 -59.60 73.20 -10.18
N ASN A 2192 -60.54 72.48 -10.80
CA ASN A 2192 -60.90 72.58 -12.22
C ASN A 2192 -59.73 72.23 -13.15
N GLU A 2193 -58.98 71.18 -12.79
CA GLU A 2193 -57.90 70.70 -13.63
C GLU A 2193 -57.65 69.23 -13.35
N PHE A 2194 -57.01 68.57 -14.32
CA PHE A 2194 -56.76 67.14 -14.26
C PHE A 2194 -55.52 66.84 -13.43
N LEU A 2195 -55.30 65.55 -13.17
CA LEU A 2195 -54.13 65.11 -12.43
C LEU A 2195 -53.80 63.69 -12.84
N THR A 2196 -52.51 63.36 -12.83
CA THR A 2196 -52.02 62.10 -13.39
C THR A 2196 -50.83 61.66 -12.54
N LEU A 2197 -51.05 60.74 -11.60
CA LEU A 2197 -49.95 60.27 -10.76
C LEU A 2197 -49.17 59.13 -11.40
N ASN A 2198 -49.76 57.93 -11.43
CA ASN A 2198 -49.17 56.82 -12.17
C ASN A 2198 -49.94 56.53 -13.44
N GLY A 2199 -50.03 57.51 -14.35
CA GLY A 2199 -50.86 57.33 -15.53
C GLY A 2199 -52.35 57.37 -15.27
N LYS A 2200 -52.79 57.74 -14.08
CA LYS A 2200 -54.20 57.76 -13.71
C LYS A 2200 -54.83 59.08 -14.16
N LYS A 2201 -56.13 59.22 -13.89
CA LYS A 2201 -56.85 60.44 -14.23
C LYS A 2201 -57.72 60.84 -13.04
N TYR A 2202 -57.37 61.95 -12.40
CA TYR A 2202 -58.16 62.53 -11.32
C TYR A 2202 -58.64 63.89 -11.76
N TYR A 2203 -59.93 64.16 -11.58
CA TYR A 2203 -60.50 65.47 -11.87
C TYR A 2203 -61.08 66.07 -10.60
N PHE A 2204 -60.73 67.32 -10.33
CA PHE A 2204 -61.13 68.01 -9.12
C PHE A 2204 -62.10 69.14 -9.46
N GLY A 2205 -63.18 69.24 -8.69
CA GLY A 2205 -64.20 70.23 -8.92
C GLY A 2205 -63.80 71.60 -8.43
N SER A 2206 -64.79 72.49 -8.39
CA SER A 2206 -64.55 73.87 -7.95
C SER A 2206 -64.27 73.95 -6.46
N ASP A 2207 -64.74 73.00 -5.66
CA ASP A 2207 -64.56 73.02 -4.21
C ASP A 2207 -63.32 72.25 -3.78
N SER A 2208 -62.35 72.07 -4.68
CA SER A 2208 -61.08 71.37 -4.44
C SER A 2208 -61.30 69.94 -3.94
N LYS A 2209 -62.33 69.28 -4.47
CA LYS A 2209 -62.62 67.88 -4.17
C LYS A 2209 -62.70 67.11 -5.47
N ALA A 2210 -62.25 65.86 -5.43
CA ALA A 2210 -62.24 65.03 -6.63
C ALA A 2210 -63.64 64.60 -7.01
N VAL A 2211 -63.95 64.69 -8.31
CA VAL A 2211 -65.28 64.36 -8.81
C VAL A 2211 -65.39 62.85 -8.93
N THR A 2212 -66.50 62.30 -8.44
CA THR A 2212 -66.83 60.90 -8.62
C THR A 2212 -68.10 60.78 -9.46
N GLY A 2213 -68.29 59.58 -10.04
CA GLY A 2213 -69.43 59.35 -10.89
C GLY A 2213 -69.24 59.91 -12.29
N TRP A 2214 -70.36 60.00 -13.01
CA TRP A 2214 -70.33 60.52 -14.37
C TRP A 2214 -70.10 62.03 -14.37
N ARG A 2215 -69.38 62.50 -15.39
CA ARG A 2215 -69.02 63.90 -15.47
C ARG A 2215 -68.77 64.27 -16.93
N ILE A 2216 -69.20 65.47 -17.31
CA ILE A 2216 -68.94 66.02 -18.64
C ILE A 2216 -67.81 67.03 -18.49
N ILE A 2217 -66.68 66.75 -19.12
CA ILE A 2217 -65.51 67.63 -19.10
C ILE A 2217 -65.12 67.89 -20.55
N ASN A 2218 -65.29 69.14 -21.00
CA ASN A 2218 -65.04 69.58 -22.37
C ASN A 2218 -65.80 68.73 -23.38
N ASN A 2219 -67.13 68.69 -23.18
CA ASN A 2219 -68.14 67.87 -23.86
C ASN A 2219 -67.71 66.43 -24.13
N LYS A 2220 -66.98 65.83 -23.19
CA LYS A 2220 -66.60 64.42 -23.24
C LYS A 2220 -66.95 63.79 -21.90
N LYS A 2221 -67.28 62.51 -21.92
CA LYS A 2221 -67.79 61.83 -20.74
C LYS A 2221 -66.72 60.93 -20.14
N TYR A 2222 -66.46 61.12 -18.84
CA TYR A 2222 -65.55 60.29 -18.07
C TYR A 2222 -66.33 59.73 -16.88
N TYR A 2223 -65.90 58.57 -16.39
CA TYR A 2223 -66.51 57.97 -15.21
C TYR A 2223 -65.43 57.67 -14.18
N PHE A 2224 -65.55 58.28 -13.01
CA PHE A 2224 -64.63 58.07 -11.90
C PHE A 2224 -65.33 57.20 -10.85
N ASN A 2225 -64.61 56.22 -10.31
CA ASN A 2225 -65.20 55.27 -9.40
C ASN A 2225 -65.55 55.93 -8.07
N PRO A 2226 -66.61 55.45 -7.40
CA PRO A 2226 -66.86 55.93 -6.02
C PRO A 2226 -65.83 55.47 -5.02
N ASN A 2227 -65.14 54.36 -5.29
CA ASN A 2227 -64.11 53.88 -4.37
C ASN A 2227 -62.88 54.79 -4.39
N ASN A 2228 -62.44 55.19 -5.58
CA ASN A 2228 -61.36 56.15 -5.74
C ASN A 2228 -61.53 56.84 -7.09
N ALA A 2229 -61.05 58.07 -7.19
CA ALA A 2229 -61.32 58.90 -8.36
C ALA A 2229 -60.42 58.51 -9.53
N ILE A 2230 -60.67 57.31 -10.05
CA ILE A 2230 -59.91 56.75 -11.17
C ILE A 2230 -60.85 56.67 -12.36
N ALA A 2231 -60.46 57.29 -13.47
CA ALA A 2231 -61.22 57.14 -14.70
C ALA A 2231 -61.01 55.74 -15.27
N ALA A 2232 -62.11 55.12 -15.69
CA ALA A 2232 -62.02 53.81 -16.31
C ALA A 2232 -61.41 53.92 -17.70
N ILE A 2233 -60.75 52.86 -18.15
CA ILE A 2233 -59.97 52.89 -19.37
C ILE A 2233 -60.30 51.73 -20.32
N HIS A 2234 -61.17 50.81 -19.93
CA HIS A 2234 -61.48 49.66 -20.77
C HIS A 2234 -62.93 49.28 -20.45
N LEU A 2235 -63.33 48.05 -20.79
CA LEU A 2235 -64.63 47.53 -20.41
C LEU A 2235 -64.78 47.48 -18.89
N CYS A 2236 -65.92 47.96 -18.41
CA CYS A 2236 -66.19 48.01 -16.98
C CYS A 2236 -67.70 47.91 -16.77
N THR A 2237 -68.08 47.46 -15.57
CA THR A 2237 -69.48 47.31 -15.21
C THR A 2237 -69.90 48.50 -14.35
N ILE A 2238 -70.77 49.34 -14.89
CA ILE A 2238 -71.25 50.54 -14.21
C ILE A 2238 -72.75 50.38 -14.00
N ASN A 2239 -73.15 50.22 -12.72
CA ASN A 2239 -74.51 49.93 -12.24
C ASN A 2239 -75.25 48.91 -13.11
N ASN A 2240 -74.65 47.71 -13.16
CA ASN A 2240 -75.15 46.55 -13.93
C ASN A 2240 -75.33 46.87 -15.41
N ASP A 2241 -74.33 47.53 -15.97
CA ASP A 2241 -74.31 47.86 -17.39
C ASP A 2241 -72.86 48.01 -17.82
N LYS A 2242 -72.57 47.61 -19.05
CA LYS A 2242 -71.20 47.59 -19.55
C LYS A 2242 -70.96 48.77 -20.49
N TYR A 2243 -69.84 49.46 -20.27
CA TYR A 2243 -69.45 50.63 -21.04
C TYR A 2243 -68.00 50.48 -21.47
N TYR A 2244 -67.62 51.17 -22.53
CA TYR A 2244 -66.25 51.12 -23.05
C TYR A 2244 -65.68 52.53 -23.09
N PHE A 2245 -64.56 52.72 -22.40
CA PHE A 2245 -63.82 53.97 -22.42
C PHE A 2245 -62.48 53.76 -23.09
N SER A 2246 -61.92 54.84 -23.65
CA SER A 2246 -60.68 54.76 -24.40
C SER A 2246 -59.49 54.71 -23.43
N TYR A 2247 -58.28 54.87 -23.96
CA TYR A 2247 -57.09 54.74 -23.13
C TYR A 2247 -56.89 55.90 -22.16
N ASP A 2248 -57.52 57.05 -22.42
CA ASP A 2248 -57.45 58.20 -21.52
C ASP A 2248 -58.75 58.47 -20.79
N GLY A 2249 -59.75 57.60 -20.91
CA GLY A 2249 -60.98 57.71 -20.16
C GLY A 2249 -62.17 58.27 -20.91
N ILE A 2250 -62.03 58.64 -22.17
CA ILE A 2250 -63.14 59.21 -22.92
C ILE A 2250 -64.11 58.11 -23.34
N LEU A 2251 -65.40 58.38 -23.20
CA LEU A 2251 -66.44 57.45 -23.64
C LEU A 2251 -66.47 57.33 -25.15
N GLN A 2252 -66.68 56.10 -25.64
CA GLN A 2252 -66.64 55.82 -27.06
C GLN A 2252 -67.91 55.10 -27.49
N ASN A 2253 -68.24 55.24 -28.76
CA ASN A 2253 -69.45 54.71 -29.36
C ASN A 2253 -69.09 53.83 -30.55
N GLY A 2254 -70.11 53.37 -31.28
CA GLY A 2254 -69.89 52.69 -32.53
C GLY A 2254 -69.46 51.25 -32.36
N TYR A 2255 -68.95 50.70 -33.46
CA TYR A 2255 -68.58 49.29 -33.55
C TYR A 2255 -67.17 49.11 -33.02
N ILE A 2256 -67.04 48.46 -31.86
CA ILE A 2256 -65.78 48.33 -31.14
C ILE A 2256 -65.51 46.86 -30.90
N THR A 2257 -64.29 46.41 -31.19
CA THR A 2257 -63.88 45.06 -30.83
C THR A 2257 -63.22 45.06 -29.47
N ILE A 2258 -63.35 43.93 -28.77
CA ILE A 2258 -62.76 43.69 -27.46
C ILE A 2258 -62.30 42.24 -27.44
N GLU A 2259 -60.97 42.03 -27.42
CA GLU A 2259 -60.33 40.72 -27.29
C GLU A 2259 -60.73 39.75 -28.40
N ARG A 2260 -60.51 40.20 -29.64
CA ARG A 2260 -60.72 39.46 -30.89
C ARG A 2260 -62.19 39.09 -31.12
N ASN A 2261 -63.12 39.75 -30.44
CA ASN A 2261 -64.55 39.53 -30.59
C ASN A 2261 -65.23 40.87 -30.83
N ASN A 2262 -66.06 40.93 -31.86
CA ASN A 2262 -66.69 42.19 -32.23
C ASN A 2262 -67.91 42.45 -31.37
N PHE A 2263 -67.99 43.66 -30.82
CA PHE A 2263 -69.08 44.07 -29.94
C PHE A 2263 -69.76 45.30 -30.53
N TYR A 2264 -70.75 45.83 -29.81
CA TYR A 2264 -71.38 47.07 -30.22
C TYR A 2264 -71.85 47.83 -29.00
N PHE A 2265 -71.72 49.16 -29.07
CA PHE A 2265 -72.10 50.07 -27.99
C PHE A 2265 -72.91 51.20 -28.63
N ASP A 2266 -74.23 51.14 -28.49
CA ASP A 2266 -75.12 52.05 -29.20
C ASP A 2266 -75.10 53.43 -28.57
N ALA A 2267 -74.91 54.45 -29.40
CA ALA A 2267 -74.87 55.83 -28.93
C ALA A 2267 -76.24 56.43 -28.69
N ASN A 2268 -77.31 55.79 -29.17
CA ASN A 2268 -78.65 56.35 -29.04
C ASN A 2268 -79.21 56.22 -27.63
N ASN A 2269 -78.70 55.29 -26.81
CA ASN A 2269 -79.18 55.08 -25.45
C ASN A 2269 -77.99 55.08 -24.49
N GLU A 2270 -77.60 56.29 -24.07
CA GLU A 2270 -76.57 56.60 -23.05
C GLU A 2270 -75.26 55.83 -23.21
N SER A 2271 -74.92 55.50 -24.46
CA SER A 2271 -73.63 54.91 -24.87
C SER A 2271 -73.34 53.59 -24.15
N LYS A 2272 -74.37 52.77 -23.99
CA LYS A 2272 -74.24 51.51 -23.27
C LYS A 2272 -74.19 50.33 -24.23
N MET A 2273 -73.92 49.16 -23.67
CA MET A 2273 -73.85 47.93 -24.45
C MET A 2273 -75.24 47.42 -24.79
N VAL A 2274 -75.42 46.96 -26.03
CA VAL A 2274 -76.73 46.54 -26.53
C VAL A 2274 -76.59 45.19 -27.22
N THR A 2275 -77.74 44.57 -27.48
CA THR A 2275 -77.84 43.34 -28.25
C THR A 2275 -78.89 43.54 -29.35
N GLY A 2276 -78.59 43.03 -30.54
CA GLY A 2276 -79.51 43.19 -31.65
C GLY A 2276 -78.75 43.05 -32.97
N VAL A 2277 -79.26 43.76 -33.98
CA VAL A 2277 -78.63 43.81 -35.30
C VAL A 2277 -78.33 45.27 -35.62
N PHE A 2278 -77.05 45.57 -35.85
CA PHE A 2278 -76.59 46.93 -36.09
C PHE A 2278 -75.56 46.90 -37.21
N LYS A 2279 -75.28 48.08 -37.77
CA LYS A 2279 -74.42 48.21 -38.93
C LYS A 2279 -72.95 48.09 -38.52
N GLY A 2280 -72.22 47.21 -39.21
CA GLY A 2280 -70.82 47.02 -38.94
C GLY A 2280 -69.95 47.52 -40.08
N PRO A 2281 -68.77 46.93 -40.25
CA PRO A 2281 -67.90 47.34 -41.36
C PRO A 2281 -68.20 46.66 -42.68
N ASN A 2282 -68.85 45.50 -42.66
CA ASN A 2282 -69.20 44.74 -43.86
C ASN A 2282 -70.69 44.44 -43.86
N GLY A 2283 -71.49 45.44 -43.58
CA GLY A 2283 -72.93 45.25 -43.49
C GLY A 2283 -73.38 44.94 -42.08
N PHE A 2284 -74.66 44.61 -41.98
CA PHE A 2284 -75.27 44.34 -40.68
C PHE A 2284 -74.80 43.00 -40.13
N GLU A 2285 -74.66 42.92 -38.81
CA GLU A 2285 -74.29 41.69 -38.13
C GLU A 2285 -75.22 41.50 -36.94
N TYR A 2286 -75.36 40.25 -36.50
CA TYR A 2286 -76.22 39.92 -35.38
C TYR A 2286 -75.40 39.85 -34.11
N PHE A 2287 -75.76 40.67 -33.12
CA PHE A 2287 -75.10 40.68 -31.82
C PHE A 2287 -75.98 39.90 -30.84
N ALA A 2288 -75.58 38.66 -30.59
CA ALA A 2288 -76.41 37.72 -29.86
C ALA A 2288 -76.40 38.00 -28.37
N PRO A 2289 -77.42 37.54 -27.63
CA PRO A 2289 -77.32 37.53 -26.17
C PRO A 2289 -76.47 36.38 -25.66
N ALA A 2290 -76.44 36.20 -24.34
CA ALA A 2290 -75.54 35.23 -23.72
C ALA A 2290 -76.01 33.80 -24.00
N ASN A 2291 -75.06 32.96 -24.44
CA ASN A 2291 -75.27 31.53 -24.73
C ASN A 2291 -76.36 31.31 -25.77
N THR A 2292 -76.10 31.84 -26.97
CA THR A 2292 -77.01 31.68 -28.10
C THR A 2292 -76.48 30.69 -29.13
N HIS A 2293 -75.20 30.77 -29.46
CA HIS A 2293 -74.62 29.88 -30.47
C HIS A 2293 -73.17 29.64 -30.13
N ASN A 2294 -72.83 28.37 -29.89
CA ASN A 2294 -71.46 27.87 -29.71
C ASN A 2294 -70.74 28.58 -28.55
N ASN A 2295 -71.28 28.30 -27.35
CA ASN A 2295 -70.90 28.89 -26.04
C ASN A 2295 -70.61 30.39 -26.13
N ASN A 2296 -71.63 31.11 -26.58
CA ASN A 2296 -71.52 32.52 -26.93
C ASN A 2296 -71.40 33.40 -25.69
N ILE A 2297 -71.11 34.68 -25.93
CA ILE A 2297 -71.13 35.73 -24.92
C ILE A 2297 -71.99 36.86 -25.45
N GLU A 2298 -72.49 37.69 -24.54
CA GLU A 2298 -73.47 38.70 -24.90
C GLU A 2298 -72.84 39.82 -25.72
N GLY A 2299 -73.60 40.31 -26.71
CA GLY A 2299 -73.15 41.37 -27.58
C GLY A 2299 -72.21 40.96 -28.69
N GLN A 2300 -71.75 39.71 -28.70
CA GLN A 2300 -70.75 39.27 -29.66
C GLN A 2300 -71.37 39.10 -31.04
N ALA A 2301 -70.68 39.57 -32.06
CA ALA A 2301 -71.07 39.27 -33.43
C ALA A 2301 -70.82 37.79 -33.71
N ILE A 2302 -71.85 37.10 -34.18
CA ILE A 2302 -71.80 35.65 -34.36
C ILE A 2302 -71.96 35.33 -35.83
N VAL A 2303 -71.72 34.06 -36.16
CA VAL A 2303 -72.02 33.54 -37.49
C VAL A 2303 -73.44 32.98 -37.47
N TYR A 2304 -74.23 33.35 -38.48
CA TYR A 2304 -75.64 33.01 -38.52
C TYR A 2304 -76.02 32.85 -39.99
N GLN A 2305 -75.95 31.62 -40.49
CA GLN A 2305 -75.92 31.35 -41.92
C GLN A 2305 -77.28 30.81 -42.38
N ASN A 2306 -78.00 31.65 -43.14
CA ASN A 2306 -79.25 31.29 -43.83
C ASN A 2306 -80.34 30.82 -42.86
N LYS A 2307 -80.66 31.68 -41.90
CA LYS A 2307 -81.72 31.40 -40.92
C LYS A 2307 -82.61 32.63 -40.77
N PHE A 2308 -83.58 32.53 -39.88
CA PHE A 2308 -84.54 33.59 -39.62
C PHE A 2308 -84.45 34.03 -38.16
N LEU A 2309 -84.73 35.31 -37.92
CA LEU A 2309 -84.81 35.83 -36.58
C LEU A 2309 -85.82 36.96 -36.51
N THR A 2310 -86.33 37.20 -35.30
CA THR A 2310 -87.10 38.39 -35.00
C THR A 2310 -86.73 38.88 -33.61
N LEU A 2311 -86.83 40.19 -33.40
CA LEU A 2311 -86.45 40.79 -32.13
C LEU A 2311 -87.64 41.42 -31.41
N ASN A 2312 -88.33 42.36 -32.06
CA ASN A 2312 -89.48 43.05 -31.49
C ASN A 2312 -90.59 43.14 -32.53
N GLY A 2313 -90.87 42.02 -33.19
CA GLY A 2313 -91.81 42.02 -34.29
C GLY A 2313 -91.21 42.40 -35.62
N LYS A 2314 -89.90 42.60 -35.69
CA LYS A 2314 -89.20 42.93 -36.92
C LYS A 2314 -88.31 41.77 -37.32
N LYS A 2315 -88.44 41.31 -38.55
CA LYS A 2315 -87.73 40.12 -39.02
C LYS A 2315 -86.49 40.50 -39.82
N TYR A 2316 -85.46 39.67 -39.70
CA TYR A 2316 -84.22 39.84 -40.43
C TYR A 2316 -83.82 38.51 -41.06
N TYR A 2317 -83.21 38.59 -42.24
CA TYR A 2317 -82.69 37.41 -42.93
C TYR A 2317 -81.21 37.63 -43.23
N PHE A 2318 -80.41 36.60 -42.97
CA PHE A 2318 -78.96 36.66 -43.13
C PHE A 2318 -78.53 35.78 -44.30
N ASP A 2319 -77.25 35.85 -44.62
CA ASP A 2319 -76.70 35.27 -45.84
C ASP A 2319 -75.68 34.18 -45.50
N ASN A 2320 -74.96 33.74 -46.53
CA ASN A 2320 -73.90 32.75 -46.35
C ASN A 2320 -72.77 33.31 -45.49
N ASP A 2321 -72.44 34.59 -45.66
CA ASP A 2321 -71.39 35.24 -44.89
C ASP A 2321 -71.92 35.91 -43.63
N SER A 2322 -73.09 35.46 -43.14
CA SER A 2322 -73.68 35.86 -41.86
C SER A 2322 -73.99 37.36 -41.78
N LYS A 2323 -74.24 37.99 -42.92
CA LYS A 2323 -74.59 39.41 -42.97
C LYS A 2323 -76.03 39.54 -43.41
N ALA A 2324 -76.76 40.47 -42.79
CA ALA A 2324 -78.14 40.72 -43.18
C ALA A 2324 -78.20 41.38 -44.55
N VAL A 2325 -79.22 41.02 -45.31
CA VAL A 2325 -79.34 41.42 -46.71
C VAL A 2325 -80.46 42.44 -46.83
N THR A 2326 -80.39 43.24 -47.90
CA THR A 2326 -81.37 44.30 -48.14
C THR A 2326 -81.73 44.32 -49.61
N GLY A 2327 -83.02 44.25 -49.92
CA GLY A 2327 -83.49 44.37 -51.28
C GLY A 2327 -84.70 43.49 -51.51
N TRP A 2328 -85.00 43.26 -52.78
CA TRP A 2328 -86.11 42.38 -53.18
C TRP A 2328 -85.63 40.93 -53.23
N GLN A 2329 -85.41 40.37 -52.05
CA GLN A 2329 -84.88 39.03 -51.93
C GLN A 2329 -86.00 38.00 -51.85
N THR A 2330 -85.80 36.87 -52.52
CA THR A 2330 -86.76 35.77 -52.53
C THR A 2330 -86.19 34.61 -51.72
N ILE A 2331 -86.95 34.17 -50.72
CA ILE A 2331 -86.54 33.07 -49.86
C ILE A 2331 -87.60 31.98 -49.98
N ASP A 2332 -87.17 30.79 -50.42
CA ASP A 2332 -88.03 29.61 -50.65
C ASP A 2332 -89.17 29.92 -51.61
N GLY A 2333 -88.88 30.71 -52.65
CA GLY A 2333 -89.87 31.08 -53.63
C GLY A 2333 -90.79 32.21 -53.24
N LYS A 2334 -90.62 32.79 -52.06
CA LYS A 2334 -91.47 33.87 -51.57
C LYS A 2334 -90.66 35.15 -51.48
N LYS A 2335 -91.17 36.22 -52.08
CA LYS A 2335 -90.44 37.48 -52.16
C LYS A 2335 -90.55 38.27 -50.87
N TYR A 2336 -89.45 38.90 -50.49
CA TYR A 2336 -89.37 39.74 -49.30
C TYR A 2336 -88.71 41.07 -49.67
N TYR A 2337 -88.95 42.08 -48.84
CA TYR A 2337 -88.30 43.37 -49.00
C TYR A 2337 -87.82 43.90 -47.66
N PHE A 2338 -86.63 44.50 -47.66
CA PHE A 2338 -86.06 45.11 -46.48
C PHE A 2338 -85.52 46.49 -46.82
N ASN A 2339 -85.64 47.42 -45.87
CA ASN A 2339 -85.20 48.79 -46.08
C ASN A 2339 -83.68 48.88 -45.98
N LEU A 2340 -83.14 50.00 -46.47
CA LEU A 2340 -81.70 50.15 -46.62
C LEU A 2340 -81.00 50.36 -45.29
N ASN A 2341 -81.55 51.20 -44.43
CA ASN A 2341 -80.84 51.61 -43.22
C ASN A 2341 -81.06 50.66 -42.05
N THR A 2342 -81.93 49.66 -42.17
CA THR A 2342 -82.24 48.79 -41.06
C THR A 2342 -82.25 47.31 -41.43
N ALA A 2343 -82.41 46.97 -42.72
CA ALA A 2343 -82.65 45.61 -43.23
C ALA A 2343 -83.84 44.96 -42.52
N GLU A 2344 -84.90 45.75 -42.38
CA GLU A 2344 -86.10 45.35 -41.65
C GLU A 2344 -87.26 45.20 -42.63
N ALA A 2345 -88.06 44.16 -42.44
CA ALA A 2345 -89.23 43.91 -43.28
C ALA A 2345 -90.28 44.98 -43.00
N ALA A 2346 -90.49 45.88 -43.96
CA ALA A 2346 -91.43 46.99 -43.80
C ALA A 2346 -92.83 46.50 -44.12
N THR A 2347 -93.52 45.99 -43.10
CA THR A 2347 -94.86 45.46 -43.27
C THR A 2347 -95.89 46.58 -43.31
N GLY A 2348 -97.09 46.24 -43.79
CA GLY A 2348 -98.18 47.20 -43.84
C GLY A 2348 -98.32 47.87 -45.19
N TRP A 2349 -98.86 49.09 -45.20
CA TRP A 2349 -99.07 49.85 -46.42
C TRP A 2349 -97.98 50.92 -46.53
N GLN A 2350 -97.14 50.80 -47.55
CA GLN A 2350 -96.04 51.73 -47.76
C GLN A 2350 -95.64 51.72 -49.21
N THR A 2351 -94.91 52.75 -49.62
CA THR A 2351 -94.42 52.89 -50.98
C THR A 2351 -93.01 52.30 -51.07
N ILE A 2352 -92.85 51.27 -51.90
CA ILE A 2352 -91.57 50.59 -52.05
C ILE A 2352 -91.25 50.46 -53.53
N ASP A 2353 -89.98 50.75 -53.88
CA ASP A 2353 -89.43 50.63 -55.24
C ASP A 2353 -90.19 51.48 -56.26
N GLY A 2354 -90.70 52.63 -55.82
CA GLY A 2354 -91.46 53.50 -56.69
C GLY A 2354 -92.90 53.10 -56.94
N LYS A 2355 -93.36 52.01 -56.33
CA LYS A 2355 -94.72 51.52 -56.50
C LYS A 2355 -95.36 51.34 -55.13
N LYS A 2356 -96.63 50.94 -55.14
CA LYS A 2356 -97.39 50.67 -53.93
C LYS A 2356 -97.63 49.17 -53.84
N TYR A 2357 -97.17 48.56 -52.74
CA TYR A 2357 -97.37 47.14 -52.50
C TYR A 2357 -97.78 46.95 -51.05
N TYR A 2358 -98.18 45.72 -50.73
CA TYR A 2358 -98.68 45.39 -49.40
C TYR A 2358 -97.91 44.21 -48.82
N PHE A 2359 -97.62 44.29 -47.52
CA PHE A 2359 -97.05 43.18 -46.78
C PHE A 2359 -97.92 42.92 -45.56
N ASN A 2360 -98.17 41.64 -45.27
CA ASN A 2360 -99.06 41.27 -44.19
C ASN A 2360 -98.42 41.56 -42.84
N LEU A 2361 -99.28 41.71 -41.82
CA LEU A 2361 -98.79 42.03 -40.49
C LEU A 2361 -98.15 40.83 -39.81
N ASN A 2362 -98.59 39.61 -40.16
CA ASN A 2362 -98.00 38.42 -39.56
C ASN A 2362 -96.68 38.05 -40.21
N THR A 2363 -96.64 38.01 -41.53
CA THR A 2363 -95.42 37.70 -42.28
C THR A 2363 -95.28 38.66 -43.46
N ALA A 2364 -94.04 38.88 -43.89
CA ALA A 2364 -93.76 39.85 -44.95
C ALA A 2364 -93.95 39.18 -46.30
N GLU A 2365 -95.21 39.09 -46.73
CA GLU A 2365 -95.56 38.51 -48.01
C GLU A 2365 -96.46 39.45 -48.78
N ALA A 2366 -96.31 39.44 -50.11
CA ALA A 2366 -97.14 40.27 -50.97
C ALA A 2366 -98.06 39.41 -51.83
N GLU B 1 -16.66 60.63 -23.20
CA GLU B 1 -16.28 59.81 -24.35
C GLU B 1 -16.83 60.37 -25.64
N VAL B 2 -18.12 60.69 -25.63
CA VAL B 2 -18.81 61.19 -26.82
C VAL B 2 -18.41 62.65 -27.03
N LYS B 3 -17.90 62.94 -28.23
CA LYS B 3 -17.51 64.31 -28.58
C LYS B 3 -18.06 64.66 -29.95
N LEU B 4 -18.27 65.96 -30.16
CA LEU B 4 -18.72 66.50 -31.43
C LEU B 4 -17.89 67.75 -31.70
N VAL B 5 -16.85 67.60 -32.52
CA VAL B 5 -15.96 68.71 -32.89
C VAL B 5 -16.33 69.17 -34.29
N GLU B 6 -16.30 70.49 -34.49
CA GLU B 6 -16.72 71.11 -35.74
C GLU B 6 -15.76 72.24 -36.11
N SER B 7 -15.46 72.35 -37.40
CA SER B 7 -14.44 73.28 -37.90
C SER B 7 -14.93 73.88 -39.22
N GLY B 8 -15.59 75.02 -39.13
CA GLY B 8 -16.05 75.72 -40.32
C GLY B 8 -16.04 77.22 -40.21
N GLY B 9 -15.26 77.75 -39.27
CA GLY B 9 -15.29 79.18 -38.99
C GLY B 9 -14.65 80.01 -40.07
N GLY B 10 -15.09 81.27 -40.15
CA GLY B 10 -14.56 82.19 -41.13
C GLY B 10 -15.49 83.36 -41.34
N LEU B 11 -15.12 84.19 -42.30
CA LEU B 11 -15.90 85.36 -42.69
C LEU B 11 -16.00 85.38 -44.21
N VAL B 12 -17.21 85.60 -44.72
CA VAL B 12 -17.46 85.53 -46.15
C VAL B 12 -18.23 86.77 -46.59
N LYS B 13 -18.14 87.09 -47.87
CA LYS B 13 -18.97 88.14 -48.45
C LYS B 13 -20.43 87.69 -48.48
N PRO B 14 -21.38 88.61 -48.27
CA PRO B 14 -22.80 88.26 -48.46
C PRO B 14 -23.08 87.85 -49.90
N GLY B 15 -23.98 86.88 -50.05
CA GLY B 15 -24.25 86.26 -51.34
C GLY B 15 -23.30 85.15 -51.71
N GLY B 16 -22.35 84.80 -50.85
CA GLY B 16 -21.38 83.76 -51.12
C GLY B 16 -21.81 82.40 -50.61
N SER B 17 -20.83 81.51 -50.49
CA SER B 17 -21.09 80.14 -50.08
C SER B 17 -20.00 79.70 -49.11
N LEU B 18 -20.37 78.76 -48.24
CA LEU B 18 -19.44 78.19 -47.27
C LEU B 18 -19.88 76.78 -46.93
N LYS B 19 -18.92 75.96 -46.50
CA LYS B 19 -19.18 74.57 -46.14
C LYS B 19 -18.69 74.32 -44.72
N LEU B 20 -19.55 73.73 -43.89
CA LEU B 20 -19.21 73.39 -42.53
C LEU B 20 -18.82 71.92 -42.44
N SER B 21 -18.42 71.49 -41.25
CA SER B 21 -18.11 70.09 -40.99
C SER B 21 -18.40 69.81 -39.53
N CYS B 22 -18.56 68.53 -39.21
CA CYS B 22 -18.84 68.11 -37.83
C CYS B 22 -18.38 66.67 -37.68
N ALA B 23 -17.24 66.48 -37.03
CA ALA B 23 -16.74 65.14 -36.78
C ALA B 23 -17.40 64.55 -35.53
N ALA B 24 -17.30 63.23 -35.39
CA ALA B 24 -17.92 62.55 -34.27
C ALA B 24 -17.13 61.30 -33.93
N SER B 25 -17.06 61.00 -32.64
CA SER B 25 -16.39 59.79 -32.16
C SER B 25 -16.95 59.43 -30.80
N GLY B 26 -16.70 58.19 -30.40
CA GLY B 26 -17.20 57.69 -29.13
C GLY B 26 -18.42 56.80 -29.31
N PHE B 27 -19.24 57.12 -30.29
CA PHE B 27 -20.42 56.35 -30.62
C PHE B 27 -20.40 55.97 -32.09
N THR B 28 -21.04 54.85 -32.42
CA THR B 28 -21.11 54.42 -33.81
C THR B 28 -22.01 55.34 -34.62
N PHE B 29 -21.60 55.60 -35.85
CA PHE B 29 -22.30 56.55 -36.69
C PHE B 29 -23.30 55.80 -37.55
N SER B 30 -24.11 56.55 -38.31
CA SER B 30 -25.22 56.03 -39.13
C SER B 30 -26.23 55.24 -38.32
N ASN B 31 -26.42 55.63 -37.06
CA ASN B 31 -27.41 55.01 -36.19
C ASN B 31 -28.27 56.09 -35.55
N TYR B 32 -27.70 57.29 -35.46
CA TYR B 32 -28.34 58.42 -34.80
C TYR B 32 -28.56 59.53 -35.82
N ALA B 33 -29.73 60.17 -35.74
CA ALA B 33 -30.04 61.29 -36.61
C ALA B 33 -29.31 62.54 -36.15
N MET B 34 -28.83 63.33 -37.10
CA MET B 34 -28.09 64.55 -36.83
C MET B 34 -28.87 65.75 -37.32
N SER B 35 -28.50 66.92 -36.80
CA SER B 35 -29.12 68.17 -37.23
C SER B 35 -28.16 69.32 -36.97
N TRP B 36 -28.45 70.45 -37.61
CA TRP B 36 -27.72 71.69 -37.40
C TRP B 36 -28.65 72.71 -36.76
N VAL B 37 -28.11 73.52 -35.85
CA VAL B 37 -28.87 74.57 -35.17
C VAL B 37 -28.12 75.89 -35.32
N ARG B 38 -28.87 76.98 -35.16
CA ARG B 38 -28.40 78.34 -35.46
C ARG B 38 -28.68 79.22 -34.25
N GLN B 39 -27.72 79.31 -33.33
CA GLN B 39 -27.91 80.08 -32.10
C GLN B 39 -27.58 81.55 -32.39
N THR B 40 -28.61 82.34 -32.68
CA THR B 40 -28.47 83.77 -32.81
C THR B 40 -28.32 84.41 -31.43
N PRO B 41 -27.53 85.47 -31.31
CA PRO B 41 -27.41 86.16 -30.01
C PRO B 41 -28.66 86.95 -29.65
N GLU B 42 -29.18 87.70 -30.62
CA GLU B 42 -30.31 88.58 -30.37
C GLU B 42 -31.64 87.83 -30.29
N LYS B 43 -31.80 86.78 -31.07
CA LYS B 43 -33.05 86.03 -31.15
C LYS B 43 -32.88 84.65 -30.51
N ARG B 44 -33.93 83.84 -30.58
CA ARG B 44 -33.91 82.52 -29.99
C ARG B 44 -33.16 81.54 -30.90
N LEU B 45 -33.12 80.28 -30.47
CA LEU B 45 -32.47 79.24 -31.27
C LEU B 45 -33.34 78.88 -32.46
N GLU B 46 -32.68 78.64 -33.60
CA GLU B 46 -33.35 78.33 -34.85
C GLU B 46 -32.81 77.02 -35.39
N TRP B 47 -33.64 75.99 -35.40
CA TRP B 47 -33.31 74.76 -36.10
C TRP B 47 -33.36 75.02 -37.60
N VAL B 48 -32.31 74.64 -38.32
CA VAL B 48 -32.17 74.97 -39.73
C VAL B 48 -32.37 73.76 -40.63
N ALA B 49 -31.84 72.59 -40.27
CA ALA B 49 -31.98 71.39 -41.09
C ALA B 49 -31.72 70.15 -40.25
N ALA B 50 -32.16 69.01 -40.76
CA ALA B 50 -31.97 67.73 -40.08
C ALA B 50 -31.97 66.59 -41.10
N ILE B 51 -31.22 65.54 -40.80
CA ILE B 51 -31.11 64.36 -41.66
C ILE B 51 -31.27 63.11 -40.79
N ASN B 52 -31.63 62.01 -41.44
CA ASN B 52 -31.90 60.76 -40.75
C ASN B 52 -30.62 59.92 -40.68
N GLY B 53 -30.77 58.65 -40.33
CA GLY B 53 -29.60 57.82 -40.03
C GLY B 53 -28.77 57.46 -41.25
N ASN B 54 -29.42 57.10 -42.35
CA ASN B 54 -28.73 56.70 -43.56
C ASN B 54 -28.66 57.81 -44.60
N GLY B 55 -29.06 59.02 -44.24
CA GLY B 55 -29.10 60.12 -45.18
C GLY B 55 -30.15 59.96 -46.27
N ALA B 56 -31.36 59.56 -45.91
CA ALA B 56 -32.42 59.32 -46.88
C ALA B 56 -33.31 60.56 -47.06
N LYS B 57 -33.89 61.06 -45.98
CA LYS B 57 -34.83 62.17 -46.04
C LYS B 57 -34.31 63.34 -45.23
N ILE B 58 -34.38 64.53 -45.84
CA ILE B 58 -33.86 65.76 -45.25
C ILE B 58 -35.03 66.72 -45.09
N TYR B 59 -35.09 67.39 -43.93
CA TYR B 59 -36.19 68.28 -43.59
C TYR B 59 -35.70 69.71 -43.47
N TYR B 60 -36.40 70.63 -44.11
CA TYR B 60 -36.12 72.06 -44.05
C TYR B 60 -37.40 72.83 -43.74
N PRO B 61 -37.30 73.99 -43.09
CA PRO B 61 -38.43 74.92 -43.06
C PRO B 61 -38.47 75.79 -44.31
N ASP B 62 -39.35 76.80 -44.33
CA ASP B 62 -39.61 77.55 -45.56
C ASP B 62 -38.44 78.42 -45.97
N THR B 63 -37.66 78.93 -45.02
CA THR B 63 -36.56 79.84 -45.30
C THR B 63 -35.27 79.13 -45.68
N VAL B 64 -35.27 77.80 -45.70
CA VAL B 64 -34.06 77.02 -45.92
C VAL B 64 -34.10 76.23 -47.23
N LYS B 65 -35.29 75.92 -47.76
CA LYS B 65 -35.41 75.15 -49.00
C LYS B 65 -34.81 75.89 -50.19
N ASP B 66 -34.02 75.15 -50.98
CA ASP B 66 -33.21 75.64 -52.11
C ASP B 66 -32.21 76.72 -51.68
N ARG B 67 -31.82 76.72 -50.40
CA ARG B 67 -30.80 77.62 -49.90
C ARG B 67 -29.64 76.88 -49.24
N PHE B 68 -29.94 75.92 -48.34
CA PHE B 68 -28.93 75.14 -47.66
C PHE B 68 -29.14 73.67 -47.96
N THR B 69 -28.14 72.85 -47.63
CA THR B 69 -28.23 71.41 -47.81
C THR B 69 -27.30 70.70 -46.84
N ILE B 70 -27.63 69.45 -46.53
CA ILE B 70 -26.82 68.59 -45.68
C ILE B 70 -26.42 67.36 -46.48
N SER B 71 -25.12 67.08 -46.53
CA SER B 71 -24.60 65.81 -46.99
C SER B 71 -23.87 65.13 -45.84
N ARG B 72 -24.08 63.83 -45.69
CA ARG B 72 -23.47 63.04 -44.63
C ARG B 72 -22.62 61.95 -45.25
N ASP B 73 -21.38 61.81 -44.76
CA ASP B 73 -20.50 60.72 -45.16
C ASP B 73 -20.30 59.81 -43.94
N ASN B 74 -20.79 58.58 -44.02
CA ASN B 74 -20.72 57.66 -42.90
C ASN B 74 -19.35 57.01 -42.75
N ALA B 75 -18.51 57.05 -43.80
CA ALA B 75 -17.23 56.37 -43.73
C ALA B 75 -16.24 57.12 -42.84
N LYS B 76 -16.20 58.43 -42.96
CA LYS B 76 -15.24 59.26 -42.23
C LYS B 76 -15.84 59.94 -41.01
N ASN B 77 -17.09 59.61 -40.67
CA ASN B 77 -17.81 60.12 -39.48
C ASN B 77 -17.90 61.64 -39.48
N THR B 78 -18.33 62.21 -40.60
CA THR B 78 -18.46 63.65 -40.75
C THR B 78 -19.88 64.02 -41.11
N LEU B 79 -20.26 65.26 -40.77
CA LEU B 79 -21.55 65.81 -41.13
C LEU B 79 -21.34 67.23 -41.64
N TYR B 80 -21.82 67.50 -42.84
CA TYR B 80 -21.57 68.78 -43.51
C TYR B 80 -22.84 69.64 -43.52
N LEU B 81 -22.66 70.90 -43.91
CA LEU B 81 -23.77 71.83 -44.14
C LEU B 81 -23.28 72.86 -45.15
N GLN B 82 -23.62 72.67 -46.41
CA GLN B 82 -23.23 73.60 -47.46
C GLN B 82 -24.22 74.76 -47.52
N MET B 83 -23.71 75.98 -47.47
CA MET B 83 -24.55 77.17 -47.42
C MET B 83 -24.46 77.95 -48.72
N SER B 84 -25.48 78.78 -48.94
CA SER B 84 -25.54 79.63 -50.12
C SER B 84 -26.47 80.81 -49.85
N SER B 85 -26.18 81.94 -50.50
CA SER B 85 -27.00 83.16 -50.49
C SER B 85 -27.21 83.71 -49.09
N LEU B 86 -26.10 83.97 -48.41
CA LEU B 86 -26.14 84.45 -47.02
C LEU B 86 -26.48 85.94 -47.06
N ARG B 87 -27.75 86.26 -46.82
CA ARG B 87 -28.23 87.64 -46.94
C ARG B 87 -28.15 88.39 -45.61
N SER B 88 -26.98 88.35 -44.98
CA SER B 88 -26.62 89.14 -43.78
C SER B 88 -27.55 88.87 -42.61
N GLU B 89 -28.14 87.67 -42.55
CA GLU B 89 -29.04 87.29 -41.47
C GLU B 89 -28.65 85.96 -40.84
N ASP B 90 -27.50 85.41 -41.23
CA ASP B 90 -27.06 84.10 -40.77
C ASP B 90 -25.91 84.19 -39.78
N THR B 91 -25.70 85.35 -39.17
CA THR B 91 -24.62 85.55 -38.21
C THR B 91 -25.02 84.90 -36.90
N ALA B 92 -24.63 83.64 -36.71
CA ALA B 92 -25.03 82.89 -35.53
C ALA B 92 -24.00 81.80 -35.26
N LEU B 93 -24.07 81.25 -34.04
CA LEU B 93 -23.15 80.22 -33.59
C LEU B 93 -23.71 78.86 -34.01
N TYR B 94 -23.18 78.30 -35.09
CA TYR B 94 -23.66 77.04 -35.62
C TYR B 94 -23.15 75.88 -34.77
N SER B 95 -24.06 75.00 -34.36
CA SER B 95 -23.72 73.90 -33.47
C SER B 95 -24.25 72.59 -34.04
N CYS B 96 -23.58 71.50 -33.68
CA CYS B 96 -23.86 70.16 -34.19
C CYS B 96 -24.47 69.33 -33.07
N ALA B 97 -25.64 68.75 -33.33
CA ALA B 97 -26.41 68.09 -32.29
C ALA B 97 -26.82 66.69 -32.73
N ARG B 98 -27.05 65.81 -31.75
CA ARG B 98 -27.39 64.42 -32.00
C ARG B 98 -28.81 64.15 -31.53
N GLN B 99 -29.66 63.67 -32.45
CA GLN B 99 -31.05 63.40 -32.15
C GLN B 99 -31.24 61.94 -31.74
N TYR B 100 -32.38 61.66 -31.13
CA TYR B 100 -32.75 60.30 -30.70
C TYR B 100 -33.58 59.59 -31.78
N GLY B 101 -33.12 59.62 -33.03
CA GLY B 101 -33.90 59.04 -34.11
C GLY B 101 -33.83 57.53 -34.12
N PHE B 102 -34.73 56.91 -34.89
CA PHE B 102 -34.74 55.46 -35.04
C PHE B 102 -34.34 55.04 -36.44
N TYR B 103 -35.13 55.37 -37.46
CA TYR B 103 -34.67 55.26 -38.84
C TYR B 103 -35.08 56.46 -39.65
N ALA B 104 -36.33 56.91 -39.43
CA ALA B 104 -36.99 57.75 -40.42
C ALA B 104 -36.51 59.20 -40.37
N GLY B 105 -36.25 59.72 -39.19
CA GLY B 105 -36.01 61.13 -39.05
C GLY B 105 -37.33 61.75 -38.65
N SER B 106 -37.49 62.01 -37.36
CA SER B 106 -38.74 62.45 -36.78
C SER B 106 -38.38 63.43 -35.68
N PRO B 107 -39.27 64.37 -35.34
CA PRO B 107 -38.92 65.42 -34.37
C PRO B 107 -38.64 64.86 -32.98
N TYR B 108 -37.55 65.33 -32.39
CA TYR B 108 -36.97 64.76 -31.18
C TYR B 108 -36.20 65.80 -30.40
N TYR B 109 -35.76 65.40 -29.22
CA TYR B 109 -34.85 66.17 -28.42
C TYR B 109 -33.43 65.83 -28.85
N PHE B 110 -32.46 66.47 -28.21
CA PHE B 110 -31.06 66.28 -28.53
C PHE B 110 -30.32 65.73 -27.31
N ASP B 111 -29.47 64.74 -27.54
CA ASP B 111 -28.69 64.16 -26.44
C ASP B 111 -27.47 65.02 -26.14
N TYR B 112 -26.65 65.28 -27.15
CA TYR B 112 -25.43 66.05 -26.99
C TYR B 112 -25.40 67.19 -28.00
N TRP B 113 -24.72 68.27 -27.63
CA TRP B 113 -24.59 69.43 -28.50
C TRP B 113 -23.13 69.71 -28.79
N GLY B 114 -22.87 70.34 -29.94
CA GLY B 114 -21.54 70.79 -30.25
C GLY B 114 -21.19 72.07 -29.50
N LEU B 115 -19.90 72.41 -29.53
CA LEU B 115 -19.44 73.59 -28.82
C LEU B 115 -19.86 74.87 -29.55
N GLY B 116 -19.80 74.86 -30.88
CA GLY B 116 -20.23 76.00 -31.66
C GLY B 116 -19.19 76.53 -32.61
N THR B 117 -19.62 76.89 -33.82
CA THR B 117 -18.78 77.58 -34.80
C THR B 117 -19.30 79.00 -34.94
N THR B 118 -18.45 79.97 -34.63
CA THR B 118 -18.85 81.38 -34.68
C THR B 118 -18.73 81.86 -36.11
N LEU B 119 -19.85 81.88 -36.83
CA LEU B 119 -19.89 82.32 -38.21
C LEU B 119 -20.67 83.63 -38.30
N THR B 120 -20.04 84.64 -38.87
CA THR B 120 -20.69 85.93 -39.10
C THR B 120 -20.44 86.36 -40.54
N VAL B 121 -21.37 87.16 -41.07
CA VAL B 121 -21.28 87.68 -42.43
C VAL B 121 -21.60 89.17 -42.39
N SER B 122 -20.76 89.95 -43.07
CA SER B 122 -20.88 91.41 -43.12
C SER B 122 -20.02 91.91 -44.29
N SER B 123 -19.93 93.24 -44.42
CA SER B 123 -19.12 93.84 -45.47
C SER B 123 -17.65 93.84 -45.08
N ASP C 1 -43.39 77.31 -38.77
CA ASP C 1 -44.84 77.22 -38.79
C ASP C 1 -45.41 77.39 -37.39
N ILE C 2 -45.22 76.37 -36.55
CA ILE C 2 -45.62 76.46 -35.16
C ILE C 2 -44.71 77.42 -34.41
N VAL C 3 -45.30 78.24 -33.54
CA VAL C 3 -44.54 79.14 -32.69
C VAL C 3 -44.74 78.72 -31.24
N MET C 4 -43.83 79.17 -30.39
CA MET C 4 -43.82 78.76 -28.99
C MET C 4 -43.26 79.90 -28.16
N THR C 5 -44.04 80.38 -27.20
CA THR C 5 -43.71 81.58 -26.45
C THR C 5 -43.44 81.22 -24.99
N GLN C 6 -42.35 81.75 -24.44
CA GLN C 6 -42.01 81.58 -23.04
C GLN C 6 -42.41 82.83 -22.26
N SER C 7 -42.60 82.66 -20.96
CA SER C 7 -43.25 83.72 -20.17
C SER C 7 -42.29 84.88 -19.88
N HIS C 8 -41.23 84.61 -19.13
CA HIS C 8 -40.35 85.64 -18.60
C HIS C 8 -38.97 85.53 -19.22
N LYS C 9 -38.48 86.64 -19.76
CA LYS C 9 -37.13 86.65 -20.32
C LYS C 9 -36.08 86.67 -19.24
N PHE C 10 -36.33 87.41 -18.16
CA PHE C 10 -35.40 87.52 -17.05
C PHE C 10 -36.14 87.33 -15.74
N MET C 11 -35.54 86.58 -14.83
CA MET C 11 -36.07 86.45 -13.48
C MET C 11 -34.92 86.15 -12.53
N SER C 12 -35.15 86.44 -11.25
CA SER C 12 -34.13 86.30 -10.22
C SER C 12 -34.71 85.57 -9.02
N THR C 13 -33.82 84.93 -8.27
CA THR C 13 -34.22 84.17 -7.08
C THR C 13 -33.03 84.09 -6.14
N SER C 14 -33.30 83.60 -4.93
CA SER C 14 -32.27 83.36 -3.93
C SER C 14 -32.06 81.87 -3.75
N ILE C 15 -30.97 81.53 -3.07
CA ILE C 15 -30.61 80.13 -2.85
C ILE C 15 -31.54 79.55 -1.78
N GLY C 16 -32.22 78.47 -2.13
CA GLY C 16 -33.17 77.83 -1.24
C GLY C 16 -34.63 78.00 -1.63
N ASP C 17 -34.92 78.70 -2.72
CA ASP C 17 -36.28 78.93 -3.16
C ASP C 17 -36.69 77.89 -4.22
N ARG C 18 -37.89 78.06 -4.76
CA ARG C 18 -38.41 77.22 -5.83
C ARG C 18 -38.83 78.09 -7.00
N VAL C 19 -38.40 77.72 -8.19
CA VAL C 19 -38.61 78.52 -9.40
C VAL C 19 -39.38 77.67 -10.40
N SER C 20 -40.49 78.20 -10.91
CA SER C 20 -41.32 77.51 -11.89
C SER C 20 -41.31 78.31 -13.19
N ILE C 21 -40.54 77.86 -14.18
CA ILE C 21 -40.52 78.48 -15.49
C ILE C 21 -41.65 77.89 -16.32
N THR C 22 -42.48 78.74 -16.90
CA THR C 22 -43.64 78.31 -17.66
C THR C 22 -43.44 78.60 -19.14
N CYS C 23 -43.81 77.62 -19.97
CA CYS C 23 -43.72 77.71 -21.41
C CYS C 23 -45.08 77.41 -22.01
N LYS C 24 -45.48 78.19 -23.02
CA LYS C 24 -46.79 78.06 -23.65
C LYS C 24 -46.63 77.83 -25.15
N ALA C 25 -47.43 76.92 -25.68
CA ALA C 25 -47.39 76.56 -27.09
C ALA C 25 -48.61 77.16 -27.81
N SER C 26 -48.43 77.39 -29.12
CA SER C 26 -49.51 77.98 -29.91
C SER C 26 -50.67 77.00 -30.10
N GLN C 27 -50.37 75.73 -30.32
CA GLN C 27 -51.37 74.69 -30.47
C GLN C 27 -50.97 73.50 -29.59
N ASP C 28 -51.77 72.44 -29.66
CA ASP C 28 -51.53 71.27 -28.83
C ASP C 28 -50.33 70.48 -29.35
N VAL C 29 -49.44 70.12 -28.44
CA VAL C 29 -48.30 69.28 -28.78
C VAL C 29 -48.32 67.92 -28.10
N GLY C 30 -49.02 67.78 -26.97
CA GLY C 30 -49.21 66.48 -26.36
C GLY C 30 -47.96 65.89 -25.73
N THR C 31 -47.45 66.54 -24.68
CA THR C 31 -46.30 66.11 -23.87
C THR C 31 -45.02 65.90 -24.67
N ALA C 32 -44.90 66.49 -25.86
CA ALA C 32 -43.67 66.39 -26.65
C ALA C 32 -42.80 67.63 -26.47
N VAL C 33 -42.46 67.99 -25.23
CA VAL C 33 -41.72 69.22 -24.95
C VAL C 33 -40.51 68.88 -24.08
N ALA C 34 -39.34 69.36 -24.49
CA ALA C 34 -38.08 69.11 -23.80
C ALA C 34 -37.57 70.36 -23.11
N TRP C 35 -36.74 70.15 -22.08
CA TRP C 35 -36.18 71.24 -21.28
C TRP C 35 -34.66 71.13 -21.27
N TYR C 36 -33.97 72.26 -21.51
CA TYR C 36 -32.51 72.31 -21.53
C TYR C 36 -31.99 73.27 -20.46
N GLN C 37 -30.65 73.37 -20.42
CA GLN C 37 -29.96 74.26 -19.49
C GLN C 37 -28.61 74.63 -20.10
N GLN C 38 -28.51 75.84 -20.64
CA GLN C 38 -27.28 76.29 -21.31
C GLN C 38 -26.46 77.12 -20.34
N LYS C 39 -25.30 76.60 -19.94
CA LYS C 39 -24.34 77.39 -19.20
C LYS C 39 -23.72 78.45 -20.12
N PRO C 40 -23.29 79.59 -19.57
CA PRO C 40 -22.62 80.59 -20.41
C PRO C 40 -21.27 80.09 -20.91
N GLY C 41 -21.07 80.18 -22.22
CA GLY C 41 -19.88 79.65 -22.85
C GLY C 41 -19.78 78.14 -22.82
N GLN C 42 -20.89 77.43 -22.98
CA GLN C 42 -20.90 75.98 -22.95
C GLN C 42 -22.12 75.48 -23.72
N SER C 43 -22.03 74.22 -24.15
CA SER C 43 -23.12 73.58 -24.88
C SER C 43 -24.31 73.32 -23.94
N PRO C 44 -25.54 73.41 -24.45
CA PRO C 44 -26.70 73.14 -23.61
C PRO C 44 -26.80 71.68 -23.22
N LYS C 45 -27.36 71.43 -22.05
CA LYS C 45 -27.52 70.09 -21.51
C LYS C 45 -29.01 69.80 -21.34
N LEU C 46 -29.46 68.68 -21.88
CA LEU C 46 -30.86 68.30 -21.79
C LEU C 46 -31.21 67.85 -20.38
N LEU C 47 -32.35 68.33 -19.88
CA LEU C 47 -32.82 67.97 -18.54
C LEU C 47 -34.04 67.08 -18.56
N ILE C 48 -35.13 67.52 -19.18
CA ILE C 48 -36.41 66.82 -19.14
C ILE C 48 -36.80 66.45 -20.56
N TYR C 49 -37.21 65.20 -20.76
CA TYR C 49 -37.72 64.77 -22.05
C TYR C 49 -39.07 64.09 -21.87
N TRP C 50 -39.93 64.23 -22.90
CA TRP C 50 -41.35 63.84 -22.89
C TRP C 50 -42.14 64.54 -21.77
N ALA C 51 -41.66 65.71 -21.34
CA ALA C 51 -42.28 66.65 -20.42
C ALA C 51 -42.56 66.07 -19.02
N SER C 52 -42.07 64.88 -18.70
CA SER C 52 -42.31 64.34 -17.36
C SER C 52 -41.11 63.68 -16.71
N THR C 53 -40.13 63.17 -17.44
CA THR C 53 -39.05 62.41 -16.85
C THR C 53 -37.71 63.08 -17.13
N ARG C 54 -36.74 62.84 -16.27
CA ARG C 54 -35.45 63.51 -16.32
C ARG C 54 -34.39 62.64 -16.94
N HIS C 55 -33.36 63.29 -17.47
CA HIS C 55 -32.26 62.63 -18.15
C HIS C 55 -31.38 61.90 -17.12
N THR C 56 -30.47 61.07 -17.64
CA THR C 56 -29.52 60.39 -16.78
C THR C 56 -28.48 61.37 -16.28
N GLY C 57 -28.30 61.43 -14.96
CA GLY C 57 -27.37 62.35 -14.35
C GLY C 57 -27.95 63.69 -13.97
N VAL C 58 -29.17 63.99 -14.40
CA VAL C 58 -29.83 65.23 -13.97
C VAL C 58 -30.29 65.08 -12.52
N PRO C 59 -29.99 66.04 -11.65
CA PRO C 59 -30.34 65.90 -10.24
C PRO C 59 -31.85 65.94 -10.00
N ASP C 60 -32.24 65.41 -8.84
CA ASP C 60 -33.64 65.15 -8.51
C ASP C 60 -34.46 66.42 -8.29
N ARG C 61 -33.82 67.58 -8.19
CA ARG C 61 -34.55 68.82 -7.97
C ARG C 61 -35.32 69.26 -9.21
N PHE C 62 -34.83 68.90 -10.40
CA PHE C 62 -35.47 69.29 -11.65
C PHE C 62 -36.66 68.37 -11.90
N THR C 63 -37.86 68.89 -11.64
CA THR C 63 -39.10 68.17 -11.92
C THR C 63 -39.89 68.94 -12.97
N GLY C 64 -40.34 68.23 -13.99
CA GLY C 64 -41.13 68.82 -15.06
C GLY C 64 -42.56 68.29 -15.03
N SER C 65 -43.49 69.11 -15.50
CA SER C 65 -44.89 68.71 -15.54
C SER C 65 -45.60 69.49 -16.63
N GLY C 66 -46.77 69.00 -17.01
CA GLY C 66 -47.59 69.67 -18.00
C GLY C 66 -48.01 68.78 -19.15
N SER C 67 -49.25 68.96 -19.60
CA SER C 67 -49.77 68.21 -20.74
C SER C 67 -50.75 69.10 -21.49
N GLY C 68 -50.52 69.26 -22.78
CA GLY C 68 -51.37 70.11 -23.58
C GLY C 68 -50.64 71.32 -24.12
N THR C 69 -50.97 72.51 -23.61
CA THR C 69 -50.33 73.75 -24.04
C THR C 69 -49.66 74.49 -22.89
N TYR C 70 -49.61 73.91 -21.70
CA TYR C 70 -49.03 74.56 -20.53
C TYR C 70 -48.02 73.62 -19.89
N PHE C 71 -46.74 73.99 -19.93
CA PHE C 71 -45.66 73.17 -19.41
C PHE C 71 -44.84 73.98 -18.40
N THR C 72 -44.61 73.40 -17.23
CA THR C 72 -43.87 74.05 -16.16
C THR C 72 -42.64 73.22 -15.80
N LEU C 73 -41.51 73.89 -15.64
CA LEU C 73 -40.29 73.27 -15.16
C LEU C 73 -39.96 73.84 -13.78
N SER C 74 -39.81 72.97 -12.79
CA SER C 74 -39.68 73.39 -11.41
C SER C 74 -38.40 72.83 -10.80
N ILE C 75 -37.72 73.67 -10.02
CA ILE C 75 -36.52 73.29 -9.28
C ILE C 75 -36.83 73.38 -7.80
N SER C 76 -36.61 72.28 -7.07
CA SER C 76 -36.98 72.22 -5.66
C SER C 76 -36.05 73.01 -4.75
N ASN C 77 -34.80 73.23 -5.17
CA ASN C 77 -33.83 73.93 -4.32
C ASN C 77 -32.79 74.57 -5.22
N VAL C 78 -32.85 75.90 -5.35
CA VAL C 78 -31.92 76.62 -6.22
C VAL C 78 -30.55 76.66 -5.55
N GLN C 79 -29.51 76.31 -6.29
CA GLN C 79 -28.14 76.35 -5.81
C GLN C 79 -27.32 77.27 -6.71
N SER C 80 -26.00 77.27 -6.48
CA SER C 80 -25.12 78.13 -7.27
C SER C 80 -24.94 77.59 -8.68
N GLU C 81 -24.90 76.26 -8.83
CA GLU C 81 -24.72 75.66 -10.15
C GLU C 81 -26.02 75.56 -10.93
N ASP C 82 -27.16 75.87 -10.32
CA ASP C 82 -28.45 75.82 -10.98
C ASP C 82 -28.89 77.18 -11.49
N LEU C 83 -27.94 78.01 -11.93
CA LEU C 83 -28.22 79.37 -12.38
C LEU C 83 -27.71 79.50 -13.82
N ALA C 84 -28.58 79.20 -14.78
CA ALA C 84 -28.23 79.29 -16.20
C ALA C 84 -29.51 79.51 -17.00
N ASP C 85 -29.40 79.38 -18.32
CA ASP C 85 -30.55 79.50 -19.20
C ASP C 85 -31.46 78.29 -19.08
N TYR C 86 -32.70 78.44 -19.54
CA TYR C 86 -33.66 77.35 -19.53
C TYR C 86 -34.57 77.48 -20.75
N PHE C 87 -34.59 76.45 -21.59
CA PHE C 87 -35.24 76.47 -22.89
C PHE C 87 -36.34 75.42 -22.95
N CYS C 88 -37.43 75.73 -23.64
CA CYS C 88 -38.47 74.78 -23.98
C CYS C 88 -38.56 74.65 -25.50
N GLN C 89 -38.83 73.44 -25.99
CA GLN C 89 -39.03 73.24 -27.42
C GLN C 89 -39.91 72.03 -27.67
N GLN C 90 -40.91 72.21 -28.53
CA GLN C 90 -41.78 71.12 -28.94
C GLN C 90 -41.10 70.26 -30.00
N TYR C 91 -41.47 68.99 -30.03
CA TYR C 91 -41.05 68.11 -31.11
C TYR C 91 -42.23 67.24 -31.56
N SER C 92 -43.37 67.87 -31.75
CA SER C 92 -44.53 67.22 -32.37
C SER C 92 -44.64 67.49 -33.86
N SER C 93 -43.78 68.34 -34.42
CA SER C 93 -43.86 68.66 -35.83
C SER C 93 -42.46 69.00 -36.35
N TYR C 94 -42.30 68.91 -37.67
CA TYR C 94 -40.99 69.07 -38.29
C TYR C 94 -40.37 70.46 -38.15
N PRO C 95 -41.10 71.60 -38.31
CA PRO C 95 -40.45 72.88 -37.96
C PRO C 95 -40.35 73.05 -36.46
N LEU C 96 -39.26 72.54 -35.87
CA LEU C 96 -39.04 72.65 -34.44
C LEU C 96 -38.90 74.11 -34.03
N THR C 97 -39.62 74.49 -32.97
CA THR C 97 -39.58 75.84 -32.44
C THR C 97 -39.09 75.79 -31.00
N PHE C 98 -38.12 76.63 -30.68
CA PHE C 98 -37.54 76.70 -29.35
C PHE C 98 -38.15 77.84 -28.56
N GLY C 99 -37.90 77.82 -27.25
CA GLY C 99 -38.37 78.90 -26.41
C GLY C 99 -37.53 80.16 -26.56
N ALA C 100 -38.06 81.26 -26.04
CA ALA C 100 -37.36 82.53 -26.14
C ALA C 100 -36.14 82.57 -25.24
N GLY C 101 -36.29 82.12 -24.00
CA GLY C 101 -35.19 82.10 -23.05
C GLY C 101 -35.63 82.56 -21.68
N THR C 102 -34.97 82.04 -20.65
CA THR C 102 -35.21 82.46 -19.27
C THR C 102 -33.90 82.27 -18.51
N LYS C 103 -33.31 83.37 -18.07
CA LYS C 103 -32.06 83.34 -17.32
C LYS C 103 -32.37 83.40 -15.83
N LEU C 104 -31.90 82.40 -15.09
CA LEU C 104 -32.10 82.33 -13.65
C LEU C 104 -30.96 83.08 -12.97
N GLU C 105 -31.27 84.24 -12.40
CA GLU C 105 -30.28 85.11 -11.79
C GLU C 105 -30.34 85.02 -10.27
N LEU C 106 -29.29 85.53 -9.64
CA LEU C 106 -29.14 85.48 -8.18
C LEU C 106 -29.60 86.80 -7.58
N LYS C 107 -30.39 86.72 -6.51
CA LYS C 107 -30.90 87.90 -5.82
C LYS C 107 -29.86 88.32 -4.78
N ARG C 108 -29.20 89.45 -5.02
CA ARG C 108 -28.19 89.96 -4.10
C ARG C 108 -28.61 91.32 -3.53
#